data_2EE5
#
_entry.id   2EE5
#
_entity_poly.entity_id   1
_entity_poly.type   'polypeptide(L)'
_entity_poly.pdbx_seq_one_letter_code
;GSSGSSGKNFNPPTRRNWESNYFGMPLQDLVTAEKPIPLFVEKCVEFIEDTGLCTEGLYRVSGNKTDQDNIQKQFDQDHN
INLVSMEVTVNAVAGALKAFFADLPDPLIPYSLHPELLEAAKIPDKTERLHALKEIVKKFHPVNYDVFRYVITHLNRVSQ
QHKINLMTADNLSICFWPTLMRPDFENREFLSTTKIHQSVVETFIQQCQFFFYNGEIVE
;
_entity_poly.pdbx_strand_id   A
#
# COMPACT_ATOMS: atom_id res chain seq x y z
N GLY A 1 -2.15 24.65 61.79
CA GLY A 1 -1.66 24.05 60.56
C GLY A 1 -2.33 22.72 60.26
N SER A 2 -1.54 21.65 60.26
CA SER A 2 -2.05 20.32 59.98
C SER A 2 -2.66 20.25 58.59
N SER A 3 -1.95 20.79 57.61
CA SER A 3 -2.43 20.81 56.23
C SER A 3 -1.93 19.56 55.48
N GLY A 4 -2.81 18.58 55.33
CA GLY A 4 -2.44 17.37 54.63
C GLY A 4 -3.33 17.09 53.44
N SER A 5 -2.74 16.60 52.36
CA SER A 5 -3.49 16.30 51.14
C SER A 5 -3.85 14.82 51.07
N SER A 6 -4.81 14.49 50.22
CA SER A 6 -5.25 13.11 50.06
C SER A 6 -4.96 12.60 48.66
N GLY A 7 -4.86 13.53 47.71
CA GLY A 7 -4.59 13.15 46.34
C GLY A 7 -5.69 13.58 45.39
N LYS A 8 -5.77 12.91 44.24
CA LYS A 8 -6.79 13.23 43.24
C LYS A 8 -7.31 11.95 42.58
N ASN A 9 -8.54 12.01 42.09
CA ASN A 9 -9.16 10.86 41.44
C ASN A 9 -9.92 11.29 40.19
N PHE A 10 -10.07 10.37 39.24
CA PHE A 10 -10.77 10.65 37.99
C PHE A 10 -10.92 9.39 37.15
N ASN A 11 -11.71 9.48 36.10
CA ASN A 11 -11.93 8.34 35.21
C ASN A 11 -11.72 8.75 33.75
N PRO A 12 -11.10 7.84 32.97
CA PRO A 12 -10.83 8.08 31.55
C PRO A 12 -12.10 8.09 30.71
N PRO A 13 -12.05 8.79 29.57
CA PRO A 13 -13.19 8.89 28.65
C PRO A 13 -13.47 7.57 27.93
N THR A 14 -14.32 7.63 26.91
CA THR A 14 -14.68 6.45 26.15
C THR A 14 -13.70 6.22 25.00
N ARG A 15 -13.87 5.11 24.30
CA ARG A 15 -13.00 4.78 23.17
C ARG A 15 -13.78 4.07 22.07
N ARG A 16 -13.66 4.58 20.84
CA ARG A 16 -14.36 4.00 19.71
C ARG A 16 -13.37 3.35 18.74
N ASN A 17 -13.90 2.79 17.65
CA ASN A 17 -13.07 2.13 16.65
C ASN A 17 -11.73 2.84 16.51
N TRP A 18 -11.74 4.17 16.66
CA TRP A 18 -10.53 4.96 16.54
C TRP A 18 -10.79 6.42 16.90
N GLU A 19 -9.73 7.17 17.15
CA GLU A 19 -9.85 8.58 17.50
C GLU A 19 -8.79 9.41 16.79
N SER A 20 -9.21 10.16 15.77
CA SER A 20 -8.30 11.00 15.01
C SER A 20 -9.07 11.94 14.08
N ASN A 21 -8.56 13.15 13.93
CA ASN A 21 -9.19 14.15 13.07
C ASN A 21 -8.63 14.09 11.65
N TYR A 22 -7.87 13.04 11.37
CA TYR A 22 -7.27 12.86 10.05
C TYR A 22 -8.06 11.87 9.22
N PHE A 23 -8.38 10.72 9.82
CA PHE A 23 -9.14 9.68 9.14
C PHE A 23 -10.35 10.27 8.41
N GLY A 24 -11.04 11.18 9.09
CA GLY A 24 -12.21 11.80 8.50
C GLY A 24 -11.86 12.66 7.29
N MET A 25 -10.73 13.34 7.37
CA MET A 25 -10.29 14.19 6.26
C MET A 25 -9.50 13.39 5.24
N PRO A 26 -9.64 13.78 3.95
CA PRO A 26 -8.95 13.11 2.85
C PRO A 26 -7.44 13.35 2.86
N LEU A 27 -6.70 12.45 2.24
CA LEU A 27 -5.25 12.56 2.18
C LEU A 27 -4.83 13.96 1.69
N GLN A 28 -5.52 14.45 0.68
CA GLN A 28 -5.23 15.76 0.12
C GLN A 28 -5.18 16.82 1.22
N ASP A 29 -5.98 16.63 2.26
CA ASP A 29 -6.02 17.56 3.38
C ASP A 29 -4.93 17.24 4.39
N LEU A 30 -4.78 15.96 4.71
CA LEU A 30 -3.77 15.53 5.68
C LEU A 30 -2.38 15.95 5.23
N VAL A 31 -2.07 15.72 3.97
CA VAL A 31 -0.77 16.08 3.42
C VAL A 31 -0.77 17.51 2.90
N THR A 32 0.41 18.01 2.53
CA THR A 32 0.54 19.37 2.01
C THR A 32 1.21 19.37 0.65
N ALA A 33 1.12 20.50 -0.05
CA ALA A 33 1.72 20.64 -1.37
C ALA A 33 3.19 20.24 -1.34
N GLU A 34 3.90 20.69 -0.32
CA GLU A 34 5.32 20.39 -0.17
C GLU A 34 5.55 18.88 -0.12
N LYS A 35 4.78 18.20 0.71
CA LYS A 35 4.90 16.75 0.86
C LYS A 35 3.55 16.07 0.65
N PRO A 36 3.27 15.67 -0.61
CA PRO A 36 2.02 14.99 -0.96
C PRO A 36 1.94 13.58 -0.39
N ILE A 37 3.09 12.94 -0.24
CA ILE A 37 3.14 11.58 0.30
C ILE A 37 3.14 11.60 1.82
N PRO A 38 2.33 10.72 2.42
CA PRO A 38 2.23 10.60 3.88
C PRO A 38 3.49 10.02 4.51
N LEU A 39 3.99 10.69 5.54
CA LEU A 39 5.19 10.25 6.23
C LEU A 39 5.06 8.78 6.66
N PHE A 40 3.98 8.47 7.36
CA PHE A 40 3.74 7.11 7.83
C PHE A 40 4.20 6.09 6.80
N VAL A 41 3.68 6.21 5.58
CA VAL A 41 4.04 5.29 4.50
C VAL A 41 5.55 5.25 4.30
N GLU A 42 6.13 6.40 3.94
CA GLU A 42 7.56 6.49 3.71
C GLU A 42 8.34 5.86 4.85
N LYS A 43 8.14 6.38 6.06
CA LYS A 43 8.81 5.87 7.25
C LYS A 43 8.79 4.34 7.27
N CYS A 44 7.68 3.76 6.80
CA CYS A 44 7.54 2.31 6.76
C CYS A 44 8.36 1.71 5.62
N VAL A 45 8.39 2.41 4.49
CA VAL A 45 9.14 1.94 3.33
C VAL A 45 10.64 2.10 3.54
N GLU A 46 11.07 3.34 3.76
CA GLU A 46 12.49 3.63 3.98
C GLU A 46 13.05 2.77 5.10
N PHE A 47 12.20 2.48 6.10
CA PHE A 47 12.61 1.68 7.23
C PHE A 47 12.99 0.27 6.79
N ILE A 48 12.06 -0.42 6.15
CA ILE A 48 12.29 -1.78 5.67
C ILE A 48 13.59 -1.87 4.88
N GLU A 49 13.72 -1.01 3.87
CA GLU A 49 14.91 -0.99 3.04
C GLU A 49 16.16 -0.75 3.88
N ASP A 50 16.09 0.21 4.79
CA ASP A 50 17.20 0.53 5.67
C ASP A 50 17.59 -0.66 6.53
N THR A 51 16.58 -1.37 7.03
CA THR A 51 16.81 -2.54 7.88
C THR A 51 16.92 -3.81 7.04
N GLY A 52 17.27 -3.65 5.77
CA GLY A 52 17.40 -4.79 4.89
C GLY A 52 16.10 -5.16 4.22
N LEU A 53 16.16 -5.43 2.92
CA LEU A 53 14.97 -5.79 2.16
C LEU A 53 14.94 -7.29 1.88
N CYS A 54 15.43 -8.07 2.84
CA CYS A 54 15.45 -9.53 2.70
C CYS A 54 14.68 -10.20 3.83
N THR A 55 13.53 -9.62 4.18
CA THR A 55 12.70 -10.15 5.25
C THR A 55 11.65 -11.10 4.69
N GLU A 56 11.77 -12.39 5.01
CA GLU A 56 10.83 -13.40 4.54
C GLU A 56 9.43 -12.82 4.46
N GLY A 57 8.86 -12.85 3.26
CA GLY A 57 7.51 -12.33 3.06
C GLY A 57 7.22 -11.14 3.96
N LEU A 58 7.74 -9.98 3.59
CA LEU A 58 7.53 -8.76 4.37
C LEU A 58 6.04 -8.41 4.44
N TYR A 59 5.31 -8.80 3.40
CA TYR A 59 3.87 -8.52 3.35
C TYR A 59 3.07 -9.80 3.55
N ARG A 60 3.41 -10.83 2.80
CA ARG A 60 2.73 -12.12 2.89
C ARG A 60 2.60 -12.56 4.35
N VAL A 61 3.72 -12.54 5.06
CA VAL A 61 3.74 -12.94 6.47
C VAL A 61 3.91 -11.73 7.38
N SER A 62 2.97 -11.56 8.30
CA SER A 62 3.01 -10.44 9.24
C SER A 62 3.39 -10.92 10.63
N GLY A 63 2.90 -12.10 11.01
CA GLY A 63 3.19 -12.65 12.32
C GLY A 63 2.27 -12.12 13.39
N ASN A 64 2.74 -11.14 14.15
CA ASN A 64 1.95 -10.55 15.22
C ASN A 64 1.21 -9.30 14.72
N LYS A 65 0.09 -8.98 15.38
CA LYS A 65 -0.70 -7.83 15.01
C LYS A 65 -0.52 -6.69 16.01
N THR A 66 -0.40 -7.05 17.28
CA THR A 66 -0.21 -6.06 18.34
C THR A 66 0.85 -5.04 17.95
N ASP A 67 1.93 -5.52 17.33
CA ASP A 67 3.02 -4.65 16.90
C ASP A 67 2.49 -3.46 16.10
N GLN A 68 1.59 -3.74 15.17
CA GLN A 68 1.01 -2.69 14.33
C GLN A 68 0.17 -1.73 15.18
N ASP A 69 -0.48 -2.26 16.19
CA ASP A 69 -1.32 -1.45 17.07
C ASP A 69 -0.55 -0.23 17.58
N ASN A 70 0.57 -0.49 18.25
CA ASN A 70 1.40 0.59 18.79
C ASN A 70 1.98 1.45 17.67
N ILE A 71 2.32 0.79 16.56
CA ILE A 71 2.88 1.50 15.42
C ILE A 71 1.98 2.65 14.97
N GLN A 72 0.69 2.36 14.85
CA GLN A 72 -0.29 3.37 14.43
C GLN A 72 -0.63 4.30 15.59
N LYS A 73 -0.77 3.72 16.78
CA LYS A 73 -1.10 4.50 17.98
C LYS A 73 0.01 5.47 18.33
N GLN A 74 1.16 4.93 18.73
CA GLN A 74 2.30 5.76 19.09
C GLN A 74 2.53 6.86 18.06
N PHE A 75 2.47 6.49 16.79
CA PHE A 75 2.66 7.45 15.71
C PHE A 75 1.58 8.53 15.73
N ASP A 76 0.37 8.12 16.10
CA ASP A 76 -0.75 9.05 16.17
C ASP A 76 -0.55 10.09 17.27
N GLN A 77 -0.25 9.61 18.48
CA GLN A 77 -0.03 10.50 19.61
C GLN A 77 1.29 11.26 19.46
N ASP A 78 2.19 10.71 18.64
CA ASP A 78 3.48 11.35 18.40
C ASP A 78 3.95 11.12 16.97
N HIS A 79 4.02 12.21 16.21
CA HIS A 79 4.44 12.13 14.82
C HIS A 79 5.97 12.16 14.71
N ASN A 80 6.63 12.31 15.85
CA ASN A 80 8.09 12.36 15.89
C ASN A 80 8.66 11.02 16.36
N ILE A 81 7.88 9.95 16.19
CA ILE A 81 8.31 8.62 16.59
C ILE A 81 9.45 8.12 15.70
N ASN A 82 10.24 7.18 16.23
CA ASN A 82 11.35 6.63 15.49
C ASN A 82 11.26 5.10 15.44
N LEU A 83 10.62 4.58 14.40
CA LEU A 83 10.46 3.15 14.24
C LEU A 83 11.71 2.39 14.71
N VAL A 84 12.88 2.86 14.27
CA VAL A 84 14.14 2.25 14.65
C VAL A 84 14.25 2.11 16.17
N SER A 85 13.96 3.18 16.88
CA SER A 85 14.01 3.17 18.33
C SER A 85 13.17 2.04 18.91
N MET A 86 12.00 1.82 18.31
CA MET A 86 11.10 0.77 18.76
C MET A 86 11.71 -0.61 18.51
N GLU A 87 12.50 -0.73 17.45
CA GLU A 87 13.14 -1.99 17.11
C GLU A 87 12.10 -3.11 16.94
N VAL A 88 11.04 -2.80 16.19
CA VAL A 88 9.98 -3.77 15.95
C VAL A 88 10.36 -4.73 14.83
N THR A 89 9.46 -5.68 14.54
CA THR A 89 9.70 -6.66 13.49
C THR A 89 9.24 -6.14 12.14
N VAL A 90 10.14 -6.20 11.16
CA VAL A 90 9.84 -5.73 9.81
C VAL A 90 8.42 -6.14 9.41
N ASN A 91 8.08 -7.40 9.63
CA ASN A 91 6.76 -7.92 9.29
C ASN A 91 5.66 -6.98 9.79
N ALA A 92 5.85 -6.46 11.00
CA ALA A 92 4.89 -5.55 11.60
C ALA A 92 4.75 -4.27 10.78
N VAL A 93 5.84 -3.53 10.67
CA VAL A 93 5.84 -2.29 9.91
C VAL A 93 5.21 -2.48 8.54
N ALA A 94 5.47 -3.64 7.92
CA ALA A 94 4.92 -3.94 6.60
C ALA A 94 3.39 -3.89 6.63
N GLY A 95 2.79 -4.57 7.60
CA GLY A 95 1.35 -4.58 7.70
C GLY A 95 0.77 -3.21 7.99
N ALA A 96 1.33 -2.54 9.00
CA ALA A 96 0.86 -1.22 9.38
C ALA A 96 0.81 -0.29 8.18
N LEU A 97 1.78 -0.43 7.28
CA LEU A 97 1.84 0.40 6.08
C LEU A 97 0.58 0.24 5.24
N LYS A 98 0.16 -1.00 5.03
CA LYS A 98 -1.04 -1.29 4.26
C LYS A 98 -2.29 -0.80 4.97
N ALA A 99 -2.43 -1.19 6.24
CA ALA A 99 -3.58 -0.78 7.03
C ALA A 99 -3.98 0.66 6.72
N PHE A 100 -2.99 1.54 6.67
CA PHE A 100 -3.23 2.96 6.38
C PHE A 100 -4.04 3.11 5.10
N PHE A 101 -3.56 2.52 4.02
CA PHE A 101 -4.22 2.59 2.72
C PHE A 101 -5.64 2.05 2.81
N ALA A 102 -5.84 1.04 3.67
CA ALA A 102 -7.15 0.44 3.85
C ALA A 102 -8.10 1.39 4.59
N ASP A 103 -7.53 2.25 5.42
CA ASP A 103 -8.32 3.20 6.18
C ASP A 103 -8.80 4.35 5.28
N LEU A 104 -8.00 4.68 4.28
CA LEU A 104 -8.35 5.76 3.35
C LEU A 104 -9.85 5.79 3.09
N PRO A 105 -10.40 7.00 2.95
CA PRO A 105 -11.82 7.20 2.68
C PRO A 105 -12.23 6.74 1.28
N ASP A 106 -11.25 6.66 0.38
CA ASP A 106 -11.51 6.24 -0.98
C ASP A 106 -10.40 5.31 -1.48
N PRO A 107 -10.73 4.45 -2.45
CA PRO A 107 -9.79 3.50 -3.03
C PRO A 107 -8.72 4.18 -3.88
N LEU A 108 -7.46 3.85 -3.62
CA LEU A 108 -6.35 4.44 -4.36
C LEU A 108 -6.72 4.67 -5.82
N ILE A 109 -7.24 3.62 -6.46
CA ILE A 109 -7.63 3.71 -7.86
C ILE A 109 -9.11 4.09 -7.98
N PRO A 110 -9.39 5.15 -8.75
CA PRO A 110 -10.76 5.63 -8.97
C PRO A 110 -11.58 4.67 -9.84
N TYR A 111 -12.89 4.82 -9.77
CA TYR A 111 -13.80 3.96 -10.54
C TYR A 111 -13.86 4.42 -11.99
N SER A 112 -13.32 5.61 -12.27
CA SER A 112 -13.33 6.16 -13.61
C SER A 112 -12.09 5.72 -14.38
N LEU A 113 -11.30 4.84 -13.78
CA LEU A 113 -10.10 4.32 -14.42
C LEU A 113 -10.00 2.81 -14.26
N HIS A 114 -11.14 2.17 -14.00
CA HIS A 114 -11.18 0.72 -13.83
C HIS A 114 -10.99 0.02 -15.17
N PRO A 115 -11.88 0.30 -16.13
CA PRO A 115 -11.83 -0.30 -17.46
C PRO A 115 -10.66 0.22 -18.29
N GLU A 116 -10.23 1.45 -17.98
CA GLU A 116 -9.12 2.07 -18.69
C GLU A 116 -7.81 1.34 -18.39
N LEU A 117 -7.70 0.81 -17.17
CA LEU A 117 -6.50 0.09 -16.75
C LEU A 117 -6.47 -1.31 -17.36
N LEU A 118 -7.65 -1.91 -17.49
CA LEU A 118 -7.76 -3.25 -18.06
C LEU A 118 -7.65 -3.22 -19.59
N GLU A 119 -8.34 -2.26 -20.19
CA GLU A 119 -8.33 -2.12 -21.65
C GLU A 119 -6.91 -1.89 -22.15
N ALA A 120 -6.05 -1.37 -21.27
CA ALA A 120 -4.67 -1.10 -21.63
C ALA A 120 -3.75 -2.25 -21.21
N ALA A 121 -4.30 -3.18 -20.44
CA ALA A 121 -3.53 -4.33 -19.96
C ALA A 121 -3.74 -5.53 -20.88
N LYS A 122 -4.91 -5.59 -21.51
CA LYS A 122 -5.22 -6.70 -22.41
C LYS A 122 -4.59 -6.47 -23.79
N ILE A 123 -3.94 -5.33 -23.96
CA ILE A 123 -3.30 -5.00 -25.22
C ILE A 123 -2.29 -6.07 -25.62
N PRO A 124 -2.27 -6.41 -26.91
CA PRO A 124 -1.36 -7.42 -27.46
C PRO A 124 0.08 -6.95 -27.47
N ASP A 125 0.31 -5.76 -28.02
CA ASP A 125 1.65 -5.19 -28.09
C ASP A 125 2.20 -4.92 -26.70
N LYS A 126 3.16 -5.75 -26.28
CA LYS A 126 3.77 -5.60 -24.96
C LYS A 126 4.13 -4.14 -24.69
N THR A 127 4.86 -3.53 -25.62
CA THR A 127 5.27 -2.13 -25.48
C THR A 127 4.07 -1.23 -25.25
N GLU A 128 3.16 -1.21 -26.22
CA GLU A 128 1.97 -0.37 -26.12
C GLU A 128 1.31 -0.52 -24.75
N ARG A 129 1.18 -1.76 -24.30
CA ARG A 129 0.57 -2.05 -23.01
C ARG A 129 1.19 -1.19 -21.92
N LEU A 130 2.52 -1.07 -21.95
CA LEU A 130 3.24 -0.28 -20.96
C LEU A 130 2.97 1.21 -21.17
N HIS A 131 2.98 1.65 -22.42
CA HIS A 131 2.74 3.05 -22.75
C HIS A 131 1.36 3.49 -22.27
N ALA A 132 0.34 2.76 -22.69
CA ALA A 132 -1.03 3.08 -22.32
C ALA A 132 -1.17 3.22 -20.81
N LEU A 133 -0.55 2.31 -20.07
CA LEU A 133 -0.59 2.33 -18.61
C LEU A 133 0.23 3.50 -18.06
N LYS A 134 1.21 3.94 -18.84
CA LYS A 134 2.06 5.05 -18.44
C LYS A 134 1.36 6.38 -18.63
N GLU A 135 0.47 6.44 -19.62
CA GLU A 135 -0.28 7.66 -19.91
C GLU A 135 -1.57 7.71 -19.10
N ILE A 136 -2.14 6.55 -18.81
CA ILE A 136 -3.37 6.46 -18.04
C ILE A 136 -3.12 6.80 -16.58
N VAL A 137 -1.99 6.37 -16.06
CA VAL A 137 -1.63 6.63 -14.67
C VAL A 137 -1.48 8.12 -14.42
N LYS A 138 -1.50 8.91 -15.48
CA LYS A 138 -1.36 10.35 -15.38
C LYS A 138 -2.66 10.99 -14.88
N LYS A 139 -3.78 10.35 -15.18
CA LYS A 139 -5.08 10.84 -14.76
C LYS A 139 -5.29 10.64 -13.26
N PHE A 140 -4.50 9.73 -12.68
CA PHE A 140 -4.59 9.45 -11.25
C PHE A 140 -4.47 10.72 -10.43
N HIS A 141 -5.30 10.84 -9.41
CA HIS A 141 -5.29 12.02 -8.54
C HIS A 141 -3.87 12.49 -8.28
N PRO A 142 -3.68 13.82 -8.25
CA PRO A 142 -2.36 14.42 -8.01
C PRO A 142 -1.87 14.22 -6.59
N VAL A 143 -2.75 13.70 -5.73
CA VAL A 143 -2.41 13.45 -4.33
C VAL A 143 -2.06 11.98 -4.11
N ASN A 144 -2.83 11.09 -4.72
CA ASN A 144 -2.60 9.65 -4.59
C ASN A 144 -1.58 9.17 -5.60
N TYR A 145 -1.53 9.85 -6.75
CA TYR A 145 -0.59 9.48 -7.81
C TYR A 145 0.83 9.40 -7.27
N ASP A 146 1.25 10.42 -6.54
CA ASP A 146 2.58 10.47 -5.97
C ASP A 146 2.84 9.24 -5.10
N VAL A 147 1.91 8.97 -4.18
CA VAL A 147 2.04 7.82 -3.28
C VAL A 147 2.09 6.52 -4.06
N PHE A 148 1.04 6.25 -4.83
CA PHE A 148 0.96 5.03 -5.63
C PHE A 148 2.31 4.72 -6.27
N ARG A 149 2.99 5.75 -6.75
CA ARG A 149 4.29 5.57 -7.38
C ARG A 149 5.35 5.18 -6.35
N TYR A 150 5.39 5.91 -5.25
CA TYR A 150 6.36 5.64 -4.19
C TYR A 150 6.22 4.21 -3.69
N VAL A 151 4.99 3.80 -3.39
CA VAL A 151 4.73 2.45 -2.89
C VAL A 151 5.32 1.41 -3.84
N ILE A 152 4.80 1.36 -5.06
CA ILE A 152 5.28 0.41 -6.05
C ILE A 152 6.81 0.40 -6.13
N THR A 153 7.39 1.60 -6.25
CA THR A 153 8.83 1.74 -6.34
C THR A 153 9.53 0.78 -5.38
N HIS A 154 8.93 0.56 -4.23
CA HIS A 154 9.49 -0.34 -3.23
C HIS A 154 9.21 -1.80 -3.58
N LEU A 155 7.97 -2.09 -3.95
CA LEU A 155 7.57 -3.44 -4.31
C LEU A 155 8.55 -4.04 -5.32
N ASN A 156 8.84 -3.29 -6.38
CA ASN A 156 9.76 -3.75 -7.41
C ASN A 156 11.04 -4.30 -6.78
N ARG A 157 11.54 -3.63 -5.75
CA ARG A 157 12.75 -4.06 -5.08
C ARG A 157 12.55 -5.41 -4.40
N VAL A 158 11.36 -5.63 -3.87
CA VAL A 158 11.03 -6.88 -3.20
C VAL A 158 10.97 -8.03 -4.19
N SER A 159 10.35 -7.79 -5.34
CA SER A 159 10.22 -8.80 -6.38
C SER A 159 11.59 -9.24 -6.89
N GLN A 160 12.55 -8.32 -6.86
CA GLN A 160 13.89 -8.61 -7.32
C GLN A 160 14.52 -9.72 -6.50
N GLN A 161 14.47 -9.58 -5.18
CA GLN A 161 15.04 -10.58 -4.28
C GLN A 161 13.96 -11.53 -3.77
N HIS A 162 13.03 -11.89 -4.64
CA HIS A 162 11.94 -12.79 -4.28
C HIS A 162 12.49 -14.10 -3.72
N LYS A 163 13.65 -14.51 -4.22
CA LYS A 163 14.29 -15.74 -3.76
C LYS A 163 14.43 -15.76 -2.24
N ILE A 164 14.42 -14.58 -1.65
CA ILE A 164 14.55 -14.46 -0.20
C ILE A 164 13.20 -14.22 0.45
N ASN A 165 12.53 -13.14 0.05
CA ASN A 165 11.22 -12.80 0.60
C ASN A 165 10.13 -13.62 -0.07
N LEU A 166 10.53 -14.64 -0.82
CA LEU A 166 9.58 -15.51 -1.51
C LEU A 166 8.36 -14.72 -1.98
N MET A 167 8.62 -13.57 -2.59
CA MET A 167 7.54 -12.72 -3.09
C MET A 167 7.93 -12.06 -4.41
N THR A 168 7.15 -12.32 -5.45
CA THR A 168 7.41 -11.76 -6.77
C THR A 168 6.44 -10.64 -7.10
N ALA A 169 6.63 -10.02 -8.26
CA ALA A 169 5.75 -8.92 -8.69
C ALA A 169 4.30 -9.37 -8.71
N ASP A 170 4.07 -10.61 -9.13
CA ASP A 170 2.71 -11.15 -9.19
C ASP A 170 2.15 -11.36 -7.80
N ASN A 171 2.94 -11.96 -6.93
CA ASN A 171 2.51 -12.22 -5.55
C ASN A 171 2.15 -10.92 -4.84
N LEU A 172 3.02 -9.93 -4.97
CA LEU A 172 2.79 -8.63 -4.33
C LEU A 172 1.55 -7.95 -4.90
N SER A 173 1.38 -8.05 -6.22
CA SER A 173 0.24 -7.44 -6.88
C SER A 173 -1.07 -7.99 -6.32
N ILE A 174 -1.03 -9.23 -5.84
CA ILE A 174 -2.20 -9.87 -5.28
C ILE A 174 -2.37 -9.54 -3.80
N CYS A 175 -1.26 -9.56 -3.07
CA CYS A 175 -1.27 -9.25 -1.65
C CYS A 175 -1.74 -7.83 -1.40
N PHE A 176 -1.72 -7.01 -2.45
CA PHE A 176 -2.14 -5.62 -2.35
C PHE A 176 -3.48 -5.41 -3.05
N TRP A 177 -3.95 -6.44 -3.74
CA TRP A 177 -5.22 -6.36 -4.46
C TRP A 177 -6.33 -5.86 -3.54
N PRO A 178 -6.39 -6.42 -2.32
CA PRO A 178 -7.40 -6.05 -1.32
C PRO A 178 -7.53 -4.54 -1.17
N THR A 179 -6.47 -3.90 -0.67
CA THR A 179 -6.46 -2.45 -0.48
C THR A 179 -6.67 -1.72 -1.80
N LEU A 180 -5.69 -1.84 -2.69
CA LEU A 180 -5.76 -1.20 -3.99
C LEU A 180 -7.20 -1.15 -4.51
N MET A 181 -7.91 -2.25 -4.37
CA MET A 181 -9.29 -2.33 -4.81
C MET A 181 -10.09 -3.26 -3.91
N ARG A 182 -11.14 -2.72 -3.29
CA ARG A 182 -11.98 -3.50 -2.39
C ARG A 182 -13.41 -3.56 -2.92
N PRO A 183 -13.66 -4.41 -3.92
CA PRO A 183 -14.97 -4.57 -4.53
C PRO A 183 -15.96 -5.26 -3.59
N ASP A 184 -17.16 -5.54 -4.11
CA ASP A 184 -18.20 -6.19 -3.32
C ASP A 184 -18.07 -7.71 -3.40
N PHE A 185 -18.26 -8.37 -2.27
CA PHE A 185 -18.17 -9.83 -2.22
C PHE A 185 -18.89 -10.47 -3.40
N GLU A 186 -19.99 -9.85 -3.81
CA GLU A 186 -20.77 -10.35 -4.94
C GLU A 186 -20.27 -9.79 -6.26
N ASN A 187 -19.03 -10.14 -6.61
CA ASN A 187 -18.43 -9.67 -7.85
C ASN A 187 -18.71 -10.63 -9.00
N ARG A 188 -19.44 -11.70 -8.70
CA ARG A 188 -19.78 -12.70 -9.70
C ARG A 188 -21.25 -12.60 -10.09
N GLU A 189 -21.95 -11.65 -9.49
CA GLU A 189 -23.38 -11.45 -9.77
C GLU A 189 -23.61 -11.15 -11.24
N PHE A 190 -22.57 -10.68 -11.91
CA PHE A 190 -22.64 -10.35 -13.34
C PHE A 190 -21.53 -11.03 -14.12
N LEU A 191 -21.61 -10.95 -15.45
CA LEU A 191 -20.60 -11.55 -16.31
C LEU A 191 -19.22 -11.46 -15.69
N SER A 192 -18.43 -12.53 -15.81
CA SER A 192 -17.08 -12.56 -15.26
C SER A 192 -16.04 -12.46 -16.37
N THR A 193 -15.13 -11.49 -16.25
CA THR A 193 -14.09 -11.28 -17.23
C THR A 193 -12.78 -11.94 -16.80
N THR A 194 -11.95 -12.31 -17.77
CA THR A 194 -10.68 -12.94 -17.48
C THR A 194 -9.90 -12.16 -16.42
N LYS A 195 -9.14 -12.88 -15.61
CA LYS A 195 -8.34 -12.26 -14.56
C LYS A 195 -7.27 -11.35 -15.15
N ILE A 196 -7.69 -10.19 -15.64
CA ILE A 196 -6.77 -9.22 -16.23
C ILE A 196 -6.28 -8.22 -15.19
N HIS A 197 -7.14 -7.89 -14.24
CA HIS A 197 -6.79 -6.95 -13.18
C HIS A 197 -5.44 -7.28 -12.58
N GLN A 198 -5.36 -8.42 -11.90
CA GLN A 198 -4.11 -8.85 -11.28
C GLN A 198 -2.91 -8.49 -12.15
N SER A 199 -3.00 -8.83 -13.44
CA SER A 199 -1.91 -8.54 -14.37
C SER A 199 -1.56 -7.06 -14.36
N VAL A 200 -2.58 -6.21 -14.44
CA VAL A 200 -2.39 -4.77 -14.44
C VAL A 200 -1.41 -4.34 -13.35
N VAL A 201 -1.85 -4.47 -12.10
CA VAL A 201 -1.00 -4.11 -10.96
C VAL A 201 0.40 -4.68 -11.11
N GLU A 202 0.50 -6.01 -11.17
CA GLU A 202 1.78 -6.68 -11.31
C GLU A 202 2.65 -5.98 -12.36
N THR A 203 2.06 -5.69 -13.51
CA THR A 203 2.77 -5.02 -14.58
C THR A 203 3.41 -3.71 -14.11
N PHE A 204 2.58 -2.77 -13.68
CA PHE A 204 3.05 -1.49 -13.19
C PHE A 204 4.38 -1.65 -12.46
N ILE A 205 4.42 -2.56 -11.49
CA ILE A 205 5.63 -2.81 -10.72
C ILE A 205 6.77 -3.27 -11.62
N GLN A 206 6.56 -4.39 -12.30
CA GLN A 206 7.57 -4.94 -13.20
C GLN A 206 8.17 -3.85 -14.08
N GLN A 207 7.30 -3.06 -14.70
CA GLN A 207 7.74 -1.98 -15.57
C GLN A 207 7.55 -0.62 -14.90
N CYS A 208 7.66 -0.60 -13.58
CA CYS A 208 7.50 0.63 -12.81
C CYS A 208 8.63 1.61 -13.11
N GLN A 209 9.75 1.08 -13.61
CA GLN A 209 10.90 1.91 -13.95
C GLN A 209 10.79 2.46 -15.36
N PHE A 210 10.60 1.56 -16.33
CA PHE A 210 10.48 1.96 -17.72
C PHE A 210 9.61 3.21 -17.87
N PHE A 211 8.58 3.30 -17.03
CA PHE A 211 7.68 4.45 -17.06
C PHE A 211 8.46 5.76 -17.05
N PHE A 212 9.19 5.99 -15.96
CA PHE A 212 9.99 7.20 -15.82
C PHE A 212 11.48 6.91 -15.99
N TYR A 213 11.97 5.97 -15.20
CA TYR A 213 13.38 5.59 -15.26
C TYR A 213 13.78 5.19 -16.69
N ASN A 214 12.82 4.63 -17.42
CA ASN A 214 13.07 4.20 -18.80
C ASN A 214 13.98 2.97 -18.83
N GLY A 215 13.92 2.17 -17.76
CA GLY A 215 14.72 0.97 -17.68
C GLY A 215 14.29 -0.09 -18.68
N GLU A 216 15.26 -0.73 -19.32
CA GLU A 216 14.97 -1.76 -20.31
C GLU A 216 13.78 -2.61 -19.87
N ILE A 217 13.09 -3.20 -20.84
CA ILE A 217 11.94 -4.04 -20.55
C ILE A 217 12.36 -5.35 -19.91
N VAL A 218 11.99 -5.53 -18.64
CA VAL A 218 12.34 -6.75 -17.92
C VAL A 218 11.30 -7.84 -18.16
N GLU A 219 11.57 -9.04 -17.64
CA GLU A 219 10.65 -10.16 -17.79
C GLU A 219 10.59 -10.99 -16.52
N GLY A 1 26.00 1.69 49.83
CA GLY A 1 25.11 2.82 49.65
C GLY A 1 23.65 2.42 49.71
N SER A 2 22.77 3.36 49.36
CA SER A 2 21.34 3.09 49.38
C SER A 2 20.57 4.23 48.72
N SER A 3 19.68 3.88 47.79
CA SER A 3 18.88 4.87 47.08
C SER A 3 17.61 4.24 46.51
N GLY A 4 16.76 5.07 45.91
CA GLY A 4 15.52 4.58 45.34
C GLY A 4 14.61 5.70 44.88
N SER A 5 13.41 5.34 44.44
CA SER A 5 12.44 6.32 43.97
C SER A 5 11.03 5.93 44.37
N SER A 6 10.07 6.81 44.09
CA SER A 6 8.67 6.55 44.43
C SER A 6 7.76 7.63 43.84
N GLY A 7 6.68 7.21 43.21
CA GLY A 7 5.75 8.15 42.62
C GLY A 7 4.95 7.54 41.49
N LYS A 8 4.32 6.40 41.75
CA LYS A 8 3.51 5.71 40.75
C LYS A 8 2.25 5.13 41.37
N ASN A 9 1.10 5.48 40.80
CA ASN A 9 -0.18 4.99 41.30
C ASN A 9 -0.45 3.57 40.80
N PHE A 10 -1.11 2.78 41.64
CA PHE A 10 -1.43 1.40 41.29
C PHE A 10 -1.72 1.26 39.80
N ASN A 11 -2.77 1.96 39.34
CA ASN A 11 -3.15 1.92 37.93
C ASN A 11 -4.29 2.89 37.66
N PRO A 12 -4.20 3.61 36.53
CA PRO A 12 -5.23 4.57 36.12
C PRO A 12 -6.53 3.90 35.70
N PRO A 13 -7.61 4.70 35.63
CA PRO A 13 -8.93 4.19 35.24
C PRO A 13 -8.99 3.80 33.77
N THR A 14 -10.21 3.63 33.25
CA THR A 14 -10.41 3.26 31.86
C THR A 14 -10.91 4.44 31.04
N ARG A 15 -10.29 4.64 29.88
CA ARG A 15 -10.68 5.74 28.99
C ARG A 15 -10.14 5.52 27.59
N ARG A 16 -11.02 5.60 26.60
CA ARG A 16 -10.63 5.41 25.21
C ARG A 16 -10.21 6.73 24.58
N ASN A 17 -8.92 7.04 24.68
CA ASN A 17 -8.39 8.28 24.12
C ASN A 17 -8.06 8.11 22.64
N TRP A 18 -8.92 7.42 21.92
CA TRP A 18 -8.71 7.18 20.50
C TRP A 18 -9.45 8.21 19.66
N GLU A 19 -9.37 9.47 20.08
CA GLU A 19 -10.03 10.56 19.36
C GLU A 19 -9.11 11.14 18.29
N SER A 20 -9.49 10.97 17.03
CA SER A 20 -8.69 11.48 15.92
C SER A 20 -9.60 12.05 14.83
N ASN A 21 -9.02 12.92 14.00
CA ASN A 21 -9.78 13.54 12.91
C ASN A 21 -9.17 13.18 11.56
N TYR A 22 -8.77 11.93 11.41
CA TYR A 22 -8.17 11.46 10.17
C TYR A 22 -9.00 10.32 9.57
N PHE A 23 -9.93 9.79 10.36
CA PHE A 23 -10.78 8.70 9.91
C PHE A 23 -11.79 9.19 8.88
N GLY A 24 -11.67 8.67 7.65
CA GLY A 24 -12.57 9.07 6.59
C GLY A 24 -12.25 10.45 6.04
N MET A 25 -10.98 10.83 6.12
CA MET A 25 -10.55 12.13 5.63
C MET A 25 -9.68 11.98 4.38
N PRO A 26 -9.76 12.96 3.47
CA PRO A 26 -8.98 12.96 2.23
C PRO A 26 -7.49 13.18 2.48
N LEU A 27 -6.67 12.28 1.95
CA LEU A 27 -5.22 12.38 2.12
C LEU A 27 -4.72 13.76 1.68
N GLN A 28 -5.28 14.27 0.58
CA GLN A 28 -4.90 15.57 0.07
C GLN A 28 -5.03 16.65 1.13
N ASP A 29 -5.97 16.45 2.05
CA ASP A 29 -6.20 17.41 3.13
C ASP A 29 -5.21 17.17 4.28
N LEU A 30 -4.97 15.91 4.60
CA LEU A 30 -4.05 15.55 5.67
C LEU A 30 -2.63 15.97 5.33
N VAL A 31 -2.21 15.71 4.10
CA VAL A 31 -0.88 16.06 3.64
C VAL A 31 -0.80 17.53 3.25
N THR A 32 0.41 17.99 2.94
CA THR A 32 0.62 19.38 2.54
C THR A 32 1.03 19.47 1.08
N ALA A 33 0.56 20.52 0.39
CA ALA A 33 0.88 20.72 -1.01
C ALA A 33 2.37 20.49 -1.27
N GLU A 34 3.20 20.90 -0.31
CA GLU A 34 4.64 20.73 -0.44
C GLU A 34 5.02 19.27 -0.57
N LYS A 35 4.40 18.43 0.25
CA LYS A 35 4.67 16.99 0.23
C LYS A 35 3.36 16.20 0.20
N PRO A 36 3.05 15.62 -0.97
CA PRO A 36 1.83 14.82 -1.16
C PRO A 36 1.89 13.49 -0.41
N ILE A 37 3.08 12.91 -0.34
CA ILE A 37 3.26 11.63 0.35
C ILE A 37 3.26 11.83 1.86
N PRO A 38 2.46 11.01 2.56
CA PRO A 38 2.35 11.08 4.02
C PRO A 38 3.61 10.58 4.72
N LEU A 39 3.88 11.12 5.90
CA LEU A 39 5.05 10.73 6.67
C LEU A 39 4.98 9.26 7.08
N PHE A 40 3.83 8.86 7.61
CA PHE A 40 3.63 7.47 8.03
C PHE A 40 4.15 6.49 6.97
N VAL A 41 3.52 6.53 5.80
CA VAL A 41 3.91 5.66 4.71
C VAL A 41 5.43 5.68 4.48
N GLU A 42 5.97 6.88 4.31
CA GLU A 42 7.40 7.06 4.09
C GLU A 42 8.20 6.28 5.13
N LYS A 43 7.94 6.56 6.40
CA LYS A 43 8.63 5.89 7.49
C LYS A 43 8.60 4.37 7.31
N CYS A 44 7.45 3.86 6.89
CA CYS A 44 7.29 2.42 6.67
C CYS A 44 8.21 1.94 5.56
N VAL A 45 8.28 2.70 4.47
CA VAL A 45 9.12 2.34 3.34
C VAL A 45 10.61 2.40 3.71
N GLU A 46 11.06 3.59 4.09
CA GLU A 46 12.46 3.78 4.47
C GLU A 46 12.87 2.78 5.55
N PHE A 47 12.04 2.64 6.58
CA PHE A 47 12.32 1.72 7.68
C PHE A 47 12.71 0.35 7.14
N ILE A 48 11.78 -0.30 6.46
CA ILE A 48 12.03 -1.63 5.90
C ILE A 48 13.45 -1.73 5.34
N GLU A 49 13.74 -0.91 4.33
CA GLU A 49 15.06 -0.91 3.70
C GLU A 49 16.15 -0.91 4.77
N ASP A 50 16.02 -0.02 5.75
CA ASP A 50 17.00 0.08 6.83
C ASP A 50 17.18 -1.26 7.53
N THR A 51 16.06 -1.90 7.87
CA THR A 51 16.09 -3.19 8.55
C THR A 51 16.23 -4.33 7.55
N GLY A 52 16.88 -4.06 6.43
CA GLY A 52 17.07 -5.07 5.41
C GLY A 52 15.89 -5.16 4.46
N LEU A 53 16.19 -5.38 3.17
CA LEU A 53 15.15 -5.48 2.16
C LEU A 53 14.98 -6.94 1.71
N CYS A 54 15.94 -7.78 2.05
CA CYS A 54 15.90 -9.19 1.68
C CYS A 54 15.08 -9.98 2.69
N THR A 55 14.04 -9.36 3.23
CA THR A 55 13.18 -10.01 4.21
C THR A 55 12.36 -11.12 3.57
N GLU A 56 11.92 -12.07 4.39
CA GLU A 56 11.13 -13.20 3.90
C GLU A 56 9.64 -12.98 4.17
N GLY A 57 8.80 -13.50 3.29
CA GLY A 57 7.37 -13.35 3.45
C GLY A 57 6.96 -11.92 3.77
N LEU A 58 6.97 -11.06 2.77
CA LEU A 58 6.61 -9.67 2.94
C LEU A 58 5.14 -9.44 2.60
N TYR A 59 4.39 -8.90 3.56
CA TYR A 59 2.98 -8.64 3.37
C TYR A 59 2.20 -9.93 3.13
N ARG A 60 2.73 -11.04 3.65
CA ARG A 60 2.10 -12.35 3.48
C ARG A 60 1.92 -13.02 4.83
N VAL A 61 2.52 -12.46 5.87
CA VAL A 61 2.43 -13.02 7.21
C VAL A 61 1.35 -12.30 8.03
N SER A 62 0.61 -13.06 8.82
CA SER A 62 -0.45 -12.49 9.65
C SER A 62 0.00 -11.17 10.26
N GLY A 63 1.07 -11.21 11.03
CA GLY A 63 1.58 -10.01 11.67
C GLY A 63 0.93 -9.74 13.01
N ASN A 64 1.74 -9.72 14.07
CA ASN A 64 1.22 -9.48 15.41
C ASN A 64 0.45 -8.17 15.47
N LYS A 65 -0.80 -8.24 15.90
CA LYS A 65 -1.64 -7.05 16.01
C LYS A 65 -1.09 -6.08 17.05
N THR A 66 -0.51 -6.62 18.11
CA THR A 66 0.06 -5.81 19.18
C THR A 66 1.16 -4.90 18.64
N ASP A 67 2.12 -5.51 17.94
CA ASP A 67 3.24 -4.76 17.37
C ASP A 67 2.74 -3.63 16.47
N GLN A 68 1.78 -3.96 15.60
CA GLN A 68 1.22 -2.99 14.68
C GLN A 68 0.37 -1.96 15.42
N ASP A 69 -0.21 -2.38 16.55
CA ASP A 69 -1.05 -1.50 17.35
C ASP A 69 -0.27 -0.28 17.82
N ASN A 70 0.79 -0.51 18.58
CA ASN A 70 1.63 0.57 19.09
C ASN A 70 2.11 1.47 17.95
N ILE A 71 2.40 0.86 16.80
CA ILE A 71 2.87 1.61 15.64
C ILE A 71 1.91 2.74 15.29
N GLN A 72 0.65 2.39 15.07
CA GLN A 72 -0.37 3.38 14.73
C GLN A 72 -0.64 4.31 15.91
N LYS A 73 -0.93 3.72 17.06
CA LYS A 73 -1.22 4.48 18.27
C LYS A 73 -0.09 5.48 18.56
N GLN A 74 1.09 4.96 18.88
CA GLN A 74 2.23 5.80 19.17
C GLN A 74 2.36 6.94 18.15
N PHE A 75 2.22 6.59 16.88
CA PHE A 75 2.31 7.57 15.81
C PHE A 75 1.13 8.54 15.85
N ASP A 76 -0.01 8.05 16.33
CA ASP A 76 -1.21 8.86 16.43
C ASP A 76 -1.05 9.95 17.47
N GLN A 77 -0.60 9.55 18.66
CA GLN A 77 -0.41 10.50 19.76
C GLN A 77 0.68 11.52 19.42
N ASP A 78 1.67 11.08 18.65
CA ASP A 78 2.77 11.96 18.25
C ASP A 78 3.46 11.42 17.00
N HIS A 79 4.11 12.32 16.26
CA HIS A 79 4.82 11.93 15.04
C HIS A 79 6.33 11.92 15.27
N ASN A 80 6.76 12.55 16.36
CA ASN A 80 8.18 12.62 16.68
C ASN A 80 8.65 11.33 17.34
N ILE A 81 8.25 10.20 16.78
CA ILE A 81 8.62 8.90 17.32
C ILE A 81 9.68 8.23 16.44
N ASN A 82 10.13 7.05 16.86
CA ASN A 82 11.14 6.31 16.12
C ASN A 82 10.86 4.81 16.17
N LEU A 83 10.86 4.17 15.01
CA LEU A 83 10.61 2.73 14.93
C LEU A 83 11.86 1.94 15.27
N VAL A 84 13.01 2.40 14.75
CA VAL A 84 14.28 1.73 15.00
C VAL A 84 14.46 1.43 16.48
N SER A 85 14.14 2.41 17.32
CA SER A 85 14.27 2.26 18.76
C SER A 85 13.32 1.18 19.29
N MET A 86 12.19 1.00 18.59
CA MET A 86 11.20 0.01 18.98
C MET A 86 11.72 -1.40 18.73
N GLU A 87 12.52 -1.56 17.67
CA GLU A 87 13.07 -2.85 17.32
C GLU A 87 11.97 -3.85 16.98
N VAL A 88 10.89 -3.35 16.37
CA VAL A 88 9.77 -4.19 15.99
C VAL A 88 10.10 -5.03 14.75
N THR A 89 9.39 -6.14 14.59
CA THR A 89 9.60 -7.03 13.46
C THR A 89 9.17 -6.35 12.15
N VAL A 90 9.87 -6.67 11.07
CA VAL A 90 9.56 -6.11 9.76
C VAL A 90 8.09 -6.32 9.42
N ASN A 91 7.62 -7.55 9.56
CA ASN A 91 6.24 -7.89 9.26
C ASN A 91 5.29 -6.81 9.79
N ALA A 92 5.46 -6.45 11.06
CA ALA A 92 4.63 -5.43 11.69
C ALA A 92 4.50 -4.20 10.81
N VAL A 93 5.63 -3.54 10.56
CA VAL A 93 5.65 -2.35 9.72
C VAL A 93 5.00 -2.61 8.37
N ALA A 94 5.43 -3.68 7.71
CA ALA A 94 4.88 -4.05 6.40
C ALA A 94 3.36 -4.12 6.45
N GLY A 95 2.83 -4.62 7.57
CA GLY A 95 1.38 -4.73 7.71
C GLY A 95 0.73 -3.41 8.03
N ALA A 96 1.26 -2.70 9.01
CA ALA A 96 0.71 -1.41 9.41
C ALA A 96 0.67 -0.45 8.24
N LEU A 97 1.65 -0.55 7.36
CA LEU A 97 1.72 0.31 6.18
C LEU A 97 0.45 0.22 5.36
N LYS A 98 -0.02 -1.01 5.14
CA LYS A 98 -1.23 -1.24 4.37
C LYS A 98 -2.45 -0.64 5.07
N ALA A 99 -2.64 -1.00 6.33
CA ALA A 99 -3.75 -0.49 7.11
C ALA A 99 -4.05 0.97 6.77
N PHE A 100 -2.99 1.77 6.68
CA PHE A 100 -3.13 3.18 6.35
C PHE A 100 -3.92 3.38 5.07
N PHE A 101 -3.47 2.72 4.00
CA PHE A 101 -4.13 2.82 2.70
C PHE A 101 -5.59 2.40 2.81
N ALA A 102 -5.85 1.36 3.60
CA ALA A 102 -7.21 0.87 3.78
C ALA A 102 -8.07 1.90 4.49
N ASP A 103 -7.48 2.64 5.42
CA ASP A 103 -8.20 3.66 6.17
C ASP A 103 -8.77 4.72 5.23
N LEU A 104 -7.98 5.10 4.23
CA LEU A 104 -8.41 6.10 3.25
C LEU A 104 -9.90 5.96 2.94
N PRO A 105 -10.57 7.12 2.76
CA PRO A 105 -12.00 7.14 2.45
C PRO A 105 -12.31 6.62 1.05
N ASP A 106 -11.30 6.64 0.19
CA ASP A 106 -11.47 6.15 -1.18
C ASP A 106 -10.31 5.26 -1.58
N PRO A 107 -10.56 4.36 -2.55
CA PRO A 107 -9.54 3.42 -3.04
C PRO A 107 -8.45 4.13 -3.85
N LEU A 108 -7.20 3.83 -3.53
CA LEU A 108 -6.07 4.43 -4.23
C LEU A 108 -6.39 4.63 -5.71
N ILE A 109 -7.10 3.66 -6.29
CA ILE A 109 -7.47 3.73 -7.70
C ILE A 109 -8.93 4.12 -7.86
N PRO A 110 -9.16 5.19 -8.64
CA PRO A 110 -10.52 5.70 -8.90
C PRO A 110 -11.33 4.75 -9.78
N TYR A 111 -12.66 4.86 -9.69
CA TYR A 111 -13.55 4.00 -10.46
C TYR A 111 -13.60 4.46 -11.91
N SER A 112 -13.27 5.72 -12.14
CA SER A 112 -13.28 6.29 -13.49
C SER A 112 -12.13 5.73 -14.33
N LEU A 113 -11.24 4.98 -13.67
CA LEU A 113 -10.10 4.40 -14.35
C LEU A 113 -9.98 2.91 -14.04
N HIS A 114 -11.11 2.28 -13.78
CA HIS A 114 -11.14 0.85 -13.47
C HIS A 114 -10.93 0.02 -14.73
N PRO A 115 -11.86 0.15 -15.69
CA PRO A 115 -11.79 -0.58 -16.95
C PRO A 115 -10.65 -0.10 -17.85
N GLU A 116 -10.22 1.14 -17.63
CA GLU A 116 -9.13 1.71 -18.42
C GLU A 116 -7.81 1.01 -18.13
N LEU A 117 -7.66 0.54 -16.89
CA LEU A 117 -6.44 -0.16 -16.47
C LEU A 117 -6.36 -1.53 -17.12
N LEU A 118 -7.51 -2.16 -17.32
CA LEU A 118 -7.58 -3.48 -17.92
C LEU A 118 -7.51 -3.38 -19.44
N GLU A 119 -8.41 -2.62 -20.02
CA GLU A 119 -8.45 -2.44 -21.48
C GLU A 119 -7.05 -2.22 -22.03
N ALA A 120 -6.19 -1.59 -21.24
CA ALA A 120 -4.83 -1.32 -21.65
C ALA A 120 -3.91 -2.49 -21.31
N ALA A 121 -4.28 -3.24 -20.27
CA ALA A 121 -3.49 -4.39 -19.85
C ALA A 121 -3.75 -5.59 -20.74
N LYS A 122 -4.92 -5.61 -21.39
CA LYS A 122 -5.28 -6.70 -22.28
C LYS A 122 -4.67 -6.52 -23.65
N ILE A 123 -3.90 -5.44 -23.82
CA ILE A 123 -3.26 -5.15 -25.10
C ILE A 123 -2.13 -6.14 -25.37
N PRO A 124 -2.14 -6.73 -26.58
CA PRO A 124 -1.13 -7.70 -27.00
C PRO A 124 0.23 -7.05 -27.23
N ASP A 125 0.23 -5.94 -27.95
CA ASP A 125 1.46 -5.21 -28.25
C ASP A 125 2.13 -4.73 -26.96
N LYS A 126 3.11 -5.49 -26.49
CA LYS A 126 3.83 -5.14 -25.26
C LYS A 126 3.97 -3.62 -25.13
N THR A 127 4.46 -2.99 -26.19
CA THR A 127 4.64 -1.55 -26.20
C THR A 127 3.35 -0.82 -25.87
N GLU A 128 2.32 -1.08 -26.67
CA GLU A 128 1.01 -0.45 -26.46
C GLU A 128 0.51 -0.70 -25.04
N ARG A 129 0.64 -1.94 -24.59
CA ARG A 129 0.20 -2.31 -23.25
C ARG A 129 0.78 -1.37 -22.20
N LEU A 130 2.10 -1.24 -22.21
CA LEU A 130 2.78 -0.36 -21.25
C LEU A 130 2.49 1.10 -21.54
N HIS A 131 2.87 1.56 -22.72
CA HIS A 131 2.65 2.94 -23.12
C HIS A 131 1.28 3.43 -22.65
N ALA A 132 0.27 2.57 -22.81
CA ALA A 132 -1.09 2.91 -22.40
C ALA A 132 -1.17 3.09 -20.89
N LEU A 133 -0.60 2.14 -20.15
CA LEU A 133 -0.61 2.19 -18.69
C LEU A 133 0.23 3.35 -18.18
N LYS A 134 1.18 3.80 -19.00
CA LYS A 134 2.05 4.91 -18.64
C LYS A 134 1.34 6.24 -18.82
N GLU A 135 0.46 6.31 -19.80
CA GLU A 135 -0.29 7.53 -20.08
C GLU A 135 -1.54 7.61 -19.20
N ILE A 136 -2.14 6.46 -18.93
CA ILE A 136 -3.33 6.40 -18.10
C ILE A 136 -3.02 6.76 -16.65
N VAL A 137 -1.89 6.29 -16.16
CA VAL A 137 -1.47 6.57 -14.79
C VAL A 137 -1.26 8.06 -14.58
N LYS A 138 -1.30 8.82 -15.66
CA LYS A 138 -1.11 10.26 -15.59
C LYS A 138 -2.37 10.95 -15.06
N LYS A 139 -3.53 10.35 -15.35
CA LYS A 139 -4.80 10.90 -14.91
C LYS A 139 -4.98 10.73 -13.40
N PHE A 140 -4.27 9.76 -12.84
CA PHE A 140 -4.34 9.48 -11.40
C PHE A 140 -4.12 10.76 -10.60
N HIS A 141 -4.98 10.98 -9.61
CA HIS A 141 -4.89 12.17 -8.76
C HIS A 141 -3.43 12.56 -8.54
N PRO A 142 -3.16 13.87 -8.51
CA PRO A 142 -1.81 14.39 -8.31
C PRO A 142 -1.31 14.17 -6.88
N VAL A 143 -2.23 13.79 -5.99
CA VAL A 143 -1.87 13.55 -4.60
C VAL A 143 -1.62 12.07 -4.35
N ASN A 144 -2.39 11.22 -5.02
CA ASN A 144 -2.23 9.78 -4.87
C ASN A 144 -1.19 9.24 -5.84
N TYR A 145 -1.18 9.78 -7.06
CA TYR A 145 -0.23 9.35 -8.08
C TYR A 145 1.16 9.22 -7.50
N ASP A 146 1.57 10.22 -6.72
CA ASP A 146 2.89 10.22 -6.09
C ASP A 146 3.06 9.01 -5.17
N VAL A 147 2.14 8.88 -4.21
CA VAL A 147 2.19 7.79 -3.25
C VAL A 147 2.23 6.44 -3.96
N PHE A 148 1.26 6.22 -4.84
CA PHE A 148 1.18 4.97 -5.59
C PHE A 148 2.52 4.63 -6.23
N ARG A 149 3.15 5.62 -6.85
CA ARG A 149 4.44 5.44 -7.49
C ARG A 149 5.51 5.06 -6.47
N TYR A 150 5.58 5.84 -5.39
CA TYR A 150 6.56 5.59 -4.34
C TYR A 150 6.50 4.15 -3.86
N VAL A 151 5.28 3.66 -3.64
CA VAL A 151 5.09 2.29 -3.18
C VAL A 151 5.61 1.28 -4.20
N ILE A 152 5.08 1.37 -5.43
CA ILE A 152 5.50 0.46 -6.49
C ILE A 152 7.02 0.41 -6.60
N THR A 153 7.66 1.58 -6.64
CA THR A 153 9.10 1.66 -6.74
C THR A 153 9.78 0.73 -5.75
N HIS A 154 9.23 0.65 -4.54
CA HIS A 154 9.78 -0.21 -3.49
C HIS A 154 9.40 -1.67 -3.74
N LEU A 155 8.23 -1.88 -4.34
CA LEU A 155 7.75 -3.23 -4.63
C LEU A 155 8.64 -3.92 -5.66
N ASN A 156 8.96 -3.19 -6.73
CA ASN A 156 9.80 -3.72 -7.79
C ASN A 156 11.12 -4.25 -7.22
N ARG A 157 11.66 -3.54 -6.25
CA ARG A 157 12.92 -3.92 -5.62
C ARG A 157 12.77 -5.24 -4.86
N VAL A 158 11.61 -5.43 -4.24
CA VAL A 158 11.33 -6.64 -3.49
C VAL A 158 11.19 -7.84 -4.41
N SER A 159 10.49 -7.65 -5.51
CA SER A 159 10.28 -8.73 -6.48
C SER A 159 11.61 -9.22 -7.05
N GLN A 160 12.51 -8.28 -7.31
CA GLN A 160 13.82 -8.62 -7.85
C GLN A 160 14.46 -9.75 -7.07
N GLN A 161 14.26 -9.74 -5.76
CA GLN A 161 14.82 -10.78 -4.89
C GLN A 161 13.75 -11.76 -4.45
N HIS A 162 12.77 -11.99 -5.32
CA HIS A 162 11.67 -12.91 -5.00
C HIS A 162 12.21 -14.25 -4.52
N LYS A 163 13.29 -14.70 -5.14
CA LYS A 163 13.91 -15.97 -4.78
C LYS A 163 14.29 -15.99 -3.31
N ILE A 164 14.66 -14.82 -2.78
CA ILE A 164 15.04 -14.71 -1.38
C ILE A 164 13.83 -14.45 -0.49
N ASN A 165 13.12 -13.36 -0.77
CA ASN A 165 11.93 -13.01 -0.01
C ASN A 165 10.76 -13.88 -0.38
N LEU A 166 11.00 -14.85 -1.25
CA LEU A 166 9.95 -15.77 -1.70
C LEU A 166 8.68 -15.01 -2.07
N MET A 167 8.85 -13.90 -2.77
CA MET A 167 7.71 -13.08 -3.18
C MET A 167 7.96 -12.46 -4.54
N THR A 168 7.07 -12.74 -5.49
CA THR A 168 7.20 -12.21 -6.84
C THR A 168 6.28 -11.00 -7.05
N ALA A 169 6.62 -10.17 -8.03
CA ALA A 169 5.83 -8.98 -8.33
C ALA A 169 4.34 -9.30 -8.32
N ASP A 170 4.00 -10.48 -8.83
CA ASP A 170 2.60 -10.91 -8.88
C ASP A 170 2.06 -11.18 -7.49
N ASN A 171 2.83 -11.92 -6.69
CA ASN A 171 2.41 -12.26 -5.34
C ASN A 171 2.18 -11.00 -4.51
N LEU A 172 3.03 -9.99 -4.72
CA LEU A 172 2.92 -8.73 -4.00
C LEU A 172 1.68 -7.96 -4.43
N SER A 173 1.49 -7.85 -5.75
CA SER A 173 0.35 -7.13 -6.29
C SER A 173 -0.95 -7.65 -5.68
N ILE A 174 -1.11 -8.97 -5.67
CA ILE A 174 -2.31 -9.58 -5.12
C ILE A 174 -2.46 -9.26 -3.63
N CYS A 175 -1.33 -9.27 -2.92
CA CYS A 175 -1.34 -8.97 -1.49
C CYS A 175 -1.85 -7.56 -1.22
N PHE A 176 -1.87 -6.74 -2.26
CA PHE A 176 -2.32 -5.36 -2.14
C PHE A 176 -3.66 -5.17 -2.85
N TRP A 177 -4.07 -6.17 -3.62
CA TRP A 177 -5.32 -6.11 -4.35
C TRP A 177 -6.46 -5.68 -3.44
N PRO A 178 -6.53 -6.29 -2.25
CA PRO A 178 -7.57 -5.97 -1.26
C PRO A 178 -7.74 -4.47 -1.05
N THR A 179 -6.70 -3.83 -0.51
CA THR A 179 -6.73 -2.40 -0.26
C THR A 179 -6.93 -1.61 -1.55
N LEU A 180 -5.94 -1.71 -2.44
CA LEU A 180 -6.00 -1.02 -3.72
C LEU A 180 -7.42 -0.99 -4.27
N MET A 181 -7.96 -2.18 -4.55
CA MET A 181 -9.31 -2.30 -5.07
C MET A 181 -10.21 -3.06 -4.10
N ARG A 182 -10.72 -2.35 -3.09
CA ARG A 182 -11.58 -2.96 -2.09
C ARG A 182 -12.84 -3.52 -2.74
N PRO A 183 -13.62 -2.64 -3.38
CA PRO A 183 -14.87 -3.02 -4.06
C PRO A 183 -14.62 -3.87 -5.31
N ASP A 184 -15.67 -4.51 -5.80
CA ASP A 184 -15.56 -5.35 -6.99
C ASP A 184 -16.60 -4.95 -8.03
N PHE A 185 -16.13 -4.54 -9.20
CA PHE A 185 -17.02 -4.12 -10.28
C PHE A 185 -16.95 -5.10 -11.45
N GLU A 186 -15.76 -5.65 -11.68
CA GLU A 186 -15.57 -6.61 -12.76
C GLU A 186 -14.98 -7.91 -12.24
N ASN A 187 -14.66 -8.82 -13.16
CA ASN A 187 -14.08 -10.11 -12.78
C ASN A 187 -15.03 -10.89 -11.87
N ARG A 188 -16.28 -11.04 -12.31
CA ARG A 188 -17.29 -11.75 -11.53
C ARG A 188 -16.99 -13.25 -11.52
N GLU A 189 -17.88 -14.02 -10.89
CA GLU A 189 -17.71 -15.46 -10.81
C GLU A 189 -17.56 -16.08 -12.20
N PHE A 190 -18.04 -15.37 -13.21
CA PHE A 190 -17.95 -15.84 -14.59
C PHE A 190 -16.57 -15.54 -15.18
N LEU A 191 -16.06 -16.48 -15.96
CA LEU A 191 -14.75 -16.33 -16.59
C LEU A 191 -13.69 -15.90 -15.57
N SER A 192 -13.67 -16.59 -14.43
CA SER A 192 -12.72 -16.29 -13.37
C SER A 192 -11.29 -16.55 -13.84
N THR A 193 -11.15 -17.25 -14.96
CA THR A 193 -9.84 -17.57 -15.51
C THR A 193 -9.34 -16.44 -16.41
N THR A 194 -8.52 -15.57 -15.85
CA THR A 194 -7.96 -14.45 -16.60
C THR A 194 -6.78 -13.82 -15.87
N LYS A 195 -5.74 -13.47 -16.62
CA LYS A 195 -4.55 -12.86 -16.05
C LYS A 195 -4.42 -11.40 -16.48
N ILE A 196 -5.56 -10.72 -16.58
CA ILE A 196 -5.57 -9.32 -16.98
C ILE A 196 -5.59 -8.41 -15.76
N HIS A 197 -6.60 -8.59 -14.90
CA HIS A 197 -6.73 -7.78 -13.70
C HIS A 197 -5.42 -7.76 -12.91
N GLN A 198 -5.10 -8.88 -12.28
CA GLN A 198 -3.88 -8.99 -11.48
C GLN A 198 -2.67 -8.47 -12.27
N SER A 199 -2.51 -8.96 -13.49
CA SER A 199 -1.41 -8.55 -14.34
C SER A 199 -1.25 -7.02 -14.33
N VAL A 200 -2.37 -6.31 -14.39
CA VAL A 200 -2.36 -4.86 -14.37
C VAL A 200 -1.34 -4.32 -13.37
N VAL A 201 -1.64 -4.49 -12.09
CA VAL A 201 -0.74 -4.03 -11.04
C VAL A 201 0.66 -4.60 -11.21
N GLU A 202 0.76 -5.92 -11.19
CA GLU A 202 2.04 -6.60 -11.34
C GLU A 202 2.93 -5.85 -12.32
N THR A 203 2.40 -5.56 -13.50
CA THR A 203 3.15 -4.84 -14.53
C THR A 203 3.70 -3.53 -13.99
N PHE A 204 2.82 -2.67 -13.51
CA PHE A 204 3.22 -1.39 -12.96
C PHE A 204 4.50 -1.52 -12.14
N ILE A 205 4.65 -2.65 -11.46
CA ILE A 205 5.83 -2.90 -10.65
C ILE A 205 7.04 -3.24 -11.51
N GLN A 206 6.93 -4.30 -12.29
CA GLN A 206 8.01 -4.72 -13.17
C GLN A 206 8.47 -3.57 -14.07
N GLN A 207 7.51 -2.98 -14.78
CA GLN A 207 7.81 -1.86 -15.68
C GLN A 207 7.84 -0.55 -14.92
N CYS A 208 7.98 -0.63 -13.60
CA CYS A 208 8.02 0.56 -12.76
C CYS A 208 9.19 1.46 -13.15
N GLN A 209 10.10 0.93 -13.97
CA GLN A 209 11.26 1.69 -14.41
C GLN A 209 11.01 2.33 -15.77
N PHE A 210 10.68 1.51 -16.76
CA PHE A 210 10.41 1.99 -18.11
C PHE A 210 9.61 3.29 -18.07
N PHE A 211 8.66 3.36 -17.15
CA PHE A 211 7.82 4.55 -17.00
C PHE A 211 8.68 5.82 -16.95
N PHE A 212 9.53 5.90 -15.93
CA PHE A 212 10.40 7.06 -15.77
C PHE A 212 11.85 6.71 -16.10
N TYR A 213 12.35 5.67 -15.43
CA TYR A 213 13.72 5.22 -15.65
C TYR A 213 13.96 4.86 -17.11
N ASN A 214 12.90 4.44 -17.79
CA ASN A 214 12.99 4.07 -19.19
C ASN A 214 13.90 2.84 -19.37
N GLY A 215 13.74 1.86 -18.50
CA GLY A 215 14.54 0.66 -18.58
C GLY A 215 14.01 -0.32 -19.60
N GLU A 216 14.80 -1.36 -19.88
CA GLU A 216 14.41 -2.37 -20.86
C GLU A 216 13.17 -3.13 -20.37
N ILE A 217 12.22 -3.32 -21.28
CA ILE A 217 10.99 -4.03 -20.95
C ILE A 217 11.28 -5.44 -20.48
N VAL A 218 10.67 -5.82 -19.36
CA VAL A 218 10.87 -7.16 -18.79
C VAL A 218 9.57 -7.95 -18.79
N GLU A 219 9.67 -9.26 -18.61
CA GLU A 219 8.51 -10.14 -18.59
C GLU A 219 8.18 -10.57 -17.17
N GLY A 1 -1.00 -52.05 18.46
CA GLY A 1 -0.66 -50.69 18.82
C GLY A 1 -1.88 -49.87 19.17
N SER A 2 -1.65 -48.60 19.54
CA SER A 2 -2.75 -47.71 19.91
C SER A 2 -2.25 -46.28 20.05
N SER A 3 -3.12 -45.32 19.74
CA SER A 3 -2.77 -43.91 19.83
C SER A 3 -4.02 -43.05 19.96
N GLY A 4 -3.82 -41.74 20.10
CA GLY A 4 -4.94 -40.83 20.24
C GLY A 4 -4.69 -39.51 19.54
N SER A 5 -5.64 -38.59 19.68
CA SER A 5 -5.54 -37.28 19.04
C SER A 5 -6.52 -36.29 19.66
N SER A 6 -6.01 -35.12 20.05
CA SER A 6 -6.84 -34.10 20.66
C SER A 6 -6.11 -32.75 20.69
N GLY A 7 -6.83 -31.71 21.10
CA GLY A 7 -6.23 -30.39 21.17
C GLY A 7 -7.16 -29.30 20.64
N LYS A 8 -7.37 -28.27 21.45
CA LYS A 8 -8.24 -27.17 21.06
C LYS A 8 -7.91 -25.91 21.86
N ASN A 9 -8.07 -24.76 21.23
CA ASN A 9 -7.79 -23.48 21.87
C ASN A 9 -8.40 -22.32 21.10
N PHE A 10 -8.59 -21.19 21.77
CA PHE A 10 -9.17 -20.01 21.13
C PHE A 10 -9.06 -18.79 22.05
N ASN A 11 -9.51 -17.64 21.55
CA ASN A 11 -9.46 -16.41 22.32
C ASN A 11 -10.46 -15.39 21.78
N PRO A 12 -11.44 -15.03 22.63
CA PRO A 12 -12.49 -14.06 22.26
C PRO A 12 -11.93 -12.65 22.13
N PRO A 13 -12.57 -11.85 21.25
CA PRO A 13 -12.16 -10.46 21.01
C PRO A 13 -12.46 -9.55 22.20
N THR A 14 -11.99 -8.31 22.13
CA THR A 14 -12.21 -7.35 23.20
C THR A 14 -12.60 -5.99 22.64
N ARG A 15 -13.50 -5.30 23.35
CA ARG A 15 -13.96 -3.98 22.92
C ARG A 15 -12.79 -3.10 22.51
N ARG A 16 -12.88 -2.50 21.33
CA ARG A 16 -11.82 -1.63 20.83
C ARG A 16 -12.37 -0.24 20.50
N ASN A 17 -12.00 0.74 21.31
CA ASN A 17 -12.47 2.11 21.11
C ASN A 17 -11.57 2.84 20.11
N TRP A 18 -11.11 2.12 19.10
CA TRP A 18 -10.24 2.70 18.08
C TRP A 18 -10.93 3.86 17.38
N GLU A 19 -10.62 5.07 17.82
CA GLU A 19 -11.20 6.27 17.23
C GLU A 19 -10.13 7.16 16.61
N SER A 20 -10.44 7.75 15.46
CA SER A 20 -9.50 8.62 14.76
C SER A 20 -10.23 9.77 14.08
N ASN A 21 -9.46 10.69 13.51
CA ASN A 21 -10.04 11.85 12.82
C ASN A 21 -9.98 11.66 11.30
N TYR A 22 -8.80 11.28 10.81
CA TYR A 22 -8.61 11.07 9.38
C TYR A 22 -9.85 10.43 8.75
N PHE A 23 -10.35 9.38 9.39
CA PHE A 23 -11.52 8.67 8.90
C PHE A 23 -12.55 9.66 8.35
N GLY A 24 -12.88 9.50 7.07
CA GLY A 24 -13.84 10.39 6.44
C GLY A 24 -13.19 11.43 5.55
N MET A 25 -12.10 12.02 6.03
CA MET A 25 -11.39 13.04 5.27
C MET A 25 -10.45 12.39 4.25
N PRO A 26 -10.40 12.97 3.05
CA PRO A 26 -9.54 12.48 1.97
C PRO A 26 -8.06 12.70 2.25
N LEU A 27 -7.21 11.94 1.58
CA LEU A 27 -5.76 12.06 1.75
C LEU A 27 -5.30 13.49 1.51
N GLN A 28 -5.78 14.09 0.43
CA GLN A 28 -5.42 15.46 0.09
C GLN A 28 -5.57 16.38 1.30
N ASP A 29 -6.58 16.11 2.13
CA ASP A 29 -6.83 16.91 3.32
C ASP A 29 -5.83 16.56 4.43
N LEU A 30 -5.68 15.27 4.69
CA LEU A 30 -4.76 14.80 5.72
C LEU A 30 -3.35 15.33 5.47
N VAL A 31 -2.91 15.25 4.22
CA VAL A 31 -1.58 15.72 3.84
C VAL A 31 -1.61 17.18 3.43
N THR A 32 -0.42 17.76 3.23
CA THR A 32 -0.32 19.16 2.83
C THR A 32 0.12 19.27 1.37
N ALA A 33 -0.40 20.28 0.67
CA ALA A 33 -0.06 20.50 -0.72
C ALA A 33 1.44 20.34 -0.96
N GLU A 34 2.23 20.79 0.02
CA GLU A 34 3.69 20.69 -0.07
C GLU A 34 4.13 19.23 -0.10
N LYS A 35 3.52 18.41 0.74
CA LYS A 35 3.85 16.99 0.82
C LYS A 35 2.60 16.14 0.72
N PRO A 36 2.31 15.65 -0.51
CA PRO A 36 1.14 14.81 -0.77
C PRO A 36 1.28 13.43 -0.15
N ILE A 37 2.52 12.99 0.07
CA ILE A 37 2.78 11.69 0.66
C ILE A 37 2.93 11.79 2.18
N PRO A 38 2.22 10.91 2.90
CA PRO A 38 2.26 10.89 4.36
C PRO A 38 3.60 10.39 4.90
N LEU A 39 4.25 11.21 5.71
CA LEU A 39 5.53 10.86 6.30
C LEU A 39 5.47 9.47 6.95
N PHE A 40 4.29 9.09 7.39
CA PHE A 40 4.09 7.79 8.04
C PHE A 40 4.41 6.66 7.07
N VAL A 41 3.66 6.58 5.97
CA VAL A 41 3.86 5.55 4.97
C VAL A 41 5.32 5.46 4.57
N GLU A 42 5.91 6.60 4.21
CA GLU A 42 7.30 6.64 3.80
C GLU A 42 8.20 5.97 4.83
N LYS A 43 8.19 6.48 6.05
CA LYS A 43 8.99 5.93 7.13
C LYS A 43 8.92 4.40 7.14
N CYS A 44 7.72 3.87 6.88
CA CYS A 44 7.51 2.43 6.86
C CYS A 44 8.25 1.79 5.69
N VAL A 45 8.13 2.40 4.51
CA VAL A 45 8.79 1.89 3.31
C VAL A 45 10.30 1.91 3.47
N GLU A 46 10.86 3.09 3.70
CA GLU A 46 12.30 3.24 3.86
C GLU A 46 12.83 2.28 4.92
N PHE A 47 11.96 1.92 5.88
CA PHE A 47 12.34 1.00 6.94
C PHE A 47 12.52 -0.41 6.41
N ILE A 48 11.49 -0.93 5.74
CA ILE A 48 11.53 -2.27 5.18
C ILE A 48 12.71 -2.43 4.24
N GLU A 49 13.24 -1.32 3.75
CA GLU A 49 14.38 -1.34 2.84
C GLU A 49 15.69 -1.25 3.61
N ASP A 50 15.62 -0.73 4.82
CA ASP A 50 16.81 -0.59 5.67
C ASP A 50 16.96 -1.79 6.60
N THR A 51 15.87 -2.54 6.77
CA THR A 51 15.87 -3.71 7.64
C THR A 51 16.43 -4.93 6.91
N GLY A 52 17.16 -4.68 5.82
CA GLY A 52 17.74 -5.77 5.06
C GLY A 52 16.86 -6.20 3.91
N LEU A 53 15.56 -6.29 4.16
CA LEU A 53 14.60 -6.70 3.13
C LEU A 53 14.86 -8.13 2.69
N CYS A 54 15.10 -9.01 3.66
CA CYS A 54 15.36 -10.43 3.37
C CYS A 54 14.53 -11.32 4.29
N THR A 55 13.36 -10.84 4.69
CA THR A 55 12.48 -11.60 5.57
C THR A 55 11.50 -12.45 4.76
N GLU A 56 11.45 -13.74 5.08
CA GLU A 56 10.55 -14.66 4.38
C GLU A 56 9.09 -14.22 4.56
N GLY A 57 8.42 -13.96 3.44
CA GLY A 57 7.04 -13.55 3.49
C GLY A 57 6.81 -12.43 4.48
N LEU A 58 7.20 -11.22 4.12
CA LEU A 58 7.02 -10.06 4.99
C LEU A 58 5.67 -9.39 4.75
N TYR A 59 4.86 -10.00 3.89
CA TYR A 59 3.54 -9.47 3.59
C TYR A 59 2.46 -10.54 3.77
N ARG A 60 2.70 -11.71 3.20
CA ARG A 60 1.75 -12.82 3.30
C ARG A 60 1.51 -13.19 4.76
N VAL A 61 2.58 -13.34 5.53
CA VAL A 61 2.48 -13.69 6.94
C VAL A 61 2.21 -12.45 7.79
N SER A 62 1.46 -12.65 8.88
CA SER A 62 1.12 -11.54 9.77
C SER A 62 1.46 -11.91 11.21
N GLY A 63 2.38 -11.15 11.81
CA GLY A 63 2.77 -11.41 13.18
C GLY A 63 1.68 -11.06 14.17
N ASN A 64 2.08 -10.56 15.34
CA ASN A 64 1.12 -10.18 16.37
C ASN A 64 0.24 -9.02 15.91
N LYS A 65 -0.62 -8.54 16.80
CA LYS A 65 -1.52 -7.45 16.49
C LYS A 65 -1.09 -6.17 17.20
N THR A 66 -0.61 -6.32 18.43
CA THR A 66 -0.16 -5.18 19.22
C THR A 66 0.86 -4.36 18.46
N ASP A 67 1.95 -4.99 18.06
CA ASP A 67 3.00 -4.31 17.32
C ASP A 67 2.42 -3.32 16.31
N GLN A 68 1.59 -3.84 15.41
CA GLN A 68 0.96 -3.01 14.39
C GLN A 68 0.29 -1.79 15.01
N ASP A 69 -0.43 -2.01 16.11
CA ASP A 69 -1.11 -0.94 16.81
C ASP A 69 -0.13 0.17 17.21
N ASN A 70 0.95 -0.24 17.86
CA ASN A 70 1.97 0.72 18.31
C ASN A 70 2.40 1.63 17.16
N ILE A 71 2.78 1.01 16.04
CA ILE A 71 3.22 1.76 14.87
C ILE A 71 2.29 2.95 14.61
N GLN A 72 0.99 2.72 14.66
CA GLN A 72 0.02 3.76 14.42
C GLN A 72 -0.09 4.69 15.63
N LYS A 73 -0.50 4.13 16.77
CA LYS A 73 -0.64 4.90 18.00
C LYS A 73 0.63 5.70 18.29
N GLN A 74 1.72 4.99 18.54
CA GLN A 74 3.00 5.62 18.83
C GLN A 74 3.20 6.85 17.95
N PHE A 75 2.86 6.72 16.67
CA PHE A 75 3.01 7.82 15.72
C PHE A 75 1.98 8.92 15.99
N ASP A 76 0.77 8.50 16.34
CA ASP A 76 -0.31 9.45 16.62
C ASP A 76 0.01 10.28 17.86
N GLN A 77 0.55 9.62 18.88
CA GLN A 77 0.89 10.29 20.13
C GLN A 77 2.04 11.28 19.91
N ASP A 78 2.93 10.95 18.98
CA ASP A 78 4.07 11.80 18.68
C ASP A 78 4.73 11.37 17.37
N HIS A 79 5.31 12.33 16.66
CA HIS A 79 5.98 12.05 15.39
C HIS A 79 7.47 11.86 15.60
N ASN A 80 7.97 12.34 16.73
CA ASN A 80 9.40 12.22 17.05
C ASN A 80 9.72 10.83 17.56
N ILE A 81 9.26 9.82 16.84
CA ILE A 81 9.50 8.43 17.22
C ILE A 81 10.47 7.75 16.24
N ASN A 82 10.70 6.46 16.45
CA ASN A 82 11.60 5.71 15.60
C ASN A 82 11.25 4.21 15.61
N LEU A 83 11.03 3.66 14.43
CA LEU A 83 10.68 2.25 14.31
C LEU A 83 11.87 1.36 14.65
N VAL A 84 13.04 1.70 14.08
CA VAL A 84 14.26 0.94 14.32
C VAL A 84 14.45 0.68 15.80
N SER A 85 14.33 1.73 16.61
CA SER A 85 14.50 1.61 18.05
C SER A 85 13.50 0.62 18.64
N MET A 86 12.24 0.72 18.20
CA MET A 86 11.19 -0.16 18.68
C MET A 86 11.54 -1.62 18.40
N GLU A 87 12.46 -1.84 17.47
CA GLU A 87 12.87 -3.19 17.11
C GLU A 87 11.65 -4.09 16.88
N VAL A 88 10.62 -3.53 16.27
CA VAL A 88 9.41 -4.29 15.99
C VAL A 88 9.62 -5.31 14.88
N THR A 89 8.70 -6.26 14.76
CA THR A 89 8.79 -7.29 13.74
C THR A 89 8.44 -6.74 12.37
N VAL A 90 9.28 -7.04 11.38
CA VAL A 90 9.06 -6.57 10.02
C VAL A 90 7.60 -6.75 9.61
N ASN A 91 7.07 -7.95 9.84
CA ASN A 91 5.68 -8.25 9.49
C ASN A 91 4.76 -7.13 9.95
N ALA A 92 5.01 -6.60 11.13
CA ALA A 92 4.20 -5.52 11.68
C ALA A 92 4.26 -4.28 10.79
N VAL A 93 5.46 -3.71 10.65
CA VAL A 93 5.64 -2.53 9.83
C VAL A 93 5.09 -2.73 8.43
N ALA A 94 5.24 -3.94 7.90
CA ALA A 94 4.74 -4.28 6.58
C ALA A 94 3.22 -4.32 6.55
N GLY A 95 2.63 -4.79 7.65
CA GLY A 95 1.18 -4.87 7.74
C GLY A 95 0.54 -3.53 7.99
N ALA A 96 0.97 -2.85 9.05
CA ALA A 96 0.42 -1.54 9.40
C ALA A 96 0.42 -0.61 8.19
N LEU A 97 1.54 -0.59 7.45
CA LEU A 97 1.67 0.25 6.28
C LEU A 97 0.42 0.18 5.41
N LYS A 98 -0.07 -1.04 5.21
CA LYS A 98 -1.27 -1.25 4.40
C LYS A 98 -2.52 -0.78 5.13
N ALA A 99 -2.64 -1.18 6.40
CA ALA A 99 -3.79 -0.79 7.22
C ALA A 99 -4.20 0.65 6.94
N PHE A 100 -3.21 1.54 6.89
CA PHE A 100 -3.47 2.95 6.64
C PHE A 100 -4.25 3.14 5.34
N PHE A 101 -3.72 2.58 4.26
CA PHE A 101 -4.38 2.69 2.95
C PHE A 101 -5.85 2.31 3.05
N ALA A 102 -6.12 1.20 3.71
CA ALA A 102 -7.49 0.72 3.87
C ALA A 102 -8.34 1.74 4.61
N ASP A 103 -7.76 2.36 5.63
CA ASP A 103 -8.46 3.37 6.41
C ASP A 103 -9.03 4.46 5.52
N LEU A 104 -8.28 4.82 4.48
CA LEU A 104 -8.72 5.86 3.56
C LEU A 104 -10.20 5.72 3.22
N PRO A 105 -10.90 6.86 3.13
CA PRO A 105 -12.32 6.90 2.81
C PRO A 105 -12.61 6.47 1.38
N ASP A 106 -11.61 6.58 0.51
CA ASP A 106 -11.75 6.20 -0.88
C ASP A 106 -10.57 5.35 -1.34
N PRO A 107 -10.83 4.47 -2.33
CA PRO A 107 -9.81 3.58 -2.88
C PRO A 107 -8.76 4.33 -3.69
N LEU A 108 -7.50 3.96 -3.52
CA LEU A 108 -6.40 4.60 -4.24
C LEU A 108 -6.77 4.82 -5.71
N ILE A 109 -7.18 3.74 -6.37
CA ILE A 109 -7.56 3.81 -7.77
C ILE A 109 -9.03 4.22 -7.92
N PRO A 110 -9.26 5.31 -8.68
CA PRO A 110 -10.61 5.83 -8.92
C PRO A 110 -11.44 4.90 -9.81
N TYR A 111 -12.74 4.90 -9.60
CA TYR A 111 -13.64 4.05 -10.38
C TYR A 111 -13.76 4.57 -11.82
N SER A 112 -13.20 5.76 -12.06
CA SER A 112 -13.25 6.36 -13.38
C SER A 112 -12.12 5.81 -14.27
N LEU A 113 -11.18 5.12 -13.65
CA LEU A 113 -10.05 4.56 -14.37
C LEU A 113 -10.00 3.04 -14.20
N HIS A 114 -11.16 2.44 -13.95
CA HIS A 114 -11.25 1.00 -13.77
C HIS A 114 -11.04 0.27 -15.10
N PRO A 115 -11.90 0.56 -16.08
CA PRO A 115 -11.83 -0.06 -17.41
C PRO A 115 -10.63 0.43 -18.21
N GLU A 116 -10.08 1.57 -17.81
CA GLU A 116 -8.93 2.15 -18.49
C GLU A 116 -7.68 1.34 -18.20
N LEU A 117 -7.54 0.88 -16.97
CA LEU A 117 -6.39 0.08 -16.56
C LEU A 117 -6.45 -1.32 -17.16
N LEU A 118 -7.67 -1.80 -17.40
CA LEU A 118 -7.86 -3.12 -17.99
C LEU A 118 -7.74 -3.08 -19.50
N GLU A 119 -8.46 -2.15 -20.12
CA GLU A 119 -8.43 -2.00 -21.57
C GLU A 119 -7.00 -1.88 -22.08
N ALA A 120 -6.11 -1.39 -21.22
CA ALA A 120 -4.70 -1.23 -21.58
C ALA A 120 -3.90 -2.49 -21.24
N ALA A 121 -4.43 -3.29 -20.32
CA ALA A 121 -3.77 -4.51 -19.89
C ALA A 121 -4.08 -5.66 -20.86
N LYS A 122 -5.10 -5.47 -21.68
CA LYS A 122 -5.50 -6.49 -22.65
C LYS A 122 -4.87 -6.22 -24.01
N ILE A 123 -3.94 -5.28 -24.05
CA ILE A 123 -3.26 -4.93 -25.29
C ILE A 123 -2.26 -6.01 -25.70
N PRO A 124 -2.32 -6.42 -26.97
CA PRO A 124 -1.44 -7.44 -27.53
C PRO A 124 0.01 -6.97 -27.63
N ASP A 125 0.19 -5.76 -28.15
CA ASP A 125 1.52 -5.18 -28.31
C ASP A 125 2.14 -4.86 -26.96
N LYS A 126 3.10 -5.68 -26.54
CA LYS A 126 3.77 -5.48 -25.25
C LYS A 126 4.06 -4.01 -25.02
N THR A 127 4.71 -3.37 -25.98
CA THR A 127 5.06 -1.96 -25.89
C THR A 127 3.82 -1.11 -25.65
N GLU A 128 2.88 -1.17 -26.57
CA GLU A 128 1.64 -0.40 -26.45
C GLU A 128 1.00 -0.59 -25.08
N ARG A 129 1.07 -1.82 -24.57
CA ARG A 129 0.50 -2.13 -23.26
C ARG A 129 1.12 -1.25 -22.18
N LEU A 130 2.44 -1.06 -22.25
CA LEU A 130 3.15 -0.24 -21.27
C LEU A 130 2.88 1.24 -21.51
N HIS A 131 3.13 1.69 -22.73
CA HIS A 131 2.90 3.09 -23.09
C HIS A 131 1.55 3.57 -22.59
N ALA A 132 0.52 2.74 -22.78
CA ALA A 132 -0.83 3.08 -22.34
C ALA A 132 -0.90 3.23 -20.83
N LEU A 133 -0.56 2.17 -20.12
CA LEU A 133 -0.58 2.18 -18.65
C LEU A 133 0.25 3.34 -18.11
N LYS A 134 1.32 3.67 -18.81
CA LYS A 134 2.19 4.77 -18.41
C LYS A 134 1.47 6.10 -18.48
N GLU A 135 0.59 6.24 -19.47
CA GLU A 135 -0.18 7.47 -19.64
C GLU A 135 -1.40 7.49 -18.73
N ILE A 136 -2.06 6.35 -18.62
CA ILE A 136 -3.24 6.23 -17.78
C ILE A 136 -2.92 6.56 -16.32
N VAL A 137 -1.65 6.46 -15.97
CA VAL A 137 -1.20 6.74 -14.62
C VAL A 137 -0.76 8.20 -14.48
N LYS A 138 -0.73 8.92 -15.60
CA LYS A 138 -0.34 10.32 -15.60
C LYS A 138 -1.50 11.22 -15.18
N LYS A 139 -2.71 10.83 -15.56
CA LYS A 139 -3.90 11.59 -15.22
C LYS A 139 -4.35 11.29 -13.79
N PHE A 140 -3.71 10.29 -13.18
CA PHE A 140 -4.05 9.91 -11.81
C PHE A 140 -4.04 11.12 -10.88
N HIS A 141 -4.88 11.07 -9.84
CA HIS A 141 -4.97 12.16 -8.89
C HIS A 141 -3.58 12.70 -8.54
N PRO A 142 -3.49 14.04 -8.40
CA PRO A 142 -2.23 14.71 -8.08
C PRO A 142 -1.78 14.43 -6.64
N VAL A 143 -2.71 13.94 -5.82
CA VAL A 143 -2.41 13.64 -4.43
C VAL A 143 -2.09 12.15 -4.25
N ASN A 144 -2.83 11.31 -4.96
CA ASN A 144 -2.64 9.87 -4.89
C ASN A 144 -1.51 9.42 -5.81
N TYR A 145 -1.46 10.00 -6.99
CA TYR A 145 -0.43 9.67 -7.97
C TYR A 145 0.95 9.63 -7.32
N ASP A 146 1.22 10.60 -6.47
CA ASP A 146 2.50 10.68 -5.77
C ASP A 146 2.71 9.46 -4.89
N VAL A 147 1.68 9.10 -4.14
CA VAL A 147 1.75 7.94 -3.25
C VAL A 147 1.85 6.64 -4.04
N PHE A 148 0.83 6.36 -4.85
CA PHE A 148 0.81 5.15 -5.65
C PHE A 148 2.16 4.91 -6.32
N ARG A 149 2.71 5.96 -6.91
CA ARG A 149 4.01 5.87 -7.59
C ARG A 149 5.10 5.50 -6.61
N TYR A 150 5.14 6.20 -5.47
CA TYR A 150 6.15 5.95 -4.45
C TYR A 150 6.10 4.49 -3.99
N VAL A 151 4.92 4.04 -3.57
CA VAL A 151 4.74 2.67 -3.10
C VAL A 151 5.40 1.68 -4.06
N ILE A 152 4.88 1.61 -5.28
CA ILE A 152 5.41 0.70 -6.29
C ILE A 152 6.93 0.74 -6.31
N THR A 153 7.49 1.94 -6.43
CA THR A 153 8.94 2.11 -6.46
C THR A 153 9.63 1.18 -5.47
N HIS A 154 8.99 0.98 -4.32
CA HIS A 154 9.53 0.12 -3.28
C HIS A 154 9.26 -1.35 -3.60
N LEU A 155 8.05 -1.65 -4.04
CA LEU A 155 7.66 -3.01 -4.38
C LEU A 155 8.70 -3.66 -5.29
N ASN A 156 9.17 -2.90 -6.27
CA ASN A 156 10.18 -3.41 -7.20
C ASN A 156 11.38 -3.99 -6.46
N ARG A 157 11.89 -3.24 -5.49
CA ARG A 157 13.03 -3.68 -4.70
C ARG A 157 12.74 -5.02 -4.03
N VAL A 158 11.47 -5.26 -3.72
CA VAL A 158 11.06 -6.50 -3.08
C VAL A 158 10.94 -7.64 -4.10
N SER A 159 10.59 -7.28 -5.32
CA SER A 159 10.44 -8.27 -6.39
C SER A 159 11.80 -8.74 -6.89
N GLN A 160 12.83 -7.96 -6.62
CA GLN A 160 14.18 -8.30 -7.05
C GLN A 160 14.73 -9.44 -6.21
N GLN A 161 14.53 -9.37 -4.90
CA GLN A 161 15.01 -10.40 -3.99
C GLN A 161 13.91 -11.40 -3.66
N HIS A 162 12.99 -11.59 -4.60
CA HIS A 162 11.88 -12.51 -4.42
C HIS A 162 12.38 -13.89 -4.00
N LYS A 163 13.50 -14.31 -4.59
CA LYS A 163 14.08 -15.60 -4.28
C LYS A 163 14.43 -15.70 -2.80
N ILE A 164 14.58 -14.54 -2.15
CA ILE A 164 14.91 -14.51 -0.74
C ILE A 164 13.66 -14.43 0.13
N ASN A 165 12.92 -13.32 0.00
CA ASN A 165 11.70 -13.13 0.76
C ASN A 165 10.56 -13.97 0.19
N LEU A 166 10.85 -14.73 -0.86
CA LEU A 166 9.86 -15.57 -1.51
C LEU A 166 8.64 -14.75 -1.92
N MET A 167 8.90 -13.61 -2.54
CA MET A 167 7.82 -12.73 -3.00
C MET A 167 8.15 -12.11 -4.36
N THR A 168 7.40 -12.51 -5.39
CA THR A 168 7.63 -12.00 -6.74
C THR A 168 6.66 -10.87 -7.06
N ALA A 169 7.00 -10.07 -8.06
CA ALA A 169 6.16 -8.95 -8.47
C ALA A 169 4.70 -9.37 -8.58
N ASP A 170 4.48 -10.61 -9.02
CA ASP A 170 3.12 -11.14 -9.15
C ASP A 170 2.46 -11.32 -7.79
N ASN A 171 3.19 -11.97 -6.88
CA ASN A 171 2.66 -12.22 -5.54
C ASN A 171 2.25 -10.91 -4.86
N LEU A 172 3.09 -9.90 -4.99
CA LEU A 172 2.82 -8.59 -4.41
C LEU A 172 1.53 -7.99 -4.97
N SER A 173 1.37 -8.08 -6.29
CA SER A 173 0.18 -7.56 -6.95
C SER A 173 -1.08 -8.11 -6.31
N ILE A 174 -1.06 -9.39 -5.97
CA ILE A 174 -2.21 -10.03 -5.34
C ILE A 174 -2.27 -9.73 -3.85
N CYS A 175 -1.11 -9.75 -3.19
CA CYS A 175 -1.04 -9.47 -1.77
C CYS A 175 -1.45 -8.03 -1.47
N PHE A 176 -1.38 -7.18 -2.49
CA PHE A 176 -1.74 -5.78 -2.34
C PHE A 176 -3.05 -5.48 -3.04
N TRP A 177 -3.64 -6.49 -3.67
CA TRP A 177 -4.89 -6.34 -4.38
C TRP A 177 -6.01 -5.88 -3.44
N PRO A 178 -6.09 -6.53 -2.27
CA PRO A 178 -7.11 -6.22 -1.27
C PRO A 178 -7.21 -4.72 -0.99
N THR A 179 -6.09 -4.13 -0.56
CA THR A 179 -6.05 -2.70 -0.27
C THR A 179 -6.16 -1.87 -1.54
N LEU A 180 -5.19 -2.01 -2.43
CA LEU A 180 -5.18 -1.28 -3.69
C LEU A 180 -6.58 -1.21 -4.28
N MET A 181 -7.21 -2.37 -4.42
CA MET A 181 -8.56 -2.44 -4.98
C MET A 181 -9.49 -3.24 -4.06
N ARG A 182 -10.59 -2.61 -3.65
CA ARG A 182 -11.55 -3.26 -2.76
C ARG A 182 -12.78 -3.72 -3.54
N PRO A 183 -12.88 -5.04 -3.77
CA PRO A 183 -14.00 -5.63 -4.50
C PRO A 183 -15.31 -5.56 -3.71
N ASP A 184 -16.41 -5.42 -4.43
CA ASP A 184 -17.73 -5.35 -3.80
C ASP A 184 -17.96 -6.54 -2.88
N PHE A 185 -18.57 -6.28 -1.73
CA PHE A 185 -18.85 -7.33 -0.75
C PHE A 185 -20.35 -7.53 -0.58
N GLU A 186 -21.08 -6.42 -0.47
CA GLU A 186 -22.53 -6.48 -0.30
C GLU A 186 -23.24 -5.82 -1.49
N ASN A 187 -22.61 -5.87 -2.65
CA ASN A 187 -23.18 -5.30 -3.86
C ASN A 187 -23.09 -6.27 -5.03
N ARG A 188 -23.58 -5.85 -6.19
CA ARG A 188 -23.57 -6.69 -7.38
C ARG A 188 -22.21 -7.39 -7.54
N GLU A 189 -22.24 -8.71 -7.55
CA GLU A 189 -21.02 -9.50 -7.70
C GLU A 189 -20.93 -10.11 -9.09
N PHE A 190 -19.86 -9.78 -9.81
CA PHE A 190 -19.65 -10.30 -11.15
C PHE A 190 -18.48 -11.28 -11.19
N LEU A 191 -18.50 -12.18 -12.17
CA LEU A 191 -17.44 -13.17 -12.31
C LEU A 191 -16.18 -12.54 -12.90
N SER A 192 -15.03 -13.12 -12.56
CA SER A 192 -13.75 -12.63 -13.05
C SER A 192 -12.99 -13.72 -13.80
N THR A 193 -13.61 -14.26 -14.84
CA THR A 193 -12.99 -15.31 -15.63
C THR A 193 -11.58 -14.92 -16.07
N THR A 194 -11.46 -13.75 -16.67
CA THR A 194 -10.16 -13.26 -17.14
C THR A 194 -9.47 -12.43 -16.05
N LYS A 195 -8.37 -12.96 -15.52
CA LYS A 195 -7.63 -12.27 -14.48
C LYS A 195 -6.75 -11.17 -15.07
N ILE A 196 -7.39 -10.10 -15.54
CA ILE A 196 -6.68 -8.98 -16.13
C ILE A 196 -6.28 -7.96 -15.08
N HIS A 197 -7.16 -7.76 -14.10
CA HIS A 197 -6.90 -6.81 -13.03
C HIS A 197 -5.51 -7.02 -12.44
N GLN A 198 -5.33 -8.12 -11.71
CA GLN A 198 -4.05 -8.43 -11.09
C GLN A 198 -2.90 -8.09 -12.04
N SER A 199 -2.96 -8.64 -13.25
CA SER A 199 -1.92 -8.41 -14.25
C SER A 199 -1.55 -6.93 -14.31
N VAL A 200 -2.56 -6.07 -14.26
CA VAL A 200 -2.35 -4.63 -14.32
C VAL A 200 -1.35 -4.18 -13.25
N VAL A 201 -1.71 -4.43 -11.99
CA VAL A 201 -0.85 -4.06 -10.88
C VAL A 201 0.55 -4.64 -11.03
N GLU A 202 0.65 -5.96 -10.98
CA GLU A 202 1.93 -6.63 -11.12
C GLU A 202 2.79 -5.96 -12.18
N THR A 203 2.22 -5.77 -13.37
CA THR A 203 2.94 -5.14 -14.46
C THR A 203 3.61 -3.84 -14.01
N PHE A 204 2.79 -2.87 -13.63
CA PHE A 204 3.30 -1.57 -13.17
C PHE A 204 4.62 -1.75 -12.43
N ILE A 205 4.65 -2.70 -11.49
CA ILE A 205 5.85 -2.96 -10.70
C ILE A 205 6.96 -3.52 -11.58
N GLN A 206 6.64 -4.55 -12.36
CA GLN A 206 7.62 -5.17 -13.24
C GLN A 206 8.27 -4.14 -14.14
N GLN A 207 7.45 -3.26 -14.73
CA GLN A 207 7.96 -2.21 -15.62
C GLN A 207 7.83 -0.84 -14.96
N CYS A 208 7.92 -0.80 -13.64
CA CYS A 208 7.82 0.44 -12.90
C CYS A 208 8.97 1.38 -13.25
N GLN A 209 10.01 0.83 -13.88
CA GLN A 209 11.17 1.61 -14.25
C GLN A 209 10.99 2.22 -15.65
N PHE A 210 10.69 1.36 -16.62
CA PHE A 210 10.50 1.80 -18.00
C PHE A 210 9.66 3.09 -18.04
N PHE A 211 8.64 3.14 -17.19
CA PHE A 211 7.76 4.31 -17.13
C PHE A 211 8.58 5.60 -17.12
N PHE A 212 9.37 5.78 -16.07
CA PHE A 212 10.20 6.97 -15.94
C PHE A 212 11.66 6.65 -16.23
N TYR A 213 12.20 5.65 -15.53
CA TYR A 213 13.59 5.24 -15.71
C TYR A 213 13.87 4.90 -17.18
N ASN A 214 12.88 4.33 -17.84
CA ASN A 214 13.03 3.95 -19.25
C ASN A 214 13.97 2.77 -19.40
N GLY A 215 14.03 1.94 -18.36
CA GLY A 215 14.90 0.77 -18.41
C GLY A 215 14.46 -0.24 -19.45
N GLU A 216 15.02 -1.45 -19.36
CA GLU A 216 14.69 -2.51 -20.31
C GLU A 216 13.37 -3.18 -19.93
N ILE A 217 12.67 -3.71 -20.93
CA ILE A 217 11.40 -4.39 -20.70
C ILE A 217 11.63 -5.78 -20.11
N VAL A 218 10.88 -6.10 -19.05
CA VAL A 218 10.99 -7.40 -18.40
C VAL A 218 9.74 -8.23 -18.63
N GLU A 219 9.77 -9.48 -18.17
CA GLU A 219 8.65 -10.38 -18.33
C GLU A 219 7.96 -10.63 -16.99
N GLY A 1 -46.21 -3.58 39.29
CA GLY A 1 -45.11 -4.27 39.94
C GLY A 1 -43.79 -4.10 39.19
N SER A 2 -43.32 -2.86 39.10
CA SER A 2 -42.08 -2.56 38.39
C SER A 2 -41.03 -2.06 39.36
N SER A 3 -39.79 -2.52 39.19
CA SER A 3 -38.68 -2.12 40.05
C SER A 3 -37.35 -2.54 39.45
N GLY A 4 -36.60 -1.57 38.95
CA GLY A 4 -35.31 -1.86 38.35
C GLY A 4 -35.03 -1.02 37.12
N SER A 5 -35.12 0.30 37.27
CA SER A 5 -34.88 1.21 36.16
C SER A 5 -33.64 2.07 36.41
N SER A 6 -33.29 2.89 35.43
CA SER A 6 -32.12 3.76 35.55
C SER A 6 -32.10 4.45 36.90
N GLY A 7 -31.13 4.08 37.73
CA GLY A 7 -31.00 4.68 39.05
C GLY A 7 -29.56 4.92 39.44
N LYS A 8 -28.92 5.86 38.77
CA LYS A 8 -27.53 6.19 39.06
C LYS A 8 -27.43 7.37 40.02
N ASN A 9 -26.31 7.45 40.74
CA ASN A 9 -26.10 8.52 41.71
C ASN A 9 -25.49 9.74 41.04
N PHE A 10 -24.80 9.52 39.92
CA PHE A 10 -24.17 10.61 39.18
C PHE A 10 -23.89 10.20 37.75
N ASN A 11 -23.63 11.19 36.89
CA ASN A 11 -23.35 10.93 35.49
C ASN A 11 -22.05 10.14 35.32
N PRO A 12 -22.12 9.08 34.50
CA PRO A 12 -20.96 8.21 34.23
C PRO A 12 -19.89 8.92 33.41
N PRO A 13 -18.61 8.57 33.68
CA PRO A 13 -17.47 9.17 32.98
C PRO A 13 -17.40 8.72 31.52
N THR A 14 -16.73 9.52 30.69
CA THR A 14 -16.58 9.21 29.28
C THR A 14 -15.14 8.87 28.94
N ARG A 15 -14.95 8.05 27.90
CA ARG A 15 -13.61 7.65 27.48
C ARG A 15 -13.51 7.67 25.95
N ARG A 16 -12.33 8.02 25.45
CA ARG A 16 -12.09 8.06 24.01
C ARG A 16 -12.60 6.79 23.33
N ASN A 17 -12.13 5.64 23.82
CA ASN A 17 -12.54 4.36 23.26
C ASN A 17 -12.03 4.20 21.83
N TRP A 18 -10.94 4.90 21.52
CA TRP A 18 -10.35 4.84 20.18
C TRP A 18 -11.26 5.52 19.16
N GLU A 19 -11.64 6.76 19.45
CA GLU A 19 -12.50 7.52 18.55
C GLU A 19 -11.76 8.72 17.98
N SER A 20 -12.07 9.05 16.72
CA SER A 20 -11.42 10.18 16.05
C SER A 20 -12.10 10.47 14.71
N ASN A 21 -11.79 11.62 14.14
CA ASN A 21 -12.35 12.02 12.86
C ASN A 21 -11.51 11.51 11.70
N TYR A 22 -10.20 11.54 11.88
CA TYR A 22 -9.27 11.08 10.84
C TYR A 22 -9.82 9.84 10.14
N PHE A 23 -9.86 8.72 10.88
CA PHE A 23 -10.36 7.47 10.32
C PHE A 23 -11.45 7.72 9.29
N GLY A 24 -11.08 7.73 8.01
CA GLY A 24 -12.04 7.97 6.96
C GLY A 24 -11.89 9.34 6.33
N MET A 25 -10.68 9.90 6.43
CA MET A 25 -10.41 11.23 5.87
C MET A 25 -9.51 11.13 4.64
N PRO A 26 -9.60 12.13 3.75
CA PRO A 26 -8.80 12.17 2.53
C PRO A 26 -7.32 12.43 2.82
N LEU A 27 -6.46 11.88 1.97
CA LEU A 27 -5.01 12.05 2.13
C LEU A 27 -4.60 13.49 1.82
N GLN A 28 -5.21 14.08 0.80
CA GLN A 28 -4.90 15.46 0.42
C GLN A 28 -5.00 16.39 1.62
N ASP A 29 -5.86 16.03 2.57
CA ASP A 29 -6.05 16.84 3.77
C ASP A 29 -4.92 16.62 4.77
N LEU A 30 -4.52 15.36 4.91
CA LEU A 30 -3.44 15.00 5.84
C LEU A 30 -2.10 15.52 5.34
N VAL A 31 -1.89 15.44 4.03
CA VAL A 31 -0.65 15.91 3.42
C VAL A 31 -0.79 17.32 2.89
N THR A 32 0.34 17.97 2.61
CA THR A 32 0.34 19.32 2.09
C THR A 32 0.71 19.36 0.62
N ALA A 33 0.51 20.51 -0.01
CA ALA A 33 0.85 20.67 -1.43
C ALA A 33 2.32 20.38 -1.69
N GLU A 34 3.17 20.92 -0.82
CA GLU A 34 4.62 20.72 -0.96
C GLU A 34 4.96 19.24 -1.06
N LYS A 35 4.37 18.45 -0.16
CA LYS A 35 4.61 17.01 -0.14
C LYS A 35 3.30 16.24 -0.08
N PRO A 36 2.89 15.67 -1.23
CA PRO A 36 1.66 14.89 -1.34
C PRO A 36 1.73 13.56 -0.59
N ILE A 37 2.92 12.97 -0.58
CA ILE A 37 3.12 11.70 0.12
C ILE A 37 3.16 11.89 1.62
N PRO A 38 2.39 11.05 2.34
CA PRO A 38 2.32 11.11 3.80
C PRO A 38 3.62 10.65 4.47
N LEU A 39 3.92 11.23 5.61
CA LEU A 39 5.13 10.88 6.35
C LEU A 39 5.10 9.42 6.81
N PHE A 40 3.99 9.03 7.43
CA PHE A 40 3.82 7.67 7.92
C PHE A 40 4.32 6.66 6.88
N VAL A 41 3.63 6.58 5.76
CA VAL A 41 3.99 5.67 4.69
C VAL A 41 5.49 5.75 4.38
N GLU A 42 5.97 6.95 4.11
CA GLU A 42 7.38 7.16 3.81
C GLU A 42 8.27 6.44 4.83
N LYS A 43 8.09 6.78 6.10
CA LYS A 43 8.88 6.17 7.17
C LYS A 43 8.79 4.65 7.10
N CYS A 44 7.61 4.15 6.76
CA CYS A 44 7.40 2.71 6.66
C CYS A 44 8.24 2.11 5.54
N VAL A 45 8.26 2.78 4.40
CA VAL A 45 9.03 2.31 3.24
C VAL A 45 10.53 2.43 3.50
N GLU A 46 10.97 3.60 3.92
CA GLU A 46 12.38 3.84 4.20
C GLU A 46 12.86 2.97 5.36
N PHE A 47 12.06 2.91 6.43
CA PHE A 47 12.40 2.11 7.59
C PHE A 47 12.69 0.67 7.20
N ILE A 48 11.67 -0.02 6.71
CA ILE A 48 11.81 -1.41 6.29
C ILE A 48 13.16 -1.65 5.63
N GLU A 49 13.43 -0.88 4.58
CA GLU A 49 14.69 -1.00 3.85
C GLU A 49 15.88 -0.93 4.80
N ASP A 50 15.87 0.06 5.68
CA ASP A 50 16.95 0.25 6.65
C ASP A 50 17.12 -1.01 7.51
N THR A 51 15.99 -1.55 7.97
CA THR A 51 16.02 -2.74 8.81
C THR A 51 16.05 -4.01 7.97
N GLY A 52 16.54 -3.88 6.74
CA GLY A 52 16.62 -5.03 5.85
C GLY A 52 15.46 -5.10 4.88
N LEU A 53 15.75 -5.46 3.64
CA LEU A 53 14.72 -5.55 2.61
C LEU A 53 14.48 -7.01 2.23
N CYS A 54 15.50 -7.84 2.38
CA CYS A 54 15.39 -9.26 2.05
C CYS A 54 14.80 -10.05 3.22
N THR A 55 13.80 -9.46 3.86
CA THR A 55 13.14 -10.10 4.99
C THR A 55 12.07 -11.08 4.52
N GLU A 56 12.32 -12.37 4.74
CA GLU A 56 11.38 -13.40 4.34
C GLU A 56 9.94 -12.93 4.52
N GLY A 57 9.13 -13.11 3.48
CA GLY A 57 7.74 -12.70 3.54
C GLY A 57 7.55 -11.42 4.32
N LEU A 58 7.87 -10.29 3.70
CA LEU A 58 7.73 -8.98 4.34
C LEU A 58 6.29 -8.72 4.73
N TYR A 59 5.41 -8.68 3.75
CA TYR A 59 3.99 -8.43 3.99
C TYR A 59 3.23 -9.74 4.13
N ARG A 60 3.53 -10.70 3.26
CA ARG A 60 2.87 -12.00 3.29
C ARG A 60 2.75 -12.51 4.72
N VAL A 61 3.84 -12.47 5.46
CA VAL A 61 3.85 -12.92 6.85
C VAL A 61 4.08 -11.76 7.80
N SER A 62 2.99 -11.12 8.22
CA SER A 62 3.07 -9.99 9.14
C SER A 62 3.52 -10.45 10.52
N GLY A 63 2.99 -11.58 10.97
CA GLY A 63 3.36 -12.11 12.27
C GLY A 63 2.37 -11.72 13.35
N ASN A 64 2.83 -10.95 14.33
CA ASN A 64 1.97 -10.51 15.43
C ASN A 64 1.11 -9.33 15.00
N LYS A 65 0.18 -8.95 15.86
CA LYS A 65 -0.73 -7.83 15.58
C LYS A 65 -0.47 -6.68 16.55
N THR A 66 -0.08 -7.01 17.78
CA THR A 66 0.19 -6.00 18.79
C THR A 66 1.11 -4.91 18.26
N ASP A 67 2.06 -5.31 17.41
CA ASP A 67 3.00 -4.37 16.82
C ASP A 67 2.28 -3.31 16.00
N GLN A 68 1.45 -3.76 15.06
CA GLN A 68 0.70 -2.84 14.21
C GLN A 68 -0.19 -1.94 15.05
N ASP A 69 -0.60 -2.43 16.22
CA ASP A 69 -1.47 -1.65 17.10
C ASP A 69 -0.74 -0.43 17.64
N ASN A 70 0.33 -0.67 18.40
CA ASN A 70 1.12 0.42 18.97
C ASN A 70 1.73 1.30 17.88
N ILE A 71 2.27 0.66 16.85
CA ILE A 71 2.88 1.38 15.74
C ILE A 71 2.01 2.56 15.32
N GLN A 72 0.70 2.32 15.24
CA GLN A 72 -0.23 3.36 14.84
C GLN A 72 -0.63 4.24 16.04
N LYS A 73 -1.11 3.60 17.09
CA LYS A 73 -1.52 4.30 18.30
C LYS A 73 -0.41 5.24 18.77
N GLN A 74 0.74 4.67 19.11
CA GLN A 74 1.87 5.45 19.58
C GLN A 74 2.17 6.61 18.63
N PHE A 75 2.04 6.35 17.33
CA PHE A 75 2.30 7.36 16.32
C PHE A 75 1.32 8.53 16.45
N ASP A 76 0.14 8.24 16.97
CA ASP A 76 -0.88 9.27 17.15
C ASP A 76 -0.65 10.04 18.44
N GLN A 77 -0.72 9.35 19.57
CA GLN A 77 -0.51 9.99 20.87
C GLN A 77 0.83 10.69 20.92
N ASP A 78 1.80 10.18 20.15
CA ASP A 78 3.13 10.77 20.11
C ASP A 78 3.59 10.97 18.67
N HIS A 79 3.45 12.19 18.17
CA HIS A 79 3.85 12.52 16.81
C HIS A 79 5.37 12.49 16.67
N ASN A 80 6.06 12.54 17.80
CA ASN A 80 7.52 12.52 17.79
C ASN A 80 8.05 11.12 18.04
N ILE A 81 7.30 10.12 17.57
CA ILE A 81 7.69 8.73 17.74
C ILE A 81 8.86 8.37 16.82
N ASN A 82 9.60 7.33 17.18
CA ASN A 82 10.74 6.88 16.40
C ASN A 82 10.70 5.36 16.19
N LEU A 83 10.14 4.95 15.06
CA LEU A 83 10.03 3.53 14.74
C LEU A 83 11.31 2.78 15.13
N VAL A 84 12.45 3.36 14.77
CA VAL A 84 13.74 2.75 15.09
C VAL A 84 13.91 2.57 16.59
N SER A 85 13.67 3.64 17.34
CA SER A 85 13.80 3.60 18.79
C SER A 85 12.93 2.49 19.38
N MET A 86 11.72 2.34 18.86
CA MET A 86 10.79 1.32 19.32
C MET A 86 11.37 -0.07 19.10
N GLU A 87 12.11 -0.23 18.01
CA GLU A 87 12.72 -1.52 17.68
C GLU A 87 11.65 -2.59 17.46
N VAL A 88 10.63 -2.23 16.69
CA VAL A 88 9.54 -3.16 16.39
C VAL A 88 9.94 -4.15 15.31
N THR A 89 9.15 -5.22 15.18
CA THR A 89 9.43 -6.26 14.18
C THR A 89 9.26 -5.71 12.76
N VAL A 90 10.16 -6.11 11.87
CA VAL A 90 10.12 -5.66 10.48
C VAL A 90 8.75 -5.93 9.87
N ASN A 91 8.31 -7.18 9.93
CA ASN A 91 7.01 -7.57 9.39
C ASN A 91 5.93 -6.58 9.80
N ALA A 92 5.94 -6.20 11.08
CA ALA A 92 4.96 -5.26 11.60
C ALA A 92 4.82 -4.04 10.69
N VAL A 93 5.91 -3.28 10.55
CA VAL A 93 5.91 -2.09 9.72
C VAL A 93 5.25 -2.38 8.37
N ALA A 94 5.75 -3.38 7.66
CA ALA A 94 5.20 -3.75 6.37
C ALA A 94 3.68 -3.87 6.42
N GLY A 95 3.17 -4.41 7.53
CA GLY A 95 1.74 -4.57 7.68
C GLY A 95 1.04 -3.25 7.94
N ALA A 96 1.40 -2.60 9.04
CA ALA A 96 0.80 -1.32 9.40
C ALA A 96 0.69 -0.41 8.19
N LEU A 97 1.76 -0.35 7.40
CA LEU A 97 1.79 0.50 6.21
C LEU A 97 0.53 0.31 5.38
N LYS A 98 0.13 -0.95 5.19
CA LYS A 98 -1.08 -1.27 4.43
C LYS A 98 -2.33 -0.79 5.14
N ALA A 99 -2.42 -1.11 6.43
CA ALA A 99 -3.58 -0.71 7.23
C ALA A 99 -3.97 0.73 6.94
N PHE A 100 -2.98 1.59 6.75
CA PHE A 100 -3.22 3.00 6.46
C PHE A 100 -3.97 3.17 5.15
N PHE A 101 -3.51 2.46 4.12
CA PHE A 101 -4.13 2.53 2.80
C PHE A 101 -5.59 2.06 2.87
N ALA A 102 -5.81 0.92 3.51
CA ALA A 102 -7.15 0.36 3.64
C ALA A 102 -8.07 1.33 4.36
N ASP A 103 -7.53 2.02 5.37
CA ASP A 103 -8.31 2.97 6.14
C ASP A 103 -8.88 4.07 5.24
N LEU A 104 -8.08 4.48 4.25
CA LEU A 104 -8.50 5.52 3.33
C LEU A 104 -10.00 5.41 3.02
N PRO A 105 -10.65 6.58 2.85
CA PRO A 105 -12.08 6.64 2.55
C PRO A 105 -12.39 6.14 1.14
N ASP A 106 -11.39 6.18 0.27
CA ASP A 106 -11.56 5.73 -1.10
C ASP A 106 -10.34 4.95 -1.59
N PRO A 107 -10.55 4.06 -2.56
CA PRO A 107 -9.48 3.23 -3.12
C PRO A 107 -8.49 4.05 -3.95
N LEU A 108 -7.20 3.83 -3.71
CA LEU A 108 -6.15 4.55 -4.44
C LEU A 108 -6.54 4.74 -5.90
N ILE A 109 -6.96 3.64 -6.54
CA ILE A 109 -7.35 3.70 -7.95
C ILE A 109 -8.80 4.13 -8.08
N PRO A 110 -9.03 5.21 -8.85
CA PRO A 110 -10.37 5.75 -9.09
C PRO A 110 -11.22 4.83 -9.96
N TYR A 111 -12.53 4.92 -9.81
CA TYR A 111 -13.45 4.10 -10.58
C TYR A 111 -13.52 4.56 -12.03
N SER A 112 -13.06 5.78 -12.27
CA SER A 112 -13.06 6.35 -13.62
C SER A 112 -11.99 5.70 -14.48
N LEU A 113 -10.90 5.28 -13.85
CA LEU A 113 -9.81 4.64 -14.57
C LEU A 113 -9.78 3.14 -14.30
N HIS A 114 -10.95 2.57 -14.00
CA HIS A 114 -11.06 1.14 -13.73
C HIS A 114 -10.87 0.33 -15.01
N PRO A 115 -11.74 0.57 -16.00
CA PRO A 115 -11.69 -0.14 -17.29
C PRO A 115 -10.49 0.27 -18.12
N GLU A 116 -10.09 1.54 -18.01
CA GLU A 116 -8.95 2.05 -18.75
C GLU A 116 -7.68 1.28 -18.42
N LEU A 117 -7.59 0.82 -17.17
CA LEU A 117 -6.43 0.06 -16.72
C LEU A 117 -6.42 -1.34 -17.33
N LEU A 118 -7.60 -1.95 -17.40
CA LEU A 118 -7.74 -3.29 -17.97
C LEU A 118 -7.63 -3.25 -19.48
N GLU A 119 -8.52 -2.50 -20.12
CA GLU A 119 -8.53 -2.37 -21.57
C GLU A 119 -7.11 -2.22 -22.11
N ALA A 120 -6.23 -1.62 -21.30
CA ALA A 120 -4.85 -1.43 -21.70
C ALA A 120 -3.99 -2.61 -21.32
N ALA A 121 -4.38 -3.31 -20.26
CA ALA A 121 -3.65 -4.48 -19.78
C ALA A 121 -3.92 -5.69 -20.67
N LYS A 122 -5.02 -5.65 -21.39
CA LYS A 122 -5.39 -6.74 -22.29
C LYS A 122 -4.86 -6.51 -23.69
N ILE A 123 -3.90 -5.59 -23.81
CA ILE A 123 -3.31 -5.28 -25.10
C ILE A 123 -2.29 -6.32 -25.51
N PRO A 124 -2.38 -6.79 -26.77
CA PRO A 124 -1.47 -7.80 -27.31
C PRO A 124 -0.05 -7.26 -27.51
N ASP A 125 0.05 -6.07 -28.08
CA ASP A 125 1.34 -5.44 -28.32
C ASP A 125 2.03 -5.09 -27.01
N LYS A 126 2.85 -6.01 -26.51
CA LYS A 126 3.57 -5.80 -25.26
C LYS A 126 3.97 -4.34 -25.11
N THR A 127 4.61 -3.78 -26.13
CA THR A 127 5.04 -2.39 -26.10
C THR A 127 3.88 -1.46 -25.77
N GLU A 128 2.86 -1.49 -26.61
CA GLU A 128 1.68 -0.65 -26.40
C GLU A 128 1.09 -0.87 -25.02
N ARG A 129 0.82 -2.13 -24.68
CA ARG A 129 0.26 -2.47 -23.39
C ARG A 129 0.83 -1.58 -22.28
N LEU A 130 2.13 -1.36 -22.33
CA LEU A 130 2.81 -0.53 -21.34
C LEU A 130 2.54 0.95 -21.60
N HIS A 131 2.97 1.43 -22.77
CA HIS A 131 2.77 2.83 -23.14
C HIS A 131 1.43 3.34 -22.65
N ALA A 132 0.37 2.58 -22.92
CA ALA A 132 -0.98 2.95 -22.50
C ALA A 132 -1.03 3.22 -21.00
N LEU A 133 -0.60 2.24 -20.22
CA LEU A 133 -0.59 2.37 -18.76
C LEU A 133 0.21 3.60 -18.33
N LYS A 134 1.33 3.83 -18.97
CA LYS A 134 2.18 4.97 -18.66
C LYS A 134 1.40 6.27 -18.78
N GLU A 135 0.41 6.29 -19.65
CA GLU A 135 -0.41 7.48 -19.86
C GLU A 135 -1.62 7.46 -18.93
N ILE A 136 -2.29 6.32 -18.87
CA ILE A 136 -3.47 6.18 -18.02
C ILE A 136 -3.15 6.51 -16.56
N VAL A 137 -1.91 6.28 -16.18
CA VAL A 137 -1.47 6.56 -14.81
C VAL A 137 -1.27 8.06 -14.60
N LYS A 138 -1.19 8.81 -15.71
CA LYS A 138 -1.00 10.25 -15.63
C LYS A 138 -2.28 10.95 -15.18
N LYS A 139 -3.41 10.30 -15.43
CA LYS A 139 -4.70 10.86 -15.04
C LYS A 139 -4.95 10.69 -13.54
N PHE A 140 -4.21 9.77 -12.94
CA PHE A 140 -4.35 9.50 -11.50
C PHE A 140 -4.26 10.79 -10.70
N HIS A 141 -5.00 10.84 -9.59
CA HIS A 141 -5.02 12.02 -8.74
C HIS A 141 -3.60 12.54 -8.50
N PRO A 142 -3.45 13.87 -8.48
CA PRO A 142 -2.15 14.52 -8.26
C PRO A 142 -1.65 14.35 -6.83
N VAL A 143 -2.55 14.05 -5.92
CA VAL A 143 -2.20 13.85 -4.52
C VAL A 143 -1.86 12.39 -4.24
N ASN A 144 -2.62 11.49 -4.86
CA ASN A 144 -2.39 10.06 -4.67
C ASN A 144 -1.29 9.55 -5.60
N TYR A 145 -1.33 9.99 -6.86
CA TYR A 145 -0.34 9.58 -7.84
C TYR A 145 1.06 9.56 -7.23
N ASP A 146 1.48 10.71 -6.68
CA ASP A 146 2.79 10.82 -6.06
C ASP A 146 3.06 9.64 -5.13
N VAL A 147 2.01 9.15 -4.47
CA VAL A 147 2.13 8.03 -3.56
C VAL A 147 2.18 6.71 -4.31
N PHE A 148 1.15 6.44 -5.10
CA PHE A 148 1.07 5.20 -5.87
C PHE A 148 2.42 4.89 -6.52
N ARG A 149 3.06 5.92 -7.06
CA ARG A 149 4.35 5.77 -7.71
C ARG A 149 5.45 5.46 -6.70
N TYR A 150 5.44 6.19 -5.59
CA TYR A 150 6.43 5.99 -4.53
C TYR A 150 6.40 4.56 -4.02
N VAL A 151 5.20 4.03 -3.83
CA VAL A 151 5.03 2.67 -3.34
C VAL A 151 5.65 1.65 -4.31
N ILE A 152 5.11 1.57 -5.52
CA ILE A 152 5.62 0.65 -6.52
C ILE A 152 7.14 0.67 -6.56
N THR A 153 7.72 1.85 -6.71
CA THR A 153 9.16 2.01 -6.76
C THR A 153 9.85 1.12 -5.72
N HIS A 154 9.19 0.92 -4.59
CA HIS A 154 9.73 0.09 -3.52
C HIS A 154 9.42 -1.38 -3.77
N LEU A 155 8.21 -1.65 -4.24
CA LEU A 155 7.78 -3.01 -4.52
C LEU A 155 8.74 -3.70 -5.50
N ASN A 156 9.11 -2.99 -6.55
CA ASN A 156 10.03 -3.53 -7.55
C ASN A 156 11.28 -4.10 -6.89
N ARG A 157 11.82 -3.38 -5.91
CA ARG A 157 13.01 -3.82 -5.20
C ARG A 157 12.76 -5.16 -4.50
N VAL A 158 11.51 -5.39 -4.10
CA VAL A 158 11.15 -6.63 -3.42
C VAL A 158 11.03 -7.78 -4.42
N SER A 159 10.35 -7.52 -5.53
CA SER A 159 10.16 -8.54 -6.57
C SER A 159 11.51 -9.06 -7.06
N GLN A 160 12.52 -8.20 -7.03
CA GLN A 160 13.86 -8.58 -7.48
C GLN A 160 14.38 -9.77 -6.69
N GLN A 161 14.24 -9.70 -5.37
CA GLN A 161 14.71 -10.77 -4.49
C GLN A 161 13.54 -11.66 -4.07
N HIS A 162 12.65 -11.95 -5.00
CA HIS A 162 11.48 -12.79 -4.71
C HIS A 162 11.93 -14.17 -4.22
N LYS A 163 12.96 -14.72 -4.85
CA LYS A 163 13.48 -16.03 -4.48
C LYS A 163 13.83 -16.07 -2.99
N ILE A 164 14.17 -14.91 -2.43
CA ILE A 164 14.54 -14.82 -1.02
C ILE A 164 13.31 -14.53 -0.16
N ASN A 165 12.61 -13.44 -0.47
CA ASN A 165 11.42 -13.06 0.28
C ASN A 165 10.19 -13.78 -0.25
N LEU A 166 10.43 -14.87 -1.00
CA LEU A 166 9.33 -15.65 -1.56
C LEU A 166 8.16 -14.75 -1.95
N MET A 167 8.45 -13.72 -2.73
CA MET A 167 7.42 -12.80 -3.18
C MET A 167 7.72 -12.28 -4.58
N THR A 168 6.94 -12.72 -5.56
CA THR A 168 7.12 -12.32 -6.94
C THR A 168 6.24 -11.12 -7.29
N ALA A 169 6.69 -10.30 -8.23
CA ALA A 169 5.94 -9.13 -8.65
C ALA A 169 4.44 -9.41 -8.63
N ASP A 170 4.06 -10.62 -9.02
CA ASP A 170 2.66 -11.01 -9.06
C ASP A 170 2.10 -11.17 -7.63
N ASN A 171 2.83 -11.91 -6.81
CA ASN A 171 2.41 -12.14 -5.42
C ASN A 171 2.16 -10.82 -4.71
N LEU A 172 3.06 -9.85 -4.92
CA LEU A 172 2.93 -8.54 -4.29
C LEU A 172 1.67 -7.83 -4.76
N SER A 173 1.45 -7.82 -6.07
CA SER A 173 0.28 -7.17 -6.65
C SER A 173 -1.01 -7.78 -6.09
N ILE A 174 -1.01 -9.10 -5.92
CA ILE A 174 -2.17 -9.80 -5.40
C ILE A 174 -2.36 -9.52 -3.91
N CYS A 175 -1.24 -9.43 -3.19
CA CYS A 175 -1.28 -9.18 -1.76
C CYS A 175 -1.74 -7.75 -1.47
N PHE A 176 -1.70 -6.91 -2.50
CA PHE A 176 -2.10 -5.52 -2.37
C PHE A 176 -3.44 -5.27 -3.06
N TRP A 177 -3.92 -6.26 -3.79
CA TRP A 177 -5.18 -6.15 -4.51
C TRP A 177 -6.31 -5.81 -3.55
N PRO A 178 -6.38 -6.54 -2.42
CA PRO A 178 -7.42 -6.34 -1.41
C PRO A 178 -7.58 -4.87 -1.04
N THR A 179 -6.52 -4.27 -0.51
CA THR A 179 -6.55 -2.87 -0.11
C THR A 179 -6.66 -1.95 -1.33
N LEU A 180 -5.65 -2.00 -2.18
CA LEU A 180 -5.63 -1.17 -3.39
C LEU A 180 -7.04 -0.98 -3.94
N MET A 181 -7.81 -2.07 -3.98
CA MET A 181 -9.18 -2.01 -4.47
C MET A 181 -10.07 -3.01 -3.74
N ARG A 182 -11.29 -2.60 -3.44
CA ARG A 182 -12.23 -3.46 -2.74
C ARG A 182 -12.37 -4.80 -3.44
N PRO A 183 -12.70 -5.85 -2.66
CA PRO A 183 -12.87 -7.21 -3.18
C PRO A 183 -14.11 -7.35 -4.05
N ASP A 184 -13.90 -7.68 -5.32
CA ASP A 184 -15.00 -7.84 -6.26
C ASP A 184 -16.22 -8.45 -5.57
N PHE A 185 -17.41 -8.02 -5.99
CA PHE A 185 -18.64 -8.51 -5.40
C PHE A 185 -19.00 -9.88 -5.98
N GLU A 186 -18.68 -10.08 -7.25
CA GLU A 186 -18.97 -11.35 -7.92
C GLU A 186 -18.67 -12.53 -7.01
N ASN A 187 -19.71 -13.06 -6.38
CA ASN A 187 -19.56 -14.20 -5.48
C ASN A 187 -20.04 -15.49 -6.13
N ARG A 188 -20.97 -15.35 -7.07
CA ARG A 188 -21.53 -16.50 -7.77
C ARG A 188 -20.45 -17.19 -8.61
N GLU A 189 -19.32 -16.51 -8.79
CA GLU A 189 -18.22 -17.06 -9.57
C GLU A 189 -17.22 -17.78 -8.67
N PHE A 190 -16.95 -19.04 -8.98
CA PHE A 190 -16.00 -19.84 -8.21
C PHE A 190 -14.64 -19.91 -8.90
N LEU A 191 -14.66 -20.16 -10.20
CA LEU A 191 -13.43 -20.25 -10.97
C LEU A 191 -12.97 -18.87 -11.44
N SER A 192 -11.72 -18.54 -11.17
CA SER A 192 -11.17 -17.25 -11.55
C SER A 192 -10.28 -17.39 -12.80
N THR A 193 -10.89 -17.26 -13.97
CA THR A 193 -10.17 -17.37 -15.22
C THR A 193 -9.40 -16.09 -15.53
N THR A 194 -10.14 -14.99 -15.71
CA THR A 194 -9.52 -13.70 -16.01
C THR A 194 -8.62 -13.25 -14.88
N LYS A 195 -7.33 -13.07 -15.18
CA LYS A 195 -6.36 -12.64 -14.18
C LYS A 195 -5.86 -11.23 -14.49
N ILE A 196 -6.32 -10.67 -15.61
CA ILE A 196 -5.93 -9.33 -16.01
C ILE A 196 -6.06 -8.35 -14.85
N HIS A 197 -7.09 -8.53 -14.04
CA HIS A 197 -7.32 -7.67 -12.90
C HIS A 197 -6.03 -7.36 -12.15
N GLN A 198 -5.48 -8.38 -11.49
CA GLN A 198 -4.23 -8.21 -10.75
C GLN A 198 -3.07 -7.95 -11.69
N SER A 199 -3.06 -8.65 -12.82
CA SER A 199 -1.99 -8.50 -13.81
C SER A 199 -1.65 -7.03 -14.01
N VAL A 200 -2.67 -6.18 -14.04
CA VAL A 200 -2.47 -4.75 -14.22
C VAL A 200 -1.47 -4.19 -13.22
N VAL A 201 -1.76 -4.37 -11.94
CA VAL A 201 -0.88 -3.89 -10.88
C VAL A 201 0.50 -4.55 -10.98
N GLU A 202 0.51 -5.83 -11.30
CA GLU A 202 1.77 -6.58 -11.42
C GLU A 202 2.68 -5.93 -12.46
N THR A 203 2.14 -5.72 -13.66
CA THR A 203 2.89 -5.11 -14.75
C THR A 203 3.60 -3.84 -14.29
N PHE A 204 2.80 -2.86 -13.87
CA PHE A 204 3.36 -1.59 -13.40
C PHE A 204 4.69 -1.80 -12.70
N ILE A 205 4.71 -2.70 -11.73
CA ILE A 205 5.92 -3.00 -10.97
C ILE A 205 7.00 -3.58 -11.88
N GLN A 206 6.62 -4.55 -12.69
CA GLN A 206 7.56 -5.19 -13.61
C GLN A 206 8.22 -4.15 -14.52
N GLN A 207 7.41 -3.27 -15.09
CA GLN A 207 7.91 -2.22 -15.98
C GLN A 207 7.80 -0.86 -15.33
N CYS A 208 7.92 -0.82 -14.01
CA CYS A 208 7.83 0.43 -13.27
C CYS A 208 8.96 1.38 -13.65
N GLN A 209 10.03 0.82 -14.20
CA GLN A 209 11.18 1.61 -14.61
C GLN A 209 11.01 2.14 -16.02
N PHE A 210 10.68 1.23 -16.95
CA PHE A 210 10.48 1.62 -18.34
C PHE A 210 9.64 2.89 -18.45
N PHE A 211 8.68 3.03 -17.54
CA PHE A 211 7.80 4.19 -17.53
C PHE A 211 8.61 5.48 -17.54
N PHE A 212 9.40 5.68 -16.49
CA PHE A 212 10.22 6.87 -16.37
C PHE A 212 11.69 6.54 -16.56
N TYR A 213 12.19 5.60 -15.78
CA TYR A 213 13.59 5.18 -15.87
C TYR A 213 13.93 4.73 -17.28
N ASN A 214 12.91 4.49 -18.08
CA ASN A 214 13.10 4.05 -19.46
C ASN A 214 14.01 2.82 -19.52
N GLY A 215 13.85 1.93 -18.55
CA GLY A 215 14.67 0.73 -18.51
C GLY A 215 14.19 -0.33 -19.47
N GLU A 216 15.12 -1.16 -19.95
CA GLU A 216 14.78 -2.22 -20.89
C GLU A 216 13.61 -3.05 -20.37
N ILE A 217 12.86 -3.65 -21.31
CA ILE A 217 11.71 -4.46 -20.94
C ILE A 217 12.15 -5.80 -20.35
N VAL A 218 11.64 -6.11 -19.16
CA VAL A 218 11.98 -7.37 -18.49
C VAL A 218 10.83 -8.36 -18.58
N GLU A 219 11.05 -9.56 -18.04
CA GLU A 219 10.03 -10.61 -18.06
C GLU A 219 9.72 -11.09 -16.65
N GLY A 1 4.39 0.46 68.92
CA GLY A 1 3.75 1.04 67.76
C GLY A 1 3.66 0.07 66.60
N SER A 2 2.96 0.48 65.54
CA SER A 2 2.78 -0.37 64.37
C SER A 2 2.57 0.47 63.11
N SER A 3 2.68 -0.16 61.95
CA SER A 3 2.51 0.52 60.68
C SER A 3 2.31 -0.47 59.54
N GLY A 4 1.92 0.03 58.38
CA GLY A 4 1.71 -0.82 57.22
C GLY A 4 2.35 -0.28 55.96
N SER A 5 1.66 -0.43 54.84
CA SER A 5 2.18 0.05 53.57
C SER A 5 1.05 0.59 52.69
N SER A 6 1.32 1.70 52.01
CA SER A 6 0.33 2.31 51.14
C SER A 6 0.72 2.16 49.67
N GLY A 7 -0.21 2.48 48.78
CA GLY A 7 0.05 2.37 47.36
C GLY A 7 -1.17 1.89 46.58
N LYS A 8 -1.69 2.76 45.72
CA LYS A 8 -2.86 2.43 44.91
C LYS A 8 -3.17 3.55 43.92
N ASN A 9 -3.64 3.16 42.74
CA ASN A 9 -3.98 4.13 41.70
C ASN A 9 -5.09 5.06 42.17
N PHE A 10 -4.73 6.30 42.48
CA PHE A 10 -5.70 7.29 42.94
C PHE A 10 -6.52 7.83 41.78
N ASN A 11 -5.85 8.16 40.68
CA ASN A 11 -6.52 8.68 39.50
C ASN A 11 -7.10 7.55 38.65
N PRO A 12 -8.33 7.76 38.16
CA PRO A 12 -9.03 6.77 37.33
C PRO A 12 -8.39 6.62 35.95
N PRO A 13 -8.79 5.57 35.22
CA PRO A 13 -8.28 5.29 33.88
C PRO A 13 -8.75 6.32 32.85
N THR A 14 -8.35 6.13 31.61
CA THR A 14 -8.73 7.03 30.52
C THR A 14 -9.29 6.27 29.33
N ARG A 15 -10.17 6.92 28.58
CA ARG A 15 -10.79 6.30 27.42
C ARG A 15 -10.04 6.67 26.15
N ARG A 16 -9.67 5.66 25.35
CA ARG A 16 -8.95 5.89 24.11
C ARG A 16 -9.92 6.00 22.94
N ASN A 17 -10.92 5.14 22.92
CA ASN A 17 -11.92 5.13 21.85
C ASN A 17 -11.24 5.16 20.48
N TRP A 18 -10.10 4.48 20.37
CA TRP A 18 -9.35 4.42 19.12
C TRP A 18 -9.49 5.73 18.35
N GLU A 19 -9.36 6.85 19.05
CA GLU A 19 -9.47 8.16 18.44
C GLU A 19 -8.34 8.39 17.44
N SER A 20 -8.67 9.01 16.30
CA SER A 20 -7.68 9.28 15.27
C SER A 20 -8.06 10.51 14.45
N ASN A 21 -7.10 11.05 13.73
CA ASN A 21 -7.34 12.24 12.90
C ASN A 21 -7.95 11.85 11.56
N TYR A 22 -7.61 10.66 11.07
CA TYR A 22 -8.13 10.18 9.80
C TYR A 22 -9.64 10.34 9.73
N PHE A 23 -10.34 9.66 10.64
CA PHE A 23 -11.79 9.72 10.68
C PHE A 23 -12.39 9.79 9.27
N GLY A 24 -11.92 8.90 8.40
CA GLY A 24 -12.40 8.87 7.03
C GLY A 24 -12.16 10.19 6.31
N MET A 25 -11.02 10.80 6.56
CA MET A 25 -10.67 12.07 5.93
C MET A 25 -9.85 11.84 4.68
N PRO A 26 -9.95 12.78 3.72
CA PRO A 26 -9.21 12.71 2.45
C PRO A 26 -7.72 12.92 2.64
N LEU A 27 -6.92 12.07 2.02
CA LEU A 27 -5.47 12.16 2.11
C LEU A 27 -4.99 13.56 1.74
N GLN A 28 -5.40 14.03 0.56
CA GLN A 28 -5.00 15.35 0.09
C GLN A 28 -5.14 16.39 1.20
N ASP A 29 -6.12 16.18 2.08
CA ASP A 29 -6.35 17.10 3.19
C ASP A 29 -5.37 16.83 4.32
N LEU A 30 -5.24 15.57 4.71
CA LEU A 30 -4.33 15.18 5.78
C LEU A 30 -2.90 15.64 5.47
N VAL A 31 -2.47 15.43 4.23
CA VAL A 31 -1.13 15.81 3.81
C VAL A 31 -1.07 17.30 3.46
N THR A 32 0.11 17.75 3.05
CA THR A 32 0.30 19.15 2.69
C THR A 32 0.71 19.28 1.23
N ALA A 33 0.29 20.37 0.60
CA ALA A 33 0.62 20.61 -0.81
C ALA A 33 2.10 20.38 -1.07
N GLU A 34 2.95 20.90 -0.19
CA GLU A 34 4.39 20.75 -0.32
C GLU A 34 4.77 19.28 -0.51
N LYS A 35 4.14 18.41 0.27
CA LYS A 35 4.41 16.97 0.18
C LYS A 35 3.10 16.18 0.14
N PRO A 36 2.80 15.62 -1.04
CA PRO A 36 1.58 14.82 -1.25
C PRO A 36 1.64 13.49 -0.51
N ILE A 37 2.80 12.86 -0.50
CA ILE A 37 2.98 11.58 0.17
C ILE A 37 3.03 11.75 1.68
N PRO A 38 2.27 10.91 2.40
CA PRO A 38 2.20 10.94 3.85
C PRO A 38 3.50 10.49 4.51
N LEU A 39 4.08 11.35 5.32
CA LEU A 39 5.34 11.03 6.01
C LEU A 39 5.28 9.63 6.61
N PHE A 40 4.20 9.34 7.31
CA PHE A 40 4.02 8.03 7.93
C PHE A 40 4.45 6.91 6.99
N VAL A 41 3.66 6.70 5.93
CA VAL A 41 3.95 5.67 4.95
C VAL A 41 5.43 5.67 4.57
N GLU A 42 5.95 6.85 4.23
CA GLU A 42 7.34 6.99 3.84
C GLU A 42 8.26 6.32 4.86
N LYS A 43 8.10 6.69 6.14
CA LYS A 43 8.91 6.13 7.21
C LYS A 43 8.87 4.60 7.17
N CYS A 44 7.69 4.05 6.91
CA CYS A 44 7.52 2.61 6.86
C CYS A 44 8.27 2.02 5.68
N VAL A 45 8.12 2.63 4.51
CA VAL A 45 8.79 2.16 3.30
C VAL A 45 10.30 2.23 3.45
N GLU A 46 10.79 3.35 3.97
CA GLU A 46 12.23 3.54 4.16
C GLU A 46 12.74 2.65 5.29
N PHE A 47 11.99 2.58 6.38
CA PHE A 47 12.37 1.76 7.52
C PHE A 47 12.69 0.34 7.09
N ILE A 48 11.70 -0.35 6.55
CA ILE A 48 11.88 -1.72 6.09
C ILE A 48 13.23 -1.90 5.40
N GLU A 49 13.42 -1.18 4.31
CA GLU A 49 14.68 -1.26 3.55
C GLU A 49 15.88 -1.11 4.48
N ASP A 50 15.85 -0.07 5.32
CA ASP A 50 16.94 0.18 6.26
C ASP A 50 17.22 -1.06 7.11
N THR A 51 16.16 -1.75 7.50
CA THR A 51 16.30 -2.95 8.32
C THR A 51 16.46 -4.20 7.45
N GLY A 52 16.97 -4.00 6.24
CA GLY A 52 17.17 -5.11 5.33
C GLY A 52 15.90 -5.52 4.62
N LEU A 53 16.00 -5.81 3.33
CA LEU A 53 14.85 -6.21 2.54
C LEU A 53 14.98 -7.66 2.08
N CYS A 54 15.34 -8.54 3.01
CA CYS A 54 15.50 -9.95 2.70
C CYS A 54 14.79 -10.82 3.73
N THR A 55 13.63 -10.36 4.19
CA THR A 55 12.86 -11.09 5.19
C THR A 55 11.77 -11.93 4.53
N GLU A 56 11.84 -13.24 4.73
CA GLU A 56 10.85 -14.16 4.15
C GLU A 56 9.46 -13.54 4.17
N GLY A 57 8.84 -13.43 3.00
CA GLY A 57 7.51 -12.86 2.91
C GLY A 57 7.28 -11.75 3.92
N LEU A 58 7.90 -10.60 3.67
CA LEU A 58 7.76 -9.45 4.57
C LEU A 58 6.35 -8.87 4.51
N TYR A 59 5.67 -9.10 3.39
CA TYR A 59 4.32 -8.61 3.21
C TYR A 59 3.29 -9.73 3.39
N ARG A 60 3.44 -10.80 2.61
CA ARG A 60 2.53 -11.92 2.70
C ARG A 60 2.31 -12.34 4.14
N VAL A 61 3.34 -12.18 4.97
CA VAL A 61 3.25 -12.53 6.38
C VAL A 61 2.94 -11.31 7.23
N SER A 62 1.69 -11.20 7.66
CA SER A 62 1.26 -10.07 8.49
C SER A 62 2.01 -10.06 9.82
N GLY A 63 1.90 -11.15 10.56
CA GLY A 63 2.57 -11.23 11.84
C GLY A 63 1.68 -10.82 13.00
N ASN A 64 2.28 -10.51 14.14
CA ASN A 64 1.54 -10.10 15.32
C ASN A 64 0.77 -8.81 15.06
N LYS A 65 -0.22 -8.55 15.90
CA LYS A 65 -1.04 -7.34 15.77
C LYS A 65 -0.47 -6.21 16.61
N THR A 66 -0.24 -6.48 17.89
CA THR A 66 0.29 -5.47 18.81
C THR A 66 1.38 -4.66 18.14
N ASP A 67 2.38 -5.34 17.58
CA ASP A 67 3.49 -4.68 16.91
C ASP A 67 2.97 -3.62 15.93
N GLN A 68 1.96 -3.97 15.16
CA GLN A 68 1.38 -3.06 14.19
C GLN A 68 0.54 -1.99 14.89
N ASP A 69 -0.06 -2.36 16.01
CA ASP A 69 -0.90 -1.44 16.77
C ASP A 69 -0.09 -0.23 17.24
N ASN A 70 0.93 -0.49 18.06
CA ASN A 70 1.78 0.57 18.58
C ASN A 70 2.28 1.47 17.46
N ILE A 71 2.54 0.86 16.29
CA ILE A 71 3.02 1.60 15.14
C ILE A 71 2.06 2.71 14.75
N GLN A 72 0.76 2.39 14.72
CA GLN A 72 -0.26 3.36 14.38
C GLN A 72 -0.57 4.28 15.55
N LYS A 73 -0.74 3.69 16.72
CA LYS A 73 -1.04 4.46 17.93
C LYS A 73 0.07 5.46 18.23
N GLN A 74 1.24 4.94 18.56
CA GLN A 74 2.39 5.79 18.87
C GLN A 74 2.45 6.98 17.92
N PHE A 75 2.30 6.71 16.63
CA PHE A 75 2.35 7.76 15.62
C PHE A 75 1.20 8.74 15.79
N ASP A 76 0.03 8.21 16.16
CA ASP A 76 -1.15 9.03 16.37
C ASP A 76 -0.99 9.92 17.60
N GLN A 77 -0.77 9.30 18.75
CA GLN A 77 -0.61 10.02 20.00
C GLN A 77 0.49 11.08 19.87
N ASP A 78 1.46 10.81 19.00
CA ASP A 78 2.57 11.75 18.77
C ASP A 78 3.28 11.44 17.47
N HIS A 79 3.84 12.47 16.84
CA HIS A 79 4.55 12.31 15.58
C HIS A 79 6.05 12.31 15.80
N ASN A 80 6.47 12.80 16.96
CA ASN A 80 7.90 12.86 17.30
C ASN A 80 8.37 11.51 17.86
N ILE A 81 8.07 10.44 17.13
CA ILE A 81 8.48 9.11 17.56
C ILE A 81 9.52 8.52 16.61
N ASN A 82 9.91 7.27 16.87
CA ASN A 82 10.91 6.60 16.04
C ASN A 82 10.66 5.10 16.02
N LEU A 83 10.77 4.50 14.83
CA LEU A 83 10.55 3.07 14.67
C LEU A 83 11.81 2.29 15.06
N VAL A 84 12.95 2.74 14.55
CA VAL A 84 14.23 2.10 14.84
C VAL A 84 14.34 1.75 16.32
N SER A 85 14.15 2.73 17.17
CA SER A 85 14.24 2.53 18.62
C SER A 85 13.28 1.44 19.07
N MET A 86 12.07 1.47 18.52
CA MET A 86 11.05 0.47 18.87
C MET A 86 11.57 -0.94 18.61
N GLU A 87 12.47 -1.07 17.64
CA GLU A 87 13.04 -2.37 17.29
C GLU A 87 11.94 -3.39 17.04
N VAL A 88 10.93 -2.99 16.27
CA VAL A 88 9.82 -3.88 15.95
C VAL A 88 10.16 -4.79 14.78
N THR A 89 9.35 -5.84 14.60
CA THR A 89 9.57 -6.79 13.52
C THR A 89 9.15 -6.20 12.18
N VAL A 90 10.05 -6.26 11.20
CA VAL A 90 9.76 -5.74 9.87
C VAL A 90 8.33 -6.07 9.44
N ASN A 91 7.96 -7.34 9.55
CA ASN A 91 6.63 -7.80 9.17
C ASN A 91 5.58 -6.77 9.59
N ALA A 92 5.61 -6.39 10.86
CA ALA A 92 4.65 -5.43 11.39
C ALA A 92 4.54 -4.21 10.48
N VAL A 93 5.66 -3.51 10.30
CA VAL A 93 5.68 -2.33 9.44
C VAL A 93 5.00 -2.59 8.11
N ALA A 94 5.39 -3.68 7.45
CA ALA A 94 4.82 -4.04 6.16
C ALA A 94 3.29 -4.05 6.23
N GLY A 95 2.76 -4.65 7.29
CA GLY A 95 1.32 -4.72 7.46
C GLY A 95 0.70 -3.36 7.72
N ALA A 96 1.07 -2.74 8.83
CA ALA A 96 0.54 -1.43 9.19
C ALA A 96 0.52 -0.50 8.00
N LEU A 97 1.60 -0.53 7.21
CA LEU A 97 1.71 0.31 6.02
C LEU A 97 0.44 0.23 5.18
N LYS A 98 -0.04 -0.99 4.96
CA LYS A 98 -1.24 -1.21 4.17
C LYS A 98 -2.47 -0.70 4.91
N ALA A 99 -2.64 -1.12 6.16
CA ALA A 99 -3.77 -0.70 6.96
C ALA A 99 -4.09 0.77 6.75
N PHE A 100 -3.04 1.59 6.63
CA PHE A 100 -3.21 3.02 6.43
C PHE A 100 -3.99 3.29 5.15
N PHE A 101 -3.61 2.63 4.06
CA PHE A 101 -4.27 2.80 2.78
C PHE A 101 -5.73 2.37 2.87
N ALA A 102 -5.96 1.19 3.41
CA ALA A 102 -7.32 0.66 3.56
C ALA A 102 -8.20 1.62 4.35
N ASP A 103 -7.61 2.25 5.36
CA ASP A 103 -8.35 3.19 6.19
C ASP A 103 -8.92 4.33 5.35
N LEU A 104 -8.19 4.74 4.32
CA LEU A 104 -8.62 5.81 3.44
C LEU A 104 -10.11 5.69 3.13
N PRO A 105 -10.80 6.85 3.08
CA PRO A 105 -12.23 6.90 2.79
C PRO A 105 -12.55 6.53 1.35
N ASP A 106 -11.54 6.60 0.49
CA ASP A 106 -11.71 6.28 -0.92
C ASP A 106 -10.58 5.38 -1.41
N PRO A 107 -10.87 4.56 -2.44
CA PRO A 107 -9.88 3.65 -3.02
C PRO A 107 -8.79 4.38 -3.79
N LEU A 108 -7.54 3.98 -3.55
CA LEU A 108 -6.40 4.61 -4.21
C LEU A 108 -6.68 4.79 -5.70
N ILE A 109 -7.24 3.76 -6.33
CA ILE A 109 -7.56 3.80 -7.75
C ILE A 109 -8.99 4.28 -7.98
N PRO A 110 -9.14 5.35 -8.77
CA PRO A 110 -10.46 5.92 -9.09
C PRO A 110 -11.28 5.02 -9.99
N TYR A 111 -12.59 5.03 -9.80
CA TYR A 111 -13.49 4.21 -10.60
C TYR A 111 -13.49 4.67 -12.05
N SER A 112 -13.31 5.97 -12.26
CA SER A 112 -13.29 6.53 -13.61
C SER A 112 -12.16 5.92 -14.43
N LEU A 113 -11.22 5.28 -13.76
CA LEU A 113 -10.09 4.66 -14.43
C LEU A 113 -10.02 3.17 -14.13
N HIS A 114 -11.19 2.57 -13.87
CA HIS A 114 -11.26 1.15 -13.57
C HIS A 114 -11.03 0.32 -14.84
N PRO A 115 -11.90 0.50 -15.83
CA PRO A 115 -11.81 -0.23 -17.11
C PRO A 115 -10.61 0.21 -17.94
N GLU A 116 -10.24 1.49 -17.81
CA GLU A 116 -9.11 2.03 -18.56
C GLU A 116 -7.83 1.28 -18.21
N LEU A 117 -7.76 0.76 -16.99
CA LEU A 117 -6.59 0.02 -16.54
C LEU A 117 -6.53 -1.37 -17.17
N LEU A 118 -7.67 -2.06 -17.15
CA LEU A 118 -7.76 -3.40 -17.73
C LEU A 118 -7.54 -3.37 -19.23
N GLU A 119 -8.34 -2.56 -19.92
CA GLU A 119 -8.23 -2.43 -21.37
C GLU A 119 -6.78 -2.27 -21.80
N ALA A 120 -6.00 -1.55 -20.99
CA ALA A 120 -4.59 -1.33 -21.28
C ALA A 120 -3.74 -2.50 -20.80
N ALA A 121 -4.28 -3.27 -19.87
CA ALA A 121 -3.58 -4.42 -19.32
C ALA A 121 -3.81 -5.67 -20.17
N LYS A 122 -4.86 -5.63 -20.98
CA LYS A 122 -5.20 -6.76 -21.84
C LYS A 122 -4.51 -6.62 -23.20
N ILE A 123 -3.89 -5.48 -23.44
CA ILE A 123 -3.19 -5.23 -24.69
C ILE A 123 -2.12 -6.30 -24.93
N PRO A 124 -2.14 -6.88 -26.15
CA PRO A 124 -1.17 -7.91 -26.55
C PRO A 124 0.23 -7.36 -26.71
N ASP A 125 0.34 -6.23 -27.41
CA ASP A 125 1.63 -5.60 -27.64
C ASP A 125 2.20 -5.03 -26.34
N LYS A 126 3.35 -5.56 -25.93
CA LYS A 126 4.00 -5.11 -24.71
C LYS A 126 4.15 -3.60 -24.69
N THR A 127 4.67 -3.05 -25.79
CA THR A 127 4.87 -1.61 -25.90
C THR A 127 3.58 -0.86 -25.62
N GLU A 128 2.53 -1.19 -26.37
CA GLU A 128 1.24 -0.55 -26.21
C GLU A 128 0.70 -0.75 -24.79
N ARG A 129 0.91 -1.95 -24.25
CA ARG A 129 0.45 -2.29 -22.91
C ARG A 129 1.03 -1.32 -21.88
N LEU A 130 2.35 -1.13 -21.94
CA LEU A 130 3.04 -0.24 -21.01
C LEU A 130 2.66 1.22 -21.28
N HIS A 131 2.97 1.68 -22.49
CA HIS A 131 2.66 3.05 -22.87
C HIS A 131 1.26 3.45 -22.42
N ALA A 132 0.28 2.61 -22.73
CA ALA A 132 -1.11 2.87 -22.35
C ALA A 132 -1.24 3.05 -20.85
N LEU A 133 -0.54 2.21 -20.09
CA LEU A 133 -0.57 2.27 -18.63
C LEU A 133 0.24 3.47 -18.12
N LYS A 134 1.23 3.87 -18.90
CA LYS A 134 2.08 5.00 -18.53
C LYS A 134 1.37 6.32 -18.80
N GLU A 135 0.46 6.32 -19.76
CA GLU A 135 -0.29 7.51 -20.13
C GLU A 135 -1.52 7.67 -19.24
N ILE A 136 -2.10 6.54 -18.85
CA ILE A 136 -3.30 6.55 -18.00
C ILE A 136 -2.95 6.92 -16.57
N VAL A 137 -1.80 6.43 -16.10
CA VAL A 137 -1.34 6.72 -14.74
C VAL A 137 -1.12 8.22 -14.54
N LYS A 138 -1.12 8.96 -15.63
CA LYS A 138 -0.92 10.41 -15.58
C LYS A 138 -2.18 11.10 -15.06
N LYS A 139 -3.33 10.68 -15.54
CA LYS A 139 -4.60 11.27 -15.12
C LYS A 139 -4.82 11.08 -13.63
N PHE A 140 -4.33 9.96 -13.10
CA PHE A 140 -4.48 9.66 -11.69
C PHE A 140 -4.27 10.91 -10.84
N HIS A 141 -5.11 11.08 -9.82
CA HIS A 141 -5.02 12.23 -8.93
C HIS A 141 -3.57 12.58 -8.64
N PRO A 142 -3.26 13.89 -8.58
CA PRO A 142 -1.90 14.38 -8.31
C PRO A 142 -1.47 14.11 -6.87
N VAL A 143 -2.45 13.87 -6.00
CA VAL A 143 -2.18 13.60 -4.60
C VAL A 143 -1.97 12.11 -4.34
N ASN A 144 -2.75 11.30 -5.04
CA ASN A 144 -2.66 9.84 -4.89
C ASN A 144 -1.55 9.28 -5.78
N TYR A 145 -1.45 9.81 -6.99
CA TYR A 145 -0.43 9.36 -7.93
C TYR A 145 0.94 9.30 -7.27
N ASP A 146 1.33 10.40 -6.64
CA ASP A 146 2.62 10.48 -5.96
C ASP A 146 2.85 9.25 -5.08
N VAL A 147 1.87 8.95 -4.22
CA VAL A 147 1.97 7.81 -3.33
C VAL A 147 2.11 6.51 -4.11
N PHE A 148 1.05 6.13 -4.82
CA PHE A 148 1.05 4.91 -5.62
C PHE A 148 2.39 4.72 -6.32
N ARG A 149 2.95 5.82 -6.83
CA ARG A 149 4.23 5.77 -7.52
C ARG A 149 5.35 5.41 -6.56
N TYR A 150 5.36 6.04 -5.39
CA TYR A 150 6.38 5.77 -4.39
C TYR A 150 6.31 4.34 -3.90
N VAL A 151 5.10 3.90 -3.55
CA VAL A 151 4.90 2.54 -3.06
C VAL A 151 5.53 1.52 -4.00
N ILE A 152 5.01 1.44 -5.22
CA ILE A 152 5.52 0.51 -6.22
C ILE A 152 7.05 0.48 -6.21
N THR A 153 7.66 1.66 -6.34
CA THR A 153 9.10 1.77 -6.35
C THR A 153 9.74 0.84 -5.32
N HIS A 154 9.07 0.70 -4.17
CA HIS A 154 9.57 -0.16 -3.11
C HIS A 154 9.28 -1.62 -3.41
N LEU A 155 8.12 -1.88 -4.00
CA LEU A 155 7.71 -3.24 -4.34
C LEU A 155 8.72 -3.88 -5.29
N ASN A 156 9.08 -3.17 -6.34
CA ASN A 156 10.04 -3.68 -7.33
C ASN A 156 11.26 -4.26 -6.63
N ARG A 157 11.80 -3.52 -5.67
CA ARG A 157 12.97 -3.97 -4.93
C ARG A 157 12.73 -5.35 -4.30
N VAL A 158 11.51 -5.56 -3.82
CA VAL A 158 11.15 -6.82 -3.19
C VAL A 158 11.09 -7.95 -4.21
N SER A 159 10.38 -7.71 -5.32
CA SER A 159 10.26 -8.72 -6.37
C SER A 159 11.63 -9.16 -6.87
N GLN A 160 12.57 -8.22 -6.94
CA GLN A 160 13.92 -8.51 -7.39
C GLN A 160 14.49 -9.71 -6.64
N GLN A 161 14.22 -9.77 -5.34
CA GLN A 161 14.71 -10.85 -4.50
C GLN A 161 13.58 -11.78 -4.09
N HIS A 162 12.69 -12.06 -5.04
CA HIS A 162 11.55 -12.94 -4.78
C HIS A 162 12.02 -14.33 -4.33
N LYS A 163 13.14 -14.77 -4.90
CA LYS A 163 13.70 -16.08 -4.57
C LYS A 163 14.01 -16.18 -3.08
N ILE A 164 14.36 -15.04 -2.47
CA ILE A 164 14.67 -15.00 -1.05
C ILE A 164 13.41 -14.81 -0.22
N ASN A 165 12.69 -13.73 -0.48
CA ASN A 165 11.47 -13.43 0.25
C ASN A 165 10.28 -14.19 -0.35
N LEU A 166 10.58 -15.21 -1.14
CA LEU A 166 9.55 -16.02 -1.78
C LEU A 166 8.34 -15.16 -2.16
N MET A 167 8.60 -14.05 -2.85
CA MET A 167 7.54 -13.15 -3.28
C MET A 167 7.88 -12.51 -4.62
N THR A 168 7.10 -12.84 -5.64
CA THR A 168 7.32 -12.30 -6.97
C THR A 168 6.43 -11.09 -7.23
N ALA A 169 6.88 -10.20 -8.11
CA ALA A 169 6.12 -8.99 -8.44
C ALA A 169 4.63 -9.27 -8.41
N ASP A 170 4.21 -10.34 -9.09
CA ASP A 170 2.80 -10.71 -9.14
C ASP A 170 2.26 -10.98 -7.75
N ASN A 171 2.97 -11.80 -6.98
CA ASN A 171 2.54 -12.13 -5.63
C ASN A 171 2.31 -10.87 -4.80
N LEU A 172 3.22 -9.92 -4.91
CA LEU A 172 3.12 -8.66 -4.18
C LEU A 172 1.85 -7.91 -4.59
N SER A 173 1.57 -7.90 -5.88
CA SER A 173 0.39 -7.20 -6.39
C SER A 173 -0.88 -7.77 -5.78
N ILE A 174 -1.01 -9.09 -5.78
CA ILE A 174 -2.18 -9.75 -5.22
C ILE A 174 -2.30 -9.49 -3.73
N CYS A 175 -1.15 -9.38 -3.06
CA CYS A 175 -1.13 -9.13 -1.62
C CYS A 175 -1.60 -7.71 -1.31
N PHE A 176 -1.48 -6.83 -2.30
CA PHE A 176 -1.89 -5.44 -2.14
C PHE A 176 -3.25 -5.19 -2.79
N TRP A 177 -3.76 -6.21 -3.48
CA TRP A 177 -5.04 -6.09 -4.16
C TRP A 177 -6.14 -5.67 -3.17
N PRO A 178 -6.16 -6.31 -2.00
CA PRO A 178 -7.15 -6.02 -0.96
C PRO A 178 -7.29 -4.53 -0.69
N THR A 179 -6.19 -3.92 -0.22
CA THR A 179 -6.19 -2.49 0.08
C THR A 179 -6.37 -1.66 -1.18
N LEU A 180 -5.43 -1.80 -2.12
CA LEU A 180 -5.49 -1.06 -3.37
C LEU A 180 -6.93 -0.88 -3.83
N MET A 181 -7.73 -1.93 -3.70
CA MET A 181 -9.13 -1.89 -4.10
C MET A 181 -9.89 -3.09 -3.55
N ARG A 182 -11.14 -2.86 -3.13
CA ARG A 182 -11.96 -3.92 -2.59
C ARG A 182 -13.17 -4.20 -3.50
N PRO A 183 -13.60 -5.47 -3.53
CA PRO A 183 -14.74 -5.89 -4.35
C PRO A 183 -16.07 -5.34 -3.83
N ASP A 184 -16.88 -4.80 -4.74
CA ASP A 184 -18.17 -4.24 -4.36
C ASP A 184 -19.27 -5.30 -4.47
N PHE A 185 -19.88 -5.61 -3.33
CA PHE A 185 -20.95 -6.61 -3.29
C PHE A 185 -22.31 -5.95 -3.44
N GLU A 186 -22.61 -5.00 -2.56
CA GLU A 186 -23.89 -4.30 -2.60
C GLU A 186 -24.15 -3.72 -3.99
N ASN A 187 -23.08 -3.26 -4.64
CA ASN A 187 -23.20 -2.68 -5.96
C ASN A 187 -23.41 -3.76 -7.02
N ARG A 188 -23.57 -3.34 -8.27
CA ARG A 188 -23.79 -4.28 -9.37
C ARG A 188 -22.50 -4.48 -10.16
N GLU A 189 -21.39 -3.98 -9.64
CA GLU A 189 -20.10 -4.10 -10.30
C GLU A 189 -19.86 -5.54 -10.75
N PHE A 190 -20.09 -5.80 -12.04
CA PHE A 190 -19.89 -7.13 -12.59
C PHE A 190 -18.57 -7.73 -12.13
N LEU A 191 -18.65 -8.78 -11.31
CA LEU A 191 -17.46 -9.44 -10.79
C LEU A 191 -16.91 -10.44 -11.80
N SER A 192 -15.72 -10.16 -12.33
CA SER A 192 -15.09 -11.04 -13.29
C SER A 192 -13.68 -11.43 -12.85
N THR A 193 -13.36 -12.71 -12.98
CA THR A 193 -12.05 -13.21 -12.59
C THR A 193 -11.19 -13.51 -13.80
N THR A 194 -10.25 -12.62 -14.11
CA THR A 194 -9.37 -12.79 -15.25
C THR A 194 -7.96 -12.31 -14.93
N LYS A 195 -6.97 -13.17 -15.17
CA LYS A 195 -5.57 -12.84 -14.91
C LYS A 195 -5.31 -11.37 -15.19
N ILE A 196 -5.99 -10.83 -16.20
CA ILE A 196 -5.83 -9.43 -16.57
C ILE A 196 -5.79 -8.53 -15.34
N HIS A 197 -6.92 -8.47 -14.63
CA HIS A 197 -7.02 -7.65 -13.42
C HIS A 197 -5.70 -7.65 -12.66
N GLN A 198 -5.27 -8.83 -12.22
CA GLN A 198 -4.03 -8.96 -11.47
C GLN A 198 -2.85 -8.40 -12.27
N SER A 199 -2.77 -8.80 -13.53
CA SER A 199 -1.68 -8.35 -14.40
C SER A 199 -1.54 -6.84 -14.35
N VAL A 200 -2.67 -6.15 -14.24
CA VAL A 200 -2.68 -4.68 -14.18
C VAL A 200 -1.58 -4.17 -13.25
N VAL A 201 -1.77 -4.39 -11.95
CA VAL A 201 -0.80 -3.95 -10.96
C VAL A 201 0.55 -4.62 -11.18
N GLU A 202 0.55 -5.94 -11.25
CA GLU A 202 1.78 -6.70 -11.47
C GLU A 202 2.70 -5.99 -12.45
N THR A 203 2.14 -5.56 -13.58
CA THR A 203 2.90 -4.86 -14.61
C THR A 203 3.53 -3.59 -14.04
N PHE A 204 2.70 -2.66 -13.59
CA PHE A 204 3.18 -1.41 -13.03
C PHE A 204 4.49 -1.61 -12.28
N ILE A 205 4.57 -2.71 -11.53
CA ILE A 205 5.77 -3.02 -10.76
C ILE A 205 6.85 -3.61 -11.65
N GLN A 206 6.50 -4.64 -12.40
CA GLN A 206 7.45 -5.30 -13.29
C GLN A 206 8.18 -4.27 -14.15
N GLN A 207 7.44 -3.31 -14.69
CA GLN A 207 8.02 -2.28 -15.53
C GLN A 207 7.92 -0.91 -14.86
N CYS A 208 8.05 -0.90 -13.54
CA CYS A 208 7.97 0.35 -12.78
C CYS A 208 9.11 1.28 -13.15
N GLN A 209 10.12 0.74 -13.80
CA GLN A 209 11.27 1.54 -14.21
C GLN A 209 11.06 2.14 -15.60
N PHE A 210 10.73 1.29 -16.56
CA PHE A 210 10.49 1.74 -17.92
C PHE A 210 9.70 3.04 -17.94
N PHE A 211 8.75 3.16 -17.02
CA PHE A 211 7.91 4.35 -16.92
C PHE A 211 8.77 5.61 -16.84
N PHE A 212 9.55 5.72 -15.78
CA PHE A 212 10.42 6.88 -15.58
C PHE A 212 11.88 6.51 -15.81
N TYR A 213 12.35 5.51 -15.06
CA TYR A 213 13.74 5.07 -15.19
C TYR A 213 14.03 4.55 -16.59
N ASN A 214 12.97 4.40 -17.39
CA ASN A 214 13.11 3.92 -18.76
C ASN A 214 14.00 2.69 -18.81
N GLY A 215 13.79 1.77 -17.88
CA GLY A 215 14.59 0.56 -17.84
C GLY A 215 14.12 -0.48 -18.84
N GLU A 216 15.07 -1.24 -19.39
CA GLU A 216 14.75 -2.26 -20.38
C GLU A 216 13.52 -3.06 -19.95
N ILE A 217 12.70 -3.45 -20.92
CA ILE A 217 11.49 -4.21 -20.65
C ILE A 217 11.83 -5.57 -20.05
N VAL A 218 11.16 -5.92 -18.96
CA VAL A 218 11.39 -7.20 -18.30
C VAL A 218 10.17 -8.10 -18.42
N GLU A 219 10.32 -9.35 -17.95
CA GLU A 219 9.23 -10.31 -18.02
C GLU A 219 9.23 -11.21 -16.79
N GLY A 1 -44.95 19.60 -4.59
CA GLY A 1 -45.16 19.02 -3.28
C GLY A 1 -44.44 19.79 -2.19
N SER A 2 -45.20 20.20 -1.17
CA SER A 2 -44.63 20.96 -0.06
C SER A 2 -45.06 20.37 1.28
N SER A 3 -44.09 20.05 2.13
CA SER A 3 -44.37 19.48 3.44
C SER A 3 -43.75 20.33 4.55
N GLY A 4 -44.26 20.17 5.76
CA GLY A 4 -43.74 20.93 6.89
C GLY A 4 -42.85 20.09 7.78
N SER A 5 -41.55 20.39 7.76
CA SER A 5 -40.57 19.66 8.57
C SER A 5 -39.76 20.61 9.43
N SER A 6 -40.44 21.60 10.01
CA SER A 6 -39.76 22.58 10.87
C SER A 6 -38.63 21.94 11.66
N GLY A 7 -37.40 22.20 11.22
CA GLY A 7 -36.24 21.64 11.89
C GLY A 7 -35.90 20.24 11.40
N LYS A 8 -34.62 19.90 11.45
CA LYS A 8 -34.16 18.58 11.01
C LYS A 8 -34.24 17.57 12.14
N ASN A 9 -35.02 16.51 11.93
CA ASN A 9 -35.19 15.47 12.93
C ASN A 9 -34.33 14.25 12.59
N PHE A 10 -33.09 14.50 12.16
CA PHE A 10 -32.18 13.43 11.80
C PHE A 10 -30.95 13.43 12.72
N ASN A 11 -30.83 12.39 13.53
CA ASN A 11 -29.70 12.28 14.46
C ASN A 11 -28.75 11.17 14.01
N PRO A 12 -27.47 11.55 13.81
CA PRO A 12 -26.44 10.60 13.37
C PRO A 12 -26.07 9.61 14.46
N PRO A 13 -25.72 8.38 14.06
CA PRO A 13 -25.34 7.31 14.99
C PRO A 13 -24.00 7.58 15.66
N THR A 14 -23.78 6.94 16.80
CA THR A 14 -22.53 7.11 17.55
C THR A 14 -21.34 6.61 16.75
N ARG A 15 -20.34 7.47 16.56
CA ARG A 15 -19.15 7.12 15.82
C ARG A 15 -18.52 5.84 16.37
N ARG A 16 -17.52 5.33 15.67
CA ARG A 16 -16.84 4.11 16.09
C ARG A 16 -15.95 4.38 17.30
N ASN A 17 -15.88 3.40 18.20
CA ASN A 17 -15.07 3.53 19.41
C ASN A 17 -13.64 3.91 19.06
N TRP A 18 -13.07 3.23 18.06
CA TRP A 18 -11.71 3.49 17.63
C TRP A 18 -11.52 4.97 17.27
N GLU A 19 -10.96 5.73 18.20
CA GLU A 19 -10.73 7.16 17.99
C GLU A 19 -9.57 7.38 17.03
N SER A 20 -9.52 8.56 16.43
CA SER A 20 -8.46 8.91 15.48
C SER A 20 -8.47 10.40 15.18
N ASN A 21 -7.36 10.88 14.62
CA ASN A 21 -7.24 12.30 14.27
C ASN A 21 -7.79 12.57 12.87
N TYR A 22 -7.69 11.57 12.01
CA TYR A 22 -8.19 11.70 10.64
C TYR A 22 -9.68 11.38 10.56
N PHE A 23 -10.08 10.32 11.23
CA PHE A 23 -11.49 9.90 11.25
C PHE A 23 -12.14 10.17 9.89
N GLY A 24 -11.34 10.09 8.83
CA GLY A 24 -11.85 10.32 7.50
C GLY A 24 -11.30 11.58 6.87
N MET A 25 -10.13 12.01 7.35
CA MET A 25 -9.49 13.22 6.82
C MET A 25 -8.77 12.93 5.51
N PRO A 26 -8.92 13.85 4.55
CA PRO A 26 -8.29 13.72 3.23
C PRO A 26 -6.77 13.87 3.28
N LEU A 27 -6.07 12.91 2.72
CA LEU A 27 -4.61 12.93 2.70
C LEU A 27 -4.09 14.27 2.16
N GLN A 28 -4.69 14.72 1.05
CA GLN A 28 -4.30 15.97 0.44
C GLN A 28 -4.23 17.10 1.47
N ASP A 29 -5.09 17.02 2.48
CA ASP A 29 -5.13 18.02 3.53
C ASP A 29 -4.05 17.75 4.58
N LEU A 30 -3.88 16.48 4.93
CA LEU A 30 -2.89 16.09 5.93
C LEU A 30 -1.48 16.44 5.44
N VAL A 31 -1.22 16.17 4.16
CA VAL A 31 0.09 16.45 3.58
C VAL A 31 0.18 17.90 3.11
N THR A 32 1.41 18.35 2.86
CA THR A 32 1.64 19.71 2.40
C THR A 32 2.10 19.73 0.94
N ALA A 33 1.72 20.79 0.23
CA ALA A 33 2.11 20.94 -1.17
C ALA A 33 3.56 20.54 -1.39
N GLU A 34 4.43 21.01 -0.51
CA GLU A 34 5.86 20.71 -0.60
C GLU A 34 6.10 19.21 -0.56
N LYS A 35 5.37 18.52 0.32
CA LYS A 35 5.50 17.08 0.45
C LYS A 35 4.13 16.39 0.42
N PRO A 36 3.75 15.88 -0.76
CA PRO A 36 2.47 15.20 -0.95
C PRO A 36 2.41 13.85 -0.24
N ILE A 37 3.46 13.06 -0.42
CA ILE A 37 3.54 11.74 0.21
C ILE A 37 3.57 11.87 1.74
N PRO A 38 2.74 11.06 2.41
CA PRO A 38 2.67 11.06 3.88
C PRO A 38 3.91 10.46 4.52
N LEU A 39 4.35 11.08 5.62
CA LEU A 39 5.53 10.60 6.33
C LEU A 39 5.37 9.16 6.77
N PHE A 40 4.26 8.87 7.43
CA PHE A 40 3.97 7.51 7.90
C PHE A 40 4.34 6.48 6.85
N VAL A 41 3.65 6.53 5.71
CA VAL A 41 3.90 5.59 4.62
C VAL A 41 5.39 5.47 4.33
N GLU A 42 6.04 6.61 4.09
CA GLU A 42 7.46 6.64 3.80
C GLU A 42 8.24 5.84 4.85
N LYS A 43 8.05 6.20 6.12
CA LYS A 43 8.74 5.52 7.22
C LYS A 43 8.64 4.02 7.06
N CYS A 44 7.47 3.54 6.67
CA CYS A 44 7.24 2.11 6.48
C CYS A 44 8.13 1.55 5.37
N VAL A 45 8.17 2.27 4.25
CA VAL A 45 8.99 1.85 3.11
C VAL A 45 10.47 1.87 3.45
N GLU A 46 10.95 3.03 3.88
CA GLU A 46 12.35 3.19 4.24
C GLU A 46 12.75 2.22 5.36
N PHE A 47 11.90 2.11 6.37
CA PHE A 47 12.15 1.22 7.49
C PHE A 47 12.67 -0.14 7.00
N ILE A 48 11.87 -0.81 6.20
CA ILE A 48 12.25 -2.11 5.65
C ILE A 48 13.62 -2.06 5.01
N GLU A 49 13.84 -1.06 4.15
CA GLU A 49 15.11 -0.90 3.47
C GLU A 49 16.26 -0.81 4.47
N ASP A 50 16.08 0.03 5.49
CA ASP A 50 17.10 0.21 6.51
C ASP A 50 17.67 -1.13 6.96
N THR A 51 16.78 -2.08 7.23
CA THR A 51 17.20 -3.42 7.67
C THR A 51 17.54 -4.30 6.48
N GLY A 52 18.00 -3.69 5.40
CA GLY A 52 18.35 -4.44 4.21
C GLY A 52 17.13 -4.92 3.44
N LEU A 53 17.34 -5.31 2.19
CA LEU A 53 16.26 -5.79 1.35
C LEU A 53 16.29 -7.31 1.23
N CYS A 54 16.65 -7.97 2.32
CA CYS A 54 16.72 -9.42 2.34
C CYS A 54 15.79 -10.00 3.39
N THR A 55 14.59 -9.43 3.49
CA THR A 55 13.60 -9.88 4.47
C THR A 55 12.73 -10.99 3.88
N GLU A 56 12.53 -12.05 4.65
CA GLU A 56 11.70 -13.17 4.21
C GLU A 56 10.29 -13.06 4.77
N GLY A 57 9.32 -12.79 3.89
CA GLY A 57 7.94 -12.67 4.32
C GLY A 57 7.49 -11.22 4.39
N LEU A 58 7.29 -10.61 3.23
CA LEU A 58 6.85 -9.22 3.16
C LEU A 58 5.46 -9.12 2.54
N TYR A 59 4.51 -8.59 3.31
CA TYR A 59 3.15 -8.43 2.84
C TYR A 59 2.52 -9.78 2.54
N ARG A 60 2.96 -10.81 3.26
CA ARG A 60 2.45 -12.17 3.06
C ARG A 60 2.05 -12.79 4.40
N VAL A 61 2.84 -12.49 5.44
CA VAL A 61 2.56 -13.02 6.77
C VAL A 61 1.72 -12.06 7.59
N SER A 62 0.67 -12.58 8.22
CA SER A 62 -0.22 -11.75 9.03
C SER A 62 0.39 -11.48 10.39
N GLY A 63 0.91 -10.27 10.56
CA GLY A 63 1.52 -9.89 11.82
C GLY A 63 0.50 -9.64 12.92
N ASN A 64 0.92 -9.81 14.17
CA ASN A 64 0.02 -9.61 15.30
C ASN A 64 -0.58 -8.21 15.28
N LYS A 65 -1.90 -8.14 15.45
CA LYS A 65 -2.60 -6.86 15.45
C LYS A 65 -2.03 -5.92 16.50
N THR A 66 -1.63 -6.49 17.64
CA THR A 66 -1.07 -5.71 18.72
C THR A 66 0.10 -4.85 18.24
N ASP A 67 0.94 -5.43 17.40
CA ASP A 67 2.10 -4.72 16.87
C ASP A 67 1.66 -3.57 15.97
N GLN A 68 0.82 -3.87 14.98
CA GLN A 68 0.33 -2.86 14.06
C GLN A 68 -0.44 -1.78 14.80
N ASP A 69 -1.13 -2.17 15.88
CA ASP A 69 -1.91 -1.24 16.67
C ASP A 69 -1.04 -0.09 17.17
N ASN A 70 -0.11 -0.40 18.07
CA ASN A 70 0.79 0.61 18.62
C ASN A 70 1.48 1.39 17.52
N ILE A 71 1.79 0.71 16.42
CA ILE A 71 2.45 1.34 15.28
C ILE A 71 1.65 2.53 14.78
N GLN A 72 0.33 2.39 14.73
CA GLN A 72 -0.54 3.46 14.27
C GLN A 72 -0.87 4.42 15.41
N LYS A 73 -1.49 3.90 16.46
CA LYS A 73 -1.87 4.71 17.62
C LYS A 73 -0.70 5.60 18.04
N GLN A 74 0.41 4.98 18.40
CA GLN A 74 1.59 5.72 18.83
C GLN A 74 1.93 6.83 17.85
N PHE A 75 2.02 6.47 16.57
CA PHE A 75 2.35 7.44 15.52
C PHE A 75 1.32 8.56 15.49
N ASP A 76 0.06 8.21 15.74
CA ASP A 76 -1.02 9.20 15.73
C ASP A 76 -0.86 10.19 16.88
N GLN A 77 -0.85 9.67 18.10
CA GLN A 77 -0.70 10.51 19.29
C GLN A 77 0.61 11.29 19.24
N ASP A 78 1.67 10.64 18.75
CA ASP A 78 2.97 11.27 18.65
C ASP A 78 3.74 10.73 17.44
N HIS A 79 3.94 11.60 16.45
CA HIS A 79 4.65 11.21 15.24
C HIS A 79 6.13 10.96 15.54
N ASN A 80 6.67 11.69 16.51
CA ASN A 80 8.07 11.56 16.89
C ASN A 80 8.49 10.09 16.86
N ILE A 81 7.58 9.21 17.27
CA ILE A 81 7.86 7.78 17.29
C ILE A 81 8.77 7.38 16.13
N ASN A 82 9.62 6.39 16.38
CA ASN A 82 10.55 5.91 15.37
C ASN A 82 10.57 4.38 15.32
N LEU A 83 9.86 3.81 14.35
CA LEU A 83 9.79 2.36 14.20
C LEU A 83 11.12 1.72 14.60
N VAL A 84 12.19 2.17 13.97
CA VAL A 84 13.52 1.64 14.26
C VAL A 84 13.78 1.59 15.76
N SER A 85 13.48 2.70 16.43
CA SER A 85 13.68 2.79 17.88
C SER A 85 12.82 1.77 18.62
N MET A 86 11.54 1.73 18.26
CA MET A 86 10.59 0.81 18.89
C MET A 86 11.07 -0.64 18.73
N GLU A 87 11.69 -0.93 17.60
CA GLU A 87 12.19 -2.27 17.33
C GLU A 87 11.05 -3.29 17.33
N VAL A 88 9.99 -2.98 16.57
CA VAL A 88 8.84 -3.87 16.48
C VAL A 88 9.06 -4.96 15.44
N THR A 89 8.15 -5.93 15.40
CA THR A 89 8.25 -7.03 14.46
C THR A 89 8.09 -6.54 13.02
N VAL A 90 9.08 -6.84 12.19
CA VAL A 90 9.05 -6.43 10.79
C VAL A 90 7.68 -6.70 10.17
N ASN A 91 7.26 -7.96 10.22
CA ASN A 91 5.97 -8.37 9.67
C ASN A 91 4.92 -7.29 9.91
N ALA A 92 4.93 -6.71 11.10
CA ALA A 92 3.98 -5.66 11.45
C ALA A 92 4.07 -4.48 10.48
N VAL A 93 5.24 -3.87 10.41
CA VAL A 93 5.45 -2.74 9.51
C VAL A 93 4.88 -3.00 8.14
N ALA A 94 5.25 -4.14 7.56
CA ALA A 94 4.77 -4.53 6.24
C ALA A 94 3.25 -4.38 6.14
N GLY A 95 2.55 -4.85 7.18
CA GLY A 95 1.10 -4.76 7.19
C GLY A 95 0.61 -3.34 7.43
N ALA A 96 1.14 -2.70 8.47
CA ALA A 96 0.75 -1.34 8.81
C ALA A 96 0.67 -0.46 7.56
N LEU A 97 1.75 -0.47 6.77
CA LEU A 97 1.81 0.32 5.56
C LEU A 97 0.51 0.21 4.77
N LYS A 98 -0.02 -1.00 4.65
CA LYS A 98 -1.26 -1.23 3.93
C LYS A 98 -2.45 -0.73 4.73
N ALA A 99 -2.49 -1.08 6.01
CA ALA A 99 -3.58 -0.66 6.88
C ALA A 99 -3.95 0.80 6.64
N PHE A 100 -2.93 1.65 6.54
CA PHE A 100 -3.14 3.08 6.32
C PHE A 100 -3.93 3.31 5.03
N PHE A 101 -3.52 2.63 3.96
CA PHE A 101 -4.19 2.76 2.67
C PHE A 101 -5.68 2.42 2.79
N ALA A 102 -5.97 1.34 3.51
CA ALA A 102 -7.35 0.90 3.69
C ALA A 102 -8.16 1.95 4.45
N ASP A 103 -7.52 2.58 5.44
CA ASP A 103 -8.18 3.61 6.24
C ASP A 103 -8.72 4.73 5.36
N LEU A 104 -7.93 5.10 4.35
CA LEU A 104 -8.33 6.17 3.44
C LEU A 104 -9.82 6.11 3.14
N PRO A 105 -10.44 7.29 2.97
CA PRO A 105 -11.87 7.40 2.68
C PRO A 105 -12.23 6.90 1.29
N ASP A 106 -11.22 6.82 0.42
CA ASP A 106 -11.43 6.35 -0.95
C ASP A 106 -10.29 5.43 -1.38
N PRO A 107 -10.60 4.50 -2.31
CA PRO A 107 -9.61 3.55 -2.82
C PRO A 107 -8.55 4.21 -3.70
N LEU A 108 -7.29 3.95 -3.40
CA LEU A 108 -6.18 4.53 -4.15
C LEU A 108 -6.55 4.68 -5.62
N ILE A 109 -7.14 3.63 -6.19
CA ILE A 109 -7.55 3.65 -7.58
C ILE A 109 -9.02 4.02 -7.73
N PRO A 110 -9.29 5.11 -8.48
CA PRO A 110 -10.65 5.59 -8.71
C PRO A 110 -11.46 4.65 -9.61
N TYR A 111 -12.76 4.65 -9.43
CA TYR A 111 -13.64 3.80 -10.21
C TYR A 111 -13.70 4.27 -11.67
N SER A 112 -13.38 5.54 -11.88
CA SER A 112 -13.39 6.11 -13.22
C SER A 112 -12.27 5.51 -14.08
N LEU A 113 -11.25 4.97 -13.42
CA LEU A 113 -10.12 4.37 -14.12
C LEU A 113 -10.07 2.86 -13.87
N HIS A 114 -11.24 2.27 -13.63
CA HIS A 114 -11.33 0.83 -13.38
C HIS A 114 -11.17 0.05 -14.68
N PRO A 115 -12.11 0.25 -15.61
CA PRO A 115 -12.09 -0.43 -16.91
C PRO A 115 -10.97 0.05 -17.81
N GLU A 116 -10.49 1.26 -17.55
CA GLU A 116 -9.41 1.84 -18.35
C GLU A 116 -8.08 1.15 -18.04
N LEU A 117 -7.92 0.70 -16.80
CA LEU A 117 -6.70 0.01 -16.38
C LEU A 117 -6.66 -1.41 -16.93
N LEU A 118 -7.83 -1.97 -17.16
CA LEU A 118 -7.93 -3.34 -17.69
C LEU A 118 -7.89 -3.33 -19.22
N GLU A 119 -8.73 -2.51 -19.82
CA GLU A 119 -8.79 -2.41 -21.28
C GLU A 119 -7.37 -2.29 -21.87
N ALA A 120 -6.45 -1.78 -21.07
CA ALA A 120 -5.07 -1.61 -21.51
C ALA A 120 -4.23 -2.83 -21.15
N ALA A 121 -4.60 -3.50 -20.06
CA ALA A 121 -3.89 -4.68 -19.61
C ALA A 121 -4.16 -5.87 -20.52
N LYS A 122 -5.27 -5.81 -21.25
CA LYS A 122 -5.64 -6.89 -22.16
C LYS A 122 -5.10 -6.63 -23.56
N ILE A 123 -4.09 -5.78 -23.65
CA ILE A 123 -3.47 -5.45 -24.93
C ILE A 123 -2.42 -6.48 -25.33
N PRO A 124 -2.47 -6.92 -26.59
CA PRO A 124 -1.52 -7.90 -27.12
C PRO A 124 -0.11 -7.35 -27.26
N ASP A 125 -0.02 -6.14 -27.79
CA ASP A 125 1.28 -5.49 -27.98
C ASP A 125 1.89 -5.11 -26.63
N LYS A 126 2.76 -5.98 -26.12
CA LYS A 126 3.42 -5.75 -24.84
C LYS A 126 3.79 -4.28 -24.68
N THR A 127 4.31 -3.68 -25.75
CA THR A 127 4.71 -2.28 -25.73
C THR A 127 3.53 -1.38 -25.40
N GLU A 128 2.55 -1.34 -26.31
CA GLU A 128 1.36 -0.51 -26.11
C GLU A 128 0.80 -0.69 -24.70
N ARG A 129 0.75 -1.95 -24.25
CA ARG A 129 0.24 -2.26 -22.92
C ARG A 129 0.85 -1.35 -21.87
N LEU A 130 2.16 -1.12 -21.99
CA LEU A 130 2.87 -0.27 -21.04
C LEU A 130 2.52 1.20 -21.27
N HIS A 131 2.68 1.66 -22.51
CA HIS A 131 2.37 3.04 -22.86
C HIS A 131 1.00 3.46 -22.32
N ALA A 132 -0.01 2.66 -22.64
CA ALA A 132 -1.37 2.94 -22.20
C ALA A 132 -1.41 3.22 -20.70
N LEU A 133 -0.93 2.26 -19.91
CA LEU A 133 -0.92 2.41 -18.47
C LEU A 133 -0.07 3.60 -18.04
N LYS A 134 1.00 3.85 -18.78
CA LYS A 134 1.89 4.97 -18.49
C LYS A 134 1.15 6.30 -18.60
N GLU A 135 0.15 6.33 -19.49
CA GLU A 135 -0.63 7.55 -19.68
C GLU A 135 -1.83 7.59 -18.73
N ILE A 136 -2.51 6.46 -18.61
CA ILE A 136 -3.68 6.36 -17.74
C ILE A 136 -3.31 6.68 -16.29
N VAL A 137 -2.08 6.34 -15.91
CA VAL A 137 -1.60 6.59 -14.56
C VAL A 137 -1.43 8.09 -14.31
N LYS A 138 -1.41 8.86 -15.40
CA LYS A 138 -1.25 10.31 -15.29
C LYS A 138 -2.52 10.96 -14.75
N LYS A 139 -3.66 10.37 -15.07
CA LYS A 139 -4.95 10.88 -14.61
C LYS A 139 -5.10 10.72 -13.10
N PHE A 140 -4.46 9.67 -12.56
CA PHE A 140 -4.53 9.40 -11.13
C PHE A 140 -4.35 10.69 -10.33
N HIS A 141 -5.15 10.83 -9.27
CA HIS A 141 -5.08 12.01 -8.42
C HIS A 141 -3.63 12.48 -8.25
N PRO A 142 -3.44 13.80 -8.24
CA PRO A 142 -2.11 14.41 -8.09
C PRO A 142 -1.55 14.22 -6.69
N VAL A 143 -2.41 13.87 -5.74
CA VAL A 143 -1.99 13.66 -4.37
C VAL A 143 -1.79 12.17 -4.07
N ASN A 144 -2.57 11.33 -4.74
CA ASN A 144 -2.48 9.89 -4.56
C ASN A 144 -1.42 9.29 -5.49
N TYR A 145 -1.37 9.80 -6.71
CA TYR A 145 -0.42 9.32 -7.70
C TYR A 145 1.00 9.27 -7.12
N ASP A 146 1.39 10.35 -6.46
CA ASP A 146 2.72 10.43 -5.85
C ASP A 146 2.96 9.23 -4.94
N VAL A 147 2.06 9.01 -4.00
CA VAL A 147 2.18 7.90 -3.06
C VAL A 147 2.19 6.57 -3.79
N PHE A 148 1.13 6.31 -4.57
CA PHE A 148 1.01 5.08 -5.33
C PHE A 148 2.32 4.75 -6.06
N ARG A 149 2.86 5.75 -6.75
CA ARG A 149 4.10 5.57 -7.50
C ARG A 149 5.26 5.29 -6.55
N TYR A 150 5.38 6.10 -5.51
CA TYR A 150 6.46 5.96 -4.53
C TYR A 150 6.46 4.54 -3.95
N VAL A 151 5.27 4.03 -3.66
CA VAL A 151 5.15 2.68 -3.11
C VAL A 151 5.73 1.63 -4.05
N ILE A 152 5.19 1.57 -5.26
CA ILE A 152 5.66 0.61 -6.25
C ILE A 152 7.19 0.64 -6.35
N THR A 153 7.74 1.82 -6.57
CA THR A 153 9.19 1.97 -6.69
C THR A 153 9.92 1.05 -5.72
N HIS A 154 9.35 0.86 -4.54
CA HIS A 154 9.94 -0.01 -3.53
C HIS A 154 9.60 -1.47 -3.80
N LEU A 155 8.37 -1.72 -4.22
CA LEU A 155 7.92 -3.08 -4.51
C LEU A 155 8.82 -3.73 -5.56
N ASN A 156 9.21 -2.96 -6.56
CA ASN A 156 10.08 -3.47 -7.62
C ASN A 156 11.37 -4.04 -7.05
N ARG A 157 11.93 -3.34 -6.07
CA ARG A 157 13.17 -3.78 -5.44
C ARG A 157 13.01 -5.17 -4.80
N VAL A 158 11.85 -5.40 -4.19
CA VAL A 158 11.56 -6.67 -3.55
C VAL A 158 11.48 -7.79 -4.58
N SER A 159 10.63 -7.60 -5.58
CA SER A 159 10.45 -8.59 -6.64
C SER A 159 11.80 -9.10 -7.14
N GLN A 160 12.80 -8.22 -7.13
CA GLN A 160 14.14 -8.58 -7.58
C GLN A 160 14.78 -9.59 -6.65
N GLN A 161 14.69 -9.33 -5.35
CA GLN A 161 15.26 -10.22 -4.35
C GLN A 161 14.26 -11.30 -3.95
N HIS A 162 13.53 -11.81 -4.93
CA HIS A 162 12.54 -12.85 -4.68
C HIS A 162 13.22 -14.16 -4.28
N LYS A 163 14.50 -14.29 -4.61
CA LYS A 163 15.26 -15.49 -4.29
C LYS A 163 15.48 -15.59 -2.78
N ILE A 164 15.57 -14.44 -2.12
CA ILE A 164 15.78 -14.41 -0.68
C ILE A 164 14.48 -14.10 0.06
N ASN A 165 13.84 -13.00 -0.33
CA ASN A 165 12.60 -12.59 0.30
C ASN A 165 11.48 -13.59 0.00
N LEU A 166 11.64 -14.34 -1.09
CA LEU A 166 10.66 -15.34 -1.49
C LEU A 166 9.33 -14.66 -1.87
N MET A 167 9.42 -13.53 -2.54
CA MET A 167 8.23 -12.80 -2.96
C MET A 167 8.48 -12.04 -4.25
N THR A 168 7.73 -12.37 -5.29
CA THR A 168 7.88 -11.72 -6.59
C THR A 168 6.84 -10.61 -6.78
N ALA A 169 6.98 -9.85 -7.86
CA ALA A 169 6.04 -8.77 -8.14
C ALA A 169 4.61 -9.28 -8.24
N ASP A 170 4.44 -10.46 -8.81
CA ASP A 170 3.12 -11.06 -8.96
C ASP A 170 2.47 -11.27 -7.59
N ASN A 171 3.23 -11.84 -6.66
CA ASN A 171 2.73 -12.09 -5.31
C ASN A 171 2.37 -10.79 -4.61
N LEU A 172 3.20 -9.76 -4.81
CA LEU A 172 2.96 -8.46 -4.20
C LEU A 172 1.70 -7.81 -4.76
N SER A 173 1.49 -7.97 -6.06
CA SER A 173 0.33 -7.39 -6.73
C SER A 173 -0.96 -7.96 -6.13
N ILE A 174 -0.97 -9.26 -5.87
CA ILE A 174 -2.14 -9.92 -5.31
C ILE A 174 -2.25 -9.65 -3.81
N CYS A 175 -1.11 -9.55 -3.14
CA CYS A 175 -1.07 -9.29 -1.71
C CYS A 175 -1.55 -7.88 -1.40
N PHE A 176 -1.61 -7.04 -2.43
CA PHE A 176 -2.05 -5.66 -2.27
C PHE A 176 -3.40 -5.43 -2.94
N TRP A 177 -3.88 -6.45 -3.64
CA TRP A 177 -5.16 -6.36 -4.34
C TRP A 177 -6.27 -5.95 -3.39
N PRO A 178 -6.31 -6.59 -2.22
CA PRO A 178 -7.32 -6.31 -1.19
C PRO A 178 -7.48 -4.82 -0.93
N THR A 179 -6.37 -4.16 -0.64
CA THR A 179 -6.37 -2.73 -0.36
C THR A 179 -6.44 -1.92 -1.64
N LEU A 180 -5.37 -1.96 -2.43
CA LEU A 180 -5.32 -1.23 -3.69
C LEU A 180 -6.69 -1.19 -4.35
N MET A 181 -7.19 -2.36 -4.74
CA MET A 181 -8.50 -2.46 -5.39
C MET A 181 -9.49 -3.18 -4.49
N ARG A 182 -10.30 -2.41 -3.76
CA ARG A 182 -11.29 -2.98 -2.87
C ARG A 182 -11.91 -4.23 -3.46
N PRO A 183 -12.17 -5.22 -2.60
CA PRO A 183 -12.76 -6.50 -3.03
C PRO A 183 -14.22 -6.34 -3.44
N ASP A 184 -14.59 -6.97 -4.55
CA ASP A 184 -15.97 -6.90 -5.05
C ASP A 184 -16.71 -8.21 -4.76
N PHE A 185 -17.81 -8.10 -4.02
CA PHE A 185 -18.60 -9.27 -3.66
C PHE A 185 -19.05 -10.01 -4.92
N GLU A 186 -19.69 -9.29 -5.85
CA GLU A 186 -20.17 -9.87 -7.09
C GLU A 186 -19.08 -9.82 -8.16
N ASN A 187 -18.63 -10.99 -8.59
CA ASN A 187 -17.60 -11.07 -9.62
C ASN A 187 -17.82 -12.29 -10.51
N ARG A 188 -18.29 -12.06 -11.73
CA ARG A 188 -18.54 -13.14 -12.68
C ARG A 188 -17.24 -13.59 -13.35
N GLU A 189 -17.06 -14.91 -13.45
CA GLU A 189 -15.86 -15.46 -14.07
C GLU A 189 -16.21 -16.65 -14.97
N PHE A 190 -16.02 -16.47 -16.28
CA PHE A 190 -16.33 -17.53 -17.24
C PHE A 190 -15.30 -18.66 -17.15
N LEU A 191 -14.03 -18.29 -17.20
CA LEU A 191 -12.95 -19.26 -17.12
C LEU A 191 -11.77 -18.72 -16.33
N SER A 192 -10.88 -19.61 -15.89
CA SER A 192 -9.71 -19.22 -15.12
C SER A 192 -8.46 -19.16 -16.00
N THR A 193 -8.64 -18.67 -17.23
CA THR A 193 -7.54 -18.57 -18.17
C THR A 193 -7.22 -17.12 -18.50
N THR A 194 -7.30 -16.26 -17.47
CA THR A 194 -7.02 -14.84 -17.64
C THR A 194 -6.62 -14.20 -16.33
N LYS A 195 -5.45 -13.58 -16.30
CA LYS A 195 -4.94 -12.92 -15.10
C LYS A 195 -4.75 -11.42 -15.34
N ILE A 196 -5.70 -10.82 -16.04
CA ILE A 196 -5.64 -9.39 -16.34
C ILE A 196 -5.79 -8.56 -15.06
N HIS A 197 -6.91 -8.73 -14.38
CA HIS A 197 -7.18 -8.00 -13.15
C HIS A 197 -5.91 -7.84 -12.33
N GLN A 198 -5.18 -8.95 -12.16
CA GLN A 198 -3.95 -8.93 -11.39
C GLN A 198 -2.80 -8.34 -12.22
N SER A 199 -2.60 -8.88 -13.42
CA SER A 199 -1.54 -8.42 -14.30
C SER A 199 -1.42 -6.90 -14.25
N VAL A 200 -2.57 -6.22 -14.25
CA VAL A 200 -2.59 -4.76 -14.21
C VAL A 200 -1.53 -4.22 -13.25
N VAL A 201 -1.77 -4.41 -11.96
CA VAL A 201 -0.83 -3.95 -10.94
C VAL A 201 0.54 -4.59 -11.11
N GLU A 202 0.58 -5.92 -11.00
CA GLU A 202 1.82 -6.66 -11.15
C GLU A 202 2.73 -6.01 -12.20
N THR A 203 2.12 -5.60 -13.30
CA THR A 203 2.87 -4.96 -14.39
C THR A 203 3.51 -3.67 -13.93
N PHE A 204 2.67 -2.72 -13.49
CA PHE A 204 3.16 -1.43 -13.02
C PHE A 204 4.51 -1.57 -12.33
N ILE A 205 4.61 -2.55 -11.44
CA ILE A 205 5.85 -2.80 -10.70
C ILE A 205 6.92 -3.39 -11.62
N GLN A 206 6.55 -4.42 -12.38
CA GLN A 206 7.47 -5.08 -13.28
C GLN A 206 8.14 -4.06 -14.20
N GLN A 207 7.35 -3.14 -14.75
CA GLN A 207 7.87 -2.12 -15.64
C GLN A 207 7.74 -0.74 -15.02
N CYS A 208 7.88 -0.67 -13.69
CA CYS A 208 7.78 0.59 -12.97
C CYS A 208 8.89 1.55 -13.40
N GLN A 209 9.96 1.00 -13.94
CA GLN A 209 11.10 1.80 -14.38
C GLN A 209 10.87 2.34 -15.79
N PHE A 210 10.58 1.44 -16.73
CA PHE A 210 10.34 1.82 -18.11
C PHE A 210 9.50 3.08 -18.19
N PHE A 211 8.57 3.23 -17.25
CA PHE A 211 7.69 4.39 -17.20
C PHE A 211 8.51 5.68 -17.24
N PHE A 212 9.32 5.89 -16.22
CA PHE A 212 10.15 7.10 -16.13
C PHE A 212 11.61 6.76 -16.42
N TYR A 213 12.16 5.82 -15.65
CA TYR A 213 13.55 5.42 -15.81
C TYR A 213 13.81 4.94 -17.24
N ASN A 214 12.74 4.63 -17.95
CA ASN A 214 12.84 4.15 -19.33
C ASN A 214 13.82 2.99 -19.43
N GLY A 215 13.77 2.09 -18.44
CA GLY A 215 14.67 0.94 -18.43
C GLY A 215 14.17 -0.18 -19.32
N GLU A 216 15.08 -0.76 -20.10
CA GLU A 216 14.72 -1.85 -21.00
C GLU A 216 13.77 -2.83 -20.32
N ILE A 217 12.75 -3.27 -21.04
CA ILE A 217 11.78 -4.21 -20.51
C ILE A 217 12.47 -5.40 -19.84
N VAL A 218 12.09 -5.65 -18.59
CA VAL A 218 12.66 -6.76 -17.83
C VAL A 218 11.88 -8.05 -18.06
N GLU A 219 12.38 -9.14 -17.47
CA GLU A 219 11.72 -10.44 -17.61
C GLU A 219 11.20 -10.93 -16.26
N GLY A 1 -1.56 13.08 70.18
CA GLY A 1 -2.03 12.23 69.11
C GLY A 1 -2.15 12.96 67.79
N SER A 2 -1.65 12.35 66.72
CA SER A 2 -1.70 12.97 65.40
C SER A 2 -1.81 11.90 64.32
N SER A 3 -2.36 12.29 63.17
CA SER A 3 -2.53 11.37 62.04
C SER A 3 -2.50 12.12 60.72
N GLY A 4 -2.56 11.37 59.62
CA GLY A 4 -2.54 11.98 58.30
C GLY A 4 -2.24 10.97 57.20
N SER A 5 -2.43 11.39 55.96
CA SER A 5 -2.18 10.52 54.82
C SER A 5 -1.11 11.11 53.90
N SER A 6 -0.51 10.26 53.09
CA SER A 6 0.54 10.68 52.17
C SER A 6 -0.05 11.12 50.84
N GLY A 7 -0.81 10.22 50.21
CA GLY A 7 -1.43 10.52 48.93
C GLY A 7 -0.54 10.15 47.76
N LYS A 8 -0.18 11.14 46.95
CA LYS A 8 0.66 10.91 45.78
C LYS A 8 0.05 9.86 44.86
N ASN A 9 -1.26 9.94 44.66
CA ASN A 9 -1.96 8.99 43.80
C ASN A 9 -2.19 9.58 42.41
N PHE A 10 -1.94 8.77 41.38
CA PHE A 10 -2.12 9.21 40.00
C PHE A 10 -3.04 8.26 39.25
N ASN A 11 -3.32 8.59 37.99
CA ASN A 11 -4.18 7.76 37.16
C ASN A 11 -4.10 8.20 35.70
N PRO A 12 -4.10 7.21 34.78
CA PRO A 12 -4.04 7.47 33.35
C PRO A 12 -5.32 8.10 32.81
N PRO A 13 -5.19 8.86 31.71
CA PRO A 13 -6.33 9.54 31.08
C PRO A 13 -7.29 8.56 30.40
N THR A 14 -8.50 9.02 30.12
CA THR A 14 -9.50 8.17 29.48
C THR A 14 -9.57 8.45 27.98
N ARG A 15 -9.19 7.45 27.19
CA ARG A 15 -9.20 7.59 25.73
C ARG A 15 -10.36 6.80 25.13
N ARG A 16 -10.76 7.19 23.92
CA ARG A 16 -11.86 6.52 23.23
C ARG A 16 -11.37 5.28 22.50
N ASN A 17 -12.27 4.33 22.29
CA ASN A 17 -11.93 3.09 21.60
C ASN A 17 -10.89 3.34 20.51
N TRP A 18 -11.09 4.40 19.74
CA TRP A 18 -10.16 4.74 18.66
C TRP A 18 -10.40 6.18 18.20
N GLU A 19 -9.38 7.02 18.38
CA GLU A 19 -9.46 8.42 17.98
C GLU A 19 -8.56 8.70 16.78
N SER A 20 -9.04 9.52 15.85
CA SER A 20 -8.28 9.87 14.66
C SER A 20 -8.35 11.37 14.39
N ASN A 21 -7.62 11.81 13.37
CA ASN A 21 -7.61 13.22 13.01
C ASN A 21 -8.47 13.48 11.77
N TYR A 22 -8.48 12.52 10.85
CA TYR A 22 -9.27 12.64 9.63
C TYR A 22 -10.73 12.26 9.89
N PHE A 23 -10.94 11.10 10.49
CA PHE A 23 -12.28 10.63 10.78
C PHE A 23 -13.21 10.81 9.58
N GLY A 24 -12.70 10.48 8.40
CA GLY A 24 -13.49 10.61 7.19
C GLY A 24 -13.03 11.77 6.32
N MET A 25 -11.74 12.07 6.39
CA MET A 25 -11.17 13.16 5.61
C MET A 25 -10.20 12.63 4.55
N PRO A 26 -10.14 13.32 3.39
CA PRO A 26 -9.26 12.93 2.29
C PRO A 26 -7.78 13.14 2.62
N LEU A 27 -6.92 12.38 1.97
CA LEU A 27 -5.48 12.49 2.20
C LEU A 27 -4.98 13.87 1.80
N GLN A 28 -5.41 14.35 0.63
CA GLN A 28 -5.01 15.66 0.14
C GLN A 28 -5.12 16.71 1.23
N ASP A 29 -6.09 16.53 2.13
CA ASP A 29 -6.30 17.45 3.22
C ASP A 29 -5.27 17.24 4.33
N LEU A 30 -5.04 15.98 4.67
CA LEU A 30 -4.08 15.64 5.72
C LEU A 30 -2.67 16.06 5.33
N VAL A 31 -2.32 15.82 4.06
CA VAL A 31 -1.00 16.18 3.56
C VAL A 31 -0.99 17.59 2.98
N THR A 32 0.19 18.19 2.90
CA THR A 32 0.33 19.53 2.36
C THR A 32 0.84 19.50 0.92
N ALA A 33 0.44 20.51 0.14
CA ALA A 33 0.86 20.60 -1.24
C ALA A 33 2.35 20.31 -1.40
N GLU A 34 3.16 20.94 -0.54
CA GLU A 34 4.60 20.75 -0.58
C GLU A 34 4.96 19.27 -0.52
N LYS A 35 4.24 18.52 0.30
CA LYS A 35 4.49 17.10 0.45
C LYS A 35 3.18 16.31 0.41
N PRO A 36 2.82 15.81 -0.79
CA PRO A 36 1.59 15.04 -0.98
C PRO A 36 1.66 13.66 -0.32
N ILE A 37 2.84 13.06 -0.35
CA ILE A 37 3.04 11.75 0.25
C ILE A 37 3.07 11.83 1.76
N PRO A 38 2.30 10.95 2.42
CA PRO A 38 2.22 10.90 3.89
C PRO A 38 3.51 10.39 4.52
N LEU A 39 4.11 11.21 5.37
CA LEU A 39 5.34 10.83 6.05
C LEU A 39 5.28 9.40 6.57
N PHE A 40 4.24 9.11 7.35
CA PHE A 40 4.05 7.78 7.90
C PHE A 40 4.44 6.70 6.90
N VAL A 41 3.66 6.59 5.83
CA VAL A 41 3.92 5.61 4.78
C VAL A 41 5.40 5.60 4.40
N GLU A 42 5.92 6.76 4.04
CA GLU A 42 7.31 6.88 3.65
C GLU A 42 8.22 6.15 4.63
N LYS A 43 8.19 6.58 5.88
CA LYS A 43 9.01 5.97 6.92
C LYS A 43 8.91 4.45 6.87
N CYS A 44 7.71 3.95 6.61
CA CYS A 44 7.48 2.51 6.52
C CYS A 44 8.17 1.91 5.30
N VAL A 45 7.90 2.50 4.13
CA VAL A 45 8.49 2.03 2.89
C VAL A 45 10.02 2.06 2.96
N GLU A 46 10.55 3.03 3.70
CA GLU A 46 11.99 3.17 3.84
C GLU A 46 12.52 2.23 4.93
N PHE A 47 11.74 2.05 5.99
CA PHE A 47 12.12 1.18 7.09
C PHE A 47 12.27 -0.26 6.62
N ILE A 48 11.20 -0.79 6.02
CA ILE A 48 11.21 -2.16 5.53
C ILE A 48 12.46 -2.44 4.71
N GLU A 49 12.73 -1.59 3.73
CA GLU A 49 13.90 -1.75 2.88
C GLU A 49 15.19 -1.43 3.65
N ASP A 50 15.05 -0.62 4.69
CA ASP A 50 16.20 -0.24 5.52
C ASP A 50 16.62 -1.39 6.43
N THR A 51 15.71 -2.35 6.61
CA THR A 51 15.99 -3.50 7.47
C THR A 51 16.57 -4.66 6.66
N GLY A 52 17.23 -4.33 5.56
CA GLY A 52 17.82 -5.35 4.71
C GLY A 52 16.86 -5.88 3.67
N LEU A 53 15.58 -5.95 4.04
CA LEU A 53 14.56 -6.44 3.13
C LEU A 53 14.73 -7.94 2.85
N CYS A 54 14.79 -8.71 3.93
CA CYS A 54 14.96 -10.16 3.81
C CYS A 54 13.72 -10.89 4.32
N THR A 55 12.98 -10.25 5.22
CA THR A 55 11.78 -10.84 5.79
C THR A 55 10.95 -11.54 4.72
N GLU A 56 10.57 -12.78 4.98
CA GLU A 56 9.78 -13.55 4.04
C GLU A 56 8.32 -13.08 4.03
N GLY A 57 7.73 -13.04 2.83
CA GLY A 57 6.35 -12.59 2.71
C GLY A 57 6.00 -11.51 3.71
N LEU A 58 6.95 -10.62 3.97
CA LEU A 58 6.73 -9.53 4.91
C LEU A 58 5.32 -8.97 4.80
N TYR A 59 4.78 -9.00 3.58
CA TYR A 59 3.43 -8.51 3.33
C TYR A 59 2.39 -9.56 3.69
N ARG A 60 2.44 -10.69 3.00
CA ARG A 60 1.50 -11.77 3.25
C ARG A 60 1.52 -12.20 4.71
N VAL A 61 2.54 -11.75 5.44
CA VAL A 61 2.67 -12.07 6.85
C VAL A 61 2.61 -10.82 7.71
N SER A 62 1.50 -10.65 8.44
CA SER A 62 1.32 -9.50 9.30
C SER A 62 2.07 -9.67 10.61
N GLY A 63 1.95 -10.85 11.22
CA GLY A 63 2.62 -11.12 12.47
C GLY A 63 1.69 -10.96 13.67
N ASN A 64 2.10 -10.13 14.63
CA ASN A 64 1.31 -9.89 15.83
C ASN A 64 0.52 -8.60 15.71
N LYS A 65 -0.74 -8.64 16.12
CA LYS A 65 -1.60 -7.47 16.08
C LYS A 65 -1.08 -6.37 16.98
N THR A 66 -0.74 -6.73 18.22
CA THR A 66 -0.23 -5.78 19.19
C THR A 66 0.85 -4.89 18.57
N ASP A 67 1.74 -5.50 17.81
CA ASP A 67 2.82 -4.76 17.16
C ASP A 67 2.27 -3.59 16.35
N GLN A 68 1.40 -3.90 15.39
CA GLN A 68 0.80 -2.88 14.54
C GLN A 68 0.05 -1.85 15.39
N ASP A 69 -0.56 -2.31 16.48
CA ASP A 69 -1.32 -1.43 17.37
C ASP A 69 -0.48 -0.22 17.75
N ASN A 70 0.64 -0.46 18.43
CA ASN A 70 1.51 0.61 18.86
C ASN A 70 2.00 1.43 17.68
N ILE A 71 2.35 0.74 16.59
CA ILE A 71 2.82 1.40 15.38
C ILE A 71 1.94 2.59 15.01
N GLN A 72 0.64 2.41 15.15
CA GLN A 72 -0.31 3.47 14.83
C GLN A 72 -0.56 4.37 16.05
N LYS A 73 -1.00 3.77 17.14
CA LYS A 73 -1.26 4.51 18.37
C LYS A 73 -0.08 5.41 18.73
N GLN A 74 1.10 4.81 18.86
CA GLN A 74 2.29 5.56 19.19
C GLN A 74 2.52 6.71 18.21
N PHE A 75 2.38 6.41 16.92
CA PHE A 75 2.57 7.42 15.89
C PHE A 75 1.53 8.54 16.02
N ASP A 76 0.32 8.17 16.43
CA ASP A 76 -0.75 9.14 16.60
C ASP A 76 -0.41 10.15 17.70
N GLN A 77 -0.05 9.64 18.87
CA GLN A 77 0.29 10.50 20.00
C GLN A 77 1.68 11.11 19.80
N ASP A 78 2.51 10.44 19.02
CA ASP A 78 3.86 10.92 18.76
C ASP A 78 4.15 10.91 17.26
N HIS A 79 3.84 12.03 16.60
CA HIS A 79 4.07 12.15 15.15
C HIS A 79 5.57 12.02 14.83
N ASN A 80 6.41 12.51 15.73
CA ASN A 80 7.84 12.46 15.54
C ASN A 80 8.41 11.16 16.11
N ILE A 81 7.70 10.06 15.90
CA ILE A 81 8.13 8.75 16.39
C ILE A 81 9.17 8.15 15.47
N ASN A 82 10.00 7.26 16.02
CA ASN A 82 11.05 6.60 15.24
C ASN A 82 10.93 5.08 15.36
N LEU A 83 10.24 4.48 14.39
CA LEU A 83 10.06 3.04 14.37
C LEU A 83 11.33 2.31 14.77
N VAL A 84 12.44 2.70 14.16
CA VAL A 84 13.74 2.09 14.45
C VAL A 84 13.98 2.01 15.96
N SER A 85 13.66 3.10 16.66
CA SER A 85 13.85 3.15 18.11
C SER A 85 13.02 2.08 18.79
N MET A 86 11.79 1.88 18.31
CA MET A 86 10.90 0.88 18.87
C MET A 86 11.47 -0.52 18.72
N GLU A 87 12.10 -0.76 17.58
CA GLU A 87 12.70 -2.07 17.29
C GLU A 87 11.63 -3.15 17.25
N VAL A 88 10.55 -2.88 16.52
CA VAL A 88 9.45 -3.83 16.39
C VAL A 88 9.73 -4.83 15.27
N THR A 89 8.88 -5.85 15.18
CA THR A 89 9.03 -6.89 14.16
C THR A 89 8.75 -6.33 12.77
N VAL A 90 9.76 -6.38 11.91
CA VAL A 90 9.62 -5.88 10.54
C VAL A 90 8.22 -6.17 9.99
N ASN A 91 7.83 -7.43 10.04
CA ASN A 91 6.50 -7.83 9.54
C ASN A 91 5.45 -6.81 9.93
N ALA A 92 5.45 -6.41 11.18
CA ALA A 92 4.48 -5.42 11.68
C ALA A 92 4.39 -4.22 10.73
N VAL A 93 5.51 -3.50 10.60
CA VAL A 93 5.56 -2.33 9.72
C VAL A 93 5.01 -2.66 8.33
N ALA A 94 5.44 -3.79 7.78
CA ALA A 94 4.99 -4.21 6.46
C ALA A 94 3.47 -4.15 6.35
N GLY A 95 2.78 -4.73 7.32
CA GLY A 95 1.33 -4.73 7.32
C GLY A 95 0.76 -3.38 7.68
N ALA A 96 1.17 -2.84 8.82
CA ALA A 96 0.68 -1.55 9.29
C ALA A 96 0.64 -0.55 8.14
N LEU A 97 1.66 -0.57 7.29
CA LEU A 97 1.72 0.34 6.15
C LEU A 97 0.45 0.26 5.31
N LYS A 98 0.12 -0.94 4.86
CA LYS A 98 -1.08 -1.14 4.05
C LYS A 98 -2.33 -0.75 4.82
N ALA A 99 -2.41 -1.18 6.07
CA ALA A 99 -3.57 -0.87 6.92
C ALA A 99 -4.07 0.55 6.65
N PHE A 100 -3.15 1.50 6.59
CA PHE A 100 -3.49 2.89 6.35
C PHE A 100 -4.25 3.03 5.03
N PHE A 101 -3.66 2.51 3.96
CA PHE A 101 -4.28 2.58 2.64
C PHE A 101 -5.72 2.07 2.68
N ALA A 102 -5.94 1.00 3.43
CA ALA A 102 -7.27 0.41 3.56
C ALA A 102 -8.20 1.35 4.31
N ASP A 103 -7.66 2.04 5.31
CA ASP A 103 -8.45 2.96 6.12
C ASP A 103 -9.01 4.10 5.26
N LEU A 104 -8.19 4.56 4.32
CA LEU A 104 -8.60 5.65 3.44
C LEU A 104 -10.09 5.56 3.11
N PRO A 105 -10.74 6.72 2.98
CA PRO A 105 -12.17 6.80 2.67
C PRO A 105 -12.47 6.36 1.25
N ASP A 106 -11.46 6.35 0.39
CA ASP A 106 -11.62 5.95 -0.99
C ASP A 106 -10.43 5.11 -1.46
N PRO A 107 -10.67 4.25 -2.46
CA PRO A 107 -9.64 3.37 -3.01
C PRO A 107 -8.58 4.13 -3.80
N LEU A 108 -7.32 3.90 -3.46
CA LEU A 108 -6.21 4.56 -4.14
C LEU A 108 -6.52 4.79 -5.61
N ILE A 109 -7.17 3.80 -6.23
CA ILE A 109 -7.54 3.90 -7.64
C ILE A 109 -8.99 4.32 -7.81
N PRO A 110 -9.20 5.45 -8.50
CA PRO A 110 -10.54 5.99 -8.75
C PRO A 110 -11.35 5.13 -9.71
N TYR A 111 -12.65 5.04 -9.47
CA TYR A 111 -13.53 4.24 -10.32
C TYR A 111 -13.49 4.74 -11.76
N SER A 112 -13.27 6.03 -11.93
CA SER A 112 -13.21 6.64 -13.25
C SER A 112 -12.07 6.04 -14.08
N LEU A 113 -11.15 5.36 -13.40
CA LEU A 113 -10.02 4.73 -14.07
C LEU A 113 -10.02 3.22 -13.84
N HIS A 114 -11.21 2.64 -13.68
CA HIS A 114 -11.36 1.22 -13.45
C HIS A 114 -11.16 0.44 -14.75
N PRO A 115 -12.06 0.67 -15.72
CA PRO A 115 -12.02 0.00 -17.02
C PRO A 115 -10.84 0.48 -17.87
N GLU A 116 -10.32 1.66 -17.54
CA GLU A 116 -9.19 2.22 -18.28
C GLU A 116 -7.91 1.44 -18.00
N LEU A 117 -7.79 0.94 -16.77
CA LEU A 117 -6.61 0.17 -16.38
C LEU A 117 -6.62 -1.22 -17.02
N LEU A 118 -7.81 -1.79 -17.12
CA LEU A 118 -7.97 -3.13 -17.71
C LEU A 118 -7.90 -3.06 -19.23
N GLU A 119 -8.72 -2.19 -19.82
CA GLU A 119 -8.76 -2.03 -21.27
C GLU A 119 -7.34 -1.98 -21.84
N ALA A 120 -6.41 -1.43 -21.05
CA ALA A 120 -5.03 -1.31 -21.48
C ALA A 120 -4.24 -2.59 -21.15
N ALA A 121 -4.63 -3.24 -20.06
CA ALA A 121 -3.96 -4.47 -19.64
C ALA A 121 -4.30 -5.62 -20.58
N LYS A 122 -5.40 -5.48 -21.32
CA LYS A 122 -5.83 -6.51 -22.26
C LYS A 122 -5.27 -6.25 -23.66
N ILE A 123 -4.14 -5.56 -23.71
CA ILE A 123 -3.50 -5.24 -24.98
C ILE A 123 -2.47 -6.30 -25.36
N PRO A 124 -2.55 -6.81 -26.60
CA PRO A 124 -1.64 -7.84 -27.10
C PRO A 124 -0.24 -7.30 -27.32
N ASP A 125 -0.14 -6.12 -27.92
CA ASP A 125 1.15 -5.49 -28.19
C ASP A 125 1.80 -5.03 -26.89
N LYS A 126 2.72 -5.84 -26.38
CA LYS A 126 3.42 -5.52 -25.14
C LYS A 126 3.72 -4.03 -25.06
N THR A 127 4.44 -3.51 -26.05
CA THR A 127 4.80 -2.11 -26.09
C THR A 127 3.59 -1.22 -25.79
N GLU A 128 2.47 -1.51 -26.46
CA GLU A 128 1.25 -0.75 -26.25
C GLU A 128 0.73 -0.91 -24.83
N ARG A 129 0.66 -2.15 -24.37
CA ARG A 129 0.17 -2.44 -23.02
C ARG A 129 0.82 -1.51 -22.00
N LEU A 130 2.15 -1.52 -21.96
CA LEU A 130 2.88 -0.67 -21.02
C LEU A 130 2.64 0.81 -21.33
N HIS A 131 3.14 1.25 -22.48
CA HIS A 131 2.98 2.65 -22.89
C HIS A 131 1.63 3.20 -22.42
N ALA A 132 0.60 2.38 -22.52
CA ALA A 132 -0.74 2.80 -22.10
C ALA A 132 -0.78 3.13 -20.62
N LEU A 133 -0.50 2.13 -19.78
CA LEU A 133 -0.50 2.32 -18.34
C LEU A 133 0.38 3.51 -17.94
N LYS A 134 1.41 3.77 -18.74
CA LYS A 134 2.32 4.87 -18.47
C LYS A 134 1.61 6.21 -18.63
N GLU A 135 0.64 6.26 -19.54
CA GLU A 135 -0.11 7.48 -19.79
C GLU A 135 -1.33 7.57 -18.86
N ILE A 136 -2.07 6.47 -18.78
CA ILE A 136 -3.25 6.41 -17.92
C ILE A 136 -2.90 6.73 -16.47
N VAL A 137 -1.66 6.47 -16.10
CA VAL A 137 -1.19 6.72 -14.74
C VAL A 137 -1.05 8.22 -14.48
N LYS A 138 -1.15 9.01 -15.55
CA LYS A 138 -1.03 10.46 -15.43
C LYS A 138 -2.31 11.06 -14.86
N LYS A 139 -3.45 10.47 -15.22
CA LYS A 139 -4.74 10.95 -14.75
C LYS A 139 -4.85 10.80 -13.23
N PHE A 140 -4.23 9.75 -12.69
CA PHE A 140 -4.26 9.50 -11.26
C PHE A 140 -4.10 10.80 -10.47
N HIS A 141 -4.99 11.02 -9.51
CA HIS A 141 -4.95 12.23 -8.70
C HIS A 141 -3.52 12.68 -8.45
N PRO A 142 -3.29 14.00 -8.48
CA PRO A 142 -1.96 14.58 -8.26
C PRO A 142 -1.49 14.42 -6.82
N VAL A 143 -2.41 14.07 -5.94
CA VAL A 143 -2.08 13.88 -4.53
C VAL A 143 -1.85 12.41 -4.21
N ASN A 144 -2.61 11.54 -4.85
CA ASN A 144 -2.49 10.11 -4.64
C ASN A 144 -1.42 9.51 -5.54
N TYR A 145 -1.35 9.98 -6.78
CA TYR A 145 -0.38 9.49 -7.74
C TYR A 145 1.02 9.44 -7.11
N ASP A 146 1.41 10.53 -6.46
CA ASP A 146 2.71 10.61 -5.81
C ASP A 146 2.93 9.43 -4.87
N VAL A 147 1.89 9.07 -4.12
CA VAL A 147 1.97 7.96 -3.19
C VAL A 147 2.05 6.63 -3.92
N PHE A 148 1.05 6.35 -4.75
CA PHE A 148 1.00 5.11 -5.51
C PHE A 148 2.34 4.85 -6.20
N ARG A 149 2.88 5.88 -6.84
CA ARG A 149 4.15 5.77 -7.54
C ARG A 149 5.28 5.42 -6.58
N TYR A 150 5.38 6.20 -5.50
CA TYR A 150 6.41 5.97 -4.50
C TYR A 150 6.39 4.54 -3.99
N VAL A 151 5.20 4.06 -3.65
CA VAL A 151 5.03 2.69 -3.16
C VAL A 151 5.62 1.68 -4.14
N ILE A 152 5.13 1.69 -5.37
CA ILE A 152 5.61 0.78 -6.40
C ILE A 152 7.12 0.73 -6.43
N THR A 153 7.75 1.92 -6.52
CA THR A 153 9.20 2.02 -6.56
C THR A 153 9.84 1.05 -5.57
N HIS A 154 9.21 0.90 -4.41
CA HIS A 154 9.73 0.00 -3.38
C HIS A 154 9.34 -1.45 -3.68
N LEU A 155 8.16 -1.63 -4.25
CA LEU A 155 7.68 -2.97 -4.58
C LEU A 155 8.64 -3.68 -5.52
N ASN A 156 9.14 -2.95 -6.52
CA ASN A 156 10.08 -3.51 -7.49
C ASN A 156 11.25 -4.17 -6.79
N ARG A 157 11.79 -3.49 -5.78
CA ARG A 157 12.93 -4.02 -5.02
C ARG A 157 12.61 -5.40 -4.46
N VAL A 158 11.41 -5.56 -3.92
CA VAL A 158 10.98 -6.83 -3.35
C VAL A 158 10.93 -7.92 -4.41
N SER A 159 10.41 -7.57 -5.59
CA SER A 159 10.29 -8.52 -6.68
C SER A 159 11.67 -8.90 -7.22
N GLN A 160 12.63 -8.00 -7.06
CA GLN A 160 13.99 -8.24 -7.52
C GLN A 160 14.67 -9.31 -6.67
N GLN A 161 14.44 -9.25 -5.36
CA GLN A 161 15.03 -10.21 -4.44
C GLN A 161 14.02 -11.27 -4.02
N HIS A 162 13.35 -11.87 -5.01
CA HIS A 162 12.35 -12.90 -4.75
C HIS A 162 13.01 -14.24 -4.49
N LYS A 163 14.10 -14.22 -3.72
CA LYS A 163 14.83 -15.45 -3.40
C LYS A 163 14.92 -15.64 -1.88
N ILE A 164 15.22 -14.55 -1.17
CA ILE A 164 15.32 -14.60 0.28
C ILE A 164 13.97 -14.37 0.94
N ASN A 165 13.21 -13.42 0.40
CA ASN A 165 11.89 -13.10 0.94
C ASN A 165 10.80 -13.91 0.23
N LEU A 166 11.10 -14.34 -0.99
CA LEU A 166 10.15 -15.11 -1.78
C LEU A 166 8.90 -14.29 -2.10
N MET A 167 9.12 -13.06 -2.58
CA MET A 167 8.02 -12.18 -2.93
C MET A 167 8.24 -11.56 -4.30
N THR A 168 7.62 -12.15 -5.33
CA THR A 168 7.75 -11.66 -6.69
C THR A 168 6.74 -10.55 -6.98
N ALA A 169 6.93 -9.86 -8.10
CA ALA A 169 6.03 -8.78 -8.48
C ALA A 169 4.57 -9.24 -8.47
N ASP A 170 4.34 -10.45 -8.96
CA ASP A 170 3.00 -11.01 -9.01
C ASP A 170 2.42 -11.15 -7.61
N ASN A 171 3.13 -11.87 -6.75
CA ASN A 171 2.69 -12.08 -5.37
C ASN A 171 2.32 -10.75 -4.71
N LEU A 172 3.16 -9.74 -4.93
CA LEU A 172 2.92 -8.42 -4.36
C LEU A 172 1.62 -7.82 -4.89
N SER A 173 1.40 -7.95 -6.19
CA SER A 173 0.20 -7.41 -6.82
C SER A 173 -1.06 -8.00 -6.19
N ILE A 174 -1.05 -9.32 -6.01
CA ILE A 174 -2.19 -10.01 -5.41
C ILE A 174 -2.28 -9.72 -3.92
N CYS A 175 -1.13 -9.59 -3.27
CA CYS A 175 -1.08 -9.32 -1.84
C CYS A 175 -1.59 -7.92 -1.53
N PHE A 176 -1.48 -7.02 -2.52
CA PHE A 176 -1.92 -5.64 -2.36
C PHE A 176 -3.27 -5.43 -3.03
N TRP A 177 -3.74 -6.45 -3.74
CA TRP A 177 -5.02 -6.37 -4.44
C TRP A 177 -6.14 -5.99 -3.48
N PRO A 178 -6.16 -6.65 -2.30
CA PRO A 178 -7.18 -6.38 -1.27
C PRO A 178 -7.36 -4.89 -1.01
N THR A 179 -6.26 -4.20 -0.78
CA THR A 179 -6.30 -2.77 -0.50
C THR A 179 -6.40 -1.97 -1.79
N LEU A 180 -5.35 -2.03 -2.61
CA LEU A 180 -5.32 -1.32 -3.88
C LEU A 180 -6.71 -1.23 -4.49
N MET A 181 -7.32 -2.39 -4.75
CA MET A 181 -8.65 -2.45 -5.33
C MET A 181 -9.64 -3.06 -4.35
N ARG A 182 -10.62 -2.27 -3.94
CA ARG A 182 -11.64 -2.73 -3.00
C ARG A 182 -12.34 -3.98 -3.54
N PRO A 183 -12.43 -5.01 -2.68
CA PRO A 183 -13.08 -6.28 -3.05
C PRO A 183 -14.59 -6.14 -3.19
N ASP A 184 -15.08 -6.40 -4.40
CA ASP A 184 -16.51 -6.31 -4.68
C ASP A 184 -17.15 -7.68 -4.72
N PHE A 185 -18.48 -7.71 -4.75
CA PHE A 185 -19.22 -8.98 -4.79
C PHE A 185 -19.57 -9.36 -6.23
N GLU A 186 -18.61 -9.17 -7.13
CA GLU A 186 -18.83 -9.49 -8.54
C GLU A 186 -17.69 -10.35 -9.07
N ASN A 187 -18.03 -11.52 -9.61
CA ASN A 187 -17.04 -12.43 -10.17
C ASN A 187 -17.42 -12.87 -11.57
N ARG A 188 -16.44 -12.91 -12.47
CA ARG A 188 -16.68 -13.31 -13.85
C ARG A 188 -15.96 -14.63 -14.16
N GLU A 189 -16.38 -15.28 -15.24
CA GLU A 189 -15.78 -16.55 -15.65
C GLU A 189 -15.61 -16.60 -17.16
N PHE A 190 -14.38 -16.84 -17.60
CA PHE A 190 -14.08 -16.92 -19.03
C PHE A 190 -13.25 -18.16 -19.34
N LEU A 191 -13.76 -18.99 -20.24
CA LEU A 191 -13.06 -20.21 -20.63
C LEU A 191 -11.55 -20.01 -20.65
N SER A 192 -11.12 -18.92 -21.26
CA SER A 192 -9.70 -18.60 -21.35
C SER A 192 -9.21 -17.90 -20.08
N THR A 193 -7.95 -18.13 -19.74
CA THR A 193 -7.37 -17.53 -18.54
C THR A 193 -7.34 -16.00 -18.65
N THR A 194 -8.01 -15.34 -17.72
CA THR A 194 -8.08 -13.88 -17.71
C THR A 194 -6.80 -13.29 -17.12
N LYS A 195 -6.58 -13.49 -15.83
CA LYS A 195 -5.40 -12.98 -15.16
C LYS A 195 -5.11 -11.54 -15.58
N ILE A 196 -6.17 -10.79 -15.84
CA ILE A 196 -6.03 -9.40 -16.25
C ILE A 196 -5.89 -8.48 -15.04
N HIS A 197 -6.90 -8.48 -14.18
CA HIS A 197 -6.89 -7.65 -12.98
C HIS A 197 -5.51 -7.64 -12.34
N GLN A 198 -4.95 -8.83 -12.11
CA GLN A 198 -3.64 -8.95 -11.51
C GLN A 198 -2.57 -8.31 -12.39
N SER A 199 -2.51 -8.73 -13.64
CA SER A 199 -1.53 -8.21 -14.58
C SER A 199 -1.46 -6.69 -14.50
N VAL A 200 -2.63 -6.06 -14.33
CA VAL A 200 -2.71 -4.61 -14.24
C VAL A 200 -1.63 -4.06 -13.31
N VAL A 201 -1.77 -4.31 -12.02
CA VAL A 201 -0.81 -3.84 -11.03
C VAL A 201 0.55 -4.50 -11.23
N GLU A 202 0.57 -5.83 -11.12
CA GLU A 202 1.81 -6.58 -11.29
C GLU A 202 2.71 -5.93 -12.34
N THR A 203 2.12 -5.54 -13.47
CA THR A 203 2.85 -4.91 -14.54
C THR A 203 3.51 -3.61 -14.07
N PHE A 204 2.69 -2.67 -13.60
CA PHE A 204 3.19 -1.39 -13.12
C PHE A 204 4.55 -1.56 -12.44
N ILE A 205 4.61 -2.45 -11.47
CA ILE A 205 5.84 -2.71 -10.73
C ILE A 205 6.92 -3.25 -11.66
N GLN A 206 6.61 -4.34 -12.34
CA GLN A 206 7.56 -4.96 -13.27
C GLN A 206 8.21 -3.92 -14.17
N GLN A 207 7.39 -3.14 -14.86
CA GLN A 207 7.88 -2.09 -15.75
C GLN A 207 7.84 -0.73 -15.08
N CYS A 208 7.93 -0.73 -13.75
CA CYS A 208 7.89 0.51 -12.99
C CYS A 208 9.06 1.42 -13.36
N GLN A 209 10.04 0.84 -14.05
CA GLN A 209 11.22 1.60 -14.46
C GLN A 209 11.05 2.12 -15.89
N PHE A 210 10.84 1.20 -16.82
CA PHE A 210 10.66 1.57 -18.22
C PHE A 210 9.84 2.84 -18.36
N PHE A 211 8.94 3.06 -17.41
CA PHE A 211 8.08 4.25 -17.42
C PHE A 211 8.93 5.51 -17.54
N PHE A 212 9.78 5.75 -16.55
CA PHE A 212 10.63 6.93 -16.55
C PHE A 212 12.09 6.55 -16.32
N TYR A 213 12.30 5.43 -15.64
CA TYR A 213 13.64 4.95 -15.35
C TYR A 213 14.22 4.17 -16.53
N ASN A 214 13.79 4.54 -17.74
CA ASN A 214 14.26 3.88 -18.95
C ASN A 214 14.51 2.40 -18.70
N GLY A 215 13.71 1.82 -17.82
CA GLY A 215 13.86 0.41 -17.50
C GLY A 215 13.74 -0.48 -18.73
N GLU A 216 14.50 -1.58 -18.75
CA GLU A 216 14.48 -2.50 -19.87
C GLU A 216 13.32 -3.49 -19.74
N ILE A 217 12.59 -3.69 -20.83
CA ILE A 217 11.46 -4.60 -20.84
C ILE A 217 11.84 -5.95 -20.22
N VAL A 218 11.10 -6.35 -19.19
CA VAL A 218 11.37 -7.62 -18.52
C VAL A 218 10.23 -8.61 -18.76
N GLU A 219 10.48 -9.88 -18.44
CA GLU A 219 9.49 -10.92 -18.62
C GLU A 219 9.10 -11.55 -17.29
N GLY A 1 8.78 29.55 57.48
CA GLY A 1 8.00 28.88 56.47
C GLY A 1 8.62 29.00 55.09
N SER A 2 8.25 30.05 54.36
CA SER A 2 8.79 30.27 53.02
C SER A 2 8.60 29.03 52.15
N SER A 3 7.40 28.44 52.22
CA SER A 3 7.10 27.24 51.45
C SER A 3 5.82 27.43 50.65
N GLY A 4 5.71 26.69 49.54
CA GLY A 4 4.53 26.79 48.70
C GLY A 4 4.58 25.86 47.50
N SER A 5 3.42 25.52 46.97
CA SER A 5 3.35 24.61 45.82
C SER A 5 2.07 24.86 45.03
N SER A 6 2.15 24.67 43.71
CA SER A 6 1.00 24.87 42.84
C SER A 6 0.56 23.55 42.20
N GLY A 7 1.45 22.95 41.44
CA GLY A 7 1.13 21.68 40.78
C GLY A 7 0.61 21.87 39.38
N LYS A 8 0.72 20.84 38.55
CA LYS A 8 0.26 20.89 37.17
C LYS A 8 -0.48 19.61 36.80
N ASN A 9 -1.18 19.64 35.67
CA ASN A 9 -1.92 18.49 35.19
C ASN A 9 -1.77 18.31 33.69
N PHE A 10 -2.35 17.24 33.15
CA PHE A 10 -2.28 16.97 31.71
C PHE A 10 -3.65 16.59 31.17
N ASN A 11 -3.73 16.42 29.85
CA ASN A 11 -4.98 16.06 29.20
C ASN A 11 -5.14 14.53 29.14
N PRO A 12 -6.24 14.04 29.73
CA PRO A 12 -6.54 12.61 29.76
C PRO A 12 -6.91 12.06 28.37
N PRO A 13 -6.61 10.77 28.15
CA PRO A 13 -6.90 10.11 26.88
C PRO A 13 -8.40 9.91 26.65
N THR A 14 -8.74 9.26 25.54
CA THR A 14 -10.14 9.01 25.21
C THR A 14 -10.51 7.56 25.47
N ARG A 15 -11.78 7.33 25.79
CA ARG A 15 -12.27 5.98 26.07
C ARG A 15 -12.64 5.26 24.78
N ARG A 16 -11.99 5.63 23.69
CA ARG A 16 -12.25 5.03 22.39
C ARG A 16 -11.04 4.23 21.92
N ASN A 17 -11.28 3.31 20.97
CA ASN A 17 -10.21 2.48 20.43
C ASN A 17 -9.41 3.24 19.37
N TRP A 18 -10.12 3.95 18.51
CA TRP A 18 -9.48 4.72 17.45
C TRP A 18 -10.04 6.14 17.39
N GLU A 19 -9.15 7.12 17.46
CA GLU A 19 -9.55 8.53 17.42
C GLU A 19 -8.48 9.38 16.75
N SER A 20 -8.88 10.14 15.73
CA SER A 20 -7.94 11.00 15.02
C SER A 20 -8.69 11.87 14.02
N ASN A 21 -7.95 12.77 13.35
CA ASN A 21 -8.54 13.68 12.38
C ASN A 21 -8.36 13.14 10.96
N TYR A 22 -7.35 12.29 10.78
CA TYR A 22 -7.07 11.70 9.48
C TYR A 22 -8.26 10.89 8.97
N PHE A 23 -8.76 10.01 9.82
CA PHE A 23 -9.91 9.17 9.47
C PHE A 23 -11.10 10.03 9.06
N GLY A 24 -11.61 9.80 7.85
CA GLY A 24 -12.75 10.56 7.36
C GLY A 24 -12.35 11.64 6.38
N MET A 25 -11.26 12.34 6.68
CA MET A 25 -10.77 13.41 5.82
C MET A 25 -9.91 12.84 4.69
N PRO A 26 -9.99 13.47 3.51
CA PRO A 26 -9.22 13.05 2.33
C PRO A 26 -7.73 13.32 2.49
N LEU A 27 -6.91 12.46 1.89
CA LEU A 27 -5.47 12.61 1.96
C LEU A 27 -5.03 13.98 1.45
N GLN A 28 -5.49 14.33 0.26
CA GLN A 28 -5.15 15.63 -0.34
C GLN A 28 -5.29 16.75 0.69
N ASP A 29 -6.21 16.57 1.63
CA ASP A 29 -6.44 17.57 2.66
C ASP A 29 -5.42 17.44 3.78
N LEU A 30 -5.18 16.20 4.22
CA LEU A 30 -4.22 15.93 5.29
C LEU A 30 -2.82 16.39 4.90
N VAL A 31 -2.43 16.07 3.68
CA VAL A 31 -1.11 16.45 3.17
C VAL A 31 -1.11 17.88 2.65
N THR A 32 0.08 18.44 2.46
CA THR A 32 0.22 19.80 1.96
C THR A 32 0.86 19.82 0.59
N ALA A 33 0.76 20.96 -0.10
CA ALA A 33 1.34 21.11 -1.43
C ALA A 33 2.82 20.72 -1.43
N GLU A 34 3.57 21.27 -0.48
CA GLU A 34 4.99 20.98 -0.38
C GLU A 34 5.24 19.48 -0.36
N LYS A 35 4.58 18.79 0.57
CA LYS A 35 4.72 17.35 0.70
C LYS A 35 3.39 16.65 0.49
N PRO A 36 3.16 16.17 -0.73
CA PRO A 36 1.92 15.46 -1.09
C PRO A 36 1.83 14.09 -0.43
N ILE A 37 2.96 13.41 -0.32
CA ILE A 37 3.01 12.10 0.30
C ILE A 37 3.14 12.19 1.82
N PRO A 38 2.33 11.40 2.53
CA PRO A 38 2.34 11.37 4.00
C PRO A 38 3.61 10.76 4.56
N LEU A 39 4.00 11.21 5.75
CA LEU A 39 5.21 10.71 6.40
C LEU A 39 5.03 9.25 6.83
N PHE A 40 3.90 8.97 7.47
CA PHE A 40 3.60 7.62 7.94
C PHE A 40 4.02 6.58 6.90
N VAL A 41 3.46 6.70 5.70
CA VAL A 41 3.78 5.77 4.62
C VAL A 41 5.28 5.71 4.37
N GLU A 42 5.85 6.85 3.97
CA GLU A 42 7.28 6.93 3.69
C GLU A 42 8.08 6.24 4.80
N LYS A 43 7.97 6.76 6.01
CA LYS A 43 8.69 6.20 7.15
C LYS A 43 8.47 4.70 7.25
N CYS A 44 7.25 4.26 6.93
CA CYS A 44 6.91 2.84 6.98
C CYS A 44 7.62 2.07 5.87
N VAL A 45 7.84 2.74 4.74
CA VAL A 45 8.51 2.12 3.61
C VAL A 45 10.02 2.08 3.81
N GLU A 46 10.62 3.25 3.96
CA GLU A 46 12.06 3.35 4.16
C GLU A 46 12.51 2.44 5.29
N PHE A 47 11.72 2.41 6.36
CA PHE A 47 12.04 1.58 7.52
C PHE A 47 12.35 0.15 7.11
N ILE A 48 11.56 -0.37 6.16
CA ILE A 48 11.74 -1.72 5.67
C ILE A 48 13.13 -1.91 5.07
N GLU A 49 13.40 -1.19 3.98
CA GLU A 49 14.68 -1.27 3.31
C GLU A 49 15.83 -1.00 4.29
N ASP A 50 15.58 -0.12 5.25
CA ASP A 50 16.59 0.23 6.25
C ASP A 50 16.73 -0.90 7.28
N THR A 51 15.69 -1.69 7.44
CA THR A 51 15.70 -2.79 8.39
C THR A 51 15.78 -4.14 7.68
N GLY A 52 16.40 -4.13 6.51
CA GLY A 52 16.53 -5.36 5.74
C GLY A 52 15.36 -5.60 4.80
N LEU A 53 15.66 -5.97 3.57
CA LEU A 53 14.61 -6.22 2.58
C LEU A 53 14.54 -7.71 2.24
N CYS A 54 15.52 -8.48 2.71
CA CYS A 54 15.55 -9.91 2.46
C CYS A 54 14.85 -10.68 3.59
N THR A 55 13.73 -10.14 4.06
CA THR A 55 12.98 -10.76 5.14
C THR A 55 11.90 -11.69 4.58
N GLU A 56 12.06 -12.99 4.83
CA GLU A 56 11.10 -13.98 4.36
C GLU A 56 9.69 -13.41 4.36
N GLY A 57 9.06 -13.41 3.20
CA GLY A 57 7.71 -12.88 3.08
C GLY A 57 7.45 -11.72 4.01
N LEU A 58 8.08 -10.59 3.74
CA LEU A 58 7.92 -9.40 4.56
C LEU A 58 6.50 -8.86 4.47
N TYR A 59 5.72 -9.40 3.54
CA TYR A 59 4.34 -8.98 3.34
C TYR A 59 3.39 -10.15 3.49
N ARG A 60 3.81 -11.32 3.00
CA ARG A 60 2.98 -12.52 3.08
C ARG A 60 2.96 -13.08 4.49
N VAL A 61 4.11 -13.04 5.16
CA VAL A 61 4.22 -13.54 6.53
C VAL A 61 4.52 -12.40 7.50
N SER A 62 3.85 -12.42 8.64
CA SER A 62 4.03 -11.39 9.66
C SER A 62 4.22 -12.03 11.04
N GLY A 63 3.45 -13.05 11.33
CA GLY A 63 3.55 -13.73 12.61
C GLY A 63 2.51 -13.24 13.60
N ASN A 64 2.70 -12.02 14.10
CA ASN A 64 1.78 -11.43 15.06
C ASN A 64 1.12 -10.18 14.50
N LYS A 65 0.06 -9.73 15.15
CA LYS A 65 -0.67 -8.54 14.71
C LYS A 65 -0.43 -7.38 15.68
N THR A 66 -0.39 -7.68 16.97
CA THR A 66 -0.18 -6.66 17.99
C THR A 66 0.83 -5.63 17.53
N ASP A 67 2.01 -6.10 17.11
CA ASP A 67 3.06 -5.21 16.65
C ASP A 67 2.48 -4.03 15.90
N GLN A 68 1.75 -4.31 14.83
CA GLN A 68 1.13 -3.26 14.02
C GLN A 68 0.31 -2.31 14.89
N ASP A 69 -0.37 -2.87 15.88
CA ASP A 69 -1.19 -2.08 16.79
C ASP A 69 -0.43 -0.86 17.29
N ASN A 70 0.73 -1.11 17.91
CA ASN A 70 1.56 -0.04 18.44
C ASN A 70 2.16 0.79 17.30
N ILE A 71 2.52 0.13 16.21
CA ILE A 71 3.11 0.80 15.06
C ILE A 71 2.26 2.00 14.63
N GLN A 72 0.95 1.82 14.62
CA GLN A 72 0.03 2.88 14.24
C GLN A 72 -0.25 3.81 15.41
N LYS A 73 -0.68 3.24 16.53
CA LYS A 73 -0.98 4.02 17.72
C LYS A 73 0.22 4.88 18.13
N GLN A 74 1.33 4.23 18.46
CA GLN A 74 2.54 4.94 18.87
C GLN A 74 2.82 6.10 17.93
N PHE A 75 2.73 5.85 16.62
CA PHE A 75 2.97 6.88 15.62
C PHE A 75 1.97 8.02 15.75
N ASP A 76 0.76 7.69 16.20
CA ASP A 76 -0.29 8.69 16.37
C ASP A 76 -0.01 9.56 17.58
N GLN A 77 0.31 8.92 18.70
CA GLN A 77 0.60 9.64 19.94
C GLN A 77 1.94 10.37 19.85
N ASP A 78 2.86 9.82 19.07
CA ASP A 78 4.18 10.41 18.90
C ASP A 78 4.58 10.42 17.42
N HIS A 79 4.29 11.52 16.75
CA HIS A 79 4.62 11.67 15.34
C HIS A 79 6.11 11.54 15.11
N ASN A 80 6.90 11.95 16.11
CA ASN A 80 8.35 11.89 16.02
C ASN A 80 8.87 10.53 16.50
N ILE A 81 8.12 9.47 16.17
CA ILE A 81 8.50 8.13 16.57
C ILE A 81 9.63 7.60 15.69
N ASN A 82 10.41 6.68 16.24
CA ASN A 82 11.53 6.08 15.51
C ASN A 82 11.41 4.56 15.48
N LEU A 83 10.64 4.04 14.54
CA LEU A 83 10.44 2.60 14.42
C LEU A 83 11.72 1.84 14.79
N VAL A 84 12.84 2.29 14.23
CA VAL A 84 14.13 1.67 14.50
C VAL A 84 14.31 1.41 15.99
N SER A 85 14.17 2.47 16.79
CA SER A 85 14.32 2.37 18.24
C SER A 85 13.45 1.26 18.79
N MET A 86 12.22 1.17 18.29
CA MET A 86 11.27 0.16 18.75
C MET A 86 11.82 -1.24 18.47
N GLU A 87 12.50 -1.39 17.35
CA GLU A 87 13.07 -2.69 16.96
C GLU A 87 11.98 -3.74 16.83
N VAL A 88 10.89 -3.38 16.17
CA VAL A 88 9.77 -4.29 15.97
C VAL A 88 9.96 -5.13 14.72
N THR A 89 9.23 -6.24 14.64
CA THR A 89 9.32 -7.13 13.48
C THR A 89 9.03 -6.38 12.19
N VAL A 90 10.01 -6.34 11.30
CA VAL A 90 9.86 -5.66 10.02
C VAL A 90 8.49 -5.93 9.41
N ASN A 91 8.16 -7.22 9.26
CA ASN A 91 6.88 -7.62 8.69
C ASN A 91 5.74 -6.77 9.26
N ALA A 92 5.86 -6.41 10.53
CA ALA A 92 4.84 -5.60 11.20
C ALA A 92 4.59 -4.31 10.44
N VAL A 93 5.64 -3.51 10.28
CA VAL A 93 5.53 -2.24 9.56
C VAL A 93 4.85 -2.43 8.21
N ALA A 94 5.34 -3.38 7.43
CA ALA A 94 4.79 -3.66 6.11
C ALA A 94 3.27 -3.78 6.18
N GLY A 95 2.78 -4.52 7.18
CA GLY A 95 1.34 -4.70 7.33
C GLY A 95 0.63 -3.41 7.68
N ALA A 96 1.07 -2.76 8.76
CA ALA A 96 0.46 -1.51 9.20
C ALA A 96 0.42 -0.50 8.06
N LEU A 97 1.49 -0.45 7.28
CA LEU A 97 1.57 0.48 6.16
C LEU A 97 0.31 0.41 5.30
N LYS A 98 -0.20 -0.81 5.10
CA LYS A 98 -1.40 -1.01 4.30
C LYS A 98 -2.64 -0.58 5.07
N ALA A 99 -2.72 -1.00 6.33
CA ALA A 99 -3.86 -0.64 7.17
C ALA A 99 -4.25 0.81 7.00
N PHE A 100 -3.26 1.67 6.76
CA PHE A 100 -3.50 3.09 6.57
C PHE A 100 -4.24 3.35 5.26
N PHE A 101 -3.77 2.74 4.19
CA PHE A 101 -4.38 2.90 2.88
C PHE A 101 -5.85 2.50 2.92
N ALA A 102 -6.15 1.42 3.61
CA ALA A 102 -7.52 0.93 3.73
C ALA A 102 -8.39 1.91 4.51
N ASP A 103 -7.80 2.54 5.52
CA ASP A 103 -8.52 3.51 6.35
C ASP A 103 -9.03 4.66 5.50
N LEU A 104 -8.25 5.04 4.49
CA LEU A 104 -8.62 6.14 3.61
C LEU A 104 -10.11 6.11 3.29
N PRO A 105 -10.71 7.30 3.16
CA PRO A 105 -12.14 7.43 2.85
C PRO A 105 -12.48 7.00 1.44
N ASP A 106 -11.51 7.14 0.53
CA ASP A 106 -11.70 6.76 -0.85
C ASP A 106 -10.55 5.88 -1.35
N PRO A 107 -10.83 5.05 -2.36
CA PRO A 107 -9.85 4.14 -2.93
C PRO A 107 -8.76 4.88 -3.72
N LEU A 108 -7.54 4.38 -3.64
CA LEU A 108 -6.41 4.99 -4.33
C LEU A 108 -6.77 5.28 -5.79
N ILE A 109 -7.13 4.24 -6.52
CA ILE A 109 -7.50 4.38 -7.93
C ILE A 109 -8.95 4.81 -8.07
N PRO A 110 -9.19 5.84 -8.89
CA PRO A 110 -10.53 6.38 -9.15
C PRO A 110 -11.40 5.42 -9.95
N TYR A 111 -12.71 5.63 -9.90
CA TYR A 111 -13.64 4.78 -10.63
C TYR A 111 -13.70 5.16 -12.11
N SER A 112 -13.38 6.42 -12.40
CA SER A 112 -13.40 6.92 -13.77
C SER A 112 -12.26 6.30 -14.59
N LEU A 113 -11.29 5.73 -13.88
CA LEU A 113 -10.14 5.10 -14.54
C LEU A 113 -10.01 3.64 -14.13
N HIS A 114 -11.15 3.00 -13.86
CA HIS A 114 -11.16 1.61 -13.45
C HIS A 114 -10.89 0.69 -14.65
N PRO A 115 -11.78 0.75 -15.65
CA PRO A 115 -11.65 -0.07 -16.86
C PRO A 115 -10.48 0.37 -17.74
N GLU A 116 -9.91 1.53 -17.42
CA GLU A 116 -8.78 2.05 -18.17
C GLU A 116 -7.54 1.19 -17.99
N LEU A 117 -7.28 0.79 -16.75
CA LEU A 117 -6.13 -0.03 -16.44
C LEU A 117 -6.27 -1.43 -17.04
N LEU A 118 -7.51 -1.92 -17.07
CA LEU A 118 -7.79 -3.24 -17.63
C LEU A 118 -7.78 -3.20 -19.16
N GLU A 119 -8.64 -2.37 -19.72
CA GLU A 119 -8.73 -2.23 -21.18
C GLU A 119 -7.35 -2.20 -21.81
N ALA A 120 -6.39 -1.66 -21.07
CA ALA A 120 -5.01 -1.57 -21.55
C ALA A 120 -4.22 -2.83 -21.22
N ALA A 121 -4.56 -3.45 -20.09
CA ALA A 121 -3.89 -4.67 -19.66
C ALA A 121 -4.22 -5.84 -20.59
N LYS A 122 -5.33 -5.73 -21.30
CA LYS A 122 -5.76 -6.78 -22.21
C LYS A 122 -5.21 -6.54 -23.61
N ILE A 123 -4.16 -5.72 -23.69
CA ILE A 123 -3.52 -5.42 -24.97
C ILE A 123 -2.49 -6.47 -25.33
N PRO A 124 -2.54 -6.94 -26.59
CA PRO A 124 -1.61 -7.96 -27.10
C PRO A 124 -0.19 -7.41 -27.26
N ASP A 125 -0.09 -6.21 -27.83
CA ASP A 125 1.21 -5.58 -28.04
C ASP A 125 1.89 -5.28 -26.71
N LYS A 126 2.76 -6.19 -26.27
CA LYS A 126 3.47 -6.02 -25.00
C LYS A 126 3.82 -4.56 -24.78
N THR A 127 4.47 -3.94 -25.76
CA THR A 127 4.86 -2.54 -25.65
C THR A 127 3.65 -1.65 -25.40
N GLU A 128 2.72 -1.66 -26.35
CA GLU A 128 1.51 -0.85 -26.23
C GLU A 128 0.90 -0.98 -24.83
N ARG A 129 0.79 -2.21 -24.36
CA ARG A 129 0.22 -2.49 -23.04
C ARG A 129 0.85 -1.57 -21.99
N LEU A 130 2.17 -1.54 -21.94
CA LEU A 130 2.89 -0.72 -20.98
C LEU A 130 2.62 0.76 -21.22
N HIS A 131 2.97 1.23 -22.42
CA HIS A 131 2.76 2.63 -22.79
C HIS A 131 1.40 3.13 -22.29
N ALA A 132 0.34 2.40 -22.65
CA ALA A 132 -1.00 2.77 -22.25
C ALA A 132 -1.08 2.95 -20.73
N LEU A 133 -0.58 1.98 -19.99
CA LEU A 133 -0.60 2.03 -18.54
C LEU A 133 0.27 3.19 -18.02
N LYS A 134 1.29 3.54 -18.80
CA LYS A 134 2.20 4.63 -18.43
C LYS A 134 1.51 5.98 -18.63
N GLU A 135 0.67 6.08 -19.65
CA GLU A 135 -0.03 7.31 -19.94
C GLU A 135 -1.32 7.42 -19.12
N ILE A 136 -1.93 6.27 -18.85
CA ILE A 136 -3.18 6.23 -18.08
C ILE A 136 -2.92 6.59 -16.62
N VAL A 137 -1.67 6.43 -16.19
CA VAL A 137 -1.29 6.75 -14.81
C VAL A 137 -0.90 8.21 -14.66
N LYS A 138 -0.82 8.91 -15.80
CA LYS A 138 -0.45 10.32 -15.79
C LYS A 138 -1.64 11.18 -15.37
N LYS A 139 -2.83 10.81 -15.83
CA LYS A 139 -4.05 11.54 -15.49
C LYS A 139 -4.49 11.26 -14.07
N PHE A 140 -3.90 10.22 -13.46
CA PHE A 140 -4.24 9.83 -12.09
C PHE A 140 -4.09 11.02 -11.15
N HIS A 141 -5.07 11.18 -10.27
CA HIS A 141 -5.07 12.28 -9.30
C HIS A 141 -3.64 12.60 -8.86
N PRO A 142 -3.35 13.89 -8.68
CA PRO A 142 -2.02 14.35 -8.26
C PRO A 142 -1.73 14.00 -6.81
N VAL A 143 -2.76 13.61 -6.07
CA VAL A 143 -2.60 13.24 -4.67
C VAL A 143 -2.44 11.73 -4.53
N ASN A 144 -2.97 10.98 -5.48
CA ASN A 144 -2.89 9.52 -5.46
C ASN A 144 -1.69 9.04 -6.28
N TYR A 145 -1.39 9.74 -7.35
CA TYR A 145 -0.27 9.38 -8.22
C TYR A 145 1.06 9.51 -7.47
N ASP A 146 1.30 10.69 -6.92
CA ASP A 146 2.53 10.95 -6.18
C ASP A 146 2.84 9.79 -5.23
N VAL A 147 1.83 9.34 -4.50
CA VAL A 147 1.98 8.24 -3.56
C VAL A 147 2.06 6.90 -4.28
N PHE A 148 0.97 6.54 -4.94
CA PHE A 148 0.91 5.28 -5.67
C PHE A 148 2.25 4.96 -6.33
N ARG A 149 2.87 5.99 -6.91
CA ARG A 149 4.16 5.82 -7.57
C ARG A 149 5.23 5.42 -6.58
N TYR A 150 5.38 6.20 -5.52
CA TYR A 150 6.39 5.93 -4.50
C TYR A 150 6.24 4.51 -3.96
N VAL A 151 5.03 4.15 -3.56
CA VAL A 151 4.75 2.82 -3.04
C VAL A 151 5.34 1.74 -3.93
N ILE A 152 4.96 1.75 -5.21
CA ILE A 152 5.45 0.77 -6.17
C ILE A 152 6.97 0.79 -6.23
N THR A 153 7.55 1.98 -6.36
CA THR A 153 9.00 2.11 -6.42
C THR A 153 9.69 1.23 -5.39
N HIS A 154 9.01 1.01 -4.27
CA HIS A 154 9.56 0.17 -3.20
C HIS A 154 9.26 -1.30 -3.46
N LEU A 155 8.04 -1.59 -3.88
CA LEU A 155 7.62 -2.96 -4.17
C LEU A 155 8.57 -3.61 -5.17
N ASN A 156 8.88 -2.90 -6.24
CA ASN A 156 9.77 -3.42 -7.27
C ASN A 156 11.07 -3.92 -6.65
N ARG A 157 11.67 -3.11 -5.79
CA ARG A 157 12.92 -3.48 -5.13
C ARG A 157 12.79 -4.83 -4.45
N VAL A 158 11.63 -5.08 -3.85
CA VAL A 158 11.39 -6.34 -3.16
C VAL A 158 11.39 -7.52 -4.14
N SER A 159 10.71 -7.35 -5.27
CA SER A 159 10.64 -8.40 -6.28
C SER A 159 12.03 -8.78 -6.77
N GLN A 160 12.99 -7.88 -6.57
CA GLN A 160 14.37 -8.12 -6.99
C GLN A 160 14.86 -9.45 -6.45
N GLN A 161 14.76 -9.65 -5.14
CA GLN A 161 15.20 -10.88 -4.50
C GLN A 161 14.02 -11.78 -4.18
N HIS A 162 13.03 -11.80 -5.07
CA HIS A 162 11.85 -12.62 -4.88
C HIS A 162 12.22 -14.05 -4.55
N LYS A 163 13.40 -14.48 -5.01
CA LYS A 163 13.87 -15.83 -4.75
C LYS A 163 14.25 -16.01 -3.28
N ILE A 164 14.73 -14.94 -2.67
CA ILE A 164 15.12 -14.97 -1.27
C ILE A 164 13.92 -14.78 -0.35
N ASN A 165 13.30 -13.61 -0.42
CA ASN A 165 12.14 -13.30 0.41
C ASN A 165 10.93 -14.11 -0.05
N LEU A 166 11.11 -14.89 -1.12
CA LEU A 166 10.03 -15.70 -1.65
C LEU A 166 8.81 -14.86 -1.98
N MET A 167 9.04 -13.73 -2.65
CA MET A 167 7.95 -12.83 -3.03
C MET A 167 8.23 -12.19 -4.38
N THR A 168 7.36 -12.48 -5.36
CA THR A 168 7.51 -11.93 -6.70
C THR A 168 6.56 -10.76 -6.92
N ALA A 169 6.89 -9.92 -7.90
CA ALA A 169 6.07 -8.76 -8.22
C ALA A 169 4.58 -9.12 -8.21
N ASP A 170 4.27 -10.34 -8.64
CA ASP A 170 2.89 -10.81 -8.67
C ASP A 170 2.35 -11.02 -7.25
N ASN A 171 3.11 -11.72 -6.44
CA ASN A 171 2.72 -11.99 -5.06
C ASN A 171 2.40 -10.70 -4.31
N LEU A 172 3.17 -9.65 -4.62
CA LEU A 172 2.97 -8.36 -3.98
C LEU A 172 1.70 -7.68 -4.49
N SER A 173 1.49 -7.74 -5.80
CA SER A 173 0.32 -7.13 -6.42
C SER A 173 -0.96 -7.71 -5.82
N ILE A 174 -0.94 -9.00 -5.52
CA ILE A 174 -2.11 -9.67 -4.95
C ILE A 174 -2.24 -9.37 -3.47
N CYS A 175 -1.10 -9.25 -2.78
CA CYS A 175 -1.09 -8.96 -1.36
C CYS A 175 -1.56 -7.53 -1.09
N PHE A 176 -1.52 -6.69 -2.13
CA PHE A 176 -1.93 -5.30 -2.01
C PHE A 176 -3.26 -5.07 -2.73
N TRP A 177 -3.70 -6.07 -3.48
CA TRP A 177 -4.96 -5.97 -4.23
C TRP A 177 -6.11 -5.59 -3.30
N PRO A 178 -6.19 -6.26 -2.14
CA PRO A 178 -7.24 -6.00 -1.15
C PRO A 178 -7.41 -4.52 -0.87
N THR A 179 -6.35 -3.90 -0.37
CA THR A 179 -6.37 -2.48 -0.05
C THR A 179 -6.47 -1.62 -1.30
N LEU A 180 -5.49 -1.76 -2.18
CA LEU A 180 -5.46 -1.00 -3.43
C LEU A 180 -6.88 -0.78 -3.96
N MET A 181 -7.67 -1.85 -3.99
CA MET A 181 -9.04 -1.76 -4.47
C MET A 181 -9.96 -2.66 -3.65
N ARG A 182 -11.13 -2.14 -3.30
CA ARG A 182 -12.10 -2.90 -2.52
C ARG A 182 -12.13 -4.36 -2.95
N PRO A 183 -12.64 -5.23 -2.07
CA PRO A 183 -12.73 -6.66 -2.34
C PRO A 183 -13.78 -6.99 -3.41
N ASP A 184 -13.44 -7.87 -4.33
CA ASP A 184 -14.35 -8.27 -5.39
C ASP A 184 -15.74 -8.59 -4.84
N PHE A 185 -16.73 -8.61 -5.71
CA PHE A 185 -18.11 -8.92 -5.31
C PHE A 185 -18.63 -10.15 -6.03
N GLU A 186 -18.36 -10.25 -7.32
CA GLU A 186 -18.81 -11.38 -8.11
C GLU A 186 -17.89 -11.59 -9.32
N ASN A 187 -17.63 -12.86 -9.63
CA ASN A 187 -16.76 -13.20 -10.76
C ASN A 187 -17.38 -12.73 -12.08
N ARG A 188 -16.53 -12.51 -13.07
CA ARG A 188 -16.98 -12.06 -14.38
C ARG A 188 -17.46 -13.24 -15.22
N GLU A 189 -18.54 -13.02 -15.96
CA GLU A 189 -19.10 -14.07 -16.81
C GLU A 189 -18.64 -13.91 -18.26
N PHE A 190 -19.13 -14.77 -19.13
CA PHE A 190 -18.76 -14.72 -20.55
C PHE A 190 -17.26 -14.49 -20.71
N LEU A 191 -16.48 -15.08 -19.83
CA LEU A 191 -15.02 -14.94 -19.88
C LEU A 191 -14.34 -16.14 -19.23
N SER A 192 -13.37 -16.72 -19.95
CA SER A 192 -12.64 -17.87 -19.45
C SER A 192 -11.58 -17.45 -18.43
N THR A 193 -10.69 -16.55 -18.84
CA THR A 193 -9.63 -16.06 -17.96
C THR A 193 -9.86 -14.59 -17.60
N THR A 194 -10.54 -14.36 -16.49
CA THR A 194 -10.83 -13.01 -16.03
C THR A 194 -9.87 -12.58 -14.93
N LYS A 195 -8.62 -13.05 -15.03
CA LYS A 195 -7.60 -12.73 -14.03
C LYS A 195 -6.64 -11.66 -14.56
N ILE A 196 -7.18 -10.72 -15.33
CA ILE A 196 -6.37 -9.65 -15.89
C ILE A 196 -5.97 -8.63 -14.83
N HIS A 197 -6.93 -8.27 -13.98
CA HIS A 197 -6.68 -7.30 -12.91
C HIS A 197 -5.28 -7.49 -12.34
N GLN A 198 -5.04 -8.66 -11.76
CA GLN A 198 -3.74 -8.96 -11.15
C GLN A 198 -2.61 -8.49 -12.07
N SER A 199 -2.63 -8.94 -13.31
CA SER A 199 -1.60 -8.57 -14.28
C SER A 199 -1.40 -7.06 -14.31
N VAL A 200 -2.49 -6.32 -14.17
CA VAL A 200 -2.44 -4.86 -14.18
C VAL A 200 -1.45 -4.35 -13.13
N VAL A 201 -1.83 -4.46 -11.86
CA VAL A 201 -0.98 -4.00 -10.77
C VAL A 201 0.43 -4.59 -10.88
N GLU A 202 0.51 -5.91 -10.98
CA GLU A 202 1.79 -6.59 -11.10
C GLU A 202 2.69 -5.90 -12.13
N THR A 203 2.14 -5.67 -13.32
CA THR A 203 2.89 -5.03 -14.39
C THR A 203 3.53 -3.73 -13.90
N PHE A 204 2.70 -2.78 -13.50
CA PHE A 204 3.19 -1.50 -13.01
C PHE A 204 4.50 -1.67 -12.25
N ILE A 205 4.50 -2.55 -11.26
CA ILE A 205 5.68 -2.81 -10.46
C ILE A 205 6.82 -3.36 -11.32
N GLN A 206 6.54 -4.44 -12.04
CA GLN A 206 7.53 -5.07 -12.90
C GLN A 206 8.21 -4.03 -13.79
N GLN A 207 7.40 -3.32 -14.58
CA GLN A 207 7.91 -2.30 -15.48
C GLN A 207 7.82 -0.92 -14.85
N CYS A 208 7.88 -0.88 -13.52
CA CYS A 208 7.80 0.39 -12.80
C CYS A 208 8.96 1.31 -13.17
N GLN A 209 10.03 0.71 -13.70
CA GLN A 209 11.21 1.48 -14.09
C GLN A 209 11.08 1.97 -15.53
N PHE A 210 10.77 1.05 -16.44
CA PHE A 210 10.62 1.38 -17.85
C PHE A 210 9.80 2.66 -18.02
N PHE A 211 8.78 2.82 -17.19
CA PHE A 211 7.92 3.99 -17.24
C PHE A 211 8.75 5.27 -17.29
N PHE A 212 9.51 5.52 -16.23
CA PHE A 212 10.35 6.71 -16.15
C PHE A 212 11.82 6.36 -16.39
N TYR A 213 12.32 5.40 -15.63
CA TYR A 213 13.72 4.98 -15.76
C TYR A 213 14.01 4.52 -17.18
N ASN A 214 13.03 3.87 -17.80
CA ASN A 214 13.18 3.38 -19.16
C ASN A 214 14.09 2.16 -19.20
N GLY A 215 14.00 1.33 -18.17
CA GLY A 215 14.83 0.13 -18.10
C GLY A 215 14.36 -0.95 -19.07
N GLU A 216 15.12 -2.03 -19.14
CA GLU A 216 14.78 -3.14 -20.03
C GLU A 216 13.42 -3.73 -19.67
N ILE A 217 12.67 -4.13 -20.70
CA ILE A 217 11.34 -4.70 -20.49
C ILE A 217 11.45 -6.08 -19.82
N VAL A 218 10.56 -6.32 -18.86
CA VAL A 218 10.54 -7.59 -18.15
C VAL A 218 9.22 -8.32 -18.35
N GLU A 219 9.18 -9.58 -17.94
CA GLU A 219 7.97 -10.40 -18.08
C GLU A 219 7.31 -10.61 -16.72
N GLY A 1 -36.98 -15.61 3.58
CA GLY A 1 -35.60 -15.61 3.14
C GLY A 1 -34.62 -15.43 4.28
N SER A 2 -33.35 -15.22 3.96
CA SER A 2 -32.31 -15.04 4.97
C SER A 2 -31.00 -14.62 4.32
N SER A 3 -30.15 -13.96 5.11
CA SER A 3 -28.86 -13.51 4.62
C SER A 3 -27.81 -13.54 5.73
N GLY A 4 -26.54 -13.37 5.36
CA GLY A 4 -25.47 -13.39 6.33
C GLY A 4 -25.00 -11.99 6.69
N SER A 5 -25.05 -11.67 7.98
CA SER A 5 -24.63 -10.36 8.45
C SER A 5 -24.04 -10.45 9.86
N SER A 6 -23.48 -9.34 10.34
CA SER A 6 -22.89 -9.30 11.67
C SER A 6 -23.95 -9.51 12.74
N GLY A 7 -23.49 -9.74 13.97
CA GLY A 7 -24.41 -9.95 15.08
C GLY A 7 -23.70 -10.15 16.39
N LYS A 8 -23.59 -9.09 17.18
CA LYS A 8 -22.93 -9.15 18.48
C LYS A 8 -23.79 -9.90 19.49
N ASN A 9 -23.16 -10.40 20.56
CA ASN A 9 -23.86 -11.12 21.60
C ASN A 9 -24.49 -10.17 22.61
N PHE A 10 -25.29 -9.23 22.11
CA PHE A 10 -25.95 -8.26 22.96
C PHE A 10 -24.94 -7.55 23.86
N ASN A 11 -23.83 -7.13 23.27
CA ASN A 11 -22.78 -6.45 24.02
C ASN A 11 -22.20 -5.29 23.20
N PRO A 12 -21.93 -4.16 23.88
CA PRO A 12 -21.37 -2.97 23.24
C PRO A 12 -19.92 -3.18 22.80
N PRO A 13 -19.52 -2.46 21.75
CA PRO A 13 -18.16 -2.54 21.21
C PRO A 13 -17.12 -1.92 22.13
N THR A 14 -15.92 -2.49 22.13
CA THR A 14 -14.84 -2.00 22.98
C THR A 14 -14.60 -0.51 22.76
N ARG A 15 -14.65 0.26 23.84
CA ARG A 15 -14.44 1.70 23.77
C ARG A 15 -12.99 2.02 23.40
N ARG A 16 -12.81 2.72 22.28
CA ARG A 16 -11.47 3.08 21.82
C ARG A 16 -11.09 4.48 22.31
N ASN A 17 -12.04 5.42 22.20
CA ASN A 17 -11.80 6.79 22.64
C ASN A 17 -10.48 7.31 22.08
N TRP A 18 -10.04 6.75 20.97
CA TRP A 18 -8.80 7.16 20.33
C TRP A 18 -9.05 7.69 18.93
N GLU A 19 -10.32 7.77 18.55
CA GLU A 19 -10.69 8.27 17.23
C GLU A 19 -10.05 9.63 16.96
N SER A 20 -9.90 9.96 15.68
CA SER A 20 -9.30 11.23 15.28
C SER A 20 -10.17 11.97 14.28
N ASN A 21 -9.73 13.14 13.86
CA ASN A 21 -10.47 13.94 12.90
C ASN A 21 -10.27 13.42 11.49
N TYR A 22 -9.02 13.09 11.15
CA TYR A 22 -8.70 12.57 9.82
C TYR A 22 -9.81 11.66 9.31
N PHE A 23 -10.40 10.88 10.21
CA PHE A 23 -11.47 9.96 9.86
C PHE A 23 -12.54 10.67 9.03
N GLY A 24 -12.60 10.36 7.75
CA GLY A 24 -13.58 10.98 6.87
C GLY A 24 -12.95 11.89 5.84
N MET A 25 -11.87 12.57 6.22
CA MET A 25 -11.18 13.47 5.33
C MET A 25 -10.23 12.70 4.40
N PRO A 26 -10.19 13.11 3.13
CA PRO A 26 -9.33 12.47 2.12
C PRO A 26 -7.85 12.75 2.37
N LEU A 27 -6.99 11.90 1.81
CA LEU A 27 -5.55 12.04 1.97
C LEU A 27 -5.10 13.42 1.53
N GLN A 28 -5.62 13.88 0.39
CA GLN A 28 -5.27 15.20 -0.13
C GLN A 28 -5.42 16.27 0.93
N ASP A 29 -6.45 16.13 1.76
CA ASP A 29 -6.71 17.10 2.83
C ASP A 29 -5.69 16.94 3.96
N LEU A 30 -5.51 15.71 4.41
CA LEU A 30 -4.56 15.42 5.49
C LEU A 30 -3.16 15.93 5.13
N VAL A 31 -2.72 15.62 3.91
CA VAL A 31 -1.41 16.05 3.44
C VAL A 31 -1.48 17.40 2.74
N THR A 32 -0.32 17.99 2.50
CA THR A 32 -0.24 19.29 1.82
C THR A 32 0.36 19.16 0.44
N ALA A 33 0.17 20.18 -0.39
CA ALA A 33 0.70 20.18 -1.74
C ALA A 33 2.21 19.95 -1.74
N GLU A 34 2.91 20.62 -0.82
CA GLU A 34 4.36 20.49 -0.71
C GLU A 34 4.75 19.03 -0.45
N LYS A 35 4.04 18.38 0.47
CA LYS A 35 4.32 16.99 0.80
C LYS A 35 3.04 16.16 0.75
N PRO A 36 2.70 15.66 -0.45
CA PRO A 36 1.51 14.84 -0.65
C PRO A 36 1.62 13.47 -0.01
N ILE A 37 2.83 12.92 0.01
CA ILE A 37 3.08 11.61 0.60
C ILE A 37 3.17 11.70 2.11
N PRO A 38 2.40 10.85 2.80
CA PRO A 38 2.37 10.81 4.27
C PRO A 38 3.67 10.27 4.86
N LEU A 39 4.30 11.08 5.73
CA LEU A 39 5.55 10.68 6.37
C LEU A 39 5.46 9.26 6.92
N PHE A 40 4.38 8.98 7.65
CA PHE A 40 4.19 7.66 8.23
C PHE A 40 4.57 6.57 7.24
N VAL A 41 3.82 6.46 6.15
CA VAL A 41 4.08 5.45 5.13
C VAL A 41 5.57 5.40 4.79
N GLU A 42 6.09 6.52 4.29
CA GLU A 42 7.50 6.60 3.92
C GLU A 42 8.37 5.87 4.93
N LYS A 43 8.34 6.35 6.18
CA LYS A 43 9.12 5.75 7.25
C LYS A 43 8.99 4.23 7.24
N CYS A 44 7.78 3.75 7.01
CA CYS A 44 7.51 2.31 6.97
C CYS A 44 8.17 1.68 5.75
N VAL A 45 8.17 2.40 4.64
CA VAL A 45 8.76 1.91 3.40
C VAL A 45 10.28 1.88 3.49
N GLU A 46 10.87 3.04 3.69
CA GLU A 46 12.33 3.15 3.80
C GLU A 46 12.86 2.19 4.86
N PHE A 47 12.10 2.02 5.93
CA PHE A 47 12.51 1.14 7.02
C PHE A 47 12.77 -0.27 6.51
N ILE A 48 11.82 -0.80 5.73
CA ILE A 48 11.95 -2.14 5.18
C ILE A 48 13.16 -2.24 4.26
N GLU A 49 13.62 -1.09 3.77
CA GLU A 49 14.78 -1.06 2.88
C GLU A 49 16.07 -0.92 3.67
N ASP A 50 15.94 -0.56 4.95
CA ASP A 50 17.10 -0.40 5.81
C ASP A 50 17.38 -1.66 6.61
N THR A 51 16.36 -2.51 6.73
CA THR A 51 16.49 -3.77 7.47
C THR A 51 17.05 -4.87 6.58
N GLY A 52 17.77 -4.47 5.54
CA GLY A 52 18.37 -5.43 4.64
C GLY A 52 17.38 -5.92 3.58
N LEU A 53 16.10 -5.94 3.93
CA LEU A 53 15.06 -6.38 3.01
C LEU A 53 15.26 -7.85 2.65
N CYS A 54 15.38 -8.69 3.66
CA CYS A 54 15.57 -10.13 3.45
C CYS A 54 14.65 -10.94 4.35
N THR A 55 13.48 -10.38 4.66
CA THR A 55 12.51 -11.04 5.51
C THR A 55 11.55 -11.91 4.69
N GLU A 56 11.49 -13.19 5.03
CA GLU A 56 10.62 -14.13 4.32
C GLU A 56 9.15 -13.81 4.59
N GLY A 57 8.44 -13.40 3.55
CA GLY A 57 7.03 -13.07 3.70
C GLY A 57 6.81 -11.85 4.58
N LEU A 58 6.77 -10.67 3.97
CA LEU A 58 6.57 -9.44 4.71
C LEU A 58 5.11 -8.97 4.61
N TYR A 59 4.46 -9.31 3.50
CA TYR A 59 3.07 -8.94 3.30
C TYR A 59 2.17 -10.17 3.31
N ARG A 60 2.57 -11.19 2.56
CA ARG A 60 1.80 -12.43 2.49
C ARG A 60 1.64 -13.05 3.87
N VAL A 61 2.46 -12.61 4.81
CA VAL A 61 2.41 -13.13 6.18
C VAL A 61 2.09 -12.01 7.17
N SER A 62 0.84 -11.96 7.62
CA SER A 62 0.41 -10.95 8.58
C SER A 62 1.11 -11.15 9.92
N GLY A 63 0.96 -12.34 10.49
CA GLY A 63 1.57 -12.64 11.77
C GLY A 63 0.73 -12.17 12.94
N ASN A 64 1.10 -11.04 13.52
CA ASN A 64 0.36 -10.49 14.67
C ASN A 64 -0.25 -9.14 14.31
N LYS A 65 -1.28 -8.75 15.06
CA LYS A 65 -1.95 -7.48 14.83
C LYS A 65 -1.40 -6.40 15.76
N THR A 66 -1.39 -6.68 17.05
CA THR A 66 -0.88 -5.73 18.04
C THR A 66 0.33 -4.98 17.50
N ASP A 67 1.38 -5.73 17.14
CA ASP A 67 2.60 -5.14 16.62
C ASP A 67 2.28 -3.97 15.70
N GLN A 68 1.37 -4.20 14.75
CA GLN A 68 0.99 -3.16 13.81
C GLN A 68 0.13 -2.09 14.49
N ASP A 69 -0.60 -2.50 15.52
CA ASP A 69 -1.46 -1.57 16.26
C ASP A 69 -0.64 -0.43 16.85
N ASN A 70 0.39 -0.79 17.62
CA ASN A 70 1.25 0.21 18.25
C ASN A 70 1.82 1.17 17.22
N ILE A 71 2.17 0.65 16.05
CA ILE A 71 2.73 1.46 14.98
C ILE A 71 1.87 2.70 14.73
N GLN A 72 0.55 2.51 14.80
CA GLN A 72 -0.37 3.61 14.58
C GLN A 72 -0.72 4.31 15.89
N LYS A 73 -1.20 3.53 16.86
CA LYS A 73 -1.57 4.06 18.16
C LYS A 73 -0.48 5.00 18.70
N GLN A 74 0.77 4.55 18.63
CA GLN A 74 1.88 5.34 19.11
C GLN A 74 2.08 6.57 18.24
N PHE A 75 2.26 6.36 16.94
CA PHE A 75 2.45 7.46 16.01
C PHE A 75 1.54 8.63 16.35
N ASP A 76 0.30 8.33 16.66
CA ASP A 76 -0.68 9.36 17.01
C ASP A 76 -0.28 10.07 18.29
N GLN A 77 -0.05 9.29 19.35
CA GLN A 77 0.33 9.85 20.63
C GLN A 77 1.58 10.71 20.51
N ASP A 78 2.54 10.25 19.70
CA ASP A 78 3.78 10.98 19.50
C ASP A 78 4.33 10.72 18.10
N HIS A 79 4.75 11.79 17.42
CA HIS A 79 5.30 11.69 16.07
C HIS A 79 6.80 11.51 16.12
N ASN A 80 7.41 11.88 17.23
CA ASN A 80 8.86 11.75 17.41
C ASN A 80 9.24 10.33 17.79
N ILE A 81 8.66 9.35 17.10
CA ILE A 81 8.94 7.96 17.37
C ILE A 81 9.82 7.35 16.28
N ASN A 82 10.12 6.07 16.40
CA ASN A 82 10.96 5.37 15.43
C ASN A 82 10.49 3.92 15.26
N LEU A 83 10.78 3.36 14.10
CA LEU A 83 10.39 1.98 13.80
C LEU A 83 11.49 1.01 14.24
N VAL A 84 12.74 1.44 14.12
CA VAL A 84 13.88 0.61 14.51
C VAL A 84 13.98 0.50 16.02
N SER A 85 14.08 1.64 16.69
CA SER A 85 14.19 1.67 18.14
C SER A 85 13.08 0.85 18.79
N MET A 86 11.92 0.82 18.13
CA MET A 86 10.78 0.06 18.65
C MET A 86 11.04 -1.43 18.57
N GLU A 87 11.87 -1.84 17.62
CA GLU A 87 12.18 -3.26 17.44
C GLU A 87 10.93 -4.07 17.17
N VAL A 88 10.11 -3.59 16.24
CA VAL A 88 8.88 -4.28 15.88
C VAL A 88 9.13 -5.37 14.85
N THR A 89 8.18 -6.29 14.72
CA THR A 89 8.30 -7.39 13.76
C THR A 89 8.19 -6.88 12.33
N VAL A 90 9.24 -7.13 11.54
CA VAL A 90 9.25 -6.70 10.14
C VAL A 90 7.87 -6.84 9.51
N ASN A 91 7.32 -8.04 9.56
CA ASN A 91 6.00 -8.30 9.00
C ASN A 91 5.03 -7.19 9.33
N ALA A 92 5.01 -6.78 10.60
CA ALA A 92 4.13 -5.71 11.05
C ALA A 92 4.30 -4.47 10.19
N VAL A 93 5.50 -3.89 10.21
CA VAL A 93 5.78 -2.69 9.44
C VAL A 93 5.23 -2.82 8.02
N ALA A 94 5.42 -3.97 7.40
CA ALA A 94 4.94 -4.22 6.05
C ALA A 94 3.41 -4.19 6.00
N GLY A 95 2.79 -4.90 6.94
CA GLY A 95 1.33 -4.94 6.98
C GLY A 95 0.71 -3.58 7.24
N ALA A 96 1.13 -2.95 8.33
CA ALA A 96 0.62 -1.63 8.69
C ALA A 96 0.64 -0.68 7.49
N LEU A 97 1.76 -0.69 6.77
CA LEU A 97 1.92 0.18 5.60
C LEU A 97 0.66 0.15 4.74
N LYS A 98 0.11 -1.04 4.53
CA LYS A 98 -1.09 -1.19 3.73
C LYS A 98 -2.32 -0.75 4.50
N ALA A 99 -2.43 -1.20 5.75
CA ALA A 99 -3.56 -0.84 6.59
C ALA A 99 -3.92 0.63 6.44
N PHE A 100 -2.90 1.48 6.42
CA PHE A 100 -3.11 2.92 6.27
C PHE A 100 -3.90 3.23 5.00
N PHE A 101 -3.51 2.61 3.90
CA PHE A 101 -4.19 2.83 2.62
C PHE A 101 -5.66 2.41 2.71
N ALA A 102 -5.90 1.20 3.21
CA ALA A 102 -7.24 0.68 3.34
C ALA A 102 -8.11 1.62 4.19
N ASP A 103 -7.53 2.18 5.24
CA ASP A 103 -8.24 3.09 6.11
C ASP A 103 -8.83 4.26 5.32
N LEU A 104 -8.06 4.76 4.36
CA LEU A 104 -8.50 5.87 3.53
C LEU A 104 -9.99 5.75 3.20
N PRO A 105 -10.68 6.89 3.16
CA PRO A 105 -12.11 6.94 2.85
C PRO A 105 -12.41 6.60 1.39
N ASP A 106 -11.40 6.77 0.54
CA ASP A 106 -11.54 6.47 -0.89
C ASP A 106 -10.36 5.66 -1.39
N PRO A 107 -10.58 4.89 -2.47
CA PRO A 107 -9.54 4.06 -3.09
C PRO A 107 -8.46 4.88 -3.77
N LEU A 108 -7.27 4.31 -3.87
CA LEU A 108 -6.14 5.00 -4.50
C LEU A 108 -6.44 5.27 -5.98
N ILE A 109 -7.05 4.31 -6.64
CA ILE A 109 -7.39 4.45 -8.06
C ILE A 109 -8.84 4.92 -8.23
N PRO A 110 -9.01 5.99 -9.02
CA PRO A 110 -10.34 6.56 -9.29
C PRO A 110 -11.19 5.65 -10.16
N TYR A 111 -12.51 5.88 -10.12
CA TYR A 111 -13.44 5.08 -10.90
C TYR A 111 -13.39 5.46 -12.37
N SER A 112 -13.21 6.76 -12.63
CA SER A 112 -13.15 7.26 -13.99
C SER A 112 -12.06 6.54 -14.80
N LEU A 113 -11.18 5.84 -14.09
CA LEU A 113 -10.09 5.12 -14.73
C LEU A 113 -10.08 3.65 -14.27
N HIS A 114 -11.25 3.12 -13.98
CA HIS A 114 -11.37 1.73 -13.54
C HIS A 114 -11.20 0.77 -14.70
N PRO A 115 -12.13 0.85 -15.67
CA PRO A 115 -12.10 -0.01 -16.86
C PRO A 115 -10.95 0.33 -17.79
N GLU A 116 -10.30 1.46 -17.55
CA GLU A 116 -9.17 1.89 -18.37
C GLU A 116 -7.91 1.10 -18.03
N LEU A 117 -7.78 0.73 -16.76
CA LEU A 117 -6.62 -0.04 -16.30
C LEU A 117 -6.65 -1.46 -16.86
N LEU A 118 -7.81 -2.09 -16.77
CA LEU A 118 -7.98 -3.45 -17.26
C LEU A 118 -7.88 -3.50 -18.78
N GLU A 119 -8.70 -2.70 -19.45
CA GLU A 119 -8.69 -2.66 -20.91
C GLU A 119 -7.26 -2.52 -21.45
N ALA A 120 -6.40 -1.89 -20.66
CA ALA A 120 -5.01 -1.70 -21.06
C ALA A 120 -4.17 -2.91 -20.68
N ALA A 121 -4.61 -3.65 -19.67
CA ALA A 121 -3.90 -4.83 -19.20
C ALA A 121 -4.19 -6.03 -20.09
N LYS A 122 -5.40 -6.07 -20.62
CA LYS A 122 -5.81 -7.18 -21.49
C LYS A 122 -5.21 -7.04 -22.88
N ILE A 123 -4.44 -5.97 -23.08
CA ILE A 123 -3.79 -5.73 -24.35
C ILE A 123 -2.79 -6.83 -24.70
N PRO A 124 -2.90 -7.36 -25.92
CA PRO A 124 -2.02 -8.43 -26.39
C PRO A 124 -0.58 -7.96 -26.61
N ASP A 125 -0.45 -6.79 -27.24
CA ASP A 125 0.87 -6.21 -27.50
C ASP A 125 1.53 -5.75 -26.21
N LYS A 126 2.58 -6.44 -25.80
CA LYS A 126 3.31 -6.10 -24.58
C LYS A 126 3.57 -4.58 -24.52
N THR A 127 4.20 -4.06 -25.56
CA THR A 127 4.52 -2.64 -25.62
C THR A 127 3.29 -1.79 -25.33
N GLU A 128 2.24 -2.00 -26.13
CA GLU A 128 1.00 -1.25 -25.96
C GLU A 128 0.45 -1.40 -24.54
N ARG A 129 0.59 -2.61 -23.98
CA ARG A 129 0.12 -2.89 -22.64
C ARG A 129 0.72 -1.91 -21.63
N LEU A 130 2.03 -1.70 -21.73
CA LEU A 130 2.73 -0.78 -20.83
C LEU A 130 2.36 0.66 -21.13
N HIS A 131 2.76 1.14 -22.30
CA HIS A 131 2.46 2.51 -22.71
C HIS A 131 1.09 2.94 -22.21
N ALA A 132 0.07 2.13 -22.49
CA ALA A 132 -1.28 2.44 -22.07
C ALA A 132 -1.34 2.74 -20.57
N LEU A 133 -0.89 1.78 -19.77
CA LEU A 133 -0.88 1.94 -18.31
C LEU A 133 -0.05 3.15 -17.91
N LYS A 134 0.84 3.58 -18.79
CA LYS A 134 1.70 4.73 -18.52
C LYS A 134 0.97 6.03 -18.80
N GLU A 135 0.09 6.02 -19.80
CA GLU A 135 -0.68 7.20 -20.16
C GLU A 135 -1.88 7.38 -19.24
N ILE A 136 -2.37 6.26 -18.72
CA ILE A 136 -3.52 6.30 -17.81
C ILE A 136 -3.14 6.84 -16.45
N VAL A 137 -1.91 6.55 -16.02
CA VAL A 137 -1.42 7.03 -14.74
C VAL A 137 -1.11 8.52 -14.78
N LYS A 138 -1.33 9.13 -15.94
CA LYS A 138 -1.09 10.56 -16.12
C LYS A 138 -2.23 11.38 -15.52
N LYS A 139 -3.46 10.95 -15.77
CA LYS A 139 -4.64 11.63 -15.26
C LYS A 139 -4.97 11.18 -13.84
N PHE A 140 -3.99 10.57 -13.18
CA PHE A 140 -4.18 10.10 -11.81
C PHE A 140 -4.11 11.25 -10.82
N HIS A 141 -4.94 11.16 -9.78
CA HIS A 141 -4.98 12.20 -8.75
C HIS A 141 -3.58 12.74 -8.47
N PRO A 142 -3.49 14.06 -8.25
CA PRO A 142 -2.21 14.73 -7.97
C PRO A 142 -1.66 14.36 -6.60
N VAL A 143 -2.55 13.99 -5.69
CA VAL A 143 -2.14 13.61 -4.34
C VAL A 143 -1.90 12.11 -4.24
N ASN A 144 -2.70 11.33 -4.96
CA ASN A 144 -2.57 9.88 -4.95
C ASN A 144 -1.44 9.43 -5.88
N TYR A 145 -1.42 10.00 -7.08
CA TYR A 145 -0.40 9.65 -8.07
C TYR A 145 0.98 9.56 -7.42
N ASP A 146 1.32 10.59 -6.64
CA ASP A 146 2.61 10.62 -5.96
C ASP A 146 2.81 9.39 -5.09
N VAL A 147 1.90 9.19 -4.13
CA VAL A 147 1.98 8.04 -3.23
C VAL A 147 2.10 6.74 -4.01
N PHE A 148 1.08 6.43 -4.81
CA PHE A 148 1.08 5.21 -5.60
C PHE A 148 2.43 5.00 -6.28
N ARG A 149 2.98 6.08 -6.84
CA ARG A 149 4.26 6.00 -7.52
C ARG A 149 5.37 5.60 -6.55
N TYR A 150 5.42 6.27 -5.41
CA TYR A 150 6.43 5.99 -4.40
C TYR A 150 6.34 4.54 -3.93
N VAL A 151 5.15 4.14 -3.50
CA VAL A 151 4.93 2.78 -3.03
C VAL A 151 5.55 1.76 -3.96
N ILE A 152 5.11 1.77 -5.22
CA ILE A 152 5.63 0.85 -6.23
C ILE A 152 7.15 0.89 -6.27
N THR A 153 7.71 2.09 -6.42
CA THR A 153 9.15 2.26 -6.48
C THR A 153 9.86 1.38 -5.45
N HIS A 154 9.17 1.12 -4.34
CA HIS A 154 9.73 0.29 -3.28
C HIS A 154 9.42 -1.18 -3.53
N LEU A 155 8.19 -1.46 -3.94
CA LEU A 155 7.76 -2.83 -4.21
C LEU A 155 8.70 -3.52 -5.20
N ASN A 156 9.02 -2.81 -6.28
CA ASN A 156 9.90 -3.34 -7.31
C ASN A 156 11.19 -3.86 -6.70
N ARG A 157 11.72 -3.12 -5.73
CA ARG A 157 12.95 -3.51 -5.05
C ARG A 157 12.80 -4.85 -4.35
N VAL A 158 11.65 -5.04 -3.70
CA VAL A 158 11.37 -6.28 -3.00
C VAL A 158 11.38 -7.47 -3.94
N SER A 159 10.78 -7.30 -5.11
CA SER A 159 10.72 -8.37 -6.10
C SER A 159 12.13 -8.77 -6.55
N GLN A 160 13.09 -7.88 -6.33
CA GLN A 160 14.48 -8.13 -6.71
C GLN A 160 14.99 -9.40 -6.04
N GLN A 161 14.87 -9.47 -4.72
CA GLN A 161 15.33 -10.63 -3.97
C GLN A 161 14.17 -11.55 -3.63
N HIS A 162 13.23 -11.70 -4.58
CA HIS A 162 12.08 -12.56 -4.38
C HIS A 162 12.51 -13.97 -3.97
N LYS A 163 13.70 -14.36 -4.40
CA LYS A 163 14.23 -15.69 -4.07
C LYS A 163 14.52 -15.80 -2.58
N ILE A 164 14.81 -14.67 -1.94
CA ILE A 164 15.11 -14.65 -0.52
C ILE A 164 13.84 -14.47 0.30
N ASN A 165 13.13 -13.36 0.06
CA ASN A 165 11.91 -13.07 0.78
C ASN A 165 10.72 -13.81 0.17
N LEU A 166 11.03 -14.81 -0.65
CA LEU A 166 10.00 -15.61 -1.31
C LEU A 166 8.80 -14.74 -1.69
N MET A 167 9.08 -13.64 -2.39
CA MET A 167 8.02 -12.72 -2.81
C MET A 167 8.36 -12.11 -4.16
N THR A 168 7.55 -12.43 -5.18
CA THR A 168 7.77 -11.91 -6.52
C THR A 168 6.83 -10.75 -6.81
N ALA A 169 7.10 -10.04 -7.90
CA ALA A 169 6.27 -8.90 -8.31
C ALA A 169 4.80 -9.28 -8.31
N ASP A 170 4.50 -10.48 -8.80
CA ASP A 170 3.13 -10.95 -8.87
C ASP A 170 2.48 -10.96 -7.48
N ASN A 171 3.16 -11.59 -6.53
CA ASN A 171 2.66 -11.66 -5.16
C ASN A 171 2.43 -10.27 -4.58
N LEU A 172 3.48 -9.45 -4.59
CA LEU A 172 3.40 -8.10 -4.07
C LEU A 172 2.28 -7.31 -4.76
N SER A 173 1.90 -7.76 -5.94
CA SER A 173 0.84 -7.10 -6.70
C SER A 173 -0.54 -7.57 -6.22
N ILE A 174 -0.65 -8.86 -5.92
CA ILE A 174 -1.91 -9.42 -5.45
C ILE A 174 -2.18 -9.05 -4.01
N CYS A 175 -1.11 -8.76 -3.27
CA CYS A 175 -1.22 -8.38 -1.86
C CYS A 175 -1.64 -6.92 -1.73
N PHE A 176 -1.11 -6.08 -2.61
CA PHE A 176 -1.42 -4.66 -2.59
C PHE A 176 -2.71 -4.36 -3.34
N TRP A 177 -2.90 -5.06 -4.46
CA TRP A 177 -4.10 -4.88 -5.28
C TRP A 177 -5.33 -4.68 -4.39
N PRO A 178 -5.60 -5.66 -3.51
CA PRO A 178 -6.74 -5.61 -2.60
C PRO A 178 -6.87 -4.28 -1.89
N THR A 179 -5.89 -3.98 -1.04
CA THR A 179 -5.89 -2.73 -0.28
C THR A 179 -6.00 -1.53 -1.21
N LEU A 180 -5.10 -1.44 -2.18
CA LEU A 180 -5.10 -0.33 -3.14
C LEU A 180 -6.52 0.17 -3.37
N MET A 181 -7.46 -0.75 -3.45
CA MET A 181 -8.87 -0.40 -3.68
C MET A 181 -9.76 -1.64 -3.62
N ARG A 182 -10.95 -1.47 -3.07
CA ARG A 182 -11.90 -2.58 -2.95
C ARG A 182 -12.93 -2.54 -4.08
N PRO A 183 -13.40 -3.72 -4.49
CA PRO A 183 -14.39 -3.84 -5.56
C PRO A 183 -15.77 -3.33 -5.14
N ASP A 184 -16.28 -2.37 -5.89
CA ASP A 184 -17.59 -1.79 -5.60
C ASP A 184 -18.71 -2.76 -5.96
N PHE A 185 -19.84 -2.64 -5.27
CA PHE A 185 -20.99 -3.52 -5.52
C PHE A 185 -20.53 -4.91 -5.92
N GLU A 186 -19.41 -5.35 -5.34
CA GLU A 186 -18.86 -6.67 -5.64
C GLU A 186 -19.98 -7.68 -5.88
N ASN A 187 -20.11 -8.14 -7.11
CA ASN A 187 -21.14 -9.11 -7.47
C ASN A 187 -21.02 -10.36 -6.61
N ARG A 188 -22.00 -11.26 -6.75
CA ARG A 188 -22.00 -12.50 -5.98
C ARG A 188 -20.70 -13.28 -6.18
N GLU A 189 -20.59 -14.41 -5.50
CA GLU A 189 -19.40 -15.24 -5.60
C GLU A 189 -19.10 -15.58 -7.07
N PHE A 190 -17.96 -15.08 -7.56
CA PHE A 190 -17.56 -15.34 -8.94
C PHE A 190 -16.30 -16.18 -9.00
N LEU A 191 -16.07 -16.81 -10.15
CA LEU A 191 -14.89 -17.65 -10.33
C LEU A 191 -14.53 -17.77 -11.80
N SER A 192 -13.45 -17.10 -12.20
CA SER A 192 -13.00 -17.13 -13.58
C SER A 192 -11.47 -17.11 -13.66
N THR A 193 -10.94 -17.66 -14.75
CA THR A 193 -9.49 -17.70 -14.94
C THR A 193 -8.97 -16.39 -15.52
N THR A 194 -9.52 -15.28 -15.05
CA THR A 194 -9.12 -13.97 -15.52
C THR A 194 -8.09 -13.34 -14.58
N LYS A 195 -6.82 -13.53 -14.91
CA LYS A 195 -5.73 -12.98 -14.10
C LYS A 195 -5.34 -11.60 -14.59
N ILE A 196 -6.33 -10.79 -14.95
CA ILE A 196 -6.09 -9.45 -15.43
C ILE A 196 -5.97 -8.46 -14.27
N HIS A 197 -7.03 -8.38 -13.46
CA HIS A 197 -7.05 -7.48 -12.32
C HIS A 197 -5.71 -7.50 -11.59
N GLN A 198 -5.25 -8.70 -11.24
CA GLN A 198 -3.98 -8.86 -10.53
C GLN A 198 -2.82 -8.37 -11.39
N SER A 199 -2.82 -8.77 -12.66
CA SER A 199 -1.75 -8.39 -13.58
C SER A 199 -1.62 -6.87 -13.63
N VAL A 200 -2.75 -6.17 -13.64
CA VAL A 200 -2.76 -4.72 -13.69
C VAL A 200 -1.62 -4.14 -12.86
N VAL A 201 -1.70 -4.32 -11.55
CA VAL A 201 -0.68 -3.82 -10.64
C VAL A 201 0.66 -4.49 -10.89
N GLU A 202 0.66 -5.82 -10.91
CA GLU A 202 1.87 -6.59 -11.14
C GLU A 202 2.77 -5.90 -12.17
N THR A 203 2.20 -5.60 -13.33
CA THR A 203 2.93 -4.94 -14.40
C THR A 203 3.54 -3.62 -13.93
N PHE A 204 2.69 -2.73 -13.44
CA PHE A 204 3.13 -1.43 -12.95
C PHE A 204 4.40 -1.57 -12.12
N ILE A 205 4.50 -2.67 -11.36
CA ILE A 205 5.65 -2.92 -10.52
C ILE A 205 6.87 -3.30 -11.36
N GLN A 206 6.73 -4.36 -12.14
CA GLN A 206 7.82 -4.83 -12.99
C GLN A 206 8.31 -3.71 -13.91
N GLN A 207 7.38 -3.13 -14.67
CA GLN A 207 7.72 -2.05 -15.59
C GLN A 207 7.69 -0.70 -14.87
N CYS A 208 7.88 -0.73 -13.56
CA CYS A 208 7.87 0.49 -12.76
C CYS A 208 9.01 1.42 -13.17
N GLN A 209 10.00 0.85 -13.85
CA GLN A 209 11.16 1.63 -14.31
C GLN A 209 10.92 2.18 -15.71
N PHE A 210 10.54 1.29 -16.64
CA PHE A 210 10.28 1.69 -18.02
C PHE A 210 9.46 2.96 -18.07
N PHE A 211 8.50 3.09 -17.16
CA PHE A 211 7.64 4.26 -17.10
C PHE A 211 8.47 5.55 -17.11
N PHE A 212 9.28 5.73 -16.08
CA PHE A 212 10.12 6.91 -15.97
C PHE A 212 11.59 6.56 -16.24
N TYR A 213 12.10 5.59 -15.50
CA TYR A 213 13.50 5.16 -15.66
C TYR A 213 13.75 4.66 -17.08
N ASN A 214 12.67 4.38 -17.81
CA ASN A 214 12.78 3.89 -19.17
C ASN A 214 13.80 2.76 -19.28
N GLY A 215 13.70 1.80 -18.36
CA GLY A 215 14.63 0.68 -18.37
C GLY A 215 14.12 -0.48 -19.21
N GLU A 216 15.02 -1.42 -19.51
CA GLU A 216 14.66 -2.58 -20.31
C GLU A 216 13.46 -3.31 -19.71
N ILE A 217 12.49 -3.63 -20.56
CA ILE A 217 11.29 -4.33 -20.11
C ILE A 217 11.64 -5.66 -19.46
N VAL A 218 11.52 -5.71 -18.13
CA VAL A 218 11.81 -6.93 -17.38
C VAL A 218 10.86 -8.06 -17.76
N GLU A 219 11.18 -9.27 -17.33
CA GLU A 219 10.35 -10.44 -17.62
C GLU A 219 10.56 -11.52 -16.58
N GLY A 1 -23.74 -22.45 35.48
CA GLY A 1 -23.24 -21.08 35.56
C GLY A 1 -22.77 -20.71 36.96
N SER A 2 -21.47 -20.62 37.14
CA SER A 2 -20.89 -20.28 38.44
C SER A 2 -19.48 -19.73 38.28
N SER A 3 -19.08 -18.85 39.21
CA SER A 3 -17.76 -18.25 39.17
C SER A 3 -16.91 -18.73 40.34
N GLY A 4 -17.43 -18.55 41.55
CA GLY A 4 -16.71 -18.98 42.74
C GLY A 4 -15.21 -18.74 42.62
N SER A 5 -14.44 -19.81 42.76
CA SER A 5 -12.98 -19.71 42.67
C SER A 5 -12.57 -18.72 41.59
N SER A 6 -11.58 -17.90 41.89
CA SER A 6 -11.08 -16.91 40.95
C SER A 6 -9.72 -17.31 40.39
N GLY A 7 -9.67 -17.52 39.07
CA GLY A 7 -8.43 -17.91 38.43
C GLY A 7 -8.40 -17.57 36.96
N LYS A 8 -8.45 -16.28 36.65
CA LYS A 8 -8.44 -15.81 35.27
C LYS A 8 -7.98 -14.36 35.18
N ASN A 9 -7.47 -13.96 34.02
CA ASN A 9 -6.99 -12.60 33.81
C ASN A 9 -8.09 -11.73 33.20
N PHE A 10 -8.06 -10.45 33.54
CA PHE A 10 -9.06 -9.51 33.02
C PHE A 10 -8.67 -8.08 33.37
N ASN A 11 -8.41 -7.27 32.34
CA ASN A 11 -8.03 -5.88 32.54
C ASN A 11 -9.26 -4.98 32.59
N PRO A 12 -9.23 -3.99 33.49
CA PRO A 12 -10.33 -3.05 33.66
C PRO A 12 -10.48 -2.10 32.48
N PRO A 13 -11.70 -1.59 32.28
CA PRO A 13 -12.01 -0.67 31.17
C PRO A 13 -11.37 0.70 31.37
N THR A 14 -11.26 1.46 30.29
CA THR A 14 -10.67 2.79 30.35
C THR A 14 -10.91 3.56 29.06
N ARG A 15 -10.83 4.89 29.13
CA ARG A 15 -11.05 5.73 27.97
C ARG A 15 -10.25 5.22 26.77
N ARG A 16 -10.74 5.49 25.57
CA ARG A 16 -10.07 5.06 24.35
C ARG A 16 -9.49 6.25 23.61
N ASN A 17 -10.27 7.33 23.51
CA ASN A 17 -9.82 8.53 22.81
C ASN A 17 -8.98 8.18 21.60
N TRP A 18 -9.39 7.14 20.87
CA TRP A 18 -8.67 6.70 19.69
C TRP A 18 -9.17 7.45 18.45
N GLU A 19 -9.37 8.75 18.59
CA GLU A 19 -9.83 9.57 17.49
C GLU A 19 -8.69 10.34 16.85
N SER A 20 -8.56 10.23 15.53
CA SER A 20 -7.49 10.91 14.80
C SER A 20 -8.07 11.92 13.82
N ASN A 21 -9.39 11.93 13.69
CA ASN A 21 -10.07 12.85 12.78
C ASN A 21 -9.57 12.67 11.36
N TYR A 22 -9.38 11.42 10.95
CA TYR A 22 -8.90 11.11 9.61
C TYR A 22 -9.81 10.10 8.93
N PHE A 23 -10.19 9.05 9.67
CA PHE A 23 -11.06 8.01 9.14
C PHE A 23 -12.31 8.62 8.50
N GLY A 24 -12.41 8.50 7.19
CA GLY A 24 -13.56 9.04 6.48
C GLY A 24 -13.18 10.17 5.53
N MET A 25 -12.24 11.00 5.95
CA MET A 25 -11.80 12.13 5.13
C MET A 25 -10.79 11.66 4.08
N PRO A 26 -10.73 12.39 2.96
CA PRO A 26 -9.81 12.06 1.86
C PRO A 26 -8.36 12.33 2.22
N LEU A 27 -7.45 11.61 1.56
CA LEU A 27 -6.03 11.77 1.81
C LEU A 27 -5.57 13.19 1.51
N GLN A 28 -6.06 13.74 0.40
CA GLN A 28 -5.69 15.09 0.00
C GLN A 28 -5.94 16.08 1.14
N ASP A 29 -6.91 15.76 1.99
CA ASP A 29 -7.24 16.63 3.12
C ASP A 29 -6.28 16.39 4.27
N LEU A 30 -6.07 15.13 4.62
CA LEU A 30 -5.18 14.77 5.72
C LEU A 30 -3.78 15.31 5.47
N VAL A 31 -3.28 15.15 4.25
CA VAL A 31 -1.96 15.64 3.89
C VAL A 31 -2.01 17.09 3.42
N THR A 32 -0.84 17.71 3.29
CA THR A 32 -0.75 19.10 2.85
C THR A 32 -0.23 19.19 1.43
N ALA A 33 -0.70 20.19 0.69
CA ALA A 33 -0.27 20.40 -0.69
C ALA A 33 1.24 20.25 -0.82
N GLU A 34 1.97 20.80 0.15
CA GLU A 34 3.43 20.74 0.14
C GLU A 34 3.91 19.29 0.07
N LYS A 35 3.29 18.44 0.88
CA LYS A 35 3.66 17.02 0.91
C LYS A 35 2.42 16.14 0.80
N PRO A 36 2.16 15.63 -0.41
CA PRO A 36 1.01 14.75 -0.67
C PRO A 36 1.16 13.39 -0.02
N ILE A 37 2.39 12.88 0.02
CA ILE A 37 2.66 11.59 0.61
C ILE A 37 2.70 11.68 2.14
N PRO A 38 1.95 10.79 2.81
CA PRO A 38 1.88 10.75 4.27
C PRO A 38 3.18 10.27 4.90
N LEU A 39 3.82 11.13 5.68
CA LEU A 39 5.08 10.78 6.33
C LEU A 39 5.05 9.36 6.86
N PHE A 40 3.95 9.00 7.52
CA PHE A 40 3.80 7.65 8.06
C PHE A 40 4.24 6.59 7.05
N VAL A 41 3.51 6.52 5.94
CA VAL A 41 3.83 5.55 4.89
C VAL A 41 5.33 5.49 4.62
N GLU A 42 5.90 6.64 4.25
CA GLU A 42 7.33 6.71 3.96
C GLU A 42 8.14 5.99 5.04
N LYS A 43 8.02 6.47 6.27
CA LYS A 43 8.74 5.86 7.39
C LYS A 43 8.62 4.35 7.37
N CYS A 44 7.41 3.86 7.10
CA CYS A 44 7.16 2.42 7.05
C CYS A 44 7.92 1.79 5.90
N VAL A 45 8.13 2.55 4.83
CA VAL A 45 8.85 2.06 3.66
C VAL A 45 10.36 2.07 3.89
N GLU A 46 10.88 3.24 4.26
CA GLU A 46 12.31 3.39 4.51
C GLU A 46 12.77 2.43 5.60
N PHE A 47 11.98 2.31 6.66
CA PHE A 47 12.31 1.44 7.77
C PHE A 47 12.67 0.04 7.28
N ILE A 48 11.73 -0.60 6.59
CA ILE A 48 11.95 -1.94 6.05
C ILE A 48 13.31 -2.04 5.37
N GLU A 49 13.64 -1.03 4.57
CA GLU A 49 14.91 -1.01 3.86
C GLU A 49 16.08 -0.97 4.84
N ASP A 50 15.97 -0.11 5.84
CA ASP A 50 17.02 0.04 6.85
C ASP A 50 17.25 -1.29 7.58
N THR A 51 16.16 -1.96 7.92
CA THR A 51 16.23 -3.24 8.63
C THR A 51 16.41 -4.40 7.65
N GLY A 52 17.05 -4.12 6.52
CA GLY A 52 17.27 -5.15 5.52
C GLY A 52 16.01 -5.51 4.78
N LEU A 53 16.17 -6.00 3.55
CA LEU A 53 15.03 -6.38 2.72
C LEU A 53 15.10 -7.86 2.35
N CYS A 54 15.52 -8.69 3.30
CA CYS A 54 15.63 -10.12 3.08
C CYS A 54 14.70 -10.89 4.00
N THR A 55 13.48 -10.39 4.17
CA THR A 55 12.50 -11.03 5.03
C THR A 55 11.54 -11.89 4.23
N GLU A 56 11.30 -13.11 4.71
CA GLU A 56 10.41 -14.04 4.03
C GLU A 56 8.95 -13.60 4.19
N GLY A 57 8.29 -13.35 3.06
CA GLY A 57 6.90 -12.93 3.09
C GLY A 57 6.67 -11.75 4.03
N LEU A 58 6.99 -10.56 3.55
CA LEU A 58 6.82 -9.35 4.36
C LEU A 58 5.35 -9.09 4.65
N TYR A 59 4.54 -9.13 3.60
CA TYR A 59 3.10 -8.90 3.75
C TYR A 59 2.34 -10.22 3.79
N ARG A 60 2.63 -11.09 2.83
CA ARG A 60 1.97 -12.40 2.74
C ARG A 60 1.75 -12.98 4.13
N VAL A 61 2.76 -12.84 4.99
CA VAL A 61 2.68 -13.36 6.36
C VAL A 61 2.48 -12.23 7.36
N SER A 62 1.60 -12.45 8.33
CA SER A 62 1.32 -11.45 9.35
C SER A 62 1.62 -12.00 10.75
N GLY A 63 2.12 -11.14 11.63
CA GLY A 63 2.44 -11.55 12.97
C GLY A 63 1.38 -11.14 13.98
N ASN A 64 1.81 -10.58 15.10
CA ASN A 64 0.89 -10.14 16.14
C ASN A 64 0.37 -8.74 15.85
N LYS A 65 -0.68 -8.35 16.57
CA LYS A 65 -1.28 -7.03 16.40
C LYS A 65 -0.53 -5.98 17.21
N THR A 66 -0.13 -6.35 18.42
CA THR A 66 0.60 -5.45 19.30
C THR A 66 1.68 -4.68 18.54
N ASP A 67 2.54 -5.42 17.86
CA ASP A 67 3.62 -4.81 17.08
C ASP A 67 3.10 -3.64 16.24
N GLN A 68 2.05 -3.90 15.47
CA GLN A 68 1.46 -2.88 14.62
C GLN A 68 0.79 -1.80 15.46
N ASP A 69 0.26 -2.20 16.61
CA ASP A 69 -0.42 -1.27 17.50
C ASP A 69 0.50 -0.10 17.87
N ASN A 70 1.55 -0.41 18.63
CA ASN A 70 2.49 0.62 19.05
C ASN A 70 2.95 1.47 17.86
N ILE A 71 3.21 0.81 16.74
CA ILE A 71 3.64 1.49 15.52
C ILE A 71 2.73 2.67 15.20
N GLN A 72 1.43 2.46 15.38
CA GLN A 72 0.44 3.51 15.10
C GLN A 72 0.34 4.48 16.27
N LYS A 73 0.03 3.95 17.45
CA LYS A 73 -0.09 4.76 18.65
C LYS A 73 1.13 5.66 18.84
N GLN A 74 2.30 5.03 18.95
CA GLN A 74 3.54 5.78 19.12
C GLN A 74 3.66 6.90 18.10
N PHE A 75 3.41 6.56 16.84
CA PHE A 75 3.49 7.54 15.76
C PHE A 75 2.48 8.67 15.97
N ASP A 76 1.28 8.30 16.40
CA ASP A 76 0.23 9.28 16.63
C ASP A 76 0.64 10.27 17.72
N GLN A 77 1.15 9.75 18.83
CA GLN A 77 1.58 10.58 19.94
C GLN A 77 2.89 11.29 19.61
N ASP A 78 3.71 10.65 18.79
CA ASP A 78 5.00 11.21 18.39
C ASP A 78 5.19 11.12 16.88
N HIS A 79 4.81 12.18 16.18
CA HIS A 79 4.95 12.21 14.72
C HIS A 79 6.40 12.07 14.31
N ASN A 80 7.31 12.61 15.12
CA ASN A 80 8.73 12.53 14.84
C ASN A 80 9.33 11.24 15.37
N ILE A 81 8.56 10.16 15.29
CA ILE A 81 9.01 8.86 15.77
C ILE A 81 9.97 8.21 14.78
N ASN A 82 10.81 7.30 15.28
CA ASN A 82 11.78 6.62 14.44
C ASN A 82 11.58 5.11 14.51
N LEU A 83 10.71 4.58 13.65
CA LEU A 83 10.43 3.15 13.63
C LEU A 83 11.70 2.35 13.88
N VAL A 84 12.77 2.68 13.16
CA VAL A 84 14.04 1.99 13.33
C VAL A 84 14.44 1.90 14.79
N SER A 85 14.25 3.00 15.52
CA SER A 85 14.60 3.05 16.93
C SER A 85 13.82 1.99 17.72
N MET A 86 12.58 1.75 17.30
CA MET A 86 11.74 0.77 17.96
C MET A 86 12.25 -0.64 17.73
N GLU A 87 12.82 -0.87 16.55
CA GLU A 87 13.35 -2.19 16.20
C GLU A 87 12.26 -3.25 16.27
N VAL A 88 11.13 -2.98 15.62
CA VAL A 88 10.02 -3.91 15.60
C VAL A 88 10.18 -4.95 14.50
N THR A 89 9.30 -5.95 14.50
CA THR A 89 9.35 -7.01 13.50
C THR A 89 8.83 -6.51 12.15
N VAL A 90 9.71 -6.52 11.14
CA VAL A 90 9.34 -6.07 9.81
C VAL A 90 7.92 -6.48 9.47
N ASN A 91 7.62 -7.77 9.62
CA ASN A 91 6.29 -8.29 9.33
C ASN A 91 5.22 -7.29 9.74
N ALA A 92 5.35 -6.74 10.94
CA ALA A 92 4.39 -5.77 11.45
C ALA A 92 4.30 -4.55 10.54
N VAL A 93 5.41 -3.82 10.42
CA VAL A 93 5.46 -2.63 9.58
C VAL A 93 4.78 -2.88 8.24
N ALA A 94 5.10 -4.02 7.62
CA ALA A 94 4.51 -4.38 6.33
C ALA A 94 2.99 -4.29 6.38
N GLY A 95 2.40 -4.88 7.41
CA GLY A 95 0.95 -4.86 7.55
C GLY A 95 0.42 -3.47 7.84
N ALA A 96 0.82 -2.91 8.99
CA ALA A 96 0.38 -1.58 9.39
C ALA A 96 0.43 -0.61 8.20
N LEU A 97 1.51 -0.69 7.44
CA LEU A 97 1.69 0.18 6.28
C LEU A 97 0.47 0.14 5.37
N LYS A 98 -0.02 -1.07 5.08
CA LYS A 98 -1.18 -1.24 4.23
C LYS A 98 -2.44 -0.77 4.93
N ALA A 99 -2.62 -1.18 6.18
CA ALA A 99 -3.79 -0.78 6.96
C ALA A 99 -4.18 0.66 6.67
N PHE A 100 -3.17 1.53 6.56
CA PHE A 100 -3.42 2.94 6.30
C PHE A 100 -4.16 3.12 4.98
N PHE A 101 -3.60 2.57 3.90
CA PHE A 101 -4.21 2.67 2.58
C PHE A 101 -5.66 2.17 2.61
N ALA A 102 -5.85 0.97 3.13
CA ALA A 102 -7.18 0.37 3.22
C ALA A 102 -8.14 1.30 3.94
N ASP A 103 -7.66 1.91 5.03
CA ASP A 103 -8.48 2.81 5.83
C ASP A 103 -9.12 3.88 4.94
N LEU A 104 -8.38 4.31 3.93
CA LEU A 104 -8.87 5.34 3.01
C LEU A 104 -10.33 5.09 2.64
N PRO A 105 -11.11 6.18 2.53
CA PRO A 105 -12.53 6.10 2.19
C PRO A 105 -12.75 5.68 0.73
N ASP A 106 -11.72 5.83 -0.08
CA ASP A 106 -11.80 5.48 -1.49
C ASP A 106 -10.52 4.78 -1.95
N PRO A 107 -10.63 3.96 -3.00
CA PRO A 107 -9.50 3.22 -3.56
C PRO A 107 -8.50 4.13 -4.25
N LEU A 108 -7.23 3.72 -4.26
CA LEU A 108 -6.18 4.51 -4.90
C LEU A 108 -6.55 4.85 -6.33
N ILE A 109 -6.92 3.84 -7.10
CA ILE A 109 -7.31 4.04 -8.49
C ILE A 109 -8.76 4.48 -8.60
N PRO A 110 -9.00 5.53 -9.41
CA PRO A 110 -10.35 6.06 -9.62
C PRO A 110 -11.23 5.12 -10.44
N TYR A 111 -12.52 5.12 -10.14
CA TYR A 111 -13.47 4.26 -10.84
C TYR A 111 -13.50 4.58 -12.33
N SER A 112 -13.14 5.82 -12.67
CA SER A 112 -13.13 6.25 -14.07
C SER A 112 -12.06 5.50 -14.85
N LEU A 113 -10.93 5.21 -14.21
CA LEU A 113 -9.85 4.50 -14.84
C LEU A 113 -9.97 2.99 -14.61
N HIS A 114 -11.20 2.51 -14.59
CA HIS A 114 -11.46 1.08 -14.38
C HIS A 114 -11.19 0.29 -15.67
N PRO A 115 -11.92 0.63 -16.73
CA PRO A 115 -11.79 -0.04 -18.04
C PRO A 115 -10.46 0.29 -18.71
N GLU A 116 -10.23 1.58 -18.95
CA GLU A 116 -9.01 2.02 -19.61
C GLU A 116 -7.80 1.32 -19.01
N LEU A 117 -7.82 1.11 -17.71
CA LEU A 117 -6.72 0.43 -17.02
C LEU A 117 -6.61 -1.03 -17.46
N LEU A 118 -7.75 -1.66 -17.64
CA LEU A 118 -7.79 -3.06 -18.06
C LEU A 118 -7.48 -3.19 -19.55
N GLU A 119 -8.26 -2.49 -20.37
CA GLU A 119 -8.06 -2.54 -21.82
C GLU A 119 -6.58 -2.41 -22.17
N ALA A 120 -5.84 -1.72 -21.31
CA ALA A 120 -4.40 -1.52 -21.54
C ALA A 120 -3.61 -2.74 -21.08
N ALA A 121 -4.11 -3.42 -20.06
CA ALA A 121 -3.44 -4.61 -19.53
C ALA A 121 -3.69 -5.82 -20.42
N LYS A 122 -4.87 -5.86 -21.05
CA LYS A 122 -5.23 -6.96 -21.93
C LYS A 122 -4.65 -6.76 -23.32
N ILE A 123 -3.66 -5.87 -23.42
CA ILE A 123 -3.02 -5.59 -24.70
C ILE A 123 -2.00 -6.68 -25.05
N PRO A 124 -2.09 -7.20 -26.28
CA PRO A 124 -1.19 -8.24 -26.76
C PRO A 124 0.23 -7.72 -27.00
N ASP A 125 0.34 -6.55 -27.60
CA ASP A 125 1.62 -5.94 -27.88
C ASP A 125 2.33 -5.53 -26.58
N LYS A 126 3.20 -6.41 -26.09
CA LYS A 126 3.93 -6.15 -24.85
C LYS A 126 4.23 -4.66 -24.71
N THR A 127 4.77 -4.06 -25.76
CA THR A 127 5.10 -2.64 -25.75
C THR A 127 3.88 -1.79 -25.44
N GLU A 128 2.87 -1.86 -26.31
CA GLU A 128 1.64 -1.10 -26.13
C GLU A 128 1.16 -1.19 -24.68
N ARG A 129 0.97 -2.40 -24.20
CA ARG A 129 0.51 -2.61 -22.83
C ARG A 129 1.14 -1.61 -21.88
N LEU A 130 2.47 -1.52 -21.93
CA LEU A 130 3.20 -0.60 -21.07
C LEU A 130 2.87 0.86 -21.41
N HIS A 131 3.26 1.28 -22.60
CA HIS A 131 3.00 2.64 -23.05
C HIS A 131 1.66 3.14 -22.52
N ALA A 132 0.64 2.29 -22.63
CA ALA A 132 -0.70 2.65 -22.16
C ALA A 132 -0.69 3.01 -20.68
N LEU A 133 -0.33 2.04 -19.84
CA LEU A 133 -0.28 2.26 -18.41
C LEU A 133 0.55 3.49 -18.07
N LYS A 134 1.50 3.81 -18.94
CA LYS A 134 2.37 4.97 -18.74
C LYS A 134 1.63 6.25 -19.04
N GLU A 135 0.78 6.22 -20.07
CA GLU A 135 0.01 7.40 -20.46
C GLU A 135 -1.23 7.55 -19.58
N ILE A 136 -1.71 6.43 -19.05
CA ILE A 136 -2.89 6.44 -18.19
C ILE A 136 -2.56 6.98 -16.81
N VAL A 137 -1.37 6.67 -16.32
CA VAL A 137 -0.92 7.14 -15.01
C VAL A 137 -0.67 8.65 -15.02
N LYS A 138 -0.88 9.27 -16.17
CA LYS A 138 -0.68 10.71 -16.32
C LYS A 138 -1.90 11.48 -15.82
N LYS A 139 -3.07 10.86 -15.93
CA LYS A 139 -4.32 11.49 -15.49
C LYS A 139 -4.69 11.01 -14.10
N PHE A 140 -3.75 10.38 -13.41
CA PHE A 140 -3.99 9.89 -12.06
C PHE A 140 -4.00 11.02 -11.05
N HIS A 141 -4.91 10.95 -10.08
CA HIS A 141 -5.03 11.97 -9.05
C HIS A 141 -3.65 12.54 -8.71
N PRO A 142 -3.61 13.87 -8.48
CA PRO A 142 -2.37 14.57 -8.14
C PRO A 142 -1.88 14.22 -6.74
N VAL A 143 -2.80 13.86 -5.85
CA VAL A 143 -2.46 13.49 -4.49
C VAL A 143 -2.15 12.00 -4.38
N ASN A 144 -2.84 11.20 -5.18
CA ASN A 144 -2.64 9.75 -5.18
C ASN A 144 -1.44 9.37 -6.04
N TYR A 145 -1.40 9.90 -7.25
CA TYR A 145 -0.32 9.62 -8.19
C TYR A 145 1.02 9.63 -7.48
N ASP A 146 1.24 10.63 -6.63
CA ASP A 146 2.48 10.75 -5.88
C ASP A 146 2.74 9.50 -5.05
N VAL A 147 1.77 9.16 -4.20
CA VAL A 147 1.90 7.98 -3.34
C VAL A 147 1.96 6.70 -4.17
N PHE A 148 0.91 6.46 -4.95
CA PHE A 148 0.85 5.26 -5.79
C PHE A 148 2.23 4.95 -6.39
N ARG A 149 2.91 5.99 -6.84
CA ARG A 149 4.24 5.83 -7.44
C ARG A 149 5.27 5.49 -6.38
N TYR A 150 5.29 6.27 -5.30
CA TYR A 150 6.24 6.06 -4.21
C TYR A 150 6.19 4.61 -3.73
N VAL A 151 4.98 4.10 -3.55
CA VAL A 151 4.79 2.73 -3.09
C VAL A 151 5.42 1.73 -4.04
N ILE A 152 4.89 1.67 -5.26
CA ILE A 152 5.41 0.76 -6.27
C ILE A 152 6.94 0.76 -6.29
N THR A 153 7.51 1.96 -6.38
CA THR A 153 8.96 2.10 -6.41
C THR A 153 9.63 1.19 -5.38
N HIS A 154 8.96 1.01 -4.23
CA HIS A 154 9.49 0.17 -3.18
C HIS A 154 9.15 -1.30 -3.43
N LEU A 155 7.96 -1.54 -3.95
CA LEU A 155 7.50 -2.89 -4.24
C LEU A 155 8.49 -3.61 -5.17
N ASN A 156 8.90 -2.92 -6.23
CA ASN A 156 9.84 -3.48 -7.19
C ASN A 156 11.07 -4.04 -6.49
N ARG A 157 11.56 -3.30 -5.51
CA ARG A 157 12.74 -3.73 -4.75
C ARG A 157 12.51 -5.09 -4.12
N VAL A 158 11.29 -5.35 -3.69
CA VAL A 158 10.94 -6.62 -3.08
C VAL A 158 10.91 -7.75 -4.10
N SER A 159 10.33 -7.47 -5.25
CA SER A 159 10.24 -8.46 -6.33
C SER A 159 11.62 -8.83 -6.85
N GLN A 160 12.53 -7.85 -6.86
CA GLN A 160 13.88 -8.07 -7.34
C GLN A 160 14.53 -9.24 -6.60
N GLN A 161 14.32 -9.30 -5.29
CA GLN A 161 14.89 -10.36 -4.47
C GLN A 161 13.81 -11.34 -4.04
N HIS A 162 12.86 -11.61 -4.92
CA HIS A 162 11.77 -12.53 -4.63
C HIS A 162 12.31 -13.88 -4.17
N LYS A 163 13.46 -14.27 -4.72
CA LYS A 163 14.08 -15.54 -4.36
C LYS A 163 14.32 -15.62 -2.86
N ILE A 164 14.57 -14.48 -2.24
CA ILE A 164 14.81 -14.42 -0.81
C ILE A 164 13.51 -14.24 -0.03
N ASN A 165 12.80 -13.14 -0.33
CA ASN A 165 11.54 -12.84 0.34
C ASN A 165 10.42 -13.71 -0.21
N LEU A 166 10.78 -14.67 -1.06
CA LEU A 166 9.80 -15.56 -1.67
C LEU A 166 8.54 -14.81 -2.07
N MET A 167 8.72 -13.74 -2.85
CA MET A 167 7.59 -12.93 -3.30
C MET A 167 7.92 -12.25 -4.64
N THR A 168 7.13 -12.55 -5.66
CA THR A 168 7.33 -11.98 -6.98
C THR A 168 6.34 -10.85 -7.24
N ALA A 169 6.72 -9.92 -8.10
CA ALA A 169 5.87 -8.79 -8.44
C ALA A 169 4.41 -9.20 -8.49
N ASP A 170 4.15 -10.34 -9.11
CA ASP A 170 2.78 -10.86 -9.23
C ASP A 170 2.19 -11.14 -7.85
N ASN A 171 2.93 -11.88 -7.03
CA ASN A 171 2.47 -12.22 -5.69
C ASN A 171 2.08 -10.97 -4.91
N LEU A 172 2.87 -9.91 -5.08
CA LEU A 172 2.60 -8.64 -4.40
C LEU A 172 1.32 -8.00 -4.91
N SER A 173 1.16 -7.99 -6.23
CA SER A 173 -0.02 -7.42 -6.84
C SER A 173 -1.30 -8.00 -6.25
N ILE A 174 -1.37 -9.33 -6.18
CA ILE A 174 -2.53 -10.01 -5.64
C ILE A 174 -2.67 -9.73 -4.14
N CYS A 175 -1.54 -9.73 -3.43
CA CYS A 175 -1.55 -9.48 -2.00
C CYS A 175 -1.95 -8.03 -1.70
N PHE A 176 -1.63 -7.13 -2.62
CA PHE A 176 -1.95 -5.73 -2.46
C PHE A 176 -3.28 -5.39 -3.13
N TRP A 177 -3.88 -6.39 -3.76
CA TRP A 177 -5.16 -6.21 -4.45
C TRP A 177 -6.25 -5.80 -3.45
N PRO A 178 -6.31 -6.50 -2.32
CA PRO A 178 -7.30 -6.23 -1.27
C PRO A 178 -7.38 -4.74 -0.93
N THR A 179 -6.24 -4.15 -0.59
CA THR A 179 -6.19 -2.74 -0.25
C THR A 179 -6.29 -1.85 -1.49
N LEU A 180 -5.26 -1.90 -2.33
CA LEU A 180 -5.24 -1.11 -3.55
C LEU A 180 -6.63 -0.98 -4.14
N MET A 181 -7.34 -2.10 -4.25
CA MET A 181 -8.70 -2.10 -4.80
C MET A 181 -9.61 -2.98 -3.96
N ARG A 182 -10.67 -2.38 -3.42
CA ARG A 182 -11.63 -3.12 -2.61
C ARG A 182 -11.99 -4.45 -3.25
N PRO A 183 -12.17 -5.48 -2.42
CA PRO A 183 -12.52 -6.83 -2.88
C PRO A 183 -13.94 -6.90 -3.42
N ASP A 184 -14.09 -7.52 -4.58
CA ASP A 184 -15.40 -7.67 -5.21
C ASP A 184 -16.34 -8.47 -4.33
N PHE A 185 -17.60 -8.04 -4.28
CA PHE A 185 -18.60 -8.72 -3.46
C PHE A 185 -18.78 -10.17 -3.91
N GLU A 186 -18.96 -10.36 -5.22
CA GLU A 186 -19.14 -11.69 -5.78
C GLU A 186 -17.87 -12.53 -5.61
N ASN A 187 -16.77 -12.02 -6.12
CA ASN A 187 -15.48 -12.71 -6.03
C ASN A 187 -15.64 -14.18 -6.39
N ARG A 188 -16.42 -14.45 -7.44
CA ARG A 188 -16.65 -15.82 -7.88
C ARG A 188 -16.36 -15.97 -9.36
N GLU A 189 -15.79 -17.11 -9.74
CA GLU A 189 -15.45 -17.37 -11.13
C GLU A 189 -16.15 -18.64 -11.63
N PHE A 190 -16.98 -18.48 -12.66
CA PHE A 190 -17.70 -19.61 -13.23
C PHE A 190 -16.83 -20.39 -14.20
N LEU A 191 -16.26 -19.68 -15.18
CA LEU A 191 -15.40 -20.31 -16.17
C LEU A 191 -14.41 -19.31 -16.74
N SER A 192 -13.43 -19.81 -17.47
CA SER A 192 -12.40 -18.95 -18.07
C SER A 192 -12.00 -17.84 -17.11
N THR A 193 -11.78 -18.20 -15.85
CA THR A 193 -11.39 -17.23 -14.83
C THR A 193 -10.39 -16.23 -15.39
N THR A 194 -10.77 -14.95 -15.35
CA THR A 194 -9.90 -13.89 -15.85
C THR A 194 -9.00 -13.35 -14.75
N LYS A 195 -7.77 -12.99 -15.11
CA LYS A 195 -6.81 -12.46 -14.15
C LYS A 195 -6.17 -11.18 -14.68
N ILE A 196 -6.95 -10.39 -15.42
CA ILE A 196 -6.46 -9.14 -15.98
C ILE A 196 -6.44 -8.04 -14.93
N HIS A 197 -7.60 -7.79 -14.32
CA HIS A 197 -7.71 -6.77 -13.29
C HIS A 197 -6.45 -6.71 -12.43
N GLN A 198 -6.03 -7.87 -11.94
CA GLN A 198 -4.83 -7.95 -11.10
C GLN A 198 -3.58 -7.63 -11.90
N SER A 199 -3.47 -8.24 -13.08
CA SER A 199 -2.31 -8.01 -13.94
C SER A 199 -2.01 -6.52 -14.07
N VAL A 200 -3.07 -5.71 -14.11
CA VAL A 200 -2.92 -4.27 -14.24
C VAL A 200 -1.90 -3.73 -13.24
N VAL A 201 -2.06 -4.11 -11.98
CA VAL A 201 -1.15 -3.67 -10.92
C VAL A 201 0.24 -4.24 -11.13
N GLU A 202 0.35 -5.56 -11.16
CA GLU A 202 1.63 -6.23 -11.35
C GLU A 202 2.52 -5.43 -12.30
N THR A 203 2.09 -5.30 -13.55
CA THR A 203 2.83 -4.57 -14.54
C THR A 203 3.43 -3.29 -13.97
N PHE A 204 2.55 -2.35 -13.59
CA PHE A 204 2.98 -1.08 -13.03
C PHE A 204 4.22 -1.28 -12.14
N ILE A 205 4.30 -2.43 -11.49
CA ILE A 205 5.43 -2.73 -10.62
C ILE A 205 6.59 -3.31 -11.42
N GLN A 206 6.29 -4.26 -12.29
CA GLN A 206 7.32 -4.90 -13.11
C GLN A 206 8.08 -3.86 -13.93
N GLN A 207 7.35 -3.11 -14.75
CA GLN A 207 7.97 -2.08 -15.59
C GLN A 207 7.90 -0.72 -14.91
N CYS A 208 7.94 -0.72 -13.59
CA CYS A 208 7.88 0.52 -12.82
C CYS A 208 9.02 1.45 -13.20
N GLN A 209 10.07 0.89 -13.77
CA GLN A 209 11.23 1.68 -14.18
C GLN A 209 11.03 2.24 -15.59
N PHE A 210 10.75 1.36 -16.53
CA PHE A 210 10.54 1.77 -17.93
C PHE A 210 9.75 3.06 -17.99
N PHE A 211 8.81 3.22 -17.07
CA PHE A 211 7.97 4.42 -17.02
C PHE A 211 8.84 5.68 -16.96
N PHE A 212 9.60 5.81 -15.89
CA PHE A 212 10.47 6.97 -15.70
C PHE A 212 11.93 6.58 -15.88
N TYR A 213 12.39 5.60 -15.10
CA TYR A 213 13.77 5.15 -15.18
C TYR A 213 14.09 4.61 -16.56
N ASN A 214 13.05 4.44 -17.38
CA ASN A 214 13.22 3.93 -18.74
C ASN A 214 14.17 2.72 -18.76
N GLY A 215 13.98 1.81 -17.81
CA GLY A 215 14.82 0.64 -17.73
C GLY A 215 14.40 -0.42 -18.74
N GLU A 216 15.24 -1.44 -18.90
CA GLU A 216 14.97 -2.52 -19.84
C GLU A 216 13.58 -3.11 -19.60
N ILE A 217 12.89 -3.45 -20.67
CA ILE A 217 11.55 -4.03 -20.58
C ILE A 217 11.62 -5.47 -20.10
N VAL A 218 10.76 -5.79 -19.13
CA VAL A 218 10.70 -7.14 -18.58
C VAL A 218 9.42 -7.85 -19.00
N GLU A 219 9.35 -9.15 -18.70
CA GLU A 219 8.17 -9.95 -19.05
C GLU A 219 8.02 -11.13 -18.09
N GLY A 1 33.70 -9.11 15.66
CA GLY A 1 33.24 -8.88 17.01
C GLY A 1 31.89 -8.21 17.06
N SER A 2 31.16 -8.43 18.16
CA SER A 2 29.83 -7.85 18.33
C SER A 2 29.30 -8.12 19.73
N SER A 3 28.11 -7.59 20.01
CA SER A 3 27.49 -7.77 21.32
C SER A 3 26.02 -8.16 21.17
N GLY A 4 25.37 -8.42 22.30
CA GLY A 4 23.97 -8.79 22.27
C GLY A 4 23.24 -8.40 23.54
N SER A 5 21.91 -8.37 23.49
CA SER A 5 21.10 -8.00 24.64
C SER A 5 19.61 -8.24 24.36
N SER A 6 18.78 -7.91 25.33
CA SER A 6 17.33 -8.09 25.20
C SER A 6 16.59 -7.26 26.23
N GLY A 7 15.26 -7.20 26.09
CA GLY A 7 14.45 -6.43 27.01
C GLY A 7 13.06 -7.00 27.15
N LYS A 8 12.23 -6.35 27.98
CA LYS A 8 10.86 -6.80 28.21
C LYS A 8 10.05 -5.71 28.89
N ASN A 9 8.89 -5.39 28.31
CA ASN A 9 8.01 -4.37 28.86
C ASN A 9 6.55 -4.76 28.69
N PHE A 10 5.68 -4.10 29.46
CA PHE A 10 4.25 -4.37 29.39
C PHE A 10 3.45 -3.32 30.15
N ASN A 11 2.14 -3.29 29.92
CA ASN A 11 1.27 -2.34 30.59
C ASN A 11 -0.18 -2.77 30.52
N PRO A 12 -0.96 -2.46 31.56
CA PRO A 12 -2.37 -2.81 31.64
C PRO A 12 -3.22 -2.03 30.65
N PRO A 13 -4.49 -2.44 30.49
CA PRO A 13 -5.44 -1.79 29.58
C PRO A 13 -5.84 -0.40 30.07
N THR A 14 -5.80 0.58 29.17
CA THR A 14 -6.16 1.95 29.50
C THR A 14 -6.64 2.71 28.26
N ARG A 15 -7.56 3.63 28.47
CA ARG A 15 -8.10 4.43 27.37
C ARG A 15 -7.02 4.73 26.34
N ARG A 16 -7.20 4.21 25.13
CA ARG A 16 -6.23 4.43 24.06
C ARG A 16 -6.37 5.84 23.49
N ASN A 17 -5.23 6.51 23.33
CA ASN A 17 -5.22 7.87 22.78
C ASN A 17 -5.19 7.85 21.26
N TRP A 18 -6.06 7.05 20.67
CA TRP A 18 -6.15 6.94 19.22
C TRP A 18 -7.36 7.69 18.68
N GLU A 19 -7.20 9.00 18.47
CA GLU A 19 -8.28 9.83 17.96
C GLU A 19 -8.27 9.86 16.43
N SER A 20 -9.29 10.50 15.85
CA SER A 20 -9.40 10.59 14.40
C SER A 20 -10.03 11.92 13.98
N ASN A 21 -9.48 12.53 12.96
CA ASN A 21 -9.98 13.81 12.47
C ASN A 21 -10.29 13.73 10.97
N TYR A 22 -10.96 12.66 10.56
CA TYR A 22 -11.30 12.47 9.16
C TYR A 22 -12.80 12.22 9.00
N PHE A 23 -13.36 11.41 9.91
CA PHE A 23 -14.78 11.10 9.88
C PHE A 23 -15.28 10.98 8.44
N GLY A 24 -14.54 10.24 7.62
CA GLY A 24 -14.91 10.06 6.22
C GLY A 24 -14.26 11.09 5.31
N MET A 25 -13.04 11.50 5.66
CA MET A 25 -12.33 12.49 4.86
C MET A 25 -11.29 11.81 3.96
N PRO A 26 -11.20 12.28 2.71
CA PRO A 26 -10.26 11.74 1.73
C PRO A 26 -8.80 12.07 2.07
N LEU A 27 -7.90 11.20 1.64
CA LEU A 27 -6.47 11.40 1.90
C LEU A 27 -6.05 12.83 1.58
N GLN A 28 -6.58 13.37 0.49
CA GLN A 28 -6.25 14.72 0.08
C GLN A 28 -6.45 15.70 1.23
N ASP A 29 -7.57 15.55 1.95
CA ASP A 29 -7.88 16.42 3.08
C ASP A 29 -6.97 16.11 4.26
N LEU A 30 -6.81 14.83 4.56
CA LEU A 30 -5.98 14.40 5.67
C LEU A 30 -4.55 14.91 5.51
N VAL A 31 -4.07 14.92 4.27
CA VAL A 31 -2.72 15.39 3.97
C VAL A 31 -2.70 16.88 3.69
N THR A 32 -1.51 17.47 3.72
CA THR A 32 -1.36 18.90 3.46
C THR A 32 -0.75 19.15 2.10
N ALA A 33 -1.34 20.08 1.35
CA ALA A 33 -0.86 20.42 0.02
C ALA A 33 0.66 20.33 -0.05
N GLU A 34 1.33 20.86 0.97
CA GLU A 34 2.79 20.84 1.02
C GLU A 34 3.31 19.41 0.97
N LYS A 35 2.72 18.53 1.78
CA LYS A 35 3.13 17.14 1.83
C LYS A 35 1.94 16.21 1.58
N PRO A 36 1.78 15.77 0.33
CA PRO A 36 0.68 14.88 -0.06
C PRO A 36 0.84 13.48 0.52
N ILE A 37 2.07 12.98 0.51
CA ILE A 37 2.36 11.66 1.04
C ILE A 37 2.46 11.67 2.56
N PRO A 38 1.75 10.74 3.22
CA PRO A 38 1.74 10.63 4.68
C PRO A 38 3.08 10.13 5.22
N LEU A 39 3.77 11.00 5.96
CA LEU A 39 5.06 10.65 6.54
C LEU A 39 5.07 9.21 7.04
N PHE A 40 4.09 8.89 7.89
CA PHE A 40 3.99 7.53 8.44
C PHE A 40 4.31 6.49 7.37
N VAL A 41 3.49 6.45 6.33
CA VAL A 41 3.69 5.49 5.25
C VAL A 41 5.17 5.42 4.84
N GLU A 42 5.74 6.58 4.55
CA GLU A 42 7.14 6.65 4.14
C GLU A 42 8.04 5.97 5.17
N LYS A 43 8.03 6.47 6.39
CA LYS A 43 8.84 5.90 7.47
C LYS A 43 8.75 4.37 7.46
N CYS A 44 7.60 3.85 7.07
CA CYS A 44 7.39 2.41 7.03
C CYS A 44 8.08 1.80 5.81
N VAL A 45 7.82 2.39 4.64
CA VAL A 45 8.42 1.90 3.39
C VAL A 45 9.94 1.93 3.47
N GLU A 46 10.48 2.98 4.07
CA GLU A 46 11.92 3.12 4.21
C GLU A 46 12.46 2.24 5.34
N PHE A 47 11.60 1.96 6.31
CA PHE A 47 11.98 1.13 7.44
C PHE A 47 11.96 -0.35 7.07
N ILE A 48 11.05 -0.72 6.19
CA ILE A 48 10.92 -2.11 5.75
C ILE A 48 12.14 -2.53 4.93
N GLU A 49 12.69 -1.59 4.17
CA GLU A 49 13.86 -1.87 3.34
C GLU A 49 15.14 -1.74 4.15
N ASP A 50 15.14 -0.81 5.11
CA ASP A 50 16.31 -0.59 5.95
C ASP A 50 16.71 -1.87 6.68
N THR A 51 15.75 -2.77 6.86
CA THR A 51 16.00 -4.04 7.53
C THR A 51 16.56 -5.08 6.56
N GLY A 52 17.26 -4.61 5.53
CA GLY A 52 17.83 -5.50 4.56
C GLY A 52 16.86 -5.85 3.44
N LEU A 53 15.58 -5.91 3.79
CA LEU A 53 14.54 -6.24 2.81
C LEU A 53 14.62 -7.72 2.41
N CYS A 54 15.13 -8.54 3.32
CA CYS A 54 15.26 -9.97 3.06
C CYS A 54 14.35 -10.77 3.99
N THR A 55 13.12 -10.31 4.15
CA THR A 55 12.16 -10.99 5.01
C THR A 55 11.18 -11.83 4.19
N GLU A 56 10.93 -13.06 4.66
CA GLU A 56 10.02 -13.96 3.98
C GLU A 56 8.59 -13.42 4.00
N GLY A 57 8.07 -13.10 2.82
CA GLY A 57 6.72 -12.57 2.72
C GLY A 57 6.36 -11.69 3.90
N LEU A 58 6.99 -10.53 3.99
CA LEU A 58 6.74 -9.59 5.08
C LEU A 58 5.29 -9.10 5.04
N TYR A 59 4.63 -9.33 3.91
CA TYR A 59 3.24 -8.90 3.75
C TYR A 59 2.29 -10.07 4.00
N ARG A 60 2.48 -11.15 3.25
CA ARG A 60 1.64 -12.34 3.39
C ARG A 60 1.72 -12.90 4.81
N VAL A 61 2.73 -12.46 5.56
CA VAL A 61 2.90 -12.92 6.93
C VAL A 61 2.31 -11.92 7.92
N SER A 62 1.13 -12.27 8.47
CA SER A 62 0.45 -11.41 9.42
C SER A 62 1.31 -11.19 10.66
N GLY A 63 1.55 -9.92 11.00
CA GLY A 63 2.36 -9.61 12.16
C GLY A 63 1.51 -9.28 13.38
N ASN A 64 2.11 -9.43 14.56
CA ASN A 64 1.40 -9.15 15.81
C ASN A 64 0.54 -7.91 15.68
N LYS A 65 -0.59 -7.91 16.38
CA LYS A 65 -1.51 -6.77 16.35
C LYS A 65 -1.01 -5.64 17.25
N THR A 66 -0.53 -6.00 18.44
CA THR A 66 -0.02 -5.03 19.39
C THR A 66 0.99 -4.10 18.74
N ASP A 67 1.91 -4.68 17.97
CA ASP A 67 2.93 -3.90 17.29
C ASP A 67 2.31 -2.85 16.37
N GLN A 68 1.49 -3.31 15.43
CA GLN A 68 0.83 -2.41 14.49
C GLN A 68 0.13 -1.28 15.22
N ASP A 69 -0.28 -1.54 16.45
CA ASP A 69 -0.97 -0.54 17.26
C ASP A 69 0.02 0.51 17.77
N ASN A 70 1.01 0.07 18.54
CA ASN A 70 2.01 0.98 19.09
C ASN A 70 2.73 1.74 17.96
N ILE A 71 3.11 1.02 16.92
CA ILE A 71 3.81 1.63 15.79
C ILE A 71 3.09 2.90 15.33
N GLN A 72 1.77 2.84 15.27
CA GLN A 72 0.96 3.98 14.86
C GLN A 72 0.72 4.94 16.02
N LYS A 73 0.00 4.45 17.03
CA LYS A 73 -0.30 5.25 18.20
C LYS A 73 0.91 6.05 18.64
N GLN A 74 2.03 5.36 18.85
CA GLN A 74 3.26 6.02 19.29
C GLN A 74 3.70 7.07 18.27
N PHE A 75 3.55 6.75 16.98
CA PHE A 75 3.92 7.67 15.92
C PHE A 75 3.06 8.93 15.95
N ASP A 76 1.75 8.74 15.77
CA ASP A 76 0.81 9.85 15.78
C ASP A 76 1.00 10.72 17.02
N GLN A 77 0.89 10.10 18.19
CA GLN A 77 1.05 10.82 19.45
C GLN A 77 2.36 11.60 19.46
N ASP A 78 3.33 11.13 18.70
CA ASP A 78 4.63 11.80 18.63
C ASP A 78 5.40 11.35 17.39
N HIS A 79 5.66 12.29 16.48
CA HIS A 79 6.39 11.98 15.26
C HIS A 79 7.87 11.72 15.56
N ASN A 80 8.40 12.41 16.56
CA ASN A 80 9.79 12.26 16.95
C ASN A 80 10.21 10.79 16.90
N ILE A 81 9.37 9.93 17.46
CA ILE A 81 9.64 8.50 17.49
C ILE A 81 10.12 8.01 16.13
N ASN A 82 11.01 7.03 16.13
CA ASN A 82 11.54 6.46 14.90
C ASN A 82 11.43 4.94 14.91
N LEU A 83 10.69 4.40 13.94
CA LEU A 83 10.51 2.96 13.84
C LEU A 83 11.85 2.23 13.94
N VAL A 84 12.80 2.64 13.11
CA VAL A 84 14.12 2.03 13.11
C VAL A 84 14.64 1.84 14.53
N SER A 85 14.55 2.89 15.34
CA SER A 85 15.01 2.85 16.72
C SER A 85 14.22 1.82 17.52
N MET A 86 12.89 1.84 17.35
CA MET A 86 12.02 0.91 18.06
C MET A 86 12.49 -0.52 17.88
N GLU A 87 13.05 -0.82 16.71
CA GLU A 87 13.54 -2.16 16.41
C GLU A 87 12.43 -3.19 16.55
N VAL A 88 11.28 -2.92 15.92
CA VAL A 88 10.15 -3.82 15.98
C VAL A 88 10.26 -4.91 14.93
N THR A 89 9.36 -5.90 15.00
CA THR A 89 9.36 -7.01 14.06
C THR A 89 8.90 -6.54 12.68
N VAL A 90 9.80 -6.64 11.70
CA VAL A 90 9.47 -6.23 10.34
C VAL A 90 8.06 -6.64 9.95
N ASN A 91 7.70 -7.88 10.28
CA ASN A 91 6.37 -8.39 9.97
C ASN A 91 5.29 -7.41 10.42
N ALA A 92 5.47 -6.84 11.60
CA ALA A 92 4.52 -5.88 12.14
C ALA A 92 4.42 -4.64 11.25
N VAL A 93 5.52 -3.91 11.15
CA VAL A 93 5.56 -2.70 10.34
C VAL A 93 5.02 -2.96 8.93
N ALA A 94 5.54 -4.00 8.28
CA ALA A 94 5.11 -4.37 6.94
C ALA A 94 3.59 -4.36 6.84
N GLY A 95 2.93 -4.79 7.90
CA GLY A 95 1.47 -4.82 7.91
C GLY A 95 0.86 -3.45 8.15
N ALA A 96 1.22 -2.84 9.27
CA ALA A 96 0.70 -1.52 9.62
C ALA A 96 0.69 -0.60 8.41
N LEU A 97 1.75 -0.65 7.62
CA LEU A 97 1.87 0.18 6.43
C LEU A 97 0.60 0.09 5.58
N LYS A 98 0.21 -1.13 5.24
CA LYS A 98 -0.98 -1.36 4.42
C LYS A 98 -2.23 -0.91 5.18
N ALA A 99 -2.31 -1.26 6.45
CA ALA A 99 -3.46 -0.89 7.28
C ALA A 99 -3.94 0.52 6.94
N PHE A 100 -3.00 1.47 6.93
CA PHE A 100 -3.33 2.86 6.62
C PHE A 100 -4.06 2.96 5.28
N PHE A 101 -3.42 2.49 4.22
CA PHE A 101 -4.00 2.53 2.89
C PHE A 101 -5.41 1.96 2.89
N ALA A 102 -5.61 0.88 3.66
CA ALA A 102 -6.91 0.24 3.75
C ALA A 102 -7.92 1.15 4.45
N ASP A 103 -7.45 1.89 5.45
CA ASP A 103 -8.31 2.80 6.19
C ASP A 103 -8.91 3.87 5.28
N LEU A 104 -8.14 4.28 4.28
CA LEU A 104 -8.59 5.29 3.33
C LEU A 104 -10.05 5.08 2.97
N PRO A 105 -10.80 6.19 2.83
CA PRO A 105 -12.22 6.15 2.48
C PRO A 105 -12.46 5.70 1.05
N ASP A 106 -11.43 5.86 0.21
CA ASP A 106 -11.53 5.46 -1.19
C ASP A 106 -10.25 4.75 -1.64
N PRO A 107 -10.38 3.92 -2.69
CA PRO A 107 -9.25 3.17 -3.24
C PRO A 107 -8.24 4.06 -3.94
N LEU A 108 -6.95 3.76 -3.78
CA LEU A 108 -5.90 4.54 -4.41
C LEU A 108 -6.25 4.87 -5.85
N ILE A 109 -6.60 3.84 -6.62
CA ILE A 109 -6.96 4.02 -8.01
C ILE A 109 -8.41 4.46 -8.16
N PRO A 110 -8.62 5.55 -8.93
CA PRO A 110 -9.95 6.11 -9.17
C PRO A 110 -10.81 5.20 -10.04
N TYR A 111 -12.13 5.37 -9.96
CA TYR A 111 -13.05 4.57 -10.74
C TYR A 111 -13.12 5.07 -12.19
N SER A 112 -12.87 6.36 -12.37
CA SER A 112 -12.90 6.96 -13.70
C SER A 112 -11.79 6.40 -14.58
N LEU A 113 -10.93 5.58 -13.99
CA LEU A 113 -9.82 4.97 -14.71
C LEU A 113 -9.72 3.48 -14.41
N HIS A 114 -10.83 2.89 -13.97
CA HIS A 114 -10.88 1.48 -13.65
C HIS A 114 -10.80 0.63 -14.92
N PRO A 115 -11.78 0.81 -15.81
CA PRO A 115 -11.85 0.08 -17.08
C PRO A 115 -10.75 0.50 -18.06
N GLU A 116 -10.14 1.65 -17.78
CA GLU A 116 -9.08 2.16 -18.64
C GLU A 116 -7.77 1.37 -18.43
N LEU A 117 -7.53 0.98 -17.18
CA LEU A 117 -6.33 0.22 -16.85
C LEU A 117 -6.43 -1.21 -17.39
N LEU A 118 -7.65 -1.70 -17.55
CA LEU A 118 -7.87 -3.05 -18.05
C LEU A 118 -7.87 -3.07 -19.57
N GLU A 119 -8.60 -2.14 -20.18
CA GLU A 119 -8.66 -2.05 -21.64
C GLU A 119 -7.27 -1.95 -22.25
N ALA A 120 -6.35 -1.34 -21.50
CA ALA A 120 -4.98 -1.19 -21.97
C ALA A 120 -4.14 -2.42 -21.62
N ALA A 121 -4.55 -3.13 -20.58
CA ALA A 121 -3.84 -4.33 -20.15
C ALA A 121 -4.18 -5.53 -21.03
N LYS A 122 -5.32 -5.44 -21.71
CA LYS A 122 -5.76 -6.52 -22.59
C LYS A 122 -5.22 -6.32 -24.01
N ILE A 123 -4.29 -5.38 -24.16
CA ILE A 123 -3.69 -5.09 -25.45
C ILE A 123 -2.67 -6.16 -25.83
N PRO A 124 -2.69 -6.56 -27.11
CA PRO A 124 -1.77 -7.58 -27.64
C PRO A 124 -0.33 -7.08 -27.71
N ASP A 125 -0.15 -5.89 -28.29
CA ASP A 125 1.17 -5.30 -28.42
C ASP A 125 1.79 -5.04 -27.05
N LYS A 126 2.70 -5.93 -26.64
CA LYS A 126 3.36 -5.79 -25.34
C LYS A 126 3.79 -4.34 -25.10
N THR A 127 4.45 -3.76 -26.09
CA THR A 127 4.92 -2.38 -25.99
C THR A 127 3.77 -1.42 -25.69
N GLU A 128 2.79 -1.38 -26.60
CA GLU A 128 1.63 -0.51 -26.43
C GLU A 128 1.01 -0.69 -25.05
N ARG A 129 0.81 -1.94 -24.66
CA ARG A 129 0.22 -2.24 -23.36
C ARG A 129 0.87 -1.41 -22.26
N LEU A 130 2.19 -1.44 -22.21
CA LEU A 130 2.94 -0.69 -21.20
C LEU A 130 2.76 0.82 -21.40
N HIS A 131 3.05 1.28 -22.62
CA HIS A 131 2.92 2.70 -22.94
C HIS A 131 1.60 3.26 -22.42
N ALA A 132 0.49 2.64 -22.82
CA ALA A 132 -0.83 3.07 -22.39
C ALA A 132 -0.88 3.24 -20.88
N LEU A 133 -0.53 2.18 -20.16
CA LEU A 133 -0.53 2.21 -18.70
C LEU A 133 0.31 3.35 -18.17
N LYS A 134 1.42 3.62 -18.85
CA LYS A 134 2.32 4.70 -18.45
C LYS A 134 1.66 6.07 -18.66
N GLU A 135 0.67 6.11 -19.53
CA GLU A 135 -0.05 7.35 -19.82
C GLU A 135 -1.23 7.53 -18.88
N ILE A 136 -2.03 6.48 -18.74
CA ILE A 136 -3.20 6.52 -17.87
C ILE A 136 -2.81 6.88 -16.44
N VAL A 137 -1.63 6.43 -16.02
CA VAL A 137 -1.14 6.72 -14.68
C VAL A 137 -0.74 8.18 -14.54
N LYS A 138 -0.77 8.90 -15.65
CA LYS A 138 -0.42 10.32 -15.65
C LYS A 138 -1.64 11.19 -15.34
N LYS A 139 -2.80 10.78 -15.85
CA LYS A 139 -4.04 11.51 -15.63
C LYS A 139 -4.72 11.05 -14.34
N PHE A 140 -3.93 10.48 -13.43
CA PHE A 140 -4.45 10.00 -12.16
C PHE A 140 -4.59 11.14 -11.16
N HIS A 141 -5.16 10.83 -9.99
CA HIS A 141 -5.35 11.83 -8.95
C HIS A 141 -4.00 12.33 -8.42
N PRO A 142 -3.93 13.64 -8.14
CA PRO A 142 -2.71 14.26 -7.63
C PRO A 142 -2.39 13.84 -6.20
N VAL A 143 -3.38 13.26 -5.53
CA VAL A 143 -3.21 12.80 -4.15
C VAL A 143 -2.94 11.30 -4.10
N ASN A 144 -3.39 10.59 -5.12
CA ASN A 144 -3.20 9.15 -5.19
C ASN A 144 -1.95 8.80 -5.99
N TYR A 145 -1.65 9.61 -6.99
CA TYR A 145 -0.48 9.39 -7.83
C TYR A 145 0.80 9.56 -7.03
N ASP A 146 0.97 10.72 -6.42
CA ASP A 146 2.15 11.01 -5.61
C ASP A 146 2.52 9.81 -4.75
N VAL A 147 1.53 9.28 -4.03
CA VAL A 147 1.75 8.13 -3.17
C VAL A 147 1.95 6.85 -3.98
N PHE A 148 0.99 6.54 -4.84
CA PHE A 148 1.07 5.35 -5.68
C PHE A 148 2.47 5.17 -6.25
N ARG A 149 3.07 6.28 -6.68
CA ARG A 149 4.41 6.25 -7.25
C ARG A 149 5.42 5.71 -6.24
N TYR A 150 5.53 6.39 -5.10
CA TYR A 150 6.47 5.97 -4.06
C TYR A 150 6.23 4.52 -3.66
N VAL A 151 4.96 4.10 -3.69
CA VAL A 151 4.60 2.73 -3.34
C VAL A 151 5.31 1.72 -4.24
N ILE A 152 4.99 1.78 -5.54
CA ILE A 152 5.60 0.88 -6.51
C ILE A 152 7.13 0.91 -6.41
N THR A 153 7.69 2.11 -6.50
CA THR A 153 9.14 2.28 -6.42
C THR A 153 9.75 1.35 -5.38
N HIS A 154 9.00 1.11 -4.30
CA HIS A 154 9.47 0.25 -3.23
C HIS A 154 9.18 -1.21 -3.55
N LEU A 155 7.99 -1.47 -4.08
CA LEU A 155 7.60 -2.83 -4.43
C LEU A 155 8.66 -3.51 -5.28
N ASN A 156 9.12 -2.82 -6.32
CA ASN A 156 10.15 -3.35 -7.21
C ASN A 156 11.32 -3.90 -6.41
N ARG A 157 11.77 -3.14 -5.42
CA ARG A 157 12.89 -3.56 -4.58
C ARG A 157 12.64 -4.93 -3.98
N VAL A 158 11.40 -5.19 -3.60
CA VAL A 158 11.02 -6.47 -3.01
C VAL A 158 10.96 -7.56 -4.08
N SER A 159 10.35 -7.23 -5.21
CA SER A 159 10.22 -8.18 -6.30
C SER A 159 11.58 -8.65 -6.80
N GLN A 160 12.59 -7.81 -6.59
CA GLN A 160 13.95 -8.13 -7.01
C GLN A 160 14.49 -9.34 -6.24
N GLN A 161 14.14 -9.42 -4.96
CA GLN A 161 14.59 -10.52 -4.11
C GLN A 161 13.45 -11.50 -3.85
N HIS A 162 12.61 -11.71 -4.85
CA HIS A 162 11.49 -12.62 -4.73
C HIS A 162 11.95 -14.01 -4.29
N LYS A 163 13.10 -14.43 -4.81
CA LYS A 163 13.67 -15.74 -4.48
C LYS A 163 13.92 -15.85 -2.98
N ILE A 164 14.35 -14.74 -2.37
CA ILE A 164 14.63 -14.71 -0.95
C ILE A 164 13.35 -14.56 -0.13
N ASN A 165 12.66 -13.44 -0.34
CA ASN A 165 11.42 -13.17 0.38
C ASN A 165 10.29 -14.04 -0.15
N LEU A 166 10.62 -14.91 -1.11
CA LEU A 166 9.63 -15.80 -1.70
C LEU A 166 8.38 -15.03 -2.13
N MET A 167 8.59 -13.88 -2.75
CA MET A 167 7.49 -13.04 -3.21
C MET A 167 7.83 -12.39 -4.55
N THR A 168 7.13 -12.80 -5.60
CA THR A 168 7.35 -12.26 -6.93
C THR A 168 6.39 -11.11 -7.22
N ALA A 169 6.80 -10.24 -8.14
CA ALA A 169 5.97 -9.10 -8.52
C ALA A 169 4.51 -9.48 -8.63
N ASP A 170 4.26 -10.70 -9.12
CA ASP A 170 2.90 -11.20 -9.28
C ASP A 170 2.22 -11.37 -7.92
N ASN A 171 2.88 -12.09 -7.03
CA ASN A 171 2.35 -12.33 -5.69
C ASN A 171 2.06 -11.02 -4.96
N LEU A 172 3.02 -10.09 -5.04
CA LEU A 172 2.87 -8.79 -4.40
C LEU A 172 1.69 -8.03 -4.98
N SER A 173 1.59 -8.00 -6.31
CA SER A 173 0.51 -7.30 -6.99
C SER A 173 -0.85 -7.83 -6.53
N ILE A 174 -0.86 -9.07 -6.05
CA ILE A 174 -2.09 -9.69 -5.59
C ILE A 174 -2.32 -9.42 -4.10
N CYS A 175 -1.24 -9.46 -3.33
CA CYS A 175 -1.31 -9.21 -1.89
C CYS A 175 -1.79 -7.79 -1.61
N PHE A 176 -1.43 -6.87 -2.48
CA PHE A 176 -1.81 -5.47 -2.33
C PHE A 176 -3.14 -5.19 -3.02
N TRP A 177 -3.57 -6.13 -3.85
CA TRP A 177 -4.82 -5.99 -4.58
C TRP A 177 -5.95 -5.56 -3.65
N PRO A 178 -6.05 -6.23 -2.49
CA PRO A 178 -7.08 -5.94 -1.48
C PRO A 178 -7.18 -4.44 -1.18
N THR A 179 -6.13 -3.89 -0.60
CA THR A 179 -6.10 -2.47 -0.26
C THR A 179 -6.17 -1.61 -1.52
N LEU A 180 -5.19 -1.77 -2.39
CA LEU A 180 -5.14 -0.99 -3.63
C LEU A 180 -6.54 -0.72 -4.15
N MET A 181 -7.36 -1.76 -4.21
CA MET A 181 -8.73 -1.63 -4.69
C MET A 181 -9.60 -2.78 -4.20
N ARG A 182 -10.89 -2.51 -4.03
CA ARG A 182 -11.82 -3.53 -3.55
C ARG A 182 -12.07 -4.59 -4.61
N PRO A 183 -12.25 -5.84 -4.17
CA PRO A 183 -12.50 -6.97 -5.07
C PRO A 183 -13.87 -6.90 -5.73
N ASP A 184 -13.90 -7.14 -7.05
CA ASP A 184 -15.15 -7.10 -7.80
C ASP A 184 -15.38 -8.43 -8.51
N PHE A 185 -15.10 -9.53 -7.83
CA PHE A 185 -15.29 -10.86 -8.40
C PHE A 185 -16.77 -11.24 -8.42
N GLU A 186 -17.60 -10.33 -8.90
CA GLU A 186 -19.03 -10.58 -8.98
C GLU A 186 -19.50 -10.66 -10.42
N ASN A 187 -18.68 -11.29 -11.26
CA ASN A 187 -19.02 -11.45 -12.68
C ASN A 187 -18.34 -12.69 -13.25
N ARG A 188 -19.06 -13.40 -14.12
CA ARG A 188 -18.55 -14.61 -14.74
C ARG A 188 -17.21 -14.33 -15.43
N GLU A 189 -16.36 -15.35 -15.49
CA GLU A 189 -15.05 -15.21 -16.13
C GLU A 189 -15.11 -15.61 -17.60
N PHE A 190 -13.95 -15.62 -18.25
CA PHE A 190 -13.88 -15.98 -19.66
C PHE A 190 -12.68 -16.87 -19.93
N LEU A 191 -12.57 -17.36 -21.16
CA LEU A 191 -11.46 -18.22 -21.56
C LEU A 191 -10.35 -17.42 -22.23
N SER A 192 -10.69 -16.75 -23.32
CA SER A 192 -9.72 -15.95 -24.05
C SER A 192 -8.85 -15.13 -23.10
N THR A 193 -9.46 -14.14 -22.45
CA THR A 193 -8.74 -13.29 -21.51
C THR A 193 -9.33 -13.41 -20.11
N THR A 194 -8.47 -13.74 -19.13
CA THR A 194 -8.91 -13.89 -17.75
C THR A 194 -7.82 -13.42 -16.79
N LYS A 195 -8.25 -12.90 -15.64
CA LYS A 195 -7.31 -12.42 -14.63
C LYS A 195 -6.49 -11.25 -15.16
N ILE A 196 -7.17 -10.30 -15.79
CA ILE A 196 -6.51 -9.13 -16.34
C ILE A 196 -6.10 -8.15 -15.23
N HIS A 197 -7.03 -7.89 -14.31
CA HIS A 197 -6.77 -6.98 -13.20
C HIS A 197 -5.39 -7.24 -12.61
N GLN A 198 -5.08 -8.51 -12.40
CA GLN A 198 -3.79 -8.90 -11.83
C GLN A 198 -2.63 -8.40 -12.69
N SER A 199 -2.66 -8.74 -13.97
CA SER A 199 -1.62 -8.33 -14.90
C SER A 199 -1.42 -6.82 -14.86
N VAL A 200 -2.52 -6.09 -14.77
CA VAL A 200 -2.46 -4.63 -14.70
C VAL A 200 -1.42 -4.16 -13.70
N VAL A 201 -1.70 -4.36 -12.43
CA VAL A 201 -0.77 -3.97 -11.37
C VAL A 201 0.58 -4.62 -11.54
N GLU A 202 0.60 -5.95 -11.51
CA GLU A 202 1.83 -6.71 -11.66
C GLU A 202 2.75 -6.04 -12.69
N THR A 203 2.18 -5.60 -13.79
CA THR A 203 2.94 -4.94 -14.85
C THR A 203 3.64 -3.69 -14.32
N PHE A 204 2.86 -2.78 -13.74
CA PHE A 204 3.42 -1.55 -13.19
C PHE A 204 4.76 -1.80 -12.52
N ILE A 205 4.76 -2.69 -11.53
CA ILE A 205 5.99 -3.01 -10.81
C ILE A 205 7.08 -3.47 -11.76
N GLN A 206 6.75 -4.44 -12.62
CA GLN A 206 7.70 -4.97 -13.58
C GLN A 206 8.32 -3.85 -14.40
N GLN A 207 7.48 -3.12 -15.12
CA GLN A 207 7.96 -2.01 -15.96
C GLN A 207 7.92 -0.69 -15.19
N CYS A 208 8.00 -0.79 -13.87
CA CYS A 208 7.97 0.40 -13.01
C CYS A 208 9.13 1.33 -13.35
N GLN A 209 10.11 0.81 -14.08
CA GLN A 209 11.29 1.59 -14.46
C GLN A 209 11.11 2.18 -15.86
N PHE A 210 10.89 1.32 -16.84
CA PHE A 210 10.71 1.76 -18.22
C PHE A 210 9.87 3.04 -18.28
N PHE A 211 8.96 3.18 -17.33
CA PHE A 211 8.10 4.34 -17.27
C PHE A 211 8.92 5.64 -17.31
N PHE A 212 9.76 5.83 -16.31
CA PHE A 212 10.60 7.01 -16.23
C PHE A 212 12.07 6.63 -16.06
N TYR A 213 12.30 5.48 -15.44
CA TYR A 213 13.67 5.00 -15.21
C TYR A 213 14.21 4.28 -16.45
N ASN A 214 13.69 4.64 -17.60
CA ASN A 214 14.12 4.02 -18.86
C ASN A 214 14.47 2.56 -18.65
N GLY A 215 13.76 1.90 -17.75
CA GLY A 215 14.00 0.50 -17.46
C GLY A 215 13.85 -0.38 -18.70
N GLU A 216 14.67 -1.41 -18.78
CA GLU A 216 14.61 -2.33 -19.92
C GLU A 216 13.63 -3.46 -19.66
N ILE A 217 12.74 -3.69 -20.62
CA ILE A 217 11.73 -4.74 -20.50
C ILE A 217 12.34 -6.01 -19.89
N VAL A 218 11.94 -6.32 -18.66
CA VAL A 218 12.44 -7.49 -17.97
C VAL A 218 11.41 -8.63 -18.01
N GLU A 219 11.87 -9.84 -17.71
CA GLU A 219 10.99 -11.00 -17.72
C GLU A 219 10.61 -11.41 -16.29
N GLY A 1 -33.79 36.79 27.25
CA GLY A 1 -32.65 36.19 26.57
C GLY A 1 -32.28 34.85 27.17
N SER A 2 -31.37 34.14 26.50
CA SER A 2 -30.94 32.83 26.97
C SER A 2 -29.43 32.67 26.79
N SER A 3 -28.86 31.72 27.52
CA SER A 3 -27.42 31.47 27.46
C SER A 3 -27.10 30.01 27.80
N GLY A 4 -26.36 29.36 26.92
CA GLY A 4 -26.00 27.97 27.15
C GLY A 4 -24.92 27.81 28.19
N SER A 5 -25.17 26.98 29.19
CA SER A 5 -24.21 26.74 30.27
C SER A 5 -23.16 25.74 29.84
N SER A 6 -21.91 26.19 29.74
CA SER A 6 -20.80 25.32 29.34
C SER A 6 -19.63 25.45 30.30
N GLY A 7 -19.24 24.34 30.90
CA GLY A 7 -18.13 24.34 31.84
C GLY A 7 -18.11 23.12 32.73
N LYS A 8 -18.32 21.95 32.13
CA LYS A 8 -18.33 20.69 32.87
C LYS A 8 -19.36 20.74 33.99
N ASN A 9 -20.53 21.29 33.69
CA ASN A 9 -21.60 21.38 34.67
C ASN A 9 -22.31 20.04 34.84
N PHE A 10 -22.27 19.22 33.78
CA PHE A 10 -22.91 17.91 33.81
C PHE A 10 -21.97 16.86 34.39
N ASN A 11 -20.84 16.66 33.74
CA ASN A 11 -19.86 15.68 34.20
C ASN A 11 -18.44 16.12 33.83
N PRO A 12 -17.44 15.58 34.56
CA PRO A 12 -16.03 15.90 34.33
C PRO A 12 -15.52 15.33 33.01
N PRO A 13 -14.32 15.78 32.61
CA PRO A 13 -13.69 15.33 31.36
C PRO A 13 -13.23 13.87 31.44
N THR A 14 -13.13 13.22 30.28
CA THR A 14 -12.71 11.83 30.21
C THR A 14 -11.41 11.68 29.43
N ARG A 15 -10.83 10.50 29.47
CA ARG A 15 -9.58 10.23 28.76
C ARG A 15 -9.79 10.32 27.26
N ARG A 16 -8.68 10.36 26.52
CA ARG A 16 -8.74 10.45 25.06
C ARG A 16 -9.62 9.34 24.49
N ASN A 17 -10.29 9.64 23.38
CA ASN A 17 -11.16 8.66 22.74
C ASN A 17 -10.69 8.36 21.32
N TRP A 18 -9.37 8.25 21.16
CA TRP A 18 -8.78 7.96 19.85
C TRP A 18 -9.20 9.00 18.83
N GLU A 19 -9.20 10.27 19.23
CA GLU A 19 -9.58 11.37 18.35
C GLU A 19 -8.57 11.54 17.23
N SER A 20 -8.94 11.09 16.02
CA SER A 20 -8.06 11.19 14.86
C SER A 20 -8.71 12.02 13.76
N ASN A 21 -8.06 13.11 13.39
CA ASN A 21 -8.58 14.00 12.34
C ASN A 21 -8.11 13.52 10.97
N TYR A 22 -7.90 12.22 10.84
CA TYR A 22 -7.44 11.64 9.57
C TYR A 22 -8.43 10.58 9.09
N PHE A 23 -8.91 9.76 10.00
CA PHE A 23 -9.85 8.69 9.67
C PHE A 23 -11.05 9.26 8.91
N GLY A 24 -11.29 8.71 7.73
CA GLY A 24 -12.41 9.17 6.92
C GLY A 24 -12.18 10.55 6.33
N MET A 25 -10.92 10.92 6.17
CA MET A 25 -10.56 12.22 5.62
C MET A 25 -9.75 12.07 4.35
N PRO A 26 -9.88 13.06 3.44
CA PRO A 26 -9.16 13.05 2.16
C PRO A 26 -7.67 13.28 2.34
N LEU A 27 -6.87 12.34 1.83
CA LEU A 27 -5.42 12.43 1.93
C LEU A 27 -4.93 13.81 1.47
N GLN A 28 -5.39 14.24 0.30
CA GLN A 28 -5.01 15.53 -0.25
C GLN A 28 -5.11 16.62 0.82
N ASP A 29 -6.10 16.49 1.69
CA ASP A 29 -6.31 17.46 2.76
C ASP A 29 -5.31 17.26 3.89
N LEU A 30 -5.12 16.01 4.29
CA LEU A 30 -4.19 15.69 5.36
C LEU A 30 -2.78 16.13 5.00
N VAL A 31 -2.36 15.83 3.78
CA VAL A 31 -1.03 16.20 3.32
C VAL A 31 -1.03 17.59 2.70
N THR A 32 0.15 18.17 2.56
CA THR A 32 0.29 19.51 1.99
C THR A 32 0.92 19.44 0.60
N ALA A 33 0.55 20.39 -0.26
CA ALA A 33 1.07 20.44 -1.61
C ALA A 33 2.57 20.16 -1.63
N GLU A 34 3.31 20.80 -0.73
CA GLU A 34 4.75 20.62 -0.65
C GLU A 34 5.11 19.13 -0.60
N LYS A 35 4.37 18.38 0.21
CA LYS A 35 4.60 16.95 0.36
C LYS A 35 3.29 16.17 0.25
N PRO A 36 3.02 15.62 -0.93
CA PRO A 36 1.80 14.83 -1.18
C PRO A 36 1.81 13.50 -0.46
N ILE A 37 2.97 12.84 -0.44
CA ILE A 37 3.09 11.55 0.22
C ILE A 37 3.16 11.71 1.74
N PRO A 38 2.40 10.87 2.45
CA PRO A 38 2.35 10.91 3.92
C PRO A 38 3.65 10.44 4.56
N LEU A 39 3.97 11.01 5.72
CA LEU A 39 5.19 10.65 6.44
C LEU A 39 5.14 9.19 6.90
N PHE A 40 4.14 8.87 7.71
CA PHE A 40 3.98 7.51 8.22
C PHE A 40 4.39 6.48 7.17
N VAL A 41 3.64 6.44 6.07
CA VAL A 41 3.92 5.50 4.99
C VAL A 41 5.40 5.50 4.64
N GLU A 42 5.90 6.65 4.17
CA GLU A 42 7.30 6.77 3.79
C GLU A 42 8.20 6.05 4.79
N LYS A 43 8.07 6.42 6.07
CA LYS A 43 8.87 5.80 7.12
C LYS A 43 8.73 4.28 7.10
N CYS A 44 7.51 3.81 6.85
CA CYS A 44 7.25 2.38 6.79
C CYS A 44 7.99 1.73 5.63
N VAL A 45 7.98 2.40 4.49
CA VAL A 45 8.66 1.89 3.30
C VAL A 45 10.18 1.91 3.46
N GLU A 46 10.68 3.03 4.00
CA GLU A 46 12.12 3.18 4.22
C GLU A 46 12.60 2.27 5.34
N PHE A 47 11.79 2.14 6.38
CA PHE A 47 12.13 1.30 7.52
C PHE A 47 12.41 -0.13 7.08
N ILE A 48 11.50 -0.69 6.30
CA ILE A 48 11.64 -2.06 5.81
C ILE A 48 13.03 -2.28 5.20
N GLU A 49 13.29 -1.63 4.08
CA GLU A 49 14.57 -1.75 3.40
C GLU A 49 15.72 -1.40 4.36
N ASP A 50 15.63 -0.23 4.96
CA ASP A 50 16.67 0.22 5.89
C ASP A 50 17.06 -0.89 6.86
N THR A 51 16.06 -1.61 7.36
CA THR A 51 16.29 -2.70 8.29
C THR A 51 16.51 -4.02 7.55
N GLY A 52 17.06 -3.92 6.34
CA GLY A 52 17.32 -5.11 5.56
C GLY A 52 16.15 -5.47 4.66
N LEU A 53 16.33 -5.28 3.35
CA LEU A 53 15.29 -5.59 2.39
C LEU A 53 15.26 -7.08 2.07
N CYS A 54 15.21 -7.90 3.12
CA CYS A 54 15.18 -9.35 2.95
C CYS A 54 14.09 -9.96 3.82
N THR A 55 13.01 -9.21 4.04
CA THR A 55 11.90 -9.69 4.86
C THR A 55 11.18 -10.86 4.19
N GLU A 56 11.12 -11.98 4.88
CA GLU A 56 10.46 -13.18 4.36
C GLU A 56 8.96 -12.96 4.24
N GLY A 57 8.40 -13.28 3.08
CA GLY A 57 6.98 -13.11 2.86
C GLY A 57 6.46 -11.77 3.38
N LEU A 58 6.53 -10.76 2.53
CA LEU A 58 6.07 -9.43 2.90
C LEU A 58 4.56 -9.29 2.72
N TYR A 59 3.91 -8.55 3.62
CA TYR A 59 2.47 -8.35 3.56
C TYR A 59 1.75 -9.68 3.35
N ARG A 60 2.36 -10.77 3.82
CA ARG A 60 1.78 -12.09 3.68
C ARG A 60 1.63 -12.76 5.04
N VAL A 61 2.69 -12.71 5.85
CA VAL A 61 2.67 -13.31 7.17
C VAL A 61 2.43 -12.25 8.25
N SER A 62 1.72 -12.64 9.30
CA SER A 62 1.41 -11.72 10.40
C SER A 62 0.77 -12.47 11.56
N GLY A 63 1.03 -12.00 12.78
CA GLY A 63 0.46 -12.63 13.96
C GLY A 63 0.38 -11.69 15.14
N ASN A 64 1.51 -11.07 15.47
CA ASN A 64 1.56 -10.13 16.59
C ASN A 64 0.82 -8.84 16.26
N LYS A 65 -0.47 -8.81 16.60
CA LYS A 65 -1.30 -7.64 16.34
C LYS A 65 -0.84 -6.45 17.18
N THR A 66 -0.37 -6.74 18.40
CA THR A 66 0.10 -5.69 19.30
C THR A 66 1.14 -4.80 18.62
N ASP A 67 1.98 -5.42 17.78
CA ASP A 67 3.02 -4.69 17.07
C ASP A 67 2.42 -3.54 16.26
N GLN A 68 1.51 -3.87 15.36
CA GLN A 68 0.85 -2.87 14.52
C GLN A 68 0.13 -1.83 15.37
N ASP A 69 -0.41 -2.28 16.50
CA ASP A 69 -1.14 -1.39 17.41
C ASP A 69 -0.23 -0.26 17.89
N ASN A 70 0.79 -0.60 18.66
CA ASN A 70 1.72 0.39 19.18
C ASN A 70 2.38 1.18 18.05
N ILE A 71 2.67 0.50 16.95
CA ILE A 71 3.29 1.13 15.80
C ILE A 71 2.51 2.37 15.36
N GLN A 72 1.18 2.28 15.45
CA GLN A 72 0.32 3.39 15.07
C GLN A 72 0.04 4.30 16.26
N LYS A 73 -0.48 3.71 17.34
CA LYS A 73 -0.79 4.47 18.55
C LYS A 73 0.40 5.31 18.99
N GLN A 74 1.54 4.64 19.17
CA GLN A 74 2.76 5.33 19.59
C GLN A 74 3.09 6.49 18.66
N PHE A 75 2.96 6.25 17.36
CA PHE A 75 3.24 7.28 16.37
C PHE A 75 2.37 8.51 16.59
N ASP A 76 1.11 8.29 16.94
CA ASP A 76 0.18 9.38 17.18
C ASP A 76 0.68 10.27 18.32
N GLN A 77 0.81 9.69 19.51
CA GLN A 77 1.28 10.44 20.67
C GLN A 77 2.66 11.02 20.42
N ASP A 78 3.44 10.35 19.57
CA ASP A 78 4.79 10.81 19.25
C ASP A 78 4.99 10.85 17.75
N HIS A 79 4.97 12.06 17.18
CA HIS A 79 5.16 12.25 15.74
C HIS A 79 6.62 12.10 15.37
N ASN A 80 7.51 12.39 16.31
CA ASN A 80 8.95 12.29 16.08
C ASN A 80 9.49 10.96 16.57
N ILE A 81 8.70 9.90 16.40
CA ILE A 81 9.10 8.57 16.83
C ILE A 81 10.03 7.91 15.81
N ASN A 82 10.87 7.00 16.28
CA ASN A 82 11.81 6.30 15.41
C ASN A 82 11.60 4.79 15.49
N LEU A 83 10.81 4.25 14.57
CA LEU A 83 10.54 2.83 14.53
C LEU A 83 11.78 2.02 14.91
N VAL A 84 12.91 2.33 14.27
CA VAL A 84 14.15 1.64 14.55
C VAL A 84 14.38 1.47 16.05
N SER A 85 14.15 2.55 16.80
CA SER A 85 14.33 2.52 18.25
C SER A 85 13.44 1.46 18.88
N MET A 86 12.18 1.43 18.46
CA MET A 86 11.22 0.45 18.99
C MET A 86 11.74 -0.97 18.79
N GLU A 87 12.38 -1.21 17.65
CA GLU A 87 12.92 -2.53 17.35
C GLU A 87 11.79 -3.57 17.27
N VAL A 88 10.76 -3.25 16.51
CA VAL A 88 9.62 -4.16 16.35
C VAL A 88 9.83 -5.10 15.17
N THR A 89 8.87 -6.00 14.97
CA THR A 89 8.94 -6.96 13.87
C THR A 89 8.65 -6.30 12.53
N VAL A 90 9.63 -6.31 11.64
CA VAL A 90 9.48 -5.71 10.32
C VAL A 90 8.11 -6.04 9.72
N ASN A 91 7.76 -7.32 9.72
CA ASN A 91 6.48 -7.76 9.19
C ASN A 91 5.37 -6.80 9.58
N ALA A 92 5.30 -6.48 10.86
CA ALA A 92 4.28 -5.56 11.36
C ALA A 92 4.18 -4.31 10.49
N VAL A 93 5.30 -3.62 10.32
CA VAL A 93 5.34 -2.42 9.50
C VAL A 93 4.64 -2.63 8.17
N ALA A 94 5.06 -3.64 7.43
CA ALA A 94 4.47 -3.96 6.14
C ALA A 94 2.94 -3.95 6.23
N GLY A 95 2.41 -4.59 7.27
CA GLY A 95 0.97 -4.64 7.44
C GLY A 95 0.37 -3.30 7.76
N ALA A 96 0.80 -2.71 8.88
CA ALA A 96 0.31 -1.41 9.30
C ALA A 96 0.27 -0.43 8.14
N LEU A 97 1.32 -0.44 7.33
CA LEU A 97 1.41 0.45 6.17
C LEU A 97 0.11 0.43 5.36
N LYS A 98 -0.43 -0.77 5.17
CA LYS A 98 -1.67 -0.94 4.41
C LYS A 98 -2.83 -0.27 5.13
N ALA A 99 -2.90 -0.47 6.44
CA ALA A 99 -3.96 0.11 7.25
C ALA A 99 -4.16 1.59 6.92
N PHE A 100 -3.06 2.29 6.69
CA PHE A 100 -3.11 3.71 6.37
C PHE A 100 -3.90 3.95 5.09
N PHE A 101 -3.77 3.03 4.14
CA PHE A 101 -4.47 3.13 2.86
C PHE A 101 -5.90 2.64 2.98
N ALA A 102 -6.08 1.53 3.72
CA ALA A 102 -7.41 0.95 3.91
C ALA A 102 -8.32 1.92 4.65
N ASP A 103 -7.79 2.59 5.66
CA ASP A 103 -8.55 3.54 6.44
C ASP A 103 -9.14 4.64 5.55
N LEU A 104 -8.34 5.09 4.58
CA LEU A 104 -8.78 6.14 3.67
C LEU A 104 -10.26 5.97 3.33
N PRO A 105 -10.94 7.11 3.11
CA PRO A 105 -12.36 7.13 2.77
C PRO A 105 -12.63 6.57 1.37
N ASP A 106 -11.65 6.70 0.49
CA ASP A 106 -11.78 6.22 -0.88
C ASP A 106 -10.57 5.37 -1.28
N PRO A 107 -10.78 4.46 -2.24
CA PRO A 107 -9.72 3.56 -2.72
C PRO A 107 -8.67 4.31 -3.53
N LEU A 108 -7.47 3.75 -3.59
CA LEU A 108 -6.36 4.35 -4.34
C LEU A 108 -6.71 4.48 -5.82
N ILE A 109 -7.25 3.42 -6.38
CA ILE A 109 -7.63 3.41 -7.80
C ILE A 109 -9.11 3.73 -7.97
N PRO A 110 -9.40 4.85 -8.66
CA PRO A 110 -10.77 5.29 -8.91
C PRO A 110 -11.51 4.38 -9.89
N TYR A 111 -12.76 4.09 -9.58
CA TYR A 111 -13.57 3.23 -10.44
C TYR A 111 -13.57 3.74 -11.87
N SER A 112 -13.56 5.05 -12.03
CA SER A 112 -13.56 5.66 -13.36
C SER A 112 -12.40 5.14 -14.20
N LEU A 113 -11.37 4.67 -13.52
CA LEU A 113 -10.19 4.14 -14.20
C LEU A 113 -10.06 2.64 -13.97
N HIS A 114 -11.19 1.96 -13.83
CA HIS A 114 -11.21 0.52 -13.60
C HIS A 114 -10.89 -0.23 -14.90
N PRO A 115 -11.75 -0.05 -15.91
CA PRO A 115 -11.58 -0.69 -17.21
C PRO A 115 -10.40 -0.14 -17.99
N GLU A 116 -10.23 1.18 -17.93
CA GLU A 116 -9.12 1.84 -18.63
C GLU A 116 -7.81 1.10 -18.39
N LEU A 117 -7.67 0.54 -17.21
CA LEU A 117 -6.45 -0.20 -16.85
C LEU A 117 -6.38 -1.52 -17.59
N LEU A 118 -7.50 -2.23 -17.66
CA LEU A 118 -7.57 -3.51 -18.35
C LEU A 118 -7.41 -3.32 -19.86
N GLU A 119 -8.30 -2.53 -20.45
CA GLU A 119 -8.26 -2.27 -21.88
C GLU A 119 -6.83 -2.03 -22.36
N ALA A 120 -5.98 -1.58 -21.43
CA ALA A 120 -4.58 -1.31 -21.75
C ALA A 120 -3.70 -2.51 -21.41
N ALA A 121 -4.14 -3.30 -20.43
CA ALA A 121 -3.38 -4.47 -20.01
C ALA A 121 -3.58 -5.63 -20.99
N LYS A 122 -4.77 -5.69 -21.60
CA LYS A 122 -5.08 -6.74 -22.55
C LYS A 122 -4.35 -6.51 -23.88
N ILE A 123 -3.86 -5.29 -24.06
CA ILE A 123 -3.14 -4.95 -25.29
C ILE A 123 -2.06 -5.98 -25.61
N PRO A 124 -2.07 -6.47 -26.85
CA PRO A 124 -1.09 -7.47 -27.31
C PRO A 124 0.31 -6.89 -27.44
N ASP A 125 0.41 -5.73 -28.07
CA ASP A 125 1.69 -5.07 -28.26
C ASP A 125 2.36 -4.78 -26.92
N LYS A 126 3.40 -5.56 -26.60
CA LYS A 126 4.12 -5.40 -25.35
C LYS A 126 4.46 -3.93 -25.10
N THR A 127 4.96 -3.26 -26.13
CA THR A 127 5.31 -1.85 -26.03
C THR A 127 4.11 -1.00 -25.65
N GLU A 128 3.15 -0.90 -26.57
CA GLU A 128 1.94 -0.13 -26.34
C GLU A 128 1.35 -0.43 -24.96
N ARG A 129 1.15 -1.72 -24.68
CA ARG A 129 0.61 -2.14 -23.40
C ARG A 129 1.11 -1.25 -22.26
N LEU A 130 2.43 -1.03 -22.23
CA LEU A 130 3.04 -0.20 -21.19
C LEU A 130 2.72 1.27 -21.43
N HIS A 131 3.27 1.81 -22.51
CA HIS A 131 3.06 3.21 -22.85
C HIS A 131 1.65 3.67 -22.44
N ALA A 132 0.66 2.89 -22.84
CA ALA A 132 -0.73 3.20 -22.51
C ALA A 132 -0.91 3.40 -21.00
N LEU A 133 -0.60 2.36 -20.24
CA LEU A 133 -0.73 2.43 -18.78
C LEU A 133 -0.01 3.66 -18.23
N LYS A 134 1.16 3.95 -18.78
CA LYS A 134 1.94 5.10 -18.34
C LYS A 134 1.20 6.40 -18.60
N GLU A 135 0.31 6.39 -19.60
CA GLU A 135 -0.47 7.57 -19.94
C GLU A 135 -1.78 7.61 -19.15
N ILE A 136 -2.39 6.44 -18.99
CA ILE A 136 -3.65 6.35 -18.25
C ILE A 136 -3.43 6.63 -16.76
N VAL A 137 -2.35 6.09 -16.22
CA VAL A 137 -2.03 6.28 -14.81
C VAL A 137 -1.88 7.76 -14.47
N LYS A 138 -1.54 8.56 -15.48
CA LYS A 138 -1.37 9.99 -15.30
C LYS A 138 -2.66 10.63 -14.79
N LYS A 139 -3.79 10.08 -15.21
CA LYS A 139 -5.09 10.60 -14.79
C LYS A 139 -5.25 10.53 -13.28
N PHE A 140 -4.68 9.50 -12.68
CA PHE A 140 -4.75 9.32 -11.23
C PHE A 140 -4.48 10.63 -10.51
N HIS A 141 -5.34 10.96 -9.54
CA HIS A 141 -5.18 12.19 -8.77
C HIS A 141 -3.70 12.52 -8.57
N PRO A 142 -3.38 13.82 -8.64
CA PRO A 142 -2.00 14.30 -8.47
C PRO A 142 -1.50 14.15 -7.04
N VAL A 143 -2.41 13.81 -6.13
CA VAL A 143 -2.07 13.63 -4.73
C VAL A 143 -1.87 12.15 -4.39
N ASN A 144 -2.71 11.30 -4.98
CA ASN A 144 -2.64 9.87 -4.74
C ASN A 144 -1.61 9.22 -5.67
N TYR A 145 -1.55 9.69 -6.91
CA TYR A 145 -0.62 9.17 -7.88
C TYR A 145 0.80 9.14 -7.33
N ASP A 146 1.19 10.23 -6.67
CA ASP A 146 2.52 10.34 -6.09
C ASP A 146 2.78 9.19 -5.12
N VAL A 147 1.80 8.91 -4.26
CA VAL A 147 1.93 7.84 -3.28
C VAL A 147 2.01 6.47 -3.96
N PHE A 148 0.98 6.14 -4.72
CA PHE A 148 0.94 4.86 -5.43
C PHE A 148 2.24 4.61 -6.18
N ARG A 149 2.77 5.64 -6.82
CA ARG A 149 4.01 5.53 -7.56
C ARG A 149 5.19 5.26 -6.63
N TYR A 150 5.17 5.91 -5.46
CA TYR A 150 6.23 5.74 -4.48
C TYR A 150 6.25 4.30 -3.94
N VAL A 151 5.08 3.78 -3.61
CA VAL A 151 4.96 2.44 -3.08
C VAL A 151 5.53 1.41 -4.06
N ILE A 152 4.96 1.37 -5.26
CA ILE A 152 5.41 0.44 -6.29
C ILE A 152 6.93 0.47 -6.42
N THR A 153 7.49 1.67 -6.51
CA THR A 153 8.93 1.82 -6.64
C THR A 153 9.67 0.92 -5.67
N HIS A 154 9.11 0.73 -4.48
CA HIS A 154 9.72 -0.12 -3.47
C HIS A 154 9.42 -1.60 -3.74
N LEU A 155 8.21 -1.87 -4.23
CA LEU A 155 7.79 -3.23 -4.53
C LEU A 155 8.71 -3.86 -5.57
N ASN A 156 8.98 -3.12 -6.65
CA ASN A 156 9.85 -3.60 -7.72
C ASN A 156 11.15 -4.18 -7.15
N ARG A 157 11.73 -3.47 -6.17
CA ARG A 157 12.96 -3.91 -5.54
C ARG A 157 12.78 -5.27 -4.86
N VAL A 158 11.62 -5.45 -4.24
CA VAL A 158 11.31 -6.70 -3.55
C VAL A 158 11.19 -7.87 -4.53
N SER A 159 10.44 -7.64 -5.61
CA SER A 159 10.24 -8.67 -6.62
C SER A 159 11.58 -9.15 -7.18
N GLN A 160 12.52 -8.23 -7.32
CA GLN A 160 13.84 -8.54 -7.84
C GLN A 160 14.46 -9.70 -7.07
N GLN A 161 14.31 -9.68 -5.74
CA GLN A 161 14.86 -10.73 -4.89
C GLN A 161 13.74 -11.58 -4.28
N HIS A 162 12.69 -11.80 -5.06
CA HIS A 162 11.56 -12.59 -4.60
C HIS A 162 12.02 -13.89 -3.96
N LYS A 163 13.10 -14.45 -4.50
CA LYS A 163 13.65 -15.70 -3.97
C LYS A 163 14.03 -15.56 -2.50
N ILE A 164 14.47 -14.36 -2.12
CA ILE A 164 14.86 -14.09 -0.74
C ILE A 164 13.64 -13.82 0.12
N ASN A 165 12.87 -12.79 -0.24
CA ASN A 165 11.67 -12.43 0.52
C ASN A 165 10.49 -13.31 0.10
N LEU A 166 10.78 -14.38 -0.63
CA LEU A 166 9.75 -15.29 -1.08
C LEU A 166 8.50 -14.53 -1.52
N MET A 167 8.68 -13.58 -2.43
CA MET A 167 7.57 -12.78 -2.94
C MET A 167 7.88 -12.24 -4.33
N THR A 168 7.09 -12.67 -5.31
CA THR A 168 7.28 -12.23 -6.69
C THR A 168 6.40 -11.03 -7.01
N ALA A 169 6.82 -10.24 -7.99
CA ALA A 169 6.08 -9.05 -8.39
C ALA A 169 4.57 -9.33 -8.40
N ASP A 170 4.19 -10.49 -8.90
CA ASP A 170 2.78 -10.87 -8.97
C ASP A 170 2.20 -11.00 -7.56
N ASN A 171 2.86 -11.79 -6.72
CA ASN A 171 2.40 -12.00 -5.35
C ASN A 171 2.17 -10.67 -4.64
N LEU A 172 3.15 -9.77 -4.75
CA LEU A 172 3.06 -8.46 -4.11
C LEU A 172 1.83 -7.71 -4.62
N SER A 173 1.62 -7.73 -5.92
CA SER A 173 0.49 -7.05 -6.54
C SER A 173 -0.84 -7.65 -6.04
N ILE A 174 -0.89 -8.97 -5.97
CA ILE A 174 -2.09 -9.67 -5.51
C ILE A 174 -2.31 -9.44 -4.02
N CYS A 175 -1.23 -9.33 -3.27
CA CYS A 175 -1.31 -9.12 -1.83
C CYS A 175 -1.77 -7.70 -1.52
N PHE A 176 -1.63 -6.81 -2.50
CA PHE A 176 -2.01 -5.42 -2.33
C PHE A 176 -3.33 -5.13 -3.05
N TRP A 177 -3.78 -6.09 -3.84
CA TRP A 177 -5.03 -5.94 -4.58
C TRP A 177 -6.17 -5.48 -3.67
N PRO A 178 -6.28 -6.14 -2.50
CA PRO A 178 -7.32 -5.82 -1.52
C PRO A 178 -7.41 -4.32 -1.23
N THR A 179 -6.31 -3.75 -0.76
CA THR A 179 -6.27 -2.33 -0.45
C THR A 179 -6.33 -1.49 -1.72
N LEU A 180 -5.31 -1.61 -2.56
CA LEU A 180 -5.24 -0.86 -3.81
C LEU A 180 -6.64 -0.65 -4.39
N MET A 181 -7.40 -1.74 -4.49
CA MET A 181 -8.76 -1.67 -5.02
C MET A 181 -9.60 -2.85 -4.53
N ARG A 182 -10.79 -2.55 -4.03
CA ARG A 182 -11.69 -3.59 -3.52
C ARG A 182 -12.53 -4.16 -4.65
N PRO A 183 -12.73 -5.49 -4.63
CA PRO A 183 -13.52 -6.19 -5.64
C PRO A 183 -15.01 -5.88 -5.53
N ASP A 184 -15.73 -6.06 -6.63
CA ASP A 184 -17.17 -5.80 -6.67
C ASP A 184 -17.92 -6.79 -5.79
N PHE A 185 -18.91 -6.29 -5.05
CA PHE A 185 -19.71 -7.13 -4.16
C PHE A 185 -20.11 -8.42 -4.87
N GLU A 186 -20.70 -8.28 -6.05
CA GLU A 186 -21.14 -9.43 -6.83
C GLU A 186 -20.36 -9.54 -8.14
N ASN A 187 -19.31 -10.35 -8.13
CA ASN A 187 -18.47 -10.54 -9.31
C ASN A 187 -18.42 -12.01 -9.71
N ARG A 188 -19.50 -12.73 -9.43
CA ARG A 188 -19.57 -14.15 -9.76
C ARG A 188 -18.85 -14.44 -11.06
N GLU A 189 -18.20 -15.60 -11.13
CA GLU A 189 -17.46 -16.00 -12.32
C GLU A 189 -18.41 -16.43 -13.44
N PHE A 190 -18.65 -15.52 -14.38
CA PHE A 190 -19.55 -15.80 -15.50
C PHE A 190 -18.78 -15.81 -16.82
N LEU A 191 -18.14 -14.69 -17.13
CA LEU A 191 -17.37 -14.56 -18.36
C LEU A 191 -15.96 -14.07 -18.07
N SER A 192 -15.05 -15.02 -17.80
CA SER A 192 -13.66 -14.68 -17.51
C SER A 192 -12.72 -15.77 -18.01
N THR A 193 -12.03 -15.48 -19.11
CA THR A 193 -11.09 -16.44 -19.70
C THR A 193 -9.72 -15.83 -19.85
N THR A 194 -9.30 -15.03 -18.86
CA THR A 194 -8.00 -14.39 -18.88
C THR A 194 -7.72 -13.66 -17.57
N LYS A 195 -6.56 -13.95 -16.99
CA LYS A 195 -6.17 -13.32 -15.73
C LYS A 195 -5.43 -12.01 -15.98
N ILE A 196 -6.18 -10.95 -16.23
CA ILE A 196 -5.60 -9.63 -16.49
C ILE A 196 -5.62 -8.78 -15.23
N HIS A 197 -6.79 -8.69 -14.60
CA HIS A 197 -6.94 -7.90 -13.38
C HIS A 197 -5.67 -7.93 -12.54
N GLN A 198 -5.02 -9.10 -12.51
CA GLN A 198 -3.78 -9.26 -11.74
C GLN A 198 -2.58 -8.72 -12.52
N SER A 199 -2.46 -9.15 -13.78
CA SER A 199 -1.35 -8.72 -14.62
C SER A 199 -1.30 -7.19 -14.69
N VAL A 200 -2.44 -6.55 -14.47
CA VAL A 200 -2.51 -5.09 -14.50
C VAL A 200 -1.56 -4.47 -13.47
N VAL A 201 -1.85 -4.69 -12.20
CA VAL A 201 -1.03 -4.15 -11.13
C VAL A 201 0.37 -4.75 -11.16
N GLU A 202 0.46 -6.03 -11.49
CA GLU A 202 1.74 -6.72 -11.56
C GLU A 202 2.70 -6.00 -12.50
N THR A 203 2.19 -5.61 -13.66
CA THR A 203 3.00 -4.91 -14.65
C THR A 203 3.55 -3.60 -14.09
N PHE A 204 2.65 -2.76 -13.58
CA PHE A 204 3.04 -1.48 -13.01
C PHE A 204 4.34 -1.60 -12.23
N ILE A 205 4.49 -2.71 -11.51
CA ILE A 205 5.68 -2.95 -10.71
C ILE A 205 6.87 -3.32 -11.60
N GLN A 206 6.76 -4.46 -12.26
CA GLN A 206 7.83 -4.93 -13.14
C GLN A 206 8.33 -3.81 -14.04
N GLN A 207 7.41 -3.15 -14.72
CA GLN A 207 7.76 -2.05 -15.62
C GLN A 207 7.64 -0.71 -14.90
N CYS A 208 7.86 -0.72 -13.59
CA CYS A 208 7.77 0.49 -12.78
C CYS A 208 8.90 1.46 -13.14
N GLN A 209 10.02 0.91 -13.58
CA GLN A 209 11.17 1.74 -13.96
C GLN A 209 11.02 2.26 -15.38
N PHE A 210 10.61 1.40 -16.29
CA PHE A 210 10.42 1.78 -17.68
C PHE A 210 9.59 3.06 -17.79
N PHE A 211 8.60 3.18 -16.92
CA PHE A 211 7.73 4.36 -16.91
C PHE A 211 8.56 5.65 -16.93
N PHE A 212 9.34 5.86 -15.88
CA PHE A 212 10.18 7.04 -15.77
C PHE A 212 11.64 6.71 -16.03
N TYR A 213 12.17 5.76 -15.25
CA TYR A 213 13.55 5.34 -15.39
C TYR A 213 13.84 4.86 -16.81
N ASN A 214 12.79 4.43 -17.51
CA ASN A 214 12.93 3.94 -18.87
C ASN A 214 13.88 2.74 -18.93
N GLY A 215 13.77 1.86 -17.93
CA GLY A 215 14.62 0.68 -17.89
C GLY A 215 14.23 -0.35 -18.93
N GLU A 216 14.93 -1.48 -18.92
CA GLU A 216 14.65 -2.55 -19.87
C GLU A 216 13.39 -3.32 -19.47
N ILE A 217 12.64 -3.78 -20.46
CA ILE A 217 11.41 -4.52 -20.22
C ILE A 217 11.71 -5.89 -19.61
N VAL A 218 11.26 -6.10 -18.39
CA VAL A 218 11.46 -7.37 -17.69
C VAL A 218 10.32 -8.33 -17.94
N GLU A 219 10.47 -9.56 -17.46
CA GLU A 219 9.44 -10.59 -17.64
C GLU A 219 9.07 -11.22 -16.30
N GLY A 1 -47.57 -7.58 15.73
CA GLY A 1 -47.32 -7.92 14.34
C GLY A 1 -46.02 -7.33 13.83
N SER A 2 -45.72 -7.57 12.55
CA SER A 2 -44.50 -7.07 11.95
C SER A 2 -44.82 -6.13 10.77
N SER A 3 -44.70 -4.83 11.01
CA SER A 3 -44.97 -3.84 9.99
C SER A 3 -43.70 -3.48 9.22
N GLY A 4 -42.68 -3.05 9.94
CA GLY A 4 -41.43 -2.68 9.31
C GLY A 4 -40.90 -1.35 9.80
N SER A 5 -40.25 -1.36 10.97
CA SER A 5 -39.71 -0.14 11.55
C SER A 5 -38.22 -0.31 11.85
N SER A 6 -37.39 0.05 10.89
CA SER A 6 -35.94 -0.06 11.05
C SER A 6 -35.39 1.11 11.85
N GLY A 7 -34.12 1.03 12.22
CA GLY A 7 -33.49 2.09 12.99
C GLY A 7 -32.98 1.60 14.33
N LYS A 8 -32.32 0.45 14.33
CA LYS A 8 -31.77 -0.13 15.55
C LYS A 8 -30.54 -0.96 15.26
N ASN A 9 -29.41 -0.55 15.82
CA ASN A 9 -28.14 -1.26 15.63
C ASN A 9 -28.20 -2.66 16.26
N PHE A 10 -28.62 -3.64 15.48
CA PHE A 10 -28.71 -5.01 15.96
C PHE A 10 -27.41 -5.77 15.71
N ASN A 11 -26.28 -5.10 15.97
CA ASN A 11 -24.98 -5.72 15.77
C ASN A 11 -23.95 -5.10 16.72
N PRO A 12 -22.93 -5.90 17.09
CA PRO A 12 -21.87 -5.46 18.00
C PRO A 12 -20.94 -4.44 17.34
N PRO A 13 -20.41 -3.51 18.15
CA PRO A 13 -19.51 -2.46 17.67
C PRO A 13 -18.15 -3.01 17.25
N THR A 14 -17.28 -2.13 16.78
CA THR A 14 -15.95 -2.52 16.34
C THR A 14 -15.06 -2.88 17.53
N ARG A 15 -15.62 -2.78 18.73
CA ARG A 15 -14.89 -3.09 19.95
C ARG A 15 -13.58 -2.31 20.00
N ARG A 16 -13.56 -1.16 19.34
CA ARG A 16 -12.36 -0.32 19.32
C ARG A 16 -12.70 1.12 19.72
N ASN A 17 -11.69 1.88 20.11
CA ASN A 17 -11.87 3.26 20.52
C ASN A 17 -11.18 4.21 19.55
N TRP A 18 -11.21 3.86 18.27
CA TRP A 18 -10.58 4.69 17.25
C TRP A 18 -11.43 5.92 16.96
N GLU A 19 -11.03 7.06 17.54
CA GLU A 19 -11.74 8.30 17.34
C GLU A 19 -10.78 9.42 16.93
N SER A 20 -10.91 9.89 15.69
CA SER A 20 -10.06 10.95 15.19
C SER A 20 -10.60 11.50 13.87
N ASN A 21 -10.48 12.81 13.69
CA ASN A 21 -10.96 13.46 12.48
C ASN A 21 -9.92 13.37 11.37
N TYR A 22 -8.73 12.89 11.70
CA TYR A 22 -7.66 12.76 10.73
C TYR A 22 -7.86 11.53 9.85
N PHE A 23 -8.34 10.44 10.46
CA PHE A 23 -8.58 9.21 9.72
C PHE A 23 -9.82 9.34 8.84
N GLY A 24 -10.71 10.26 9.20
CA GLY A 24 -11.92 10.47 8.43
C GLY A 24 -11.79 11.61 7.45
N MET A 25 -10.55 11.97 7.11
CA MET A 25 -10.30 13.06 6.17
C MET A 25 -9.48 12.57 4.98
N PRO A 26 -9.56 13.29 3.86
CA PRO A 26 -8.83 12.94 2.64
C PRO A 26 -7.33 13.17 2.78
N LEU A 27 -6.55 12.39 2.04
CA LEU A 27 -5.09 12.50 2.08
C LEU A 27 -4.64 13.90 1.66
N GLN A 28 -5.17 14.37 0.54
CA GLN A 28 -4.82 15.69 0.02
C GLN A 28 -4.89 16.74 1.14
N ASP A 29 -5.75 16.49 2.12
CA ASP A 29 -5.92 17.41 3.23
C ASP A 29 -4.84 17.18 4.29
N LEU A 30 -4.61 15.92 4.63
CA LEU A 30 -3.61 15.56 5.62
C LEU A 30 -2.22 16.02 5.20
N VAL A 31 -1.88 15.79 3.93
CA VAL A 31 -0.59 16.18 3.40
C VAL A 31 -0.65 17.57 2.79
N THR A 32 0.52 18.15 2.51
CA THR A 32 0.61 19.48 1.93
C THR A 32 1.17 19.42 0.52
N ALA A 33 1.05 20.54 -0.20
CA ALA A 33 1.56 20.62 -1.57
C ALA A 33 3.02 20.22 -1.63
N GLU A 34 3.83 20.79 -0.75
CA GLU A 34 5.25 20.49 -0.71
C GLU A 34 5.49 19.00 -0.53
N LYS A 35 4.91 18.44 0.52
CA LYS A 35 5.06 17.01 0.81
C LYS A 35 3.72 16.29 0.69
N PRO A 36 3.37 15.89 -0.54
CA PRO A 36 2.12 15.17 -0.82
C PRO A 36 2.12 13.77 -0.25
N ILE A 37 3.29 13.15 -0.20
CA ILE A 37 3.41 11.79 0.33
C ILE A 37 3.46 11.79 1.85
N PRO A 38 2.63 10.95 2.47
CA PRO A 38 2.56 10.84 3.93
C PRO A 38 3.81 10.20 4.53
N LEU A 39 4.22 10.69 5.68
CA LEU A 39 5.42 10.17 6.35
C LEU A 39 5.18 8.75 6.85
N PHE A 40 3.92 8.45 7.21
CA PHE A 40 3.57 7.12 7.69
C PHE A 40 3.94 6.05 6.66
N VAL A 41 3.56 6.28 5.41
CA VAL A 41 3.86 5.33 4.34
C VAL A 41 5.36 5.22 4.10
N GLU A 42 6.01 6.37 3.95
CA GLU A 42 7.45 6.40 3.71
C GLU A 42 8.20 5.72 4.84
N LYS A 43 8.05 6.27 6.06
CA LYS A 43 8.72 5.72 7.23
C LYS A 43 8.56 4.20 7.28
N CYS A 44 7.45 3.71 6.74
CA CYS A 44 7.18 2.27 6.73
C CYS A 44 8.00 1.57 5.65
N VAL A 45 8.22 2.27 4.54
CA VAL A 45 8.99 1.71 3.43
C VAL A 45 10.49 1.75 3.73
N GLU A 46 11.01 2.95 3.94
CA GLU A 46 12.43 3.12 4.23
C GLU A 46 12.85 2.26 5.43
N PHE A 47 11.97 2.20 6.44
CA PHE A 47 12.25 1.42 7.63
C PHE A 47 12.61 -0.02 7.27
N ILE A 48 11.72 -0.69 6.55
CA ILE A 48 11.94 -2.07 6.14
C ILE A 48 13.35 -2.25 5.58
N GLU A 49 13.70 -1.41 4.61
CA GLU A 49 15.02 -1.48 3.99
C GLU A 49 16.13 -1.40 5.04
N ASP A 50 16.05 -0.37 5.88
CA ASP A 50 17.04 -0.17 6.93
C ASP A 50 17.13 -1.40 7.83
N THR A 51 16.01 -2.07 8.03
CA THR A 51 15.96 -3.26 8.87
C THR A 51 16.19 -4.52 8.04
N GLY A 52 16.85 -4.36 6.89
CA GLY A 52 17.11 -5.50 6.02
C GLY A 52 15.97 -5.79 5.09
N LEU A 53 16.27 -6.43 3.95
CA LEU A 53 15.26 -6.77 2.96
C LEU A 53 15.33 -8.24 2.59
N CYS A 54 15.40 -9.10 3.61
CA CYS A 54 15.47 -10.54 3.39
C CYS A 54 14.48 -11.27 4.29
N THR A 55 13.28 -10.70 4.42
CA THR A 55 12.24 -11.31 5.25
C THR A 55 11.26 -12.11 4.40
N GLU A 56 10.99 -13.33 4.82
CA GLU A 56 10.06 -14.20 4.11
C GLU A 56 8.64 -13.66 4.18
N GLY A 57 8.01 -13.50 3.02
CA GLY A 57 6.65 -12.99 2.98
C GLY A 57 6.46 -11.75 3.82
N LEU A 58 6.93 -10.62 3.32
CA LEU A 58 6.82 -9.35 4.04
C LEU A 58 5.36 -9.02 4.33
N TYR A 59 4.60 -8.75 3.27
CA TYR A 59 3.19 -8.41 3.41
C TYR A 59 2.34 -9.67 3.49
N ARG A 60 2.72 -10.70 2.75
CA ARG A 60 1.99 -11.95 2.74
C ARG A 60 1.76 -12.46 4.17
N VAL A 61 2.82 -12.44 4.98
CA VAL A 61 2.74 -12.89 6.36
C VAL A 61 2.83 -11.71 7.33
N SER A 62 1.91 -11.66 8.28
CA SER A 62 1.90 -10.58 9.27
C SER A 62 2.29 -11.11 10.65
N GLY A 63 3.01 -10.29 11.41
CA GLY A 63 3.42 -10.68 12.73
C GLY A 63 2.40 -10.35 13.79
N ASN A 64 2.80 -10.41 15.06
CA ASN A 64 1.90 -10.13 16.17
C ASN A 64 1.17 -8.80 15.94
N LYS A 65 -0.12 -8.77 16.28
CA LYS A 65 -0.93 -7.58 16.12
C LYS A 65 -0.48 -6.47 17.07
N THR A 66 0.09 -6.88 18.21
CA THR A 66 0.56 -5.93 19.21
C THR A 66 1.52 -4.92 18.58
N ASP A 67 2.38 -5.40 17.68
CA ASP A 67 3.35 -4.54 17.02
C ASP A 67 2.65 -3.57 16.07
N GLN A 68 1.74 -4.09 15.25
CA GLN A 68 1.00 -3.28 14.30
C GLN A 68 0.10 -2.28 15.02
N ASP A 69 -0.21 -2.56 16.28
CA ASP A 69 -1.05 -1.68 17.07
C ASP A 69 -0.32 -0.39 17.44
N ASN A 70 0.67 -0.52 18.31
CA ASN A 70 1.46 0.64 18.74
C ASN A 70 1.89 1.48 17.55
N ILE A 71 2.26 0.81 16.46
CA ILE A 71 2.69 1.49 15.24
C ILE A 71 1.74 2.62 14.88
N GLN A 72 0.44 2.35 15.00
CA GLN A 72 -0.58 3.33 14.68
C GLN A 72 -0.82 4.27 15.86
N LYS A 73 -1.25 3.71 16.97
CA LYS A 73 -1.52 4.50 18.18
C LYS A 73 -0.37 5.47 18.44
N GLN A 74 0.83 4.94 18.61
CA GLN A 74 2.01 5.78 18.86
C GLN A 74 2.16 6.85 17.80
N PHE A 75 2.27 6.44 16.55
CA PHE A 75 2.42 7.37 15.43
C PHE A 75 1.28 8.38 15.42
N ASP A 76 0.12 7.98 15.95
CA ASP A 76 -1.04 8.86 16.00
C ASP A 76 -0.80 10.03 16.94
N GLN A 77 -0.48 9.73 18.19
CA GLN A 77 -0.23 10.76 19.19
C GLN A 77 1.12 11.43 18.95
N ASP A 78 2.01 10.72 18.26
CA ASP A 78 3.34 11.25 17.96
C ASP A 78 3.61 11.22 16.46
N HIS A 79 3.86 12.39 15.88
CA HIS A 79 4.13 12.48 14.45
C HIS A 79 5.63 12.48 14.18
N ASN A 80 6.42 12.67 15.23
CA ASN A 80 7.87 12.69 15.11
C ASN A 80 8.48 11.40 15.64
N ILE A 81 7.73 10.30 15.51
CA ILE A 81 8.20 9.00 15.98
C ILE A 81 9.23 8.41 15.02
N ASN A 82 10.03 7.49 15.54
CA ASN A 82 11.07 6.84 14.72
C ASN A 82 10.93 5.32 14.79
N LEU A 83 10.24 4.75 13.82
CA LEU A 83 10.04 3.30 13.77
C LEU A 83 11.34 2.57 14.05
N VAL A 84 12.42 3.02 13.41
CA VAL A 84 13.73 2.41 13.59
C VAL A 84 14.05 2.22 15.08
N SER A 85 13.63 3.18 15.88
CA SER A 85 13.87 3.14 17.33
C SER A 85 13.10 1.98 17.97
N MET A 86 11.87 1.78 17.50
CA MET A 86 11.03 0.71 18.02
C MET A 86 11.57 -0.66 17.63
N GLU A 87 12.25 -0.71 16.49
CA GLU A 87 12.82 -1.96 16.01
C GLU A 87 11.75 -3.04 15.88
N VAL A 88 10.55 -2.62 15.49
CA VAL A 88 9.44 -3.55 15.32
C VAL A 88 9.69 -4.52 14.17
N THR A 89 9.16 -5.73 14.30
CA THR A 89 9.32 -6.75 13.27
C THR A 89 8.85 -6.24 11.91
N VAL A 90 9.69 -6.41 10.90
CA VAL A 90 9.35 -5.97 9.55
C VAL A 90 7.92 -6.37 9.19
N ASN A 91 7.54 -7.58 9.56
CA ASN A 91 6.20 -8.09 9.27
C ASN A 91 5.14 -7.10 9.75
N ALA A 92 5.38 -6.50 10.92
CA ALA A 92 4.44 -5.53 11.48
C ALA A 92 4.26 -4.33 10.56
N VAL A 93 5.36 -3.64 10.29
CA VAL A 93 5.33 -2.47 9.41
C VAL A 93 4.69 -2.80 8.06
N ALA A 94 5.21 -3.83 7.41
CA ALA A 94 4.70 -4.26 6.12
C ALA A 94 3.17 -4.30 6.13
N GLY A 95 2.60 -4.66 7.27
CA GLY A 95 1.16 -4.74 7.39
C GLY A 95 0.53 -3.39 7.69
N ALA A 96 0.94 -2.78 8.79
CA ALA A 96 0.41 -1.49 9.19
C ALA A 96 0.41 -0.51 8.03
N LEU A 97 1.39 -0.66 7.13
CA LEU A 97 1.50 0.21 5.97
C LEU A 97 0.22 0.20 5.15
N LYS A 98 -0.29 -1.00 4.87
CA LYS A 98 -1.51 -1.16 4.10
C LYS A 98 -2.71 -0.56 4.84
N ALA A 99 -2.69 -0.67 6.16
CA ALA A 99 -3.77 -0.14 6.99
C ALA A 99 -4.00 1.34 6.71
N PHE A 100 -2.91 2.06 6.45
CA PHE A 100 -3.00 3.49 6.16
C PHE A 100 -3.71 3.74 4.83
N PHE A 101 -3.67 2.74 3.95
CA PHE A 101 -4.31 2.85 2.64
C PHE A 101 -5.75 2.36 2.70
N ALA A 102 -6.01 1.43 3.62
CA ALA A 102 -7.34 0.87 3.78
C ALA A 102 -8.26 1.84 4.50
N ASP A 103 -7.70 2.59 5.45
CA ASP A 103 -8.47 3.56 6.22
C ASP A 103 -9.05 4.64 5.31
N LEU A 104 -8.29 5.01 4.29
CA LEU A 104 -8.73 6.04 3.34
C LEU A 104 -10.22 5.89 3.05
N PRO A 105 -10.91 7.04 2.91
CA PRO A 105 -12.34 7.08 2.62
C PRO A 105 -12.66 6.59 1.21
N ASP A 106 -11.67 6.66 0.32
CA ASP A 106 -11.84 6.22 -1.06
C ASP A 106 -10.66 5.38 -1.52
N PRO A 107 -10.88 4.54 -2.55
CA PRO A 107 -9.85 3.67 -3.10
C PRO A 107 -8.77 4.45 -3.84
N LEU A 108 -7.52 4.10 -3.56
CA LEU A 108 -6.39 4.77 -4.21
C LEU A 108 -6.66 5.02 -5.68
N ILE A 109 -7.25 4.03 -6.35
CA ILE A 109 -7.57 4.15 -7.76
C ILE A 109 -9.00 4.63 -7.96
N PRO A 110 -9.17 5.67 -8.80
CA PRO A 110 -10.48 6.25 -9.09
C PRO A 110 -11.36 5.31 -9.92
N TYR A 111 -12.66 5.54 -9.88
CA TYR A 111 -13.62 4.71 -10.61
C TYR A 111 -13.64 5.10 -12.09
N SER A 112 -13.17 6.31 -12.39
CA SER A 112 -13.14 6.81 -13.76
C SER A 112 -11.98 6.18 -14.53
N LEU A 113 -11.20 5.35 -13.85
CA LEU A 113 -10.06 4.70 -14.47
C LEU A 113 -10.02 3.22 -14.10
N HIS A 114 -11.15 2.70 -13.63
CA HIS A 114 -11.24 1.29 -13.24
C HIS A 114 -10.98 0.39 -14.43
N PRO A 115 -11.82 0.51 -15.47
CA PRO A 115 -11.70 -0.29 -16.69
C PRO A 115 -10.47 0.08 -17.51
N GLU A 116 -10.15 1.37 -17.54
CA GLU A 116 -9.00 1.86 -18.29
C GLU A 116 -7.74 1.07 -17.92
N LEU A 117 -7.67 0.63 -16.67
CA LEU A 117 -6.52 -0.14 -16.20
C LEU A 117 -6.53 -1.55 -16.77
N LEU A 118 -7.71 -2.02 -17.15
CA LEU A 118 -7.86 -3.36 -17.71
C LEU A 118 -7.83 -3.32 -19.24
N GLU A 119 -8.76 -2.57 -19.83
CA GLU A 119 -8.83 -2.44 -21.28
C GLU A 119 -7.44 -2.20 -21.87
N ALA A 120 -6.54 -1.65 -21.06
CA ALA A 120 -5.19 -1.37 -21.50
C ALA A 120 -4.24 -2.49 -21.11
N ALA A 121 -4.57 -3.19 -20.03
CA ALA A 121 -3.75 -4.31 -19.56
C ALA A 121 -4.00 -5.56 -20.37
N LYS A 122 -5.13 -5.60 -21.08
CA LYS A 122 -5.48 -6.75 -21.90
C LYS A 122 -4.85 -6.64 -23.28
N ILE A 123 -4.13 -5.55 -23.52
CA ILE A 123 -3.46 -5.33 -24.80
C ILE A 123 -2.36 -6.36 -25.05
N PRO A 124 -2.40 -6.99 -26.23
CA PRO A 124 -1.42 -8.01 -26.61
C PRO A 124 -0.03 -7.41 -26.85
N ASP A 125 0.00 -6.29 -27.56
CA ASP A 125 1.26 -5.61 -27.86
C ASP A 125 1.96 -5.18 -26.58
N LYS A 126 2.86 -6.02 -26.09
CA LYS A 126 3.61 -5.71 -24.87
C LYS A 126 3.90 -4.22 -24.77
N THR A 127 4.23 -3.61 -25.90
CA THR A 127 4.53 -2.18 -25.93
C THR A 127 3.30 -1.35 -25.58
N GLU A 128 2.30 -1.39 -26.46
CA GLU A 128 1.08 -0.63 -26.24
C GLU A 128 0.53 -0.88 -24.83
N ARG A 129 0.45 -2.14 -24.44
CA ARG A 129 -0.05 -2.51 -23.12
C ARG A 129 0.56 -1.61 -22.04
N LEU A 130 1.88 -1.57 -21.99
CA LEU A 130 2.58 -0.75 -21.01
C LEU A 130 2.33 0.73 -21.26
N HIS A 131 2.69 1.20 -22.45
CA HIS A 131 2.49 2.60 -22.80
C HIS A 131 1.14 3.10 -22.32
N ALA A 132 0.10 2.29 -22.50
CA ALA A 132 -1.24 2.66 -22.09
C ALA A 132 -1.30 2.91 -20.58
N LEU A 133 -0.68 2.01 -19.81
CA LEU A 133 -0.67 2.14 -18.36
C LEU A 133 0.19 3.32 -17.93
N LYS A 134 1.15 3.68 -18.77
CA LYS A 134 2.03 4.81 -18.47
C LYS A 134 1.33 6.14 -18.70
N GLU A 135 0.39 6.16 -19.64
CA GLU A 135 -0.37 7.36 -19.94
C GLU A 135 -1.61 7.47 -19.06
N ILE A 136 -2.16 6.33 -18.69
CA ILE A 136 -3.34 6.29 -17.84
C ILE A 136 -3.02 6.70 -16.42
N VAL A 137 -1.76 6.53 -16.02
CA VAL A 137 -1.32 6.89 -14.68
C VAL A 137 -0.98 8.38 -14.60
N LYS A 138 -0.98 9.05 -15.75
CA LYS A 138 -0.68 10.47 -15.80
C LYS A 138 -1.90 11.30 -15.45
N LYS A 139 -3.08 10.78 -15.77
CA LYS A 139 -4.33 11.48 -15.48
C LYS A 139 -4.84 11.11 -14.09
N PHE A 140 -3.98 10.50 -13.28
CA PHE A 140 -4.35 10.09 -11.93
C PHE A 140 -4.34 11.30 -11.00
N HIS A 141 -4.91 11.11 -9.80
CA HIS A 141 -4.97 12.18 -8.81
C HIS A 141 -3.57 12.72 -8.52
N PRO A 142 -3.46 14.04 -8.34
CA PRO A 142 -2.19 14.70 -8.05
C PRO A 142 -1.68 14.39 -6.65
N VAL A 143 -2.59 14.02 -5.76
CA VAL A 143 -2.23 13.69 -4.39
C VAL A 143 -1.94 12.19 -4.24
N ASN A 144 -2.76 11.37 -4.89
CA ASN A 144 -2.60 9.92 -4.84
C ASN A 144 -1.46 9.48 -5.75
N TYR A 145 -1.47 9.95 -6.99
CA TYR A 145 -0.45 9.59 -7.96
C TYR A 145 0.91 9.48 -7.28
N ASP A 146 1.33 10.56 -6.62
CA ASP A 146 2.62 10.58 -5.94
C ASP A 146 2.79 9.35 -5.06
N VAL A 147 1.95 9.23 -4.03
CA VAL A 147 2.01 8.10 -3.11
C VAL A 147 2.04 6.78 -3.88
N PHE A 148 1.00 6.54 -4.67
CA PHE A 148 0.90 5.31 -5.46
C PHE A 148 2.24 4.97 -6.10
N ARG A 149 2.87 5.98 -6.69
CA ARG A 149 4.16 5.79 -7.35
C ARG A 149 5.23 5.37 -6.35
N TYR A 150 5.42 6.18 -5.31
CA TYR A 150 6.41 5.90 -4.29
C TYR A 150 6.33 4.43 -3.84
N VAL A 151 5.10 3.97 -3.62
CA VAL A 151 4.88 2.59 -3.18
C VAL A 151 5.50 1.60 -4.17
N ILE A 152 5.01 1.62 -5.41
CA ILE A 152 5.52 0.73 -6.44
C ILE A 152 7.05 0.75 -6.48
N THR A 153 7.61 1.95 -6.55
CA THR A 153 9.07 2.10 -6.59
C THR A 153 9.75 1.15 -5.61
N HIS A 154 9.15 0.98 -4.45
CA HIS A 154 9.70 0.09 -3.43
C HIS A 154 9.37 -1.36 -3.73
N LEU A 155 8.19 -1.60 -4.28
CA LEU A 155 7.75 -2.94 -4.63
C LEU A 155 8.74 -3.61 -5.57
N ASN A 156 9.18 -2.86 -6.58
CA ASN A 156 10.13 -3.38 -7.56
C ASN A 156 11.34 -3.99 -6.87
N ARG A 157 11.89 -3.27 -5.90
CA ARG A 157 13.05 -3.74 -5.16
C ARG A 157 12.78 -5.10 -4.52
N VAL A 158 11.59 -5.24 -3.94
CA VAL A 158 11.21 -6.49 -3.29
C VAL A 158 11.13 -7.64 -4.30
N SER A 159 10.47 -7.38 -5.42
CA SER A 159 10.32 -8.39 -6.46
C SER A 159 11.68 -8.85 -6.98
N GLN A 160 12.60 -7.91 -7.12
CA GLN A 160 13.94 -8.22 -7.60
C GLN A 160 14.54 -9.38 -6.82
N GLN A 161 14.38 -9.35 -5.49
CA GLN A 161 14.91 -10.40 -4.64
C GLN A 161 13.81 -11.39 -4.24
N HIS A 162 13.12 -11.93 -5.25
CA HIS A 162 12.05 -12.88 -5.01
C HIS A 162 12.60 -14.30 -4.84
N LYS A 163 13.83 -14.40 -4.34
CA LYS A 163 14.47 -15.68 -4.13
C LYS A 163 14.59 -16.00 -2.64
N ILE A 164 14.85 -14.97 -1.85
CA ILE A 164 15.00 -15.14 -0.40
C ILE A 164 13.67 -14.91 0.31
N ASN A 165 12.98 -13.83 -0.05
CA ASN A 165 11.70 -13.49 0.55
C ASN A 165 10.55 -14.16 -0.22
N LEU A 166 10.88 -14.78 -1.34
CA LEU A 166 9.88 -15.46 -2.16
C LEU A 166 8.69 -14.55 -2.42
N MET A 167 8.97 -13.33 -2.87
CA MET A 167 7.91 -12.37 -3.17
C MET A 167 8.07 -11.80 -4.57
N THR A 168 7.52 -12.52 -5.55
CA THR A 168 7.59 -12.09 -6.94
C THR A 168 6.60 -10.97 -7.23
N ALA A 169 6.91 -10.14 -8.22
CA ALA A 169 6.04 -9.03 -8.60
C ALA A 169 4.57 -9.45 -8.53
N ASP A 170 4.29 -10.69 -8.91
CA ASP A 170 2.93 -11.21 -8.89
C ASP A 170 2.41 -11.33 -7.47
N ASN A 171 3.21 -11.93 -6.59
CA ASN A 171 2.83 -12.10 -5.19
C ASN A 171 2.62 -10.75 -4.51
N LEU A 172 3.50 -9.80 -4.82
CA LEU A 172 3.42 -8.47 -4.25
C LEU A 172 2.15 -7.75 -4.70
N SER A 173 1.89 -7.79 -6.00
CA SER A 173 0.70 -7.15 -6.57
C SER A 173 -0.57 -7.65 -5.89
N ILE A 174 -0.68 -8.97 -5.77
CA ILE A 174 -1.84 -9.58 -5.13
C ILE A 174 -1.92 -9.23 -3.66
N CYS A 175 -0.76 -9.21 -3.00
CA CYS A 175 -0.69 -8.89 -1.58
C CYS A 175 -1.17 -7.47 -1.33
N PHE A 176 -1.37 -6.71 -2.39
CA PHE A 176 -1.82 -5.33 -2.28
C PHE A 176 -3.17 -5.14 -2.97
N TRP A 177 -3.60 -6.17 -3.70
CA TRP A 177 -4.88 -6.12 -4.40
C TRP A 177 -6.00 -5.68 -3.47
N PRO A 178 -6.04 -6.27 -2.27
CA PRO A 178 -7.06 -5.96 -1.26
C PRO A 178 -7.23 -4.46 -1.06
N THR A 179 -6.19 -3.81 -0.55
CA THR A 179 -6.23 -2.38 -0.31
C THR A 179 -6.38 -1.60 -1.61
N LEU A 180 -5.38 -1.72 -2.48
CA LEU A 180 -5.41 -1.04 -3.77
C LEU A 180 -6.83 -0.95 -4.31
N MET A 181 -7.45 -2.09 -4.54
CA MET A 181 -8.81 -2.15 -5.05
C MET A 181 -9.61 -3.24 -4.34
N ARG A 182 -10.78 -2.87 -3.83
CA ARG A 182 -11.64 -3.81 -3.13
C ARG A 182 -12.01 -4.98 -4.03
N PRO A 183 -12.20 -6.16 -3.42
CA PRO A 183 -12.56 -7.39 -4.15
C PRO A 183 -13.97 -7.34 -4.72
N ASP A 184 -14.50 -8.49 -5.10
CA ASP A 184 -15.84 -8.58 -5.65
C ASP A 184 -16.04 -7.55 -6.77
N PHE A 185 -15.00 -7.35 -7.57
CA PHE A 185 -15.06 -6.39 -8.67
C PHE A 185 -15.43 -7.09 -9.98
N GLU A 186 -16.42 -7.97 -9.90
CA GLU A 186 -16.87 -8.71 -11.08
C GLU A 186 -16.78 -7.85 -12.33
N ASN A 187 -15.76 -8.11 -13.15
CA ASN A 187 -15.55 -7.36 -14.38
C ASN A 187 -15.82 -8.23 -15.61
N ARG A 188 -15.90 -7.60 -16.77
CA ARG A 188 -16.15 -8.32 -18.01
C ARG A 188 -15.27 -9.56 -18.11
N GLU A 189 -15.90 -10.73 -18.25
CA GLU A 189 -15.17 -11.98 -18.34
C GLU A 189 -15.22 -12.52 -19.77
N PHE A 190 -15.49 -11.64 -20.72
CA PHE A 190 -15.56 -12.02 -22.13
C PHE A 190 -14.51 -13.08 -22.46
N LEU A 191 -13.37 -12.99 -21.78
CA LEU A 191 -12.27 -13.93 -22.01
C LEU A 191 -12.17 -14.93 -20.87
N SER A 192 -11.30 -15.92 -21.02
CA SER A 192 -11.11 -16.94 -20.00
C SER A 192 -9.63 -17.17 -19.72
N THR A 193 -9.33 -17.89 -18.64
CA THR A 193 -7.96 -18.18 -18.27
C THR A 193 -7.05 -16.99 -18.59
N THR A 194 -7.49 -15.79 -18.24
CA THR A 194 -6.71 -14.59 -18.49
C THR A 194 -6.50 -13.79 -17.22
N LYS A 195 -5.36 -14.01 -16.56
CA LYS A 195 -5.03 -13.30 -15.33
C LYS A 195 -4.68 -11.85 -15.61
N ILE A 196 -5.66 -11.09 -16.08
CA ILE A 196 -5.45 -9.68 -16.39
C ILE A 196 -5.52 -8.83 -15.12
N HIS A 197 -6.52 -9.09 -14.29
CA HIS A 197 -6.70 -8.35 -13.05
C HIS A 197 -5.35 -8.13 -12.35
N GLN A 198 -4.64 -9.22 -12.10
CA GLN A 198 -3.34 -9.14 -11.44
C GLN A 198 -2.29 -8.53 -12.36
N SER A 199 -2.33 -8.91 -13.63
CA SER A 199 -1.39 -8.41 -14.61
C SER A 199 -1.32 -6.89 -14.57
N VAL A 200 -2.46 -6.25 -14.32
CA VAL A 200 -2.52 -4.80 -14.25
C VAL A 200 -1.51 -4.25 -13.25
N VAL A 201 -1.78 -4.48 -11.97
CA VAL A 201 -0.89 -4.01 -10.91
C VAL A 201 0.51 -4.59 -11.07
N GLU A 202 0.58 -5.91 -11.19
CA GLU A 202 1.87 -6.59 -11.34
C GLU A 202 2.72 -5.89 -12.40
N THR A 203 2.10 -5.58 -13.54
CA THR A 203 2.81 -4.91 -14.62
C THR A 203 3.46 -3.61 -14.15
N PHE A 204 2.65 -2.72 -13.61
CA PHE A 204 3.15 -1.44 -13.12
C PHE A 204 4.50 -1.61 -12.43
N ILE A 205 4.56 -2.54 -11.48
CA ILE A 205 5.79 -2.81 -10.76
C ILE A 205 6.92 -3.20 -11.71
N GLN A 206 6.67 -4.21 -12.53
CA GLN A 206 7.67 -4.69 -13.48
C GLN A 206 8.19 -3.54 -14.33
N GLN A 207 7.28 -2.81 -14.99
CA GLN A 207 7.66 -1.69 -15.83
C GLN A 207 7.61 -0.38 -15.05
N CYS A 208 7.76 -0.48 -13.73
CA CYS A 208 7.73 0.70 -12.87
C CYS A 208 8.88 1.63 -13.18
N GLN A 209 9.79 1.17 -14.04
CA GLN A 209 10.95 1.97 -14.44
C GLN A 209 10.76 2.58 -15.82
N PHE A 210 10.58 1.71 -16.82
CA PHE A 210 10.40 2.15 -18.20
C PHE A 210 9.49 3.38 -18.25
N PHE A 211 8.61 3.51 -17.26
CA PHE A 211 7.70 4.64 -17.20
C PHE A 211 8.46 5.96 -17.21
N PHE A 212 9.29 6.17 -16.20
CA PHE A 212 10.08 7.39 -16.09
C PHE A 212 11.57 7.08 -15.94
N TYR A 213 11.86 5.90 -15.39
CA TYR A 213 13.23 5.48 -15.17
C TYR A 213 13.80 4.84 -16.44
N ASN A 214 13.25 5.22 -17.59
CA ASN A 214 13.71 4.69 -18.87
C ASN A 214 14.14 3.23 -18.73
N GLY A 215 13.47 2.51 -17.83
CA GLY A 215 13.80 1.11 -17.61
C GLY A 215 13.60 0.27 -18.86
N GLU A 216 13.96 -1.01 -18.77
CA GLU A 216 13.81 -1.92 -19.90
C GLU A 216 12.71 -2.94 -19.64
N ILE A 217 12.00 -3.34 -20.69
CA ILE A 217 10.93 -4.31 -20.57
C ILE A 217 11.46 -5.68 -20.14
N VAL A 218 11.13 -6.08 -18.93
CA VAL A 218 11.56 -7.36 -18.40
C VAL A 218 10.43 -8.39 -18.41
N GLU A 219 10.78 -9.65 -18.19
CA GLU A 219 9.79 -10.72 -18.17
C GLU A 219 10.04 -11.69 -17.02
N GLY A 1 20.17 12.95 65.43
CA GLY A 1 19.58 13.87 64.49
C GLY A 1 18.27 13.36 63.92
N SER A 2 17.69 14.13 63.00
CA SER A 2 16.42 13.75 62.39
C SER A 2 16.14 14.61 61.16
N SER A 3 15.18 14.16 60.34
CA SER A 3 14.81 14.90 59.13
C SER A 3 13.60 14.25 58.46
N GLY A 4 13.15 14.86 57.37
CA GLY A 4 12.01 14.33 56.65
C GLY A 4 11.75 15.07 55.35
N SER A 5 10.73 14.64 54.61
CA SER A 5 10.39 15.26 53.34
C SER A 5 9.09 14.69 52.79
N SER A 6 8.64 15.22 51.66
CA SER A 6 7.40 14.77 51.03
C SER A 6 7.52 14.81 49.51
N GLY A 7 6.49 14.31 48.83
CA GLY A 7 6.50 14.29 47.38
C GLY A 7 5.09 14.24 46.80
N LYS A 8 4.98 14.61 45.52
CA LYS A 8 3.69 14.60 44.84
C LYS A 8 3.68 13.60 43.70
N ASN A 9 2.50 13.39 43.11
CA ASN A 9 2.36 12.46 42.00
C ASN A 9 1.07 12.72 41.23
N PHE A 10 0.91 12.03 40.11
CA PHE A 10 -0.28 12.19 39.27
C PHE A 10 -0.47 10.98 38.35
N ASN A 11 -1.67 10.85 37.81
CA ASN A 11 -1.98 9.73 36.91
C ASN A 11 -3.14 10.09 36.00
N PRO A 12 -2.90 9.99 34.68
CA PRO A 12 -3.91 10.29 33.66
C PRO A 12 -5.04 9.27 33.64
N PRO A 13 -6.14 9.59 32.94
CA PRO A 13 -7.31 8.71 32.82
C PRO A 13 -7.01 7.47 31.97
N THR A 14 -7.50 6.32 32.42
CA THR A 14 -7.28 5.08 31.70
C THR A 14 -8.39 4.83 30.69
N ARG A 15 -9.05 5.90 30.27
CA ARG A 15 -10.13 5.80 29.29
C ARG A 15 -9.59 5.78 27.87
N ARG A 16 -10.34 5.17 26.96
CA ARG A 16 -9.93 5.07 25.57
C ARG A 16 -10.71 6.06 24.71
N ASN A 17 -10.05 7.13 24.30
CA ASN A 17 -10.68 8.16 23.47
C ASN A 17 -10.20 8.06 22.02
N TRP A 18 -9.93 6.84 21.58
CA TRP A 18 -9.47 6.61 20.21
C TRP A 18 -10.42 7.24 19.20
N GLU A 19 -10.13 8.48 18.80
CA GLU A 19 -10.97 9.18 17.84
C GLU A 19 -10.10 9.89 16.80
N SER A 20 -10.24 9.48 15.54
CA SER A 20 -9.48 10.08 14.45
C SER A 20 -10.41 10.62 13.37
N ASN A 21 -10.77 11.89 13.49
CA ASN A 21 -11.66 12.53 12.52
C ASN A 21 -11.06 12.49 11.13
N TYR A 22 -9.78 12.12 11.05
CA TYR A 22 -9.09 12.05 9.77
C TYR A 22 -9.78 11.06 8.83
N PHE A 23 -10.13 9.90 9.37
CA PHE A 23 -10.79 8.86 8.58
C PHE A 23 -11.90 9.47 7.72
N GLY A 24 -12.46 10.57 8.18
CA GLY A 24 -13.53 11.23 7.44
C GLY A 24 -12.99 12.12 6.33
N MET A 25 -11.83 12.72 6.55
CA MET A 25 -11.22 13.59 5.55
C MET A 25 -10.32 12.79 4.60
N PRO A 26 -10.34 13.16 3.32
CA PRO A 26 -9.54 12.49 2.29
C PRO A 26 -8.05 12.75 2.45
N LEU A 27 -7.23 11.83 1.97
CA LEU A 27 -5.78 11.96 2.07
C LEU A 27 -5.33 13.36 1.62
N GLN A 28 -5.69 13.73 0.40
CA GLN A 28 -5.34 15.03 -0.14
C GLN A 28 -5.55 16.13 0.90
N ASP A 29 -6.55 15.95 1.75
CA ASP A 29 -6.87 16.91 2.79
C ASP A 29 -5.86 16.83 3.93
N LEU A 30 -5.62 15.62 4.42
CA LEU A 30 -4.68 15.40 5.51
C LEU A 30 -3.28 15.86 5.13
N VAL A 31 -2.87 15.55 3.90
CA VAL A 31 -1.56 15.93 3.40
C VAL A 31 -1.59 17.31 2.75
N THR A 32 -0.44 17.97 2.70
CA THR A 32 -0.35 19.29 2.09
C THR A 32 0.30 19.22 0.72
N ALA A 33 0.08 20.25 -0.10
CA ALA A 33 0.64 20.30 -1.44
C ALA A 33 2.14 20.05 -1.41
N GLU A 34 2.83 20.69 -0.46
CA GLU A 34 4.27 20.54 -0.34
C GLU A 34 4.65 19.07 -0.14
N LYS A 35 3.93 18.40 0.75
CA LYS A 35 4.18 16.99 1.04
C LYS A 35 2.91 16.17 0.89
N PRO A 36 2.65 15.69 -0.33
CA PRO A 36 1.46 14.88 -0.63
C PRO A 36 1.54 13.50 -0.01
N ILE A 37 2.74 12.93 0.03
CA ILE A 37 2.94 11.61 0.62
C ILE A 37 3.00 11.68 2.14
N PRO A 38 2.24 10.80 2.80
CA PRO A 38 2.20 10.74 4.28
C PRO A 38 3.50 10.22 4.87
N LEU A 39 4.13 11.02 5.71
CA LEU A 39 5.38 10.64 6.34
C LEU A 39 5.32 9.20 6.86
N PHE A 40 4.25 8.88 7.59
CA PHE A 40 4.07 7.54 8.14
C PHE A 40 4.43 6.49 7.10
N VAL A 41 3.64 6.42 6.03
CA VAL A 41 3.87 5.46 4.96
C VAL A 41 5.35 5.35 4.62
N GLU A 42 5.94 6.48 4.26
CA GLU A 42 7.36 6.52 3.91
C GLU A 42 8.20 5.81 4.96
N LYS A 43 8.10 6.26 6.21
CA LYS A 43 8.85 5.67 7.30
C LYS A 43 8.74 4.15 7.28
N CYS A 44 7.55 3.65 6.96
CA CYS A 44 7.32 2.21 6.90
C CYS A 44 8.11 1.59 5.75
N VAL A 45 8.20 2.31 4.63
CA VAL A 45 8.92 1.82 3.46
C VAL A 45 10.42 1.84 3.70
N GLU A 46 10.94 3.00 4.09
CA GLU A 46 12.37 3.16 4.35
C GLU A 46 12.82 2.23 5.46
N PHE A 47 11.96 2.03 6.45
CA PHE A 47 12.27 1.17 7.58
C PHE A 47 12.52 -0.26 7.11
N ILE A 48 11.49 -0.90 6.58
CA ILE A 48 11.60 -2.28 6.11
C ILE A 48 12.96 -2.51 5.43
N GLU A 49 13.42 -1.52 4.68
CA GLU A 49 14.69 -1.62 3.99
C GLU A 49 15.86 -1.48 4.97
N ASP A 50 15.72 -0.54 5.91
CA ASP A 50 16.77 -0.30 6.90
C ASP A 50 16.97 -1.53 7.78
N THR A 51 15.87 -2.15 8.19
CA THR A 51 15.94 -3.34 9.03
C THR A 51 16.24 -4.58 8.20
N GLY A 52 15.80 -4.57 6.95
CA GLY A 52 16.03 -5.71 6.07
C GLY A 52 14.92 -5.90 5.06
N LEU A 53 15.26 -5.82 3.78
CA LEU A 53 14.28 -5.98 2.72
C LEU A 53 14.25 -7.43 2.23
N CYS A 54 15.40 -8.08 2.26
CA CYS A 54 15.50 -9.47 1.82
C CYS A 54 15.11 -10.43 2.94
N THR A 55 14.08 -10.06 3.69
CA THR A 55 13.62 -10.89 4.81
C THR A 55 12.60 -11.92 4.33
N GLU A 56 12.99 -13.19 4.39
CA GLU A 56 12.11 -14.27 3.96
C GLU A 56 10.67 -13.99 4.34
N GLY A 57 9.78 -14.03 3.35
CA GLY A 57 8.38 -13.76 3.59
C GLY A 57 8.16 -12.73 4.68
N LEU A 58 8.10 -11.46 4.28
CA LEU A 58 7.91 -10.37 5.23
C LEU A 58 6.49 -9.81 5.12
N TYR A 59 5.97 -9.76 3.91
CA TYR A 59 4.62 -9.25 3.67
C TYR A 59 3.57 -10.34 3.90
N ARG A 60 3.66 -11.41 3.11
CA ARG A 60 2.73 -12.52 3.23
C ARG A 60 2.75 -13.11 4.63
N VAL A 61 3.74 -12.71 5.42
CA VAL A 61 3.88 -13.19 6.79
C VAL A 61 3.48 -12.12 7.79
N SER A 62 2.39 -12.34 8.50
CA SER A 62 1.91 -11.39 9.50
C SER A 62 0.85 -12.02 10.40
N GLY A 63 1.09 -12.01 11.70
CA GLY A 63 0.16 -12.58 12.65
C GLY A 63 -0.26 -11.61 13.72
N ASN A 64 0.67 -11.28 14.61
CA ASN A 64 0.40 -10.35 15.70
C ASN A 64 -0.24 -9.06 15.17
N LYS A 65 -1.13 -8.48 15.96
CA LYS A 65 -1.81 -7.25 15.58
C LYS A 65 -1.39 -6.09 16.48
N THR A 66 -1.26 -6.37 17.77
CA THR A 66 -0.87 -5.36 18.74
C THR A 66 0.33 -4.55 18.24
N ASP A 67 1.36 -5.25 17.80
CA ASP A 67 2.56 -4.59 17.28
C ASP A 67 2.20 -3.41 16.38
N GLN A 68 1.30 -3.66 15.43
CA GLN A 68 0.87 -2.62 14.50
C GLN A 68 0.15 -1.50 15.24
N ASP A 69 -0.50 -1.85 16.34
CA ASP A 69 -1.22 -0.86 17.14
C ASP A 69 -0.32 0.30 17.54
N ASN A 70 0.71 0.02 18.31
CA ASN A 70 1.66 1.04 18.76
C ASN A 70 2.16 1.86 17.57
N ILE A 71 2.50 1.17 16.49
CA ILE A 71 2.98 1.84 15.28
C ILE A 71 2.06 2.97 14.86
N GLN A 72 0.76 2.72 14.92
CA GLN A 72 -0.24 3.71 14.55
C GLN A 72 -0.42 4.74 15.66
N LYS A 73 -0.79 4.25 16.84
CA LYS A 73 -1.00 5.12 18.00
C LYS A 73 0.23 5.98 18.26
N GLN A 74 1.32 5.35 18.67
CA GLN A 74 2.56 6.06 18.96
C GLN A 74 2.79 7.18 17.95
N PHE A 75 2.72 6.84 16.66
CA PHE A 75 2.93 7.81 15.60
C PHE A 75 1.98 9.00 15.77
N ASP A 76 0.69 8.72 15.85
CA ASP A 76 -0.32 9.77 16.01
C ASP A 76 0.00 10.64 17.22
N GLN A 77 0.32 10.00 18.34
CA GLN A 77 0.64 10.71 19.56
C GLN A 77 1.87 11.62 19.37
N ASP A 78 2.80 11.17 18.53
CA ASP A 78 4.00 11.94 18.25
C ASP A 78 4.72 11.40 17.01
N HIS A 79 5.26 12.31 16.22
CA HIS A 79 5.97 11.92 14.99
C HIS A 79 7.46 11.78 15.26
N ASN A 80 7.93 12.36 16.36
CA ASN A 80 9.34 12.29 16.73
C ASN A 80 9.67 10.93 17.35
N ILE A 81 9.19 9.87 16.73
CA ILE A 81 9.44 8.52 17.21
C ILE A 81 10.41 7.77 16.31
N ASN A 82 10.80 6.57 16.72
CA ASN A 82 11.72 5.74 15.94
C ASN A 82 11.32 4.28 16.00
N LEU A 83 10.99 3.71 14.85
CA LEU A 83 10.59 2.31 14.77
C LEU A 83 11.77 1.39 15.09
N VAL A 84 12.93 1.71 14.56
CA VAL A 84 14.13 0.93 14.80
C VAL A 84 14.38 0.73 16.30
N SER A 85 14.18 1.80 17.06
CA SER A 85 14.38 1.75 18.50
C SER A 85 13.45 0.72 19.14
N MET A 86 12.19 0.73 18.72
CA MET A 86 11.20 -0.20 19.25
C MET A 86 11.61 -1.64 18.99
N GLU A 87 12.34 -1.86 17.90
CA GLU A 87 12.80 -3.20 17.55
C GLU A 87 11.63 -4.16 17.46
N VAL A 88 10.54 -3.71 16.83
CA VAL A 88 9.36 -4.54 16.66
C VAL A 88 9.53 -5.55 15.53
N THR A 89 8.61 -6.51 15.46
CA THR A 89 8.67 -7.52 14.42
C THR A 89 8.46 -6.93 13.03
N VAL A 90 9.46 -7.05 12.17
CA VAL A 90 9.39 -6.52 10.82
C VAL A 90 7.99 -6.72 10.23
N ASN A 91 7.46 -7.92 10.38
CA ASN A 91 6.14 -8.24 9.86
C ASN A 91 5.14 -7.15 10.22
N ALA A 92 5.20 -6.68 11.46
CA ALA A 92 4.30 -5.64 11.94
C ALA A 92 4.27 -4.47 10.96
N VAL A 93 5.41 -3.85 10.73
CA VAL A 93 5.51 -2.71 9.83
C VAL A 93 4.88 -3.04 8.48
N ALA A 94 5.41 -4.06 7.81
CA ALA A 94 4.90 -4.47 6.52
C ALA A 94 3.38 -4.43 6.48
N GLY A 95 2.75 -4.83 7.58
CA GLY A 95 1.30 -4.82 7.66
C GLY A 95 0.74 -3.43 7.95
N ALA A 96 1.16 -2.86 9.08
CA ALA A 96 0.69 -1.53 9.46
C ALA A 96 0.67 -0.58 8.27
N LEU A 97 1.68 -0.69 7.42
CA LEU A 97 1.77 0.17 6.24
C LEU A 97 0.49 0.10 5.42
N LYS A 98 0.05 -1.11 5.11
CA LYS A 98 -1.17 -1.30 4.34
C LYS A 98 -2.39 -0.86 5.12
N ALA A 99 -2.41 -1.18 6.41
CA ALA A 99 -3.53 -0.81 7.28
C ALA A 99 -3.91 0.66 7.08
N PHE A 100 -2.90 1.51 6.92
CA PHE A 100 -3.14 2.94 6.72
C PHE A 100 -3.96 3.18 5.46
N PHE A 101 -3.50 2.63 4.35
CA PHE A 101 -4.18 2.78 3.06
C PHE A 101 -5.60 2.22 3.14
N ALA A 102 -5.74 1.05 3.75
CA ALA A 102 -7.04 0.40 3.89
C ALA A 102 -8.03 1.32 4.62
N ASP A 103 -7.54 1.98 5.66
CA ASP A 103 -8.38 2.89 6.44
C ASP A 103 -9.04 3.94 5.54
N LEU A 104 -8.29 4.38 4.53
CA LEU A 104 -8.80 5.38 3.60
C LEU A 104 -10.27 5.15 3.28
N PRO A 105 -11.02 6.25 3.12
CA PRO A 105 -12.46 6.20 2.81
C PRO A 105 -12.72 5.68 1.40
N ASP A 106 -11.72 5.77 0.54
CA ASP A 106 -11.85 5.31 -0.84
C ASP A 106 -10.56 4.62 -1.30
N PRO A 107 -10.70 3.76 -2.32
CA PRO A 107 -9.57 3.01 -2.88
C PRO A 107 -8.60 3.91 -3.63
N LEU A 108 -7.31 3.65 -3.48
CA LEU A 108 -6.28 4.44 -4.15
C LEU A 108 -6.66 4.69 -5.61
N ILE A 109 -7.03 3.63 -6.31
CA ILE A 109 -7.42 3.74 -7.71
C ILE A 109 -8.90 4.08 -7.85
N PRO A 110 -9.20 5.16 -8.56
CA PRO A 110 -10.58 5.60 -8.79
C PRO A 110 -11.36 4.66 -9.71
N TYR A 111 -12.67 4.59 -9.52
CA TYR A 111 -13.51 3.73 -10.33
C TYR A 111 -13.57 4.22 -11.77
N SER A 112 -13.33 5.51 -11.96
CA SER A 112 -13.36 6.10 -13.29
C SER A 112 -12.23 5.55 -14.15
N LEU A 113 -11.26 4.92 -13.51
CA LEU A 113 -10.12 4.34 -14.22
C LEU A 113 -10.06 2.83 -14.01
N HIS A 114 -11.22 2.23 -13.74
CA HIS A 114 -11.29 0.79 -13.52
C HIS A 114 -11.09 0.03 -14.83
N PRO A 115 -11.98 0.28 -15.80
CA PRO A 115 -11.92 -0.36 -17.12
C PRO A 115 -10.73 0.11 -17.94
N GLU A 116 -10.26 1.32 -17.66
CA GLU A 116 -9.12 1.88 -18.38
C GLU A 116 -7.84 1.13 -18.06
N LEU A 117 -7.73 0.67 -16.81
CA LEU A 117 -6.55 -0.08 -16.36
C LEU A 117 -6.54 -1.47 -16.96
N LEU A 118 -7.72 -1.99 -17.30
CA LEU A 118 -7.84 -3.32 -17.88
C LEU A 118 -7.73 -3.26 -19.40
N GLU A 119 -8.62 -2.49 -20.02
CA GLU A 119 -8.63 -2.35 -21.48
C GLU A 119 -7.20 -2.26 -22.02
N ALA A 120 -6.30 -1.72 -21.20
CA ALA A 120 -4.91 -1.56 -21.60
C ALA A 120 -4.12 -2.85 -21.32
N ALA A 121 -4.44 -3.49 -20.20
CA ALA A 121 -3.76 -4.73 -19.82
C ALA A 121 -4.07 -5.85 -20.81
N LYS A 122 -5.12 -5.67 -21.60
CA LYS A 122 -5.51 -6.66 -22.60
C LYS A 122 -4.95 -6.31 -23.97
N ILE A 123 -3.85 -5.57 -23.98
CA ILE A 123 -3.22 -5.16 -25.24
C ILE A 123 -2.20 -6.20 -25.70
N PRO A 124 -2.29 -6.57 -26.98
CA PRO A 124 -1.37 -7.56 -27.58
C PRO A 124 0.05 -7.02 -27.73
N ASP A 125 0.15 -5.79 -28.24
CA ASP A 125 1.45 -5.16 -28.44
C ASP A 125 2.08 -4.78 -27.10
N LYS A 126 2.94 -5.65 -26.59
CA LYS A 126 3.61 -5.41 -25.31
C LYS A 126 3.93 -3.92 -25.14
N THR A 127 4.62 -3.36 -26.13
CA THR A 127 4.98 -1.94 -26.08
C THR A 127 3.77 -1.07 -25.80
N GLU A 128 2.71 -1.26 -26.58
CA GLU A 128 1.48 -0.48 -26.42
C GLU A 128 0.91 -0.67 -25.02
N ARG A 129 0.87 -1.91 -24.56
CA ARG A 129 0.34 -2.23 -23.23
C ARG A 129 0.98 -1.34 -22.18
N LEU A 130 2.29 -1.18 -22.26
CA LEU A 130 3.03 -0.35 -21.30
C LEU A 130 2.70 1.13 -21.50
N HIS A 131 3.00 1.64 -22.69
CA HIS A 131 2.74 3.04 -23.00
C HIS A 131 1.36 3.46 -22.50
N ALA A 132 0.35 2.68 -22.83
CA ALA A 132 -1.01 2.97 -22.40
C ALA A 132 -1.08 3.21 -20.90
N LEU A 133 -0.69 2.21 -20.12
CA LEU A 133 -0.71 2.31 -18.66
C LEU A 133 0.04 3.56 -18.21
N LYS A 134 1.13 3.88 -18.88
CA LYS A 134 1.93 5.05 -18.55
C LYS A 134 1.12 6.33 -18.73
N GLU A 135 0.13 6.27 -19.61
CA GLU A 135 -0.71 7.43 -19.88
C GLU A 135 -1.91 7.46 -18.93
N ILE A 136 -2.50 6.30 -18.71
CA ILE A 136 -3.66 6.20 -17.82
C ILE A 136 -3.28 6.54 -16.38
N VAL A 137 -1.99 6.51 -16.09
CA VAL A 137 -1.50 6.83 -14.75
C VAL A 137 -1.18 8.31 -14.63
N LYS A 138 -1.25 9.02 -15.74
CA LYS A 138 -0.98 10.46 -15.75
C LYS A 138 -2.17 11.25 -15.23
N LYS A 139 -3.37 10.81 -15.59
CA LYS A 139 -4.59 11.48 -15.15
C LYS A 139 -4.90 11.14 -13.69
N PHE A 140 -4.06 10.29 -13.09
CA PHE A 140 -4.24 9.90 -11.71
C PHE A 140 -4.08 11.10 -10.76
N HIS A 141 -4.97 11.19 -9.79
CA HIS A 141 -4.93 12.29 -8.82
C HIS A 141 -3.49 12.63 -8.45
N PRO A 142 -3.22 13.93 -8.29
CA PRO A 142 -1.88 14.43 -7.94
C PRO A 142 -1.49 14.06 -6.51
N VAL A 143 -2.48 13.68 -5.71
CA VAL A 143 -2.24 13.31 -4.32
C VAL A 143 -2.08 11.80 -4.17
N ASN A 144 -2.90 11.05 -4.92
CA ASN A 144 -2.86 9.60 -4.88
C ASN A 144 -1.66 9.06 -5.65
N TYR A 145 -1.40 9.65 -6.81
CA TYR A 145 -0.28 9.23 -7.64
C TYR A 145 1.03 9.31 -6.87
N ASP A 146 1.37 10.50 -6.40
CA ASP A 146 2.60 10.71 -5.64
C ASP A 146 2.91 9.50 -4.77
N VAL A 147 1.89 9.00 -4.08
CA VAL A 147 2.06 7.85 -3.20
C VAL A 147 2.14 6.56 -4.01
N PHE A 148 1.26 6.43 -5.00
CA PHE A 148 1.23 5.23 -5.84
C PHE A 148 2.60 4.95 -6.43
N ARG A 149 3.24 6.00 -6.95
CA ARG A 149 4.57 5.87 -7.55
C ARG A 149 5.60 5.50 -6.49
N TYR A 150 5.59 6.21 -5.37
CA TYR A 150 6.53 5.96 -4.29
C TYR A 150 6.45 4.51 -3.82
N VAL A 151 5.22 4.03 -3.65
CA VAL A 151 4.99 2.66 -3.21
C VAL A 151 5.64 1.66 -4.16
N ILE A 152 5.14 1.63 -5.40
CA ILE A 152 5.66 0.71 -6.41
C ILE A 152 7.18 0.72 -6.42
N THR A 153 7.76 1.90 -6.51
CA THR A 153 9.21 2.05 -6.53
C THR A 153 9.87 1.11 -5.52
N HIS A 154 9.23 0.95 -4.36
CA HIS A 154 9.76 0.08 -3.32
C HIS A 154 9.45 -1.38 -3.63
N LEU A 155 8.26 -1.63 -4.15
CA LEU A 155 7.84 -2.99 -4.50
C LEU A 155 8.83 -3.63 -5.46
N ASN A 156 9.19 -2.90 -6.50
CA ASN A 156 10.13 -3.40 -7.51
C ASN A 156 11.37 -3.99 -6.84
N ARG A 157 11.89 -3.29 -5.84
CA ARG A 157 13.08 -3.75 -5.12
C ARG A 157 12.82 -5.10 -4.45
N VAL A 158 11.56 -5.35 -4.12
CA VAL A 158 11.17 -6.60 -3.47
C VAL A 158 11.04 -7.73 -4.50
N SER A 159 10.46 -7.41 -5.64
CA SER A 159 10.27 -8.40 -6.71
C SER A 159 11.61 -8.90 -7.23
N GLN A 160 12.64 -8.06 -7.11
CA GLN A 160 13.97 -8.42 -7.57
C GLN A 160 14.52 -9.60 -6.79
N GLN A 161 14.24 -9.63 -5.49
CA GLN A 161 14.71 -10.70 -4.63
C GLN A 161 13.58 -11.68 -4.31
N HIS A 162 12.67 -11.85 -5.27
CA HIS A 162 11.53 -12.75 -5.09
C HIS A 162 12.01 -14.14 -4.66
N LYS A 163 13.06 -14.62 -5.32
CA LYS A 163 13.61 -15.93 -5.01
C LYS A 163 14.05 -16.02 -3.56
N ILE A 164 14.44 -14.87 -3.00
CA ILE A 164 14.88 -14.82 -1.61
C ILE A 164 13.70 -14.71 -0.65
N ASN A 165 12.86 -13.71 -0.86
CA ASN A 165 11.69 -13.50 -0.02
C ASN A 165 10.46 -14.21 -0.61
N LEU A 166 10.71 -15.20 -1.45
CA LEU A 166 9.63 -15.95 -2.09
C LEU A 166 8.44 -15.03 -2.40
N MET A 167 8.71 -13.94 -3.09
CA MET A 167 7.67 -12.99 -3.46
C MET A 167 7.99 -12.31 -4.79
N THR A 168 7.20 -12.63 -5.81
CA THR A 168 7.40 -12.06 -7.13
C THR A 168 6.47 -10.87 -7.36
N ALA A 169 6.89 -9.96 -8.24
CA ALA A 169 6.09 -8.78 -8.54
C ALA A 169 4.60 -9.10 -8.52
N ASP A 170 4.23 -10.25 -9.06
CA ASP A 170 2.84 -10.68 -9.10
C ASP A 170 2.32 -10.94 -7.68
N ASN A 171 3.06 -11.73 -6.92
CA ASN A 171 2.67 -12.06 -5.55
C ASN A 171 2.44 -10.79 -4.73
N LEU A 172 3.28 -9.78 -4.96
CA LEU A 172 3.17 -8.51 -4.24
C LEU A 172 1.95 -7.73 -4.71
N SER A 173 1.73 -7.72 -6.02
CA SER A 173 0.59 -7.00 -6.59
C SER A 173 -0.72 -7.55 -6.06
N ILE A 174 -0.72 -8.82 -5.68
CA ILE A 174 -1.91 -9.47 -5.16
C ILE A 174 -2.06 -9.19 -3.66
N CYS A 175 -0.95 -9.13 -2.96
CA CYS A 175 -0.96 -8.86 -1.53
C CYS A 175 -1.40 -7.44 -1.23
N PHE A 176 -1.28 -6.57 -2.23
CA PHE A 176 -1.66 -5.17 -2.08
C PHE A 176 -2.97 -4.89 -2.80
N TRP A 177 -3.42 -5.85 -3.60
CA TRP A 177 -4.67 -5.71 -4.35
C TRP A 177 -5.82 -5.32 -3.42
N PRO A 178 -5.91 -6.03 -2.27
CA PRO A 178 -6.96 -5.77 -1.28
C PRO A 178 -7.10 -4.30 -0.94
N THR A 179 -6.01 -3.69 -0.50
CA THR A 179 -6.01 -2.27 -0.15
C THR A 179 -6.05 -1.39 -1.39
N LEU A 180 -5.03 -1.51 -2.23
CA LEU A 180 -4.96 -0.72 -3.46
C LEU A 180 -6.36 -0.46 -4.02
N MET A 181 -7.15 -1.52 -4.12
CA MET A 181 -8.51 -1.41 -4.64
C MET A 181 -9.37 -2.57 -4.16
N ARG A 182 -10.64 -2.28 -3.86
CA ARG A 182 -11.57 -3.30 -3.40
C ARG A 182 -11.87 -4.31 -4.50
N PRO A 183 -12.15 -5.56 -4.10
CA PRO A 183 -12.46 -6.64 -5.05
C PRO A 183 -13.81 -6.44 -5.73
N ASP A 184 -13.97 -7.04 -6.90
CA ASP A 184 -15.22 -6.94 -7.65
C ASP A 184 -16.35 -7.65 -6.92
N PHE A 185 -17.53 -7.64 -7.53
CA PHE A 185 -18.70 -8.29 -6.95
C PHE A 185 -18.73 -9.77 -7.28
N GLU A 186 -17.60 -10.29 -7.73
CA GLU A 186 -17.50 -11.71 -8.10
C GLU A 186 -17.34 -12.58 -6.85
N ASN A 187 -18.47 -13.06 -6.33
CA ASN A 187 -18.46 -13.90 -5.15
C ASN A 187 -18.35 -15.37 -5.53
N ARG A 188 -19.36 -15.87 -6.22
CA ARG A 188 -19.38 -17.27 -6.65
C ARG A 188 -18.20 -17.58 -7.55
N GLU A 189 -17.83 -18.86 -7.64
CA GLU A 189 -16.71 -19.29 -8.47
C GLU A 189 -17.16 -19.50 -9.91
N PHE A 190 -16.58 -18.72 -10.82
CA PHE A 190 -16.91 -18.82 -12.24
C PHE A 190 -15.75 -19.39 -13.04
N LEU A 191 -16.03 -19.84 -14.25
CA LEU A 191 -15.00 -20.41 -15.12
C LEU A 191 -13.72 -19.59 -15.05
N SER A 192 -12.60 -20.24 -15.35
CA SER A 192 -11.30 -19.57 -15.30
C SER A 192 -11.42 -18.13 -15.76
N THR A 193 -11.38 -17.20 -14.81
CA THR A 193 -11.48 -15.78 -15.11
C THR A 193 -10.12 -15.20 -15.50
N THR A 194 -10.07 -14.58 -16.67
CA THR A 194 -8.84 -13.98 -17.16
C THR A 194 -8.07 -13.29 -16.02
N LYS A 195 -6.77 -13.53 -15.96
CA LYS A 195 -5.93 -12.94 -14.93
C LYS A 195 -5.46 -11.56 -15.35
N ILE A 196 -6.27 -10.87 -16.14
CA ILE A 196 -5.93 -9.53 -16.62
C ILE A 196 -5.78 -8.56 -15.46
N HIS A 197 -6.73 -8.61 -14.53
CA HIS A 197 -6.71 -7.73 -13.37
C HIS A 197 -5.33 -7.73 -12.72
N GLN A 198 -4.87 -8.90 -12.30
CA GLN A 198 -3.57 -9.03 -11.66
C GLN A 198 -2.48 -8.42 -12.52
N SER A 199 -2.45 -8.80 -13.79
CA SER A 199 -1.45 -8.29 -14.73
C SER A 199 -1.38 -6.76 -14.67
N VAL A 200 -2.54 -6.12 -14.59
CA VAL A 200 -2.61 -4.67 -14.52
C VAL A 200 -1.57 -4.12 -13.55
N VAL A 201 -1.81 -4.31 -12.27
CA VAL A 201 -0.89 -3.83 -11.23
C VAL A 201 0.49 -4.46 -11.40
N GLU A 202 0.54 -5.79 -11.32
CA GLU A 202 1.80 -6.52 -11.45
C GLU A 202 2.73 -5.81 -12.43
N THR A 203 2.19 -5.45 -13.59
CA THR A 203 2.97 -4.77 -14.62
C THR A 203 3.53 -3.45 -14.10
N PHE A 204 2.64 -2.58 -13.64
CA PHE A 204 3.05 -1.27 -13.12
C PHE A 204 4.34 -1.40 -12.31
N ILE A 205 4.50 -2.52 -11.63
CA ILE A 205 5.69 -2.76 -10.80
C ILE A 205 6.85 -3.24 -11.66
N GLN A 206 6.67 -4.39 -12.31
CA GLN A 206 7.72 -4.95 -13.17
C GLN A 206 8.27 -3.90 -14.12
N GLN A 207 7.38 -3.22 -14.84
CA GLN A 207 7.78 -2.19 -15.78
C GLN A 207 7.71 -0.80 -15.13
N CYS A 208 7.94 -0.75 -13.83
CA CYS A 208 7.90 0.50 -13.09
C CYS A 208 9.03 1.43 -13.54
N GLN A 209 10.07 0.84 -14.13
CA GLN A 209 11.21 1.61 -14.60
C GLN A 209 10.95 2.17 -15.99
N PHE A 210 10.61 1.29 -16.92
CA PHE A 210 10.34 1.69 -18.30
C PHE A 210 9.56 3.00 -18.33
N PHE A 211 8.64 3.16 -17.39
CA PHE A 211 7.83 4.38 -17.32
C PHE A 211 8.71 5.62 -17.30
N PHE A 212 9.53 5.74 -16.27
CA PHE A 212 10.43 6.88 -16.13
C PHE A 212 11.88 6.46 -16.32
N TYR A 213 12.32 5.49 -15.52
CA TYR A 213 13.68 5.00 -15.59
C TYR A 213 13.99 4.43 -16.98
N ASN A 214 12.95 4.29 -17.79
CA ASN A 214 13.10 3.76 -19.14
C ASN A 214 13.93 2.47 -19.13
N GLY A 215 13.72 1.66 -18.09
CA GLY A 215 14.45 0.41 -17.99
C GLY A 215 14.04 -0.59 -19.05
N GLU A 216 14.76 -1.71 -19.12
CA GLU A 216 14.48 -2.74 -20.10
C GLU A 216 13.10 -3.36 -19.85
N ILE A 217 12.50 -3.91 -20.90
CA ILE A 217 11.19 -4.53 -20.79
C ILE A 217 11.30 -5.94 -20.22
N VAL A 218 10.45 -6.24 -19.24
CA VAL A 218 10.45 -7.55 -18.61
C VAL A 218 9.11 -8.26 -18.82
N GLU A 219 9.01 -9.49 -18.32
CA GLU A 219 7.79 -10.27 -18.45
C GLU A 219 7.12 -10.48 -17.09
N GLY A 1 -17.99 -39.49 14.08
CA GLY A 1 -17.48 -38.24 13.55
C GLY A 1 -16.03 -38.32 13.12
N SER A 2 -15.72 -37.75 11.96
CA SER A 2 -14.37 -37.78 11.43
C SER A 2 -13.57 -36.58 11.93
N SER A 3 -14.07 -35.38 11.66
CA SER A 3 -13.40 -34.16 12.09
C SER A 3 -14.26 -32.94 11.79
N GLY A 4 -13.81 -31.77 12.26
CA GLY A 4 -14.55 -30.55 12.03
C GLY A 4 -13.65 -29.35 11.87
N SER A 5 -14.20 -28.16 12.11
CA SER A 5 -13.43 -26.93 11.98
C SER A 5 -14.20 -25.74 12.58
N SER A 6 -13.47 -24.87 13.27
CA SER A 6 -14.08 -23.71 13.90
C SER A 6 -13.01 -22.76 14.44
N GLY A 7 -13.42 -21.55 14.79
CA GLY A 7 -12.48 -20.57 15.32
C GLY A 7 -12.99 -19.15 15.16
N LYS A 8 -14.08 -18.82 15.83
CA LYS A 8 -14.66 -17.48 15.76
C LYS A 8 -13.92 -16.53 16.67
N ASN A 9 -14.16 -15.23 16.49
CA ASN A 9 -13.51 -14.20 17.30
C ASN A 9 -14.48 -13.07 17.62
N PHE A 10 -14.70 -12.84 18.91
CA PHE A 10 -15.61 -11.79 19.37
C PHE A 10 -15.00 -11.00 20.52
N ASN A 11 -14.91 -9.69 20.36
CA ASN A 11 -14.35 -8.83 21.39
C ASN A 11 -15.46 -8.10 22.15
N PRO A 12 -15.20 -7.84 23.44
CA PRO A 12 -16.17 -7.15 24.31
C PRO A 12 -16.33 -5.69 23.95
N PRO A 13 -17.50 -5.11 24.29
CA PRO A 13 -17.81 -3.71 24.00
C PRO A 13 -16.98 -2.75 24.86
N THR A 14 -16.52 -1.66 24.24
CA THR A 14 -15.71 -0.67 24.92
C THR A 14 -15.56 0.59 24.09
N ARG A 15 -15.34 1.72 24.76
CA ARG A 15 -15.18 2.99 24.08
C ARG A 15 -13.70 3.26 23.78
N ARG A 16 -13.34 3.15 22.51
CA ARG A 16 -11.95 3.39 22.09
C ARG A 16 -11.54 4.82 22.38
N ASN A 17 -12.35 5.77 21.91
CA ASN A 17 -12.06 7.19 22.12
C ASN A 17 -10.67 7.54 21.59
N TRP A 18 -10.29 6.90 20.50
CA TRP A 18 -8.98 7.14 19.89
C TRP A 18 -9.11 7.38 18.39
N GLU A 19 -10.34 7.58 17.93
CA GLU A 19 -10.60 7.81 16.51
C GLU A 19 -9.90 9.08 16.04
N SER A 20 -10.13 9.43 14.77
CA SER A 20 -9.52 10.63 14.19
C SER A 20 -10.48 11.31 13.22
N ASN A 21 -10.19 12.56 12.88
CA ASN A 21 -11.02 13.32 11.96
C ASN A 21 -10.45 13.29 10.55
N TYR A 22 -9.13 13.11 10.45
CA TYR A 22 -8.47 13.06 9.16
C TYR A 22 -9.03 11.93 8.30
N PHE A 23 -9.21 10.77 8.91
CA PHE A 23 -9.74 9.62 8.20
C PHE A 23 -10.95 10.00 7.35
N GLY A 24 -11.74 10.94 7.85
CA GLY A 24 -12.92 11.39 7.12
C GLY A 24 -12.57 12.24 5.92
N MET A 25 -11.54 13.07 6.06
CA MET A 25 -11.09 13.94 4.98
C MET A 25 -10.23 13.18 3.97
N PRO A 26 -10.30 13.59 2.70
CA PRO A 26 -9.53 12.96 1.62
C PRO A 26 -8.03 13.24 1.74
N LEU A 27 -7.22 12.27 1.32
CA LEU A 27 -5.76 12.42 1.39
C LEU A 27 -5.34 13.80 0.87
N GLN A 28 -5.75 14.13 -0.35
CA GLN A 28 -5.41 15.41 -0.94
C GLN A 28 -5.64 16.55 0.04
N ASP A 29 -6.69 16.42 0.85
CA ASP A 29 -7.02 17.44 1.83
C ASP A 29 -6.06 17.39 3.02
N LEU A 30 -5.71 16.18 3.44
CA LEU A 30 -4.79 16.00 4.55
C LEU A 30 -3.39 16.50 4.20
N VAL A 31 -2.92 16.17 3.01
CA VAL A 31 -1.61 16.59 2.56
C VAL A 31 -1.70 17.89 1.76
N THR A 32 -0.53 18.46 1.44
CA THR A 32 -0.48 19.70 0.68
C THR A 32 0.10 19.46 -0.71
N ALA A 33 -0.36 20.25 -1.68
CA ALA A 33 0.11 20.13 -3.05
C ALA A 33 1.64 19.99 -3.10
N GLU A 34 2.31 20.84 -2.32
CA GLU A 34 3.78 20.81 -2.28
C GLU A 34 4.29 19.42 -1.94
N LYS A 35 3.67 18.79 -0.94
CA LYS A 35 4.06 17.45 -0.51
C LYS A 35 2.85 16.53 -0.44
N PRO A 36 2.59 15.80 -1.53
CA PRO A 36 1.45 14.87 -1.61
C PRO A 36 1.65 13.65 -0.72
N ILE A 37 2.88 13.15 -0.67
CA ILE A 37 3.21 11.98 0.13
C ILE A 37 3.34 12.36 1.61
N PRO A 38 2.63 11.62 2.48
CA PRO A 38 2.66 11.85 3.92
C PRO A 38 3.99 11.47 4.55
N LEU A 39 4.05 11.49 5.88
CA LEU A 39 5.27 11.13 6.59
C LEU A 39 5.21 9.69 7.10
N PHE A 40 4.10 9.35 7.75
CA PHE A 40 3.92 8.01 8.28
C PHE A 40 4.30 6.95 7.25
N VAL A 41 3.75 7.10 6.04
CA VAL A 41 4.03 6.17 4.96
C VAL A 41 5.53 6.08 4.67
N GLU A 42 6.13 7.23 4.33
CA GLU A 42 7.55 7.29 4.04
C GLU A 42 8.36 6.53 5.10
N LYS A 43 8.19 6.93 6.35
CA LYS A 43 8.90 6.29 7.46
C LYS A 43 8.89 4.77 7.30
N CYS A 44 7.73 4.21 6.96
CA CYS A 44 7.60 2.78 6.78
C CYS A 44 8.40 2.30 5.58
N VAL A 45 8.05 2.80 4.40
CA VAL A 45 8.74 2.42 3.17
C VAL A 45 10.25 2.44 3.37
N GLU A 46 10.75 3.53 3.96
CA GLU A 46 12.18 3.67 4.20
C GLU A 46 12.65 2.71 5.29
N PHE A 47 11.80 2.52 6.30
CA PHE A 47 12.13 1.64 7.41
C PHE A 47 12.48 0.24 6.90
N ILE A 48 11.54 -0.39 6.21
CA ILE A 48 11.74 -1.72 5.67
C ILE A 48 13.19 -1.93 5.23
N GLU A 49 13.58 -1.22 4.18
CA GLU A 49 14.94 -1.32 3.65
C GLU A 49 15.96 -0.93 4.72
N ASP A 50 15.70 0.17 5.41
CA ASP A 50 16.59 0.65 6.46
C ASP A 50 17.13 -0.52 7.28
N THR A 51 16.23 -1.38 7.75
CA THR A 51 16.61 -2.52 8.55
C THR A 51 16.96 -3.72 7.67
N GLY A 52 16.32 -3.79 6.51
CA GLY A 52 16.57 -4.89 5.59
C GLY A 52 15.35 -5.25 4.77
N LEU A 53 15.59 -5.86 3.61
CA LEU A 53 14.49 -6.26 2.73
C LEU A 53 14.59 -7.74 2.37
N CYS A 54 14.91 -8.55 3.38
CA CYS A 54 15.03 -10.00 3.17
C CYS A 54 14.22 -10.76 4.23
N THR A 55 13.02 -10.27 4.52
CA THR A 55 12.16 -10.90 5.51
C THR A 55 11.16 -11.84 4.84
N GLU A 56 11.26 -13.13 5.15
CA GLU A 56 10.38 -14.12 4.59
C GLU A 56 8.94 -13.59 4.49
N GLY A 57 8.44 -13.46 3.28
CA GLY A 57 7.09 -12.97 3.08
C GLY A 57 6.87 -11.62 3.75
N LEU A 58 7.46 -10.57 3.17
CA LEU A 58 7.32 -9.23 3.72
C LEU A 58 5.89 -8.97 4.18
N TYR A 59 4.93 -9.34 3.34
CA TYR A 59 3.52 -9.14 3.65
C TYR A 59 2.79 -10.48 3.73
N ARG A 60 3.11 -11.37 2.80
CA ARG A 60 2.48 -12.70 2.76
C ARG A 60 2.20 -13.19 4.17
N VAL A 61 3.19 -13.09 5.05
CA VAL A 61 3.05 -13.54 6.42
C VAL A 61 2.61 -12.39 7.33
N SER A 62 1.41 -12.52 7.89
CA SER A 62 0.87 -11.49 8.78
C SER A 62 -0.47 -11.94 9.38
N GLY A 63 -0.51 -12.02 10.70
CA GLY A 63 -1.72 -12.44 11.37
C GLY A 63 -1.84 -11.85 12.78
N ASN A 64 -0.80 -12.07 13.59
CA ASN A 64 -0.80 -11.56 14.95
C ASN A 64 -1.43 -10.18 15.02
N LYS A 65 -1.14 -9.35 14.03
CA LYS A 65 -1.67 -7.99 13.98
C LYS A 65 -1.47 -7.28 15.31
N THR A 66 -0.48 -7.71 16.07
CA THR A 66 -0.18 -7.12 17.37
C THR A 66 0.95 -6.10 17.26
N ASP A 67 1.83 -6.30 16.28
CA ASP A 67 2.96 -5.40 16.08
C ASP A 67 2.49 -4.09 15.46
N GLN A 68 1.72 -4.18 14.38
CA GLN A 68 1.22 -3.00 13.69
C GLN A 68 0.36 -2.16 14.63
N ASP A 69 -0.43 -2.82 15.46
CA ASP A 69 -1.31 -2.13 16.40
C ASP A 69 -0.55 -1.02 17.13
N ASN A 70 0.58 -1.38 17.72
CA ASN A 70 1.39 -0.42 18.46
C ASN A 70 1.97 0.63 17.51
N ILE A 71 2.37 0.18 16.32
CA ILE A 71 2.94 1.09 15.33
C ILE A 71 2.05 2.30 15.10
N GLN A 72 0.75 2.07 15.09
CA GLN A 72 -0.22 3.15 14.87
C GLN A 72 -0.58 3.82 16.20
N LYS A 73 -1.14 3.04 17.12
CA LYS A 73 -1.53 3.55 18.42
C LYS A 73 -0.41 4.39 19.04
N GLN A 74 0.83 3.98 18.79
CA GLN A 74 1.99 4.70 19.32
C GLN A 74 2.26 5.95 18.51
N PHE A 75 2.19 5.83 17.19
CA PHE A 75 2.44 6.95 16.29
C PHE A 75 1.57 8.14 16.66
N ASP A 76 0.40 7.86 17.24
CA ASP A 76 -0.53 8.91 17.64
C ASP A 76 -0.05 9.60 18.92
N GLN A 77 0.07 8.82 19.99
CA GLN A 77 0.52 9.35 21.27
C GLN A 77 1.94 9.92 21.16
N ASP A 78 2.70 9.41 20.21
CA ASP A 78 4.06 9.87 20.00
C ASP A 78 4.30 10.19 18.53
N HIS A 79 4.40 11.48 18.21
CA HIS A 79 4.64 11.93 16.85
C HIS A 79 6.11 11.80 16.48
N ASN A 80 6.97 11.85 17.49
CA ASN A 80 8.41 11.74 17.27
C ASN A 80 8.89 10.31 17.50
N ILE A 81 8.07 9.35 17.11
CA ILE A 81 8.41 7.94 17.28
C ILE A 81 9.35 7.47 16.18
N ASN A 82 10.23 6.54 16.51
CA ASN A 82 11.19 6.00 15.55
C ASN A 82 11.09 4.48 15.47
N LEU A 83 10.45 3.99 14.40
CA LEU A 83 10.28 2.57 14.20
C LEU A 83 11.58 1.81 14.49
N VAL A 84 12.66 2.29 13.89
CA VAL A 84 13.97 1.67 14.08
C VAL A 84 14.24 1.39 15.55
N SER A 85 14.04 2.40 16.38
CA SER A 85 14.27 2.28 17.82
C SER A 85 13.43 1.13 18.40
N MET A 86 12.16 1.10 18.02
CA MET A 86 11.25 0.06 18.51
C MET A 86 11.75 -1.32 18.09
N GLU A 87 12.50 -1.38 17.00
CA GLU A 87 13.03 -2.65 16.51
C GLU A 87 11.93 -3.68 16.37
N VAL A 88 10.86 -3.32 15.68
CA VAL A 88 9.72 -4.22 15.48
C VAL A 88 9.96 -5.11 14.27
N THR A 89 9.22 -6.22 14.22
CA THR A 89 9.35 -7.17 13.11
C THR A 89 9.10 -6.48 11.77
N VAL A 90 10.06 -6.60 10.86
CA VAL A 90 9.96 -6.00 9.54
C VAL A 90 8.56 -6.19 8.96
N ASN A 91 8.06 -7.43 9.04
CA ASN A 91 6.75 -7.75 8.52
C ASN A 91 5.69 -6.78 9.06
N ALA A 92 5.87 -6.37 10.31
CA ALA A 92 4.93 -5.44 10.94
C ALA A 92 4.75 -4.19 10.10
N VAL A 93 5.84 -3.49 9.83
CA VAL A 93 5.81 -2.27 9.03
C VAL A 93 5.23 -2.54 7.65
N ALA A 94 5.57 -3.69 7.09
CA ALA A 94 5.09 -4.07 5.77
C ALA A 94 3.56 -4.12 5.73
N GLY A 95 2.97 -4.67 6.79
CA GLY A 95 1.53 -4.77 6.86
C GLY A 95 0.88 -3.47 7.30
N ALA A 96 1.43 -2.85 8.33
CA ALA A 96 0.90 -1.60 8.84
C ALA A 96 0.81 -0.55 7.75
N LEU A 97 1.88 -0.42 6.97
CA LEU A 97 1.92 0.54 5.88
C LEU A 97 0.64 0.50 5.05
N LYS A 98 0.19 -0.72 4.75
CA LYS A 98 -1.03 -0.91 3.97
C LYS A 98 -2.27 -0.53 4.79
N ALA A 99 -2.27 -0.94 6.06
CA ALA A 99 -3.39 -0.65 6.94
C ALA A 99 -3.86 0.79 6.78
N PHE A 100 -2.91 1.73 6.80
CA PHE A 100 -3.23 3.14 6.66
C PHE A 100 -3.95 3.40 5.34
N PHE A 101 -3.41 2.88 4.26
CA PHE A 101 -4.00 3.05 2.93
C PHE A 101 -5.46 2.62 2.93
N ALA A 102 -5.72 1.44 3.48
CA ALA A 102 -7.08 0.91 3.54
C ALA A 102 -8.00 1.86 4.31
N ASP A 103 -7.50 2.41 5.40
CA ASP A 103 -8.28 3.33 6.22
C ASP A 103 -8.84 4.47 5.38
N LEU A 104 -8.09 4.89 4.37
CA LEU A 104 -8.51 5.97 3.48
C LEU A 104 -9.99 5.86 3.17
N PRO A 105 -10.64 7.03 2.98
CA PRO A 105 -12.07 7.09 2.67
C PRO A 105 -12.39 6.57 1.27
N ASP A 106 -11.40 6.64 0.39
CA ASP A 106 -11.57 6.18 -0.98
C ASP A 106 -10.37 5.35 -1.43
N PRO A 107 -10.59 4.47 -2.42
CA PRO A 107 -9.55 3.60 -2.97
C PRO A 107 -8.49 4.38 -3.75
N LEU A 108 -7.23 4.04 -3.53
CA LEU A 108 -6.13 4.71 -4.22
C LEU A 108 -6.45 4.89 -5.71
N ILE A 109 -7.04 3.86 -6.31
CA ILE A 109 -7.40 3.91 -7.72
C ILE A 109 -8.86 4.34 -7.90
N PRO A 110 -9.06 5.41 -8.68
CA PRO A 110 -10.40 5.94 -8.96
C PRO A 110 -11.22 5.00 -9.85
N TYR A 111 -12.51 4.89 -9.54
CA TYR A 111 -13.40 4.03 -10.31
C TYR A 111 -13.50 4.52 -11.76
N SER A 112 -13.20 5.79 -11.97
CA SER A 112 -13.26 6.38 -13.31
C SER A 112 -12.20 5.78 -14.22
N LEU A 113 -11.16 5.22 -13.61
CA LEU A 113 -10.07 4.61 -14.36
C LEU A 113 -9.99 3.11 -14.07
N HIS A 114 -11.13 2.49 -13.80
CA HIS A 114 -11.19 1.07 -13.51
C HIS A 114 -11.00 0.25 -14.78
N PRO A 115 -11.91 0.42 -15.74
CA PRO A 115 -11.87 -0.31 -17.01
C PRO A 115 -10.72 0.16 -17.91
N GLU A 116 -10.31 1.40 -17.72
CA GLU A 116 -9.21 1.97 -18.50
C GLU A 116 -7.91 1.23 -18.23
N LEU A 117 -7.74 0.78 -17.00
CA LEU A 117 -6.54 0.06 -16.60
C LEU A 117 -6.54 -1.36 -17.18
N LEU A 118 -7.70 -2.01 -17.15
CA LEU A 118 -7.83 -3.36 -17.67
C LEU A 118 -7.72 -3.37 -19.19
N GLU A 119 -8.59 -2.61 -19.84
CA GLU A 119 -8.59 -2.53 -21.30
C GLU A 119 -7.17 -2.39 -21.84
N ALA A 120 -6.31 -1.68 -21.10
CA ALA A 120 -4.93 -1.48 -21.50
C ALA A 120 -4.08 -2.69 -21.12
N ALA A 121 -4.50 -3.41 -20.08
CA ALA A 121 -3.77 -4.58 -19.62
C ALA A 121 -4.04 -5.79 -20.53
N LYS A 122 -5.23 -5.82 -21.10
CA LYS A 122 -5.62 -6.91 -21.99
C LYS A 122 -4.98 -6.76 -23.37
N ILE A 123 -4.40 -5.58 -23.61
CA ILE A 123 -3.75 -5.30 -24.88
C ILE A 123 -2.75 -6.39 -25.25
N PRO A 124 -2.82 -6.87 -26.51
CA PRO A 124 -1.93 -7.92 -27.00
C PRO A 124 -0.50 -7.44 -27.16
N ASP A 125 -0.34 -6.25 -27.74
CA ASP A 125 0.98 -5.67 -27.95
C ASP A 125 1.65 -5.34 -26.62
N LYS A 126 2.73 -6.06 -26.32
CA LYS A 126 3.47 -5.85 -25.08
C LYS A 126 3.82 -4.37 -24.90
N THR A 127 4.41 -3.78 -25.94
CA THR A 127 4.80 -2.38 -25.89
C THR A 127 3.61 -1.49 -25.53
N GLU A 128 2.63 -1.45 -26.42
CA GLU A 128 1.43 -0.63 -26.20
C GLU A 128 0.94 -0.78 -24.76
N ARG A 129 0.74 -2.03 -24.33
CA ARG A 129 0.27 -2.30 -22.98
C ARG A 129 0.96 -1.38 -21.96
N LEU A 130 2.28 -1.35 -22.00
CA LEU A 130 3.06 -0.51 -21.09
C LEU A 130 2.69 0.96 -21.27
N HIS A 131 2.86 1.46 -22.50
CA HIS A 131 2.56 2.85 -22.80
C HIS A 131 1.20 3.25 -22.23
N ALA A 132 0.17 2.50 -22.59
CA ALA A 132 -1.18 2.77 -22.12
C ALA A 132 -1.21 2.98 -20.61
N LEU A 133 -0.62 2.02 -19.88
CA LEU A 133 -0.57 2.10 -18.42
C LEU A 133 0.26 3.29 -17.97
N LYS A 134 1.16 3.74 -18.83
CA LYS A 134 2.02 4.88 -18.52
C LYS A 134 1.26 6.20 -18.68
N GLU A 135 0.34 6.22 -19.64
CA GLU A 135 -0.46 7.41 -19.91
C GLU A 135 -1.66 7.49 -18.96
N ILE A 136 -2.22 6.33 -18.64
CA ILE A 136 -3.37 6.26 -17.75
C ILE A 136 -2.98 6.63 -16.32
N VAL A 137 -1.78 6.23 -15.91
CA VAL A 137 -1.29 6.51 -14.57
C VAL A 137 -1.10 8.01 -14.37
N LYS A 138 -0.97 8.75 -15.47
CA LYS A 138 -0.79 10.19 -15.42
C LYS A 138 -2.07 10.89 -15.00
N LYS A 139 -3.20 10.39 -15.51
CA LYS A 139 -4.49 10.97 -15.18
C LYS A 139 -4.76 10.91 -13.69
N PHE A 140 -4.26 9.87 -13.04
CA PHE A 140 -4.43 9.70 -11.60
C PHE A 140 -4.24 11.01 -10.87
N HIS A 141 -5.01 11.20 -9.79
CA HIS A 141 -4.92 12.43 -9.00
C HIS A 141 -3.48 12.84 -8.79
N PRO A 142 -3.22 14.16 -8.82
CA PRO A 142 -1.88 14.71 -8.64
C PRO A 142 -1.38 14.55 -7.21
N VAL A 143 -2.25 14.08 -6.33
CA VAL A 143 -1.90 13.89 -4.93
C VAL A 143 -1.56 12.42 -4.65
N ASN A 144 -2.39 11.52 -5.16
CA ASN A 144 -2.18 10.09 -4.96
C ASN A 144 -1.11 9.56 -5.91
N TYR A 145 -1.13 10.08 -7.14
CA TYR A 145 -0.17 9.66 -8.16
C TYR A 145 1.23 9.54 -7.56
N ASP A 146 1.64 10.57 -6.82
CA ASP A 146 2.96 10.58 -6.20
C ASP A 146 3.12 9.40 -5.25
N VAL A 147 2.17 9.24 -4.34
CA VAL A 147 2.21 8.15 -3.37
C VAL A 147 2.30 6.80 -4.07
N PHE A 148 1.27 6.46 -4.83
CA PHE A 148 1.23 5.19 -5.55
C PHE A 148 2.57 4.90 -6.22
N ARG A 149 3.09 5.89 -6.93
CA ARG A 149 4.37 5.75 -7.63
C ARG A 149 5.50 5.46 -6.63
N TYR A 150 5.54 6.24 -5.55
CA TYR A 150 6.55 6.07 -4.53
C TYR A 150 6.51 4.66 -3.93
N VAL A 151 5.30 4.20 -3.65
CA VAL A 151 5.12 2.87 -3.08
C VAL A 151 5.73 1.80 -3.97
N ILE A 152 5.23 1.71 -5.20
CA ILE A 152 5.73 0.72 -6.16
C ILE A 152 7.25 0.74 -6.22
N THR A 153 7.82 1.93 -6.38
CA THR A 153 9.27 2.09 -6.46
C THR A 153 9.96 1.18 -5.45
N HIS A 154 9.32 0.95 -4.31
CA HIS A 154 9.88 0.11 -3.26
C HIS A 154 9.48 -1.35 -3.48
N LEU A 155 8.26 -1.56 -3.94
CA LEU A 155 7.75 -2.91 -4.19
C LEU A 155 8.67 -3.67 -5.14
N ASN A 156 9.06 -3.02 -6.23
CA ASN A 156 9.94 -3.62 -7.22
C ASN A 156 11.16 -4.25 -6.55
N ARG A 157 11.71 -3.55 -5.57
CA ARG A 157 12.89 -4.03 -4.85
C ARG A 157 12.58 -5.36 -4.15
N VAL A 158 11.33 -5.51 -3.70
CA VAL A 158 10.91 -6.73 -3.02
C VAL A 158 10.77 -7.89 -3.99
N SER A 159 10.23 -7.59 -5.17
CA SER A 159 10.04 -8.61 -6.20
C SER A 159 11.37 -9.15 -6.70
N GLN A 160 12.40 -8.30 -6.63
CA GLN A 160 13.73 -8.69 -7.08
C GLN A 160 14.29 -9.84 -6.24
N GLN A 161 14.00 -9.81 -4.95
CA GLN A 161 14.46 -10.85 -4.03
C GLN A 161 13.37 -11.89 -3.78
N HIS A 162 12.54 -12.12 -4.80
CA HIS A 162 11.45 -13.08 -4.69
C HIS A 162 11.98 -14.46 -4.31
N LYS A 163 13.27 -14.68 -4.57
CA LYS A 163 13.90 -15.96 -4.28
C LYS A 163 14.34 -16.02 -2.81
N ILE A 164 14.42 -14.85 -2.17
CA ILE A 164 14.82 -14.76 -0.78
C ILE A 164 13.60 -14.60 0.14
N ASN A 165 12.89 -13.50 -0.02
CA ASN A 165 11.71 -13.22 0.79
C ASN A 165 10.48 -13.90 0.20
N LEU A 166 10.71 -14.95 -0.60
CA LEU A 166 9.62 -15.68 -1.22
C LEU A 166 8.46 -14.75 -1.56
N MET A 167 8.75 -13.69 -2.30
CA MET A 167 7.72 -12.73 -2.69
C MET A 167 7.98 -12.21 -4.10
N THR A 168 7.16 -12.68 -5.05
CA THR A 168 7.29 -12.27 -6.44
C THR A 168 6.36 -11.11 -6.77
N ALA A 169 6.78 -10.27 -7.71
CA ALA A 169 5.97 -9.12 -8.10
C ALA A 169 4.48 -9.43 -8.03
N ASP A 170 4.08 -10.55 -8.63
CA ASP A 170 2.68 -10.96 -8.61
C ASP A 170 2.11 -10.92 -7.21
N ASN A 171 2.77 -11.61 -6.28
CA ASN A 171 2.33 -11.66 -4.90
C ASN A 171 2.19 -10.25 -4.32
N LEU A 172 3.12 -9.38 -4.69
CA LEU A 172 3.12 -8.00 -4.21
C LEU A 172 1.88 -7.26 -4.70
N SER A 173 1.51 -7.49 -5.97
CA SER A 173 0.35 -6.84 -6.56
C SER A 173 -0.93 -7.44 -5.99
N ILE A 174 -0.91 -8.73 -5.69
CA ILE A 174 -2.08 -9.41 -5.15
C ILE A 174 -2.20 -9.17 -3.65
N CYS A 175 -1.06 -8.95 -2.99
CA CYS A 175 -1.03 -8.71 -1.56
C CYS A 175 -1.51 -7.30 -1.24
N PHE A 176 -1.43 -6.41 -2.23
CA PHE A 176 -1.85 -5.02 -2.06
C PHE A 176 -3.20 -4.77 -2.71
N TRP A 177 -3.69 -5.76 -3.45
CA TRP A 177 -4.97 -5.65 -4.13
C TRP A 177 -6.07 -5.29 -3.14
N PRO A 178 -6.11 -6.00 -2.00
CA PRO A 178 -7.11 -5.77 -0.96
C PRO A 178 -7.26 -4.30 -0.61
N THR A 179 -6.14 -3.63 -0.38
CA THR A 179 -6.14 -2.21 -0.04
C THR A 179 -6.26 -1.35 -1.29
N LEU A 180 -5.31 -1.49 -2.20
CA LEU A 180 -5.33 -0.72 -3.44
C LEU A 180 -6.75 -0.46 -3.91
N MET A 181 -7.43 -1.51 -4.35
CA MET A 181 -8.80 -1.40 -4.82
C MET A 181 -9.74 -2.28 -4.00
N ARG A 182 -10.70 -1.65 -3.33
CA ARG A 182 -11.66 -2.38 -2.51
C ARG A 182 -12.10 -3.67 -3.19
N PRO A 183 -12.05 -4.79 -2.45
CA PRO A 183 -12.44 -6.10 -2.98
C PRO A 183 -13.95 -6.21 -3.21
N ASP A 184 -14.32 -6.51 -4.44
CA ASP A 184 -15.73 -6.64 -4.80
C ASP A 184 -15.97 -7.92 -5.61
N PHE A 185 -16.65 -8.87 -5.00
CA PHE A 185 -16.95 -10.14 -5.66
C PHE A 185 -18.35 -10.13 -6.26
N GLU A 186 -19.34 -9.74 -5.46
CA GLU A 186 -20.72 -9.69 -5.91
C GLU A 186 -20.80 -9.23 -7.36
N ASN A 187 -20.23 -8.06 -7.64
CA ASN A 187 -20.24 -7.51 -8.98
C ASN A 187 -19.79 -8.55 -10.00
N ARG A 188 -20.67 -8.88 -10.94
CA ARG A 188 -20.37 -9.86 -11.98
C ARG A 188 -19.97 -9.17 -13.27
N GLU A 189 -19.28 -9.91 -14.13
CA GLU A 189 -18.83 -9.37 -15.42
C GLU A 189 -18.96 -10.42 -16.52
N PHE A 190 -18.63 -10.03 -17.75
CA PHE A 190 -18.71 -10.93 -18.88
C PHE A 190 -18.00 -12.25 -18.59
N LEU A 191 -16.71 -12.17 -18.30
CA LEU A 191 -15.92 -13.36 -17.99
C LEU A 191 -15.94 -13.65 -16.51
N SER A 192 -16.34 -14.87 -16.16
CA SER A 192 -16.40 -15.29 -14.75
C SER A 192 -15.16 -14.85 -14.00
N THR A 193 -14.01 -14.87 -14.69
CA THR A 193 -12.75 -14.47 -14.09
C THR A 193 -11.63 -14.45 -15.12
N THR A 194 -10.65 -13.59 -14.90
CA THR A 194 -9.52 -13.46 -15.81
C THR A 194 -8.26 -13.03 -15.08
N LYS A 195 -7.10 -13.35 -15.64
CA LYS A 195 -5.82 -12.98 -15.04
C LYS A 195 -5.38 -11.60 -15.50
N ILE A 196 -6.34 -10.74 -15.80
CA ILE A 196 -6.05 -9.39 -16.26
C ILE A 196 -5.94 -8.43 -15.07
N HIS A 197 -6.88 -8.54 -14.14
CA HIS A 197 -6.90 -7.68 -12.96
C HIS A 197 -5.54 -7.68 -12.28
N GLN A 198 -5.09 -8.86 -11.85
CA GLN A 198 -3.81 -8.98 -11.17
C GLN A 198 -2.68 -8.46 -12.05
N SER A 199 -2.71 -8.82 -13.33
CA SER A 199 -1.69 -8.40 -14.28
C SER A 199 -1.58 -6.88 -14.30
N VAL A 200 -2.71 -6.20 -14.22
CA VAL A 200 -2.74 -4.74 -14.23
C VAL A 200 -1.70 -4.17 -13.27
N VAL A 201 -1.94 -4.31 -11.97
CA VAL A 201 -1.03 -3.81 -10.96
C VAL A 201 0.34 -4.46 -11.08
N GLU A 202 0.36 -5.80 -11.04
CA GLU A 202 1.60 -6.55 -11.14
C GLU A 202 2.52 -5.93 -12.19
N THR A 203 1.93 -5.51 -13.31
CA THR A 203 2.70 -4.90 -14.39
C THR A 203 3.44 -3.66 -13.91
N PHE A 204 2.70 -2.69 -13.41
CA PHE A 204 3.28 -1.44 -12.92
C PHE A 204 4.62 -1.72 -12.25
N ILE A 205 4.60 -2.57 -11.23
CA ILE A 205 5.82 -2.92 -10.50
C ILE A 205 6.87 -3.53 -11.43
N GLN A 206 6.44 -4.46 -12.26
CA GLN A 206 7.34 -5.12 -13.20
C GLN A 206 8.05 -4.10 -14.09
N GLN A 207 7.27 -3.29 -14.80
CA GLN A 207 7.83 -2.28 -15.69
C GLN A 207 7.79 -0.91 -15.02
N CYS A 208 7.86 -0.89 -13.70
CA CYS A 208 7.83 0.36 -12.94
C CYS A 208 8.96 1.28 -13.37
N GLN A 209 10.06 0.68 -13.86
CA GLN A 209 11.20 1.45 -14.30
C GLN A 209 11.01 1.97 -15.72
N PHE A 210 10.70 1.06 -16.64
CA PHE A 210 10.49 1.42 -18.04
C PHE A 210 9.68 2.71 -18.14
N PHE A 211 8.73 2.88 -17.24
CA PHE A 211 7.88 4.06 -17.23
C PHE A 211 8.71 5.33 -17.28
N PHE A 212 9.53 5.55 -16.26
CA PHE A 212 10.39 6.72 -16.20
C PHE A 212 11.83 6.37 -16.51
N TYR A 213 12.37 5.42 -15.75
CA TYR A 213 13.76 4.98 -15.94
C TYR A 213 13.99 4.54 -17.39
N ASN A 214 12.97 3.93 -17.98
CA ASN A 214 13.08 3.46 -19.37
C ASN A 214 14.00 2.25 -19.46
N GLY A 215 13.91 1.36 -18.47
CA GLY A 215 14.75 0.17 -18.47
C GLY A 215 14.26 -0.87 -19.46
N GLU A 216 15.00 -1.98 -19.55
CA GLU A 216 14.65 -3.06 -20.45
C GLU A 216 13.40 -3.80 -19.97
N ILE A 217 12.51 -4.10 -20.90
CA ILE A 217 11.28 -4.81 -20.56
C ILE A 217 11.57 -6.16 -19.94
N VAL A 218 11.00 -6.41 -18.76
CA VAL A 218 11.20 -7.66 -18.06
C VAL A 218 10.03 -8.61 -18.27
N GLU A 219 10.18 -9.86 -17.83
CA GLU A 219 9.14 -10.86 -17.98
C GLU A 219 8.62 -11.30 -16.61
N GLY A 1 -17.41 1.46 63.08
CA GLY A 1 -16.11 0.82 63.21
C GLY A 1 -14.99 1.69 62.67
N SER A 2 -13.76 1.20 62.80
CA SER A 2 -12.60 1.94 62.32
C SER A 2 -11.53 0.98 61.78
N SER A 3 -11.30 1.05 60.47
CA SER A 3 -10.32 0.19 59.83
C SER A 3 -9.50 0.98 58.79
N GLY A 4 -8.23 0.64 58.68
CA GLY A 4 -7.36 1.31 57.73
C GLY A 4 -6.99 0.43 56.56
N SER A 5 -6.46 1.05 55.50
CA SER A 5 -6.07 0.32 54.31
C SER A 5 -4.66 0.71 53.86
N SER A 6 -3.85 -0.28 53.52
CA SER A 6 -2.48 -0.04 53.09
C SER A 6 -2.37 -0.14 51.57
N GLY A 7 -2.70 -1.31 51.03
CA GLY A 7 -2.63 -1.53 49.60
C GLY A 7 -3.71 -0.78 48.85
N LYS A 8 -3.44 0.49 48.56
CA LYS A 8 -4.40 1.32 47.84
C LYS A 8 -5.00 0.56 46.65
N ASN A 9 -4.14 -0.08 45.88
CA ASN A 9 -4.58 -0.84 44.71
C ASN A 9 -5.52 -0.02 43.84
N PHE A 10 -5.16 1.25 43.63
CA PHE A 10 -5.96 2.15 42.82
C PHE A 10 -5.45 2.19 41.38
N ASN A 11 -6.37 2.11 40.43
CA ASN A 11 -6.02 2.13 39.01
C ASN A 11 -6.86 3.14 38.26
N PRO A 12 -6.22 3.86 37.32
CA PRO A 12 -6.90 4.88 36.51
C PRO A 12 -7.87 4.27 35.51
N PRO A 13 -8.84 5.08 35.06
CA PRO A 13 -9.85 4.64 34.09
C PRO A 13 -9.27 4.39 32.70
N THR A 14 -9.89 3.47 31.97
CA THR A 14 -9.43 3.14 30.62
C THR A 14 -10.38 3.69 29.56
N ARG A 15 -9.82 4.17 28.46
CA ARG A 15 -10.61 4.73 27.37
C ARG A 15 -10.00 4.38 26.02
N ARG A 16 -10.87 4.14 25.04
CA ARG A 16 -10.42 3.79 23.69
C ARG A 16 -9.42 4.82 23.17
N ASN A 17 -8.22 4.35 22.83
CA ASN A 17 -7.18 5.23 22.31
C ASN A 17 -7.27 5.36 20.80
N TRP A 18 -8.50 5.54 20.30
CA TRP A 18 -8.73 5.67 18.87
C TRP A 18 -9.61 6.88 18.57
N GLU A 19 -8.99 8.05 18.48
CA GLU A 19 -9.74 9.28 18.20
C GLU A 19 -8.89 10.25 17.38
N SER A 20 -9.36 10.57 16.19
CA SER A 20 -8.65 11.49 15.30
C SER A 20 -9.55 11.97 14.17
N ASN A 21 -9.01 12.81 13.30
CA ASN A 21 -9.77 13.36 12.18
C ASN A 21 -9.35 12.70 10.87
N TYR A 22 -8.05 12.42 10.75
CA TYR A 22 -7.51 11.79 9.54
C TYR A 22 -8.47 10.73 9.01
N PHE A 23 -8.93 9.86 9.91
CA PHE A 23 -9.85 8.79 9.54
C PHE A 23 -11.17 9.37 9.02
N GLY A 24 -11.51 9.01 7.79
CA GLY A 24 -12.75 9.50 7.20
C GLY A 24 -12.51 10.60 6.18
N MET A 25 -11.63 11.54 6.53
CA MET A 25 -11.31 12.65 5.65
C MET A 25 -10.33 12.23 4.56
N PRO A 26 -10.28 13.01 3.47
CA PRO A 26 -9.38 12.73 2.35
C PRO A 26 -7.91 12.96 2.70
N LEU A 27 -7.02 12.37 1.92
CA LEU A 27 -5.58 12.52 2.15
C LEU A 27 -5.09 13.85 1.62
N GLN A 28 -5.51 14.21 0.41
CA GLN A 28 -5.11 15.47 -0.20
C GLN A 28 -5.27 16.62 0.77
N ASP A 29 -6.22 16.48 1.70
CA ASP A 29 -6.49 17.52 2.69
C ASP A 29 -5.44 17.48 3.80
N LEU A 30 -5.16 16.28 4.30
CA LEU A 30 -4.18 16.11 5.36
C LEU A 30 -2.77 16.48 4.88
N VAL A 31 -2.44 16.05 3.67
CA VAL A 31 -1.13 16.34 3.10
C VAL A 31 -1.13 17.67 2.35
N THR A 32 0.04 18.27 2.23
CA THR A 32 0.18 19.55 1.54
C THR A 32 0.76 19.37 0.14
N ALA A 33 0.52 20.34 -0.73
CA ALA A 33 1.02 20.28 -2.10
C ALA A 33 2.50 19.93 -2.12
N GLU A 34 3.27 20.55 -1.23
CA GLU A 34 4.71 20.30 -1.15
C GLU A 34 4.98 18.83 -0.87
N LYS A 35 4.31 18.29 0.13
CA LYS A 35 4.47 16.89 0.49
C LYS A 35 3.14 16.13 0.40
N PRO A 36 2.85 15.61 -0.79
CA PRO A 36 1.61 14.85 -1.04
C PRO A 36 1.61 13.50 -0.34
N ILE A 37 2.77 12.85 -0.29
CA ILE A 37 2.90 11.55 0.36
C ILE A 37 2.95 11.70 1.87
N PRO A 38 2.16 10.87 2.57
CA PRO A 38 2.09 10.88 4.04
C PRO A 38 3.37 10.35 4.67
N LEU A 39 3.79 10.99 5.76
CA LEU A 39 5.01 10.59 6.46
C LEU A 39 4.93 9.12 6.87
N PHE A 40 3.87 8.76 7.57
CA PHE A 40 3.68 7.38 8.02
C PHE A 40 4.15 6.40 6.95
N VAL A 41 3.42 6.33 5.84
CA VAL A 41 3.76 5.44 4.74
C VAL A 41 5.26 5.44 4.47
N GLU A 42 5.80 6.64 4.22
CA GLU A 42 7.23 6.78 3.94
C GLU A 42 8.06 6.08 5.01
N LYS A 43 7.87 6.49 6.26
CA LYS A 43 8.61 5.90 7.38
C LYS A 43 8.61 4.37 7.28
N CYS A 44 7.47 3.81 6.88
CA CYS A 44 7.34 2.37 6.75
C CYS A 44 8.20 1.84 5.61
N VAL A 45 8.16 2.53 4.48
CA VAL A 45 8.95 2.13 3.31
C VAL A 45 10.44 2.23 3.60
N GLU A 46 10.88 3.40 4.06
CA GLU A 46 12.28 3.62 4.37
C GLU A 46 12.76 2.69 5.47
N PHE A 47 11.95 2.56 6.52
CA PHE A 47 12.28 1.70 7.64
C PHE A 47 12.84 0.36 7.16
N ILE A 48 12.01 -0.39 6.44
CA ILE A 48 12.43 -1.69 5.91
C ILE A 48 13.71 -1.57 5.09
N GLU A 49 13.68 -0.72 4.07
CA GLU A 49 14.84 -0.52 3.21
C GLU A 49 16.12 -0.46 4.03
N ASP A 50 16.13 0.41 5.03
CA ASP A 50 17.30 0.56 5.90
C ASP A 50 17.63 -0.75 6.61
N THR A 51 16.60 -1.46 7.03
CA THR A 51 16.77 -2.73 7.72
C THR A 51 16.89 -3.89 6.73
N GLY A 52 17.35 -3.58 5.52
CA GLY A 52 17.50 -4.60 4.50
C GLY A 52 16.20 -4.88 3.77
N LEU A 53 16.27 -5.69 2.72
CA LEU A 53 15.09 -6.04 1.94
C LEU A 53 15.05 -7.54 1.65
N CYS A 54 15.48 -8.34 2.62
CA CYS A 54 15.49 -9.78 2.47
C CYS A 54 14.55 -10.45 3.48
N THR A 55 13.48 -9.73 3.85
CA THR A 55 12.50 -10.24 4.80
C THR A 55 11.71 -11.39 4.20
N GLU A 56 11.88 -12.58 4.76
CA GLU A 56 11.18 -13.76 4.28
C GLU A 56 9.69 -13.49 4.13
N GLY A 57 9.21 -13.52 2.89
CA GLY A 57 7.80 -13.27 2.64
C GLY A 57 7.38 -11.86 3.04
N LEU A 58 7.35 -10.95 2.08
CA LEU A 58 6.96 -9.57 2.34
C LEU A 58 5.46 -9.39 2.16
N TYR A 59 4.77 -9.12 3.26
CA TYR A 59 3.33 -8.91 3.23
C TYR A 59 2.60 -10.23 3.00
N ARG A 60 3.17 -11.32 3.51
CA ARG A 60 2.57 -12.64 3.35
C ARG A 60 2.39 -13.32 4.70
N VAL A 61 3.37 -13.13 5.59
CA VAL A 61 3.32 -13.72 6.93
C VAL A 61 2.54 -12.84 7.89
N SER A 62 1.52 -13.42 8.53
CA SER A 62 0.69 -12.69 9.48
C SER A 62 1.45 -12.42 10.77
N GLY A 63 1.69 -11.15 11.05
CA GLY A 63 2.41 -10.78 12.26
C GLY A 63 1.48 -10.45 13.41
N ASN A 64 2.03 -10.41 14.62
CA ASN A 64 1.24 -10.11 15.81
C ASN A 64 0.45 -8.81 15.63
N LYS A 65 -0.47 -8.55 16.54
CA LYS A 65 -1.29 -7.35 16.49
C LYS A 65 -0.76 -6.28 17.44
N THR A 66 -0.30 -6.70 18.61
CA THR A 66 0.23 -5.78 19.60
C THR A 66 1.27 -4.86 18.98
N ASP A 67 1.98 -5.36 17.98
CA ASP A 67 3.02 -4.58 17.30
C ASP A 67 2.39 -3.48 16.45
N GLN A 68 1.50 -3.88 15.54
CA GLN A 68 0.84 -2.93 14.66
C GLN A 68 0.05 -1.90 15.47
N ASP A 69 -0.28 -2.25 16.71
CA ASP A 69 -1.03 -1.36 17.58
C ASP A 69 -0.20 -0.12 17.94
N ASN A 70 0.93 -0.35 18.60
CA ASN A 70 1.81 0.74 19.00
C ASN A 70 2.33 1.50 17.79
N ILE A 71 2.67 0.76 16.74
CA ILE A 71 3.19 1.37 15.52
C ILE A 71 2.25 2.46 15.02
N GLN A 72 0.95 2.17 15.05
CA GLN A 72 -0.05 3.13 14.59
C GLN A 72 -0.36 4.15 15.69
N LYS A 73 -0.71 3.66 16.87
CA LYS A 73 -1.04 4.53 17.99
C LYS A 73 0.11 5.50 18.27
N GLN A 74 1.25 4.97 18.69
CA GLN A 74 2.41 5.79 18.99
C GLN A 74 2.57 6.89 17.95
N PHE A 75 2.42 6.54 16.69
CA PHE A 75 2.56 7.51 15.60
C PHE A 75 1.45 8.55 15.67
N ASP A 76 0.26 8.14 16.07
CA ASP A 76 -0.87 9.04 16.19
C ASP A 76 -0.65 10.06 17.30
N GLN A 77 -0.38 9.57 18.51
CA GLN A 77 -0.16 10.45 19.65
C GLN A 77 0.96 11.45 19.35
N ASP A 78 1.94 11.02 18.58
CA ASP A 78 3.07 11.88 18.21
C ASP A 78 3.75 11.38 16.95
N HIS A 79 4.35 12.30 16.20
CA HIS A 79 5.04 11.95 14.97
C HIS A 79 6.55 11.92 15.18
N ASN A 80 7.01 12.55 16.25
CA ASN A 80 8.43 12.60 16.56
C ASN A 80 8.88 11.31 17.25
N ILE A 81 8.52 10.18 16.67
CA ILE A 81 8.88 8.89 17.23
C ILE A 81 9.84 8.14 16.30
N ASN A 82 10.19 6.92 16.69
CA ASN A 82 11.11 6.09 15.90
C ASN A 82 10.75 4.62 16.02
N LEU A 83 10.83 3.91 14.90
CA LEU A 83 10.51 2.49 14.88
C LEU A 83 11.71 1.65 15.30
N VAL A 84 12.89 2.03 14.83
CA VAL A 84 14.12 1.33 15.16
C VAL A 84 14.22 1.08 16.67
N SER A 85 14.03 2.14 17.44
CA SER A 85 14.10 2.04 18.90
C SER A 85 13.10 1.01 19.42
N MET A 86 11.90 1.01 18.86
CA MET A 86 10.86 0.08 19.27
C MET A 86 11.30 -1.36 19.03
N GLU A 87 12.19 -1.55 18.06
CA GLU A 87 12.69 -2.88 17.73
C GLU A 87 11.54 -3.84 17.44
N VAL A 88 10.58 -3.38 16.65
CA VAL A 88 9.42 -4.20 16.29
C VAL A 88 9.73 -5.10 15.11
N THR A 89 9.06 -6.24 15.04
CA THR A 89 9.26 -7.19 13.97
C THR A 89 8.93 -6.57 12.61
N VAL A 90 9.85 -6.71 11.66
CA VAL A 90 9.65 -6.16 10.32
C VAL A 90 8.24 -6.42 9.82
N ASN A 91 7.81 -7.67 9.88
CA ASN A 91 6.48 -8.05 9.43
C ASN A 91 5.44 -7.02 9.87
N ALA A 92 5.50 -6.64 11.15
CA ALA A 92 4.58 -5.66 11.69
C ALA A 92 4.51 -4.41 10.81
N VAL A 93 5.63 -3.72 10.68
CA VAL A 93 5.70 -2.52 9.86
C VAL A 93 5.09 -2.75 8.48
N ALA A 94 5.57 -3.78 7.80
CA ALA A 94 5.07 -4.11 6.47
C ALA A 94 3.55 -4.10 6.44
N GLY A 95 2.93 -4.64 7.49
CA GLY A 95 1.48 -4.68 7.57
C GLY A 95 0.88 -3.31 7.83
N ALA A 96 1.24 -2.72 8.97
CA ALA A 96 0.73 -1.40 9.34
C ALA A 96 0.71 -0.46 8.15
N LEU A 97 1.77 -0.51 7.34
CA LEU A 97 1.88 0.34 6.16
C LEU A 97 0.61 0.27 5.32
N LYS A 98 0.17 -0.95 5.03
CA LYS A 98 -1.04 -1.16 4.24
C LYS A 98 -2.28 -0.72 5.00
N ALA A 99 -2.38 -1.13 6.26
CA ALA A 99 -3.52 -0.78 7.10
C ALA A 99 -3.96 0.66 6.85
N PHE A 100 -2.98 1.52 6.53
CA PHE A 100 -3.27 2.93 6.26
C PHE A 100 -4.13 3.07 5.01
N PHE A 101 -3.74 2.38 3.95
CA PHE A 101 -4.46 2.45 2.68
C PHE A 101 -5.92 2.03 2.88
N ALA A 102 -6.14 0.96 3.63
CA ALA A 102 -7.48 0.47 3.89
C ALA A 102 -8.32 1.53 4.61
N ASP A 103 -7.70 2.23 5.55
CA ASP A 103 -8.38 3.26 6.31
C ASP A 103 -8.91 4.36 5.39
N LEU A 104 -8.12 4.69 4.37
CA LEU A 104 -8.51 5.72 3.42
C LEU A 104 -10.00 5.67 3.13
N PRO A 105 -10.63 6.85 2.99
CA PRO A 105 -12.06 6.96 2.71
C PRO A 105 -12.41 6.51 1.30
N ASP A 106 -11.44 6.56 0.40
CA ASP A 106 -11.64 6.14 -0.98
C ASP A 106 -10.48 5.27 -1.46
N PRO A 107 -10.76 4.41 -2.45
CA PRO A 107 -9.74 3.52 -3.03
C PRO A 107 -8.71 4.27 -3.85
N LEU A 108 -7.44 3.93 -3.65
CA LEU A 108 -6.35 4.57 -4.38
C LEU A 108 -6.74 4.83 -5.82
N ILE A 109 -7.19 3.78 -6.51
CA ILE A 109 -7.61 3.89 -7.89
C ILE A 109 -9.06 4.31 -8.02
N PRO A 110 -9.31 5.41 -8.74
CA PRO A 110 -10.65 5.95 -8.95
C PRO A 110 -11.50 5.05 -9.85
N TYR A 111 -12.81 5.14 -9.68
CA TYR A 111 -13.73 4.33 -10.48
C TYR A 111 -13.73 4.78 -11.94
N SER A 112 -13.39 6.05 -12.15
CA SER A 112 -13.36 6.60 -13.51
C SER A 112 -12.25 5.94 -14.33
N LEU A 113 -11.24 5.44 -13.64
CA LEU A 113 -10.12 4.78 -14.32
C LEU A 113 -10.12 3.28 -14.02
N HIS A 114 -11.30 2.69 -13.94
CA HIS A 114 -11.43 1.27 -13.68
C HIS A 114 -11.15 0.44 -14.92
N PRO A 115 -12.01 0.59 -15.94
CA PRO A 115 -11.87 -0.13 -17.21
C PRO A 115 -10.67 0.36 -18.02
N GLU A 116 -10.23 1.58 -17.74
CA GLU A 116 -9.09 2.16 -18.44
C GLU A 116 -7.81 1.37 -18.15
N LEU A 117 -7.76 0.77 -16.97
CA LEU A 117 -6.58 -0.01 -16.56
C LEU A 117 -6.60 -1.39 -17.20
N LEU A 118 -7.80 -1.96 -17.32
CA LEU A 118 -7.95 -3.29 -17.91
C LEU A 118 -7.84 -3.22 -19.43
N GLU A 119 -8.53 -2.25 -20.03
CA GLU A 119 -8.49 -2.08 -21.48
C GLU A 119 -7.07 -2.00 -21.99
N ALA A 120 -6.18 -1.44 -21.15
CA ALA A 120 -4.77 -1.29 -21.52
C ALA A 120 -3.98 -2.55 -21.17
N ALA A 121 -4.43 -3.26 -20.13
CA ALA A 121 -3.77 -4.47 -19.69
C ALA A 121 -4.05 -5.63 -20.64
N LYS A 122 -5.13 -5.51 -21.41
CA LYS A 122 -5.52 -6.54 -22.35
C LYS A 122 -4.93 -6.27 -23.73
N ILE A 123 -3.86 -5.48 -23.76
CA ILE A 123 -3.19 -5.14 -25.01
C ILE A 123 -2.11 -6.17 -25.35
N PRO A 124 -2.15 -6.67 -26.60
CA PRO A 124 -1.18 -7.65 -27.09
C PRO A 124 0.22 -7.07 -27.26
N ASP A 125 0.29 -5.89 -27.85
CA ASP A 125 1.56 -5.22 -28.07
C ASP A 125 2.22 -4.85 -26.74
N LYS A 126 3.22 -5.63 -26.35
CA LYS A 126 3.92 -5.39 -25.10
C LYS A 126 4.17 -3.90 -24.88
N THR A 127 4.89 -3.28 -25.81
CA THR A 127 5.18 -1.85 -25.73
C THR A 127 3.91 -1.05 -25.46
N GLU A 128 2.94 -1.19 -26.36
CA GLU A 128 1.67 -0.47 -26.22
C GLU A 128 1.10 -0.64 -24.82
N ARG A 129 0.90 -1.89 -24.41
CA ARG A 129 0.36 -2.18 -23.09
C ARG A 129 0.96 -1.28 -22.03
N LEU A 130 2.29 -1.32 -21.93
CA LEU A 130 3.00 -0.50 -20.95
C LEU A 130 2.70 0.99 -21.16
N HIS A 131 2.92 1.47 -22.38
CA HIS A 131 2.67 2.86 -22.72
C HIS A 131 1.30 3.31 -22.20
N ALA A 132 0.27 2.53 -22.51
CA ALA A 132 -1.08 2.85 -22.07
C ALA A 132 -1.13 3.09 -20.57
N LEU A 133 -0.46 2.22 -19.82
CA LEU A 133 -0.43 2.35 -18.37
C LEU A 133 0.42 3.55 -17.93
N LYS A 134 1.42 3.88 -18.74
CA LYS A 134 2.29 5.01 -18.45
C LYS A 134 1.58 6.33 -18.70
N GLU A 135 0.66 6.32 -19.65
CA GLU A 135 -0.10 7.53 -20.00
C GLU A 135 -1.33 7.66 -19.12
N ILE A 136 -1.96 6.53 -18.80
CA ILE A 136 -3.15 6.53 -17.97
C ILE A 136 -2.81 6.90 -16.53
N VAL A 137 -1.67 6.42 -16.06
CA VAL A 137 -1.23 6.69 -14.70
C VAL A 137 -0.98 8.18 -14.49
N LYS A 138 -1.04 8.94 -15.57
CA LYS A 138 -0.83 10.38 -15.52
C LYS A 138 -2.06 11.10 -14.98
N LYS A 139 -3.24 10.62 -15.38
CA LYS A 139 -4.50 11.21 -14.94
C LYS A 139 -4.68 11.03 -13.44
N PHE A 140 -4.12 9.96 -12.89
CA PHE A 140 -4.23 9.66 -11.47
C PHE A 140 -3.99 10.92 -10.65
N HIS A 141 -4.92 11.21 -9.74
CA HIS A 141 -4.81 12.39 -8.88
C HIS A 141 -3.35 12.69 -8.55
N PRO A 142 -3.01 13.98 -8.51
CA PRO A 142 -1.65 14.44 -8.20
C PRO A 142 -1.27 14.20 -6.75
N VAL A 143 -2.26 13.83 -5.94
CA VAL A 143 -2.04 13.57 -4.52
C VAL A 143 -1.90 12.07 -4.26
N ASN A 144 -2.74 11.28 -4.92
CA ASN A 144 -2.71 9.83 -4.75
C ASN A 144 -1.64 9.20 -5.63
N TYR A 145 -1.44 9.78 -6.81
CA TYR A 145 -0.45 9.26 -7.75
C TYR A 145 0.94 9.23 -7.11
N ASP A 146 1.27 10.30 -6.39
CA ASP A 146 2.57 10.39 -5.73
C ASP A 146 2.81 9.19 -4.81
N VAL A 147 1.81 8.88 -3.99
CA VAL A 147 1.91 7.76 -3.07
C VAL A 147 1.93 6.43 -3.82
N PHE A 148 0.98 6.26 -4.73
CA PHE A 148 0.89 5.03 -5.51
C PHE A 148 2.21 4.75 -6.23
N ARG A 149 2.78 5.78 -6.84
CA ARG A 149 4.05 5.64 -7.55
C ARG A 149 5.19 5.29 -6.60
N TYR A 150 5.26 6.02 -5.48
CA TYR A 150 6.30 5.80 -4.49
C TYR A 150 6.23 4.38 -3.94
N VAL A 151 5.02 3.93 -3.61
CA VAL A 151 4.81 2.59 -3.08
C VAL A 151 5.42 1.54 -4.00
N ILE A 152 4.95 1.50 -5.24
CA ILE A 152 5.46 0.54 -6.22
C ILE A 152 6.98 0.54 -6.25
N THR A 153 7.57 1.73 -6.40
CA THR A 153 9.02 1.86 -6.45
C THR A 153 9.69 0.93 -5.45
N HIS A 154 9.03 0.74 -4.30
CA HIS A 154 9.58 -0.13 -3.25
C HIS A 154 9.23 -1.60 -3.53
N LEU A 155 8.04 -1.82 -4.09
CA LEU A 155 7.59 -3.17 -4.40
C LEU A 155 8.52 -3.84 -5.41
N ASN A 156 8.81 -3.12 -6.50
CA ASN A 156 9.68 -3.65 -7.54
C ASN A 156 10.98 -4.18 -6.94
N ARG A 157 11.61 -3.38 -6.10
CA ARG A 157 12.86 -3.78 -5.46
C ARG A 157 12.71 -5.11 -4.75
N VAL A 158 11.59 -5.28 -4.04
CA VAL A 158 11.33 -6.52 -3.31
C VAL A 158 11.27 -7.71 -4.26
N SER A 159 10.49 -7.57 -5.34
CA SER A 159 10.34 -8.64 -6.31
C SER A 159 11.70 -9.12 -6.80
N GLN A 160 12.71 -8.26 -6.65
CA GLN A 160 14.06 -8.59 -7.08
C GLN A 160 14.57 -9.85 -6.40
N GLN A 161 14.32 -9.94 -5.09
CA GLN A 161 14.75 -11.10 -4.31
C GLN A 161 13.58 -12.05 -4.06
N HIS A 162 12.64 -12.08 -4.99
CA HIS A 162 11.47 -12.94 -4.88
C HIS A 162 11.88 -14.34 -4.44
N LYS A 163 13.11 -14.72 -4.74
CA LYS A 163 13.63 -16.03 -4.37
C LYS A 163 13.92 -16.10 -2.87
N ILE A 164 14.41 -15.00 -2.32
CA ILE A 164 14.74 -14.94 -0.90
C ILE A 164 13.51 -14.61 -0.06
N ASN A 165 12.86 -13.49 -0.38
CA ASN A 165 11.67 -13.05 0.33
C ASN A 165 10.44 -13.78 -0.18
N LEU A 166 10.65 -14.88 -0.90
CA LEU A 166 9.57 -15.67 -1.46
C LEU A 166 8.40 -14.78 -1.85
N MET A 167 8.67 -13.79 -2.69
CA MET A 167 7.64 -12.86 -3.14
C MET A 167 7.95 -12.33 -4.54
N THR A 168 7.19 -12.79 -5.52
CA THR A 168 7.40 -12.37 -6.91
C THR A 168 6.49 -11.19 -7.26
N ALA A 169 6.88 -10.44 -8.29
CA ALA A 169 6.10 -9.28 -8.72
C ALA A 169 4.61 -9.57 -8.64
N ASP A 170 4.21 -10.75 -9.10
CA ASP A 170 2.80 -11.15 -9.08
C ASP A 170 2.28 -11.21 -7.65
N ASN A 171 2.91 -12.04 -6.83
CA ASN A 171 2.50 -12.20 -5.44
C ASN A 171 2.26 -10.84 -4.78
N LEU A 172 3.24 -9.95 -4.90
CA LEU A 172 3.13 -8.61 -4.33
C LEU A 172 1.97 -7.84 -4.95
N SER A 173 1.67 -8.14 -6.20
CA SER A 173 0.57 -7.48 -6.90
C SER A 173 -0.78 -8.02 -6.44
N ILE A 174 -0.81 -9.30 -6.09
CA ILE A 174 -2.03 -9.94 -5.63
C ILE A 174 -2.33 -9.58 -4.18
N CYS A 175 -1.27 -9.36 -3.40
CA CYS A 175 -1.41 -9.00 -2.00
C CYS A 175 -1.86 -7.56 -1.84
N PHE A 176 -1.39 -6.70 -2.75
CA PHE A 176 -1.75 -5.29 -2.71
C PHE A 176 -3.03 -5.02 -3.50
N TRP A 177 -3.15 -5.68 -4.64
CA TRP A 177 -4.33 -5.51 -5.49
C TRP A 177 -5.57 -5.28 -4.66
N PRO A 178 -5.86 -6.23 -3.75
CA PRO A 178 -7.03 -6.15 -2.87
C PRO A 178 -7.17 -4.79 -2.21
N THR A 179 -6.19 -4.44 -1.37
CA THR A 179 -6.19 -3.17 -0.66
C THR A 179 -6.21 -2.00 -1.65
N LEU A 180 -5.24 -1.96 -2.55
CA LEU A 180 -5.15 -0.90 -3.55
C LEU A 180 -6.54 -0.39 -3.92
N MET A 181 -7.37 -1.30 -4.44
CA MET A 181 -8.73 -0.94 -4.84
C MET A 181 -9.75 -1.86 -4.17
N ARG A 182 -10.62 -1.26 -3.36
CA ARG A 182 -11.65 -2.03 -2.66
C ARG A 182 -12.14 -3.20 -3.51
N PRO A 183 -12.23 -4.38 -2.89
CA PRO A 183 -12.69 -5.60 -3.57
C PRO A 183 -14.17 -5.54 -3.92
N ASP A 184 -14.57 -6.36 -4.89
CA ASP A 184 -15.97 -6.41 -5.32
C ASP A 184 -16.90 -6.59 -4.13
N PHE A 185 -18.11 -6.05 -4.24
CA PHE A 185 -19.10 -6.15 -3.17
C PHE A 185 -19.86 -7.46 -3.27
N GLU A 186 -20.36 -7.76 -4.47
CA GLU A 186 -21.12 -8.98 -4.70
C GLU A 186 -20.77 -9.61 -6.04
N ASN A 187 -20.59 -10.93 -6.05
CA ASN A 187 -20.25 -11.65 -7.27
C ASN A 187 -20.76 -13.08 -7.22
N ARG A 188 -21.59 -13.43 -8.20
CA ARG A 188 -22.15 -14.77 -8.27
C ARG A 188 -21.79 -15.45 -9.60
N GLU A 189 -21.50 -14.64 -10.61
CA GLU A 189 -21.14 -15.16 -11.92
C GLU A 189 -19.67 -15.53 -11.97
N PHE A 190 -19.39 -16.84 -11.98
CA PHE A 190 -18.02 -17.33 -12.02
C PHE A 190 -17.75 -18.06 -13.33
N LEU A 191 -17.49 -17.30 -14.39
CA LEU A 191 -17.21 -17.87 -15.70
C LEU A 191 -16.27 -16.97 -16.50
N SER A 192 -15.26 -17.58 -17.11
CA SER A 192 -14.29 -16.83 -17.91
C SER A 192 -13.80 -15.61 -17.15
N THR A 193 -13.48 -15.80 -15.87
CA THR A 193 -13.00 -14.71 -15.03
C THR A 193 -11.53 -14.40 -15.34
N THR A 194 -11.31 -13.47 -16.27
CA THR A 194 -9.96 -13.08 -16.65
C THR A 194 -9.20 -12.51 -15.47
N LYS A 195 -7.98 -13.00 -15.26
CA LYS A 195 -7.15 -12.54 -14.16
C LYS A 195 -6.34 -11.30 -14.57
N ILE A 196 -7.02 -10.36 -15.22
CA ILE A 196 -6.38 -9.13 -15.67
C ILE A 196 -6.26 -8.12 -14.52
N HIS A 197 -7.25 -8.12 -13.64
CA HIS A 197 -7.26 -7.22 -12.49
C HIS A 197 -5.94 -7.29 -11.74
N GLN A 198 -5.53 -8.50 -11.40
CA GLN A 198 -4.28 -8.71 -10.67
C GLN A 198 -3.08 -8.37 -11.54
N SER A 199 -3.10 -8.83 -12.79
CA SER A 199 -2.02 -8.58 -13.73
C SER A 199 -1.72 -7.09 -13.83
N VAL A 200 -2.77 -6.30 -14.02
CA VAL A 200 -2.62 -4.85 -14.12
C VAL A 200 -1.56 -4.33 -13.17
N VAL A 201 -1.74 -4.60 -11.88
CA VAL A 201 -0.81 -4.16 -10.87
C VAL A 201 0.57 -4.79 -11.07
N GLU A 202 0.60 -6.10 -11.25
CA GLU A 202 1.85 -6.82 -11.46
C GLU A 202 2.71 -6.12 -12.51
N THR A 203 2.08 -5.71 -13.62
CA THR A 203 2.78 -5.02 -14.69
C THR A 203 3.46 -3.75 -14.19
N PHE A 204 2.65 -2.82 -13.68
CA PHE A 204 3.18 -1.56 -13.17
C PHE A 204 4.53 -1.77 -12.50
N ILE A 205 4.60 -2.78 -11.63
CA ILE A 205 5.84 -3.09 -10.92
C ILE A 205 6.91 -3.59 -11.86
N GLN A 206 6.61 -4.67 -12.57
CA GLN A 206 7.55 -5.26 -13.52
C GLN A 206 8.17 -4.17 -14.41
N GLN A 207 7.35 -3.23 -14.84
CA GLN A 207 7.82 -2.14 -15.69
C GLN A 207 7.66 -0.79 -14.99
N CYS A 208 7.86 -0.79 -13.68
CA CYS A 208 7.74 0.42 -12.89
C CYS A 208 8.87 1.40 -13.22
N GLN A 209 9.96 0.87 -13.74
CA GLN A 209 11.12 1.68 -14.10
C GLN A 209 10.96 2.27 -15.50
N PHE A 210 10.75 1.38 -16.48
CA PHE A 210 10.57 1.82 -17.86
C PHE A 210 9.74 3.09 -17.94
N PHE A 211 8.77 3.21 -17.04
CA PHE A 211 7.89 4.38 -17.00
C PHE A 211 8.72 5.67 -16.99
N PHE A 212 9.50 5.86 -15.93
CA PHE A 212 10.32 7.04 -15.79
C PHE A 212 11.80 6.72 -16.06
N TYR A 213 12.32 5.75 -15.32
CA TYR A 213 13.71 5.35 -15.48
C TYR A 213 13.99 4.90 -16.91
N ASN A 214 12.94 4.50 -17.61
CA ASN A 214 13.07 4.04 -18.99
C ASN A 214 14.04 2.87 -19.09
N GLY A 215 14.00 1.99 -18.10
CA GLY A 215 14.89 0.83 -18.08
C GLY A 215 14.38 -0.29 -18.96
N GLU A 216 15.29 -0.99 -19.62
CA GLU A 216 14.93 -2.09 -20.50
C GLU A 216 13.84 -2.95 -19.87
N ILE A 217 12.95 -3.48 -20.70
CA ILE A 217 11.85 -4.32 -20.23
C ILE A 217 12.39 -5.57 -19.54
N VAL A 218 11.70 -5.99 -18.49
CA VAL A 218 12.11 -7.19 -17.75
C VAL A 218 11.02 -8.25 -17.78
N GLU A 219 11.35 -9.45 -17.30
CA GLU A 219 10.40 -10.56 -17.28
C GLU A 219 10.00 -10.90 -15.85
N GLY A 1 -38.01 24.02 37.49
CA GLY A 1 -38.29 22.63 37.24
C GLY A 1 -37.36 22.02 36.21
N SER A 2 -37.26 20.70 36.22
CA SER A 2 -36.38 20.00 35.29
C SER A 2 -37.19 19.25 34.24
N SER A 3 -36.50 18.62 33.30
CA SER A 3 -37.16 17.86 32.24
C SER A 3 -36.52 16.49 32.06
N GLY A 4 -36.99 15.52 32.85
CA GLY A 4 -36.45 14.18 32.77
C GLY A 4 -36.19 13.74 31.34
N SER A 5 -35.00 13.19 31.11
CA SER A 5 -34.62 12.73 29.78
C SER A 5 -35.47 11.54 29.35
N SER A 6 -36.16 11.70 28.22
CA SER A 6 -37.01 10.63 27.70
C SER A 6 -36.84 10.48 26.20
N GLY A 7 -36.24 9.37 25.78
CA GLY A 7 -36.02 9.13 24.37
C GLY A 7 -36.08 7.65 24.02
N LYS A 8 -35.56 7.30 22.85
CA LYS A 8 -35.56 5.91 22.40
C LYS A 8 -34.58 5.07 23.22
N ASN A 9 -35.10 4.07 23.91
CA ASN A 9 -34.27 3.19 24.73
C ASN A 9 -33.92 1.92 23.97
N PHE A 10 -32.64 1.57 24.00
CA PHE A 10 -32.15 0.37 23.31
C PHE A 10 -30.68 0.13 23.62
N ASN A 11 -30.14 -0.95 23.06
CA ASN A 11 -28.74 -1.30 23.28
C ASN A 11 -27.86 -0.04 23.34
N PRO A 12 -26.84 -0.08 24.20
CA PRO A 12 -25.92 1.04 24.38
C PRO A 12 -25.01 1.25 23.17
N PRO A 13 -24.64 2.52 22.91
CA PRO A 13 -23.78 2.88 21.78
C PRO A 13 -22.35 2.39 21.96
N THR A 14 -21.52 2.63 20.96
CA THR A 14 -20.12 2.22 21.02
C THR A 14 -19.19 3.41 21.17
N ARG A 15 -18.15 3.26 21.98
CA ARG A 15 -17.19 4.32 22.22
C ARG A 15 -16.14 4.37 21.11
N ARG A 16 -15.79 5.57 20.69
CA ARG A 16 -14.79 5.74 19.62
C ARG A 16 -13.38 5.76 20.20
N ASN A 17 -13.16 6.63 21.19
CA ASN A 17 -11.86 6.73 21.82
C ASN A 17 -10.74 6.56 20.80
N TRP A 18 -10.98 6.98 19.57
CA TRP A 18 -10.00 6.87 18.51
C TRP A 18 -9.83 8.20 17.78
N GLU A 19 -9.43 9.23 18.52
CA GLU A 19 -9.23 10.55 17.95
C GLU A 19 -8.28 10.49 16.75
N SER A 20 -8.81 10.74 15.56
CA SER A 20 -8.01 10.71 14.35
C SER A 20 -8.31 11.92 13.46
N ASN A 21 -7.25 12.57 12.98
CA ASN A 21 -7.41 13.75 12.13
C ASN A 21 -8.05 13.36 10.81
N TYR A 22 -8.28 12.07 10.60
CA TYR A 22 -8.89 11.59 9.38
C TYR A 22 -10.40 11.83 9.38
N PHE A 23 -11.09 11.26 10.36
CA PHE A 23 -12.53 11.42 10.48
C PHE A 23 -13.21 11.21 9.13
N GLY A 24 -12.62 10.36 8.30
CA GLY A 24 -13.18 10.08 6.99
C GLY A 24 -12.77 11.11 5.95
N MET A 25 -11.64 11.75 6.19
CA MET A 25 -11.14 12.77 5.26
C MET A 25 -10.20 12.14 4.23
N PRO A 26 -10.24 12.66 3.00
CA PRO A 26 -9.40 12.18 1.90
C PRO A 26 -7.93 12.52 2.11
N LEU A 27 -7.05 11.68 1.55
CA LEU A 27 -5.62 11.89 1.67
C LEU A 27 -5.24 13.32 1.28
N GLN A 28 -5.65 13.73 0.09
CA GLN A 28 -5.35 15.08 -0.39
C GLN A 28 -5.64 16.12 0.69
N ASP A 29 -6.63 15.84 1.53
CA ASP A 29 -7.00 16.75 2.60
C ASP A 29 -6.04 16.61 3.78
N LEU A 30 -5.66 15.38 4.09
CA LEU A 30 -4.75 15.12 5.20
C LEU A 30 -3.36 15.68 4.92
N VAL A 31 -2.89 15.49 3.69
CA VAL A 31 -1.58 15.98 3.28
C VAL A 31 -1.68 17.37 2.67
N THR A 32 -0.54 17.99 2.42
CA THR A 32 -0.50 19.32 1.84
C THR A 32 0.05 19.30 0.42
N ALA A 33 -0.20 20.36 -0.34
CA ALA A 33 0.27 20.45 -1.72
C ALA A 33 1.78 20.25 -1.79
N GLU A 34 2.51 20.89 -0.88
CA GLU A 34 3.96 20.78 -0.84
C GLU A 34 4.39 19.32 -0.72
N LYS A 35 3.73 18.59 0.17
CA LYS A 35 4.04 17.18 0.39
C LYS A 35 2.80 16.32 0.27
N PRO A 36 2.56 15.76 -0.91
CA PRO A 36 1.40 14.90 -1.18
C PRO A 36 1.50 13.56 -0.45
N ILE A 37 2.70 13.01 -0.40
CA ILE A 37 2.91 11.73 0.28
C ILE A 37 2.88 11.89 1.79
N PRO A 38 2.20 10.96 2.47
CA PRO A 38 2.08 10.96 3.93
C PRO A 38 3.40 10.64 4.62
N LEU A 39 3.43 10.84 5.94
CA LEU A 39 4.64 10.58 6.71
C LEU A 39 4.72 9.11 7.11
N PHE A 40 3.60 8.57 7.59
CA PHE A 40 3.54 7.17 8.01
C PHE A 40 4.15 6.27 6.94
N VAL A 41 3.51 6.23 5.77
CA VAL A 41 3.99 5.40 4.67
C VAL A 41 5.50 5.51 4.50
N GLU A 42 5.96 6.71 4.14
CA GLU A 42 7.38 6.95 3.95
C GLU A 42 8.20 6.24 5.02
N LYS A 43 7.87 6.48 6.28
CA LYS A 43 8.58 5.87 7.40
C LYS A 43 8.54 4.35 7.28
N CYS A 44 7.41 3.83 6.82
CA CYS A 44 7.26 2.38 6.67
C CYS A 44 8.15 1.85 5.54
N VAL A 45 8.15 2.55 4.42
CA VAL A 45 8.96 2.15 3.27
C VAL A 45 10.45 2.22 3.60
N GLU A 46 10.87 3.35 4.17
CA GLU A 46 12.27 3.54 4.53
C GLU A 46 12.67 2.60 5.65
N PHE A 47 11.81 2.47 6.65
CA PHE A 47 12.08 1.60 7.79
C PHE A 47 12.35 0.16 7.32
N ILE A 48 11.35 -0.44 6.68
CA ILE A 48 11.48 -1.81 6.19
C ILE A 48 12.86 -2.04 5.58
N GLU A 49 13.31 -1.08 4.77
CA GLU A 49 14.62 -1.19 4.14
C GLU A 49 15.74 -1.20 5.17
N ASP A 50 15.62 -0.33 6.17
CA ASP A 50 16.62 -0.24 7.22
C ASP A 50 16.63 -1.49 8.07
N THR A 51 15.46 -2.08 8.28
CA THR A 51 15.34 -3.31 9.07
C THR A 51 15.46 -4.54 8.20
N GLY A 52 16.22 -4.43 7.11
CA GLY A 52 16.40 -5.56 6.22
C GLY A 52 15.22 -5.75 5.28
N LEU A 53 15.50 -6.29 4.09
CA LEU A 53 14.46 -6.52 3.10
C LEU A 53 14.38 -8.00 2.74
N CYS A 54 15.52 -8.66 2.73
CA CYS A 54 15.58 -10.08 2.40
C CYS A 54 14.68 -10.90 3.32
N THR A 55 14.25 -10.27 4.41
CA THR A 55 13.38 -10.94 5.38
C THR A 55 12.32 -11.78 4.67
N GLU A 56 12.50 -13.09 4.71
CA GLU A 56 11.56 -14.01 4.07
C GLU A 56 10.12 -13.61 4.39
N GLY A 57 9.40 -13.15 3.37
CA GLY A 57 8.02 -12.74 3.56
C GLY A 57 7.88 -11.57 4.52
N LEU A 58 7.62 -10.39 3.98
CA LEU A 58 7.47 -9.19 4.80
C LEU A 58 6.00 -8.79 4.90
N TYR A 59 5.25 -9.02 3.83
CA TYR A 59 3.83 -8.68 3.80
C TYR A 59 2.97 -9.93 3.95
N ARG A 60 3.18 -10.90 3.07
CA ARG A 60 2.42 -12.14 3.10
C ARG A 60 2.61 -12.86 4.43
N VAL A 61 3.80 -12.74 5.00
CA VAL A 61 4.10 -13.38 6.28
C VAL A 61 4.10 -12.36 7.41
N SER A 62 3.09 -12.45 8.27
CA SER A 62 2.97 -11.53 9.40
C SER A 62 2.55 -12.28 10.67
N GLY A 63 3.37 -12.16 11.70
CA GLY A 63 3.07 -12.82 12.96
C GLY A 63 2.08 -12.05 13.81
N ASN A 64 2.42 -11.86 15.08
CA ASN A 64 1.55 -11.13 16.00
C ASN A 64 0.94 -9.92 15.32
N LYS A 65 -0.20 -9.47 15.85
CA LYS A 65 -0.90 -8.31 15.29
C LYS A 65 -0.68 -7.07 16.16
N THR A 66 -0.83 -7.24 17.47
CA THR A 66 -0.65 -6.15 18.40
C THR A 66 0.52 -5.27 18.00
N ASP A 67 1.62 -5.90 17.59
CA ASP A 67 2.81 -5.17 17.17
C ASP A 67 2.44 -3.96 16.32
N GLN A 68 1.61 -4.19 15.31
CA GLN A 68 1.18 -3.12 14.41
C GLN A 68 0.30 -2.12 15.15
N ASP A 69 -0.41 -2.59 16.16
CA ASP A 69 -1.30 -1.74 16.95
C ASP A 69 -0.54 -0.52 17.46
N ASN A 70 0.57 -0.76 18.15
CA ASN A 70 1.38 0.33 18.69
C ASN A 70 1.87 1.25 17.59
N ILE A 71 2.24 0.67 16.45
CA ILE A 71 2.72 1.45 15.31
C ILE A 71 1.78 2.60 14.99
N GLN A 72 0.50 2.29 14.87
CA GLN A 72 -0.51 3.30 14.56
C GLN A 72 -0.80 4.17 15.78
N LYS A 73 -1.28 3.54 16.85
CA LYS A 73 -1.59 4.25 18.09
C LYS A 73 -0.46 5.21 18.46
N GLN A 74 0.73 4.66 18.65
CA GLN A 74 1.88 5.47 19.02
C GLN A 74 2.08 6.61 18.03
N PHE A 75 1.91 6.32 16.75
CA PHE A 75 2.07 7.33 15.70
C PHE A 75 1.01 8.42 15.84
N ASP A 76 -0.20 8.02 16.21
CA ASP A 76 -1.31 8.96 16.37
C ASP A 76 -1.04 9.91 17.53
N GLN A 77 -0.66 9.35 18.68
CA GLN A 77 -0.38 10.15 19.86
C GLN A 77 0.98 10.82 19.75
N ASP A 78 1.87 10.22 18.96
CA ASP A 78 3.20 10.77 18.77
C ASP A 78 3.58 10.80 17.29
N HIS A 79 3.44 11.98 16.67
CA HIS A 79 3.76 12.14 15.26
C HIS A 79 5.26 12.10 15.04
N ASN A 80 6.03 12.53 16.04
CA ASN A 80 7.47 12.54 15.95
C ASN A 80 8.07 11.24 16.48
N ILE A 81 7.36 10.14 16.24
CA ILE A 81 7.81 8.83 16.69
C ILE A 81 8.89 8.28 15.78
N ASN A 82 9.79 7.47 16.35
CA ASN A 82 10.87 6.88 15.57
C ASN A 82 10.78 5.35 15.59
N LEU A 83 10.13 4.80 14.56
CA LEU A 83 9.97 3.36 14.46
C LEU A 83 11.28 2.64 14.77
N VAL A 84 12.38 3.18 14.26
CA VAL A 84 13.70 2.59 14.49
C VAL A 84 13.95 2.38 15.98
N SER A 85 13.61 3.38 16.77
CA SER A 85 13.81 3.30 18.22
C SER A 85 12.92 2.23 18.83
N MET A 86 11.80 1.96 18.19
CA MET A 86 10.87 0.95 18.67
C MET A 86 11.44 -0.46 18.48
N GLU A 87 12.13 -0.67 17.37
CA GLU A 87 12.72 -1.96 17.08
C GLU A 87 11.65 -3.04 16.99
N VAL A 88 10.60 -2.78 16.23
CA VAL A 88 9.51 -3.73 16.07
C VAL A 88 9.83 -4.75 14.98
N THR A 89 9.09 -5.86 14.98
CA THR A 89 9.29 -6.91 14.00
C THR A 89 8.89 -6.45 12.61
N VAL A 90 9.87 -6.37 11.71
CA VAL A 90 9.62 -5.94 10.34
C VAL A 90 8.25 -6.38 9.86
N ASN A 91 7.99 -7.68 9.97
CA ASN A 91 6.70 -8.24 9.55
C ASN A 91 5.56 -7.28 9.89
N ALA A 92 5.53 -6.81 11.12
CA ALA A 92 4.49 -5.88 11.57
C ALA A 92 4.42 -4.66 10.66
N VAL A 93 5.53 -3.92 10.58
CA VAL A 93 5.59 -2.73 9.74
C VAL A 93 5.05 -3.00 8.35
N ALA A 94 5.71 -3.91 7.64
CA ALA A 94 5.30 -4.27 6.28
C ALA A 94 3.77 -4.38 6.19
N GLY A 95 3.16 -4.87 7.25
CA GLY A 95 1.71 -5.01 7.27
C GLY A 95 0.99 -3.72 7.58
N ALA A 96 1.32 -3.12 8.72
CA ALA A 96 0.69 -1.86 9.12
C ALA A 96 0.64 -0.88 7.96
N LEU A 97 1.74 -0.78 7.23
CA LEU A 97 1.83 0.12 6.09
C LEU A 97 0.55 0.07 5.25
N LYS A 98 0.08 -1.14 4.99
CA LYS A 98 -1.13 -1.34 4.19
C LYS A 98 -2.35 -0.78 4.93
N ALA A 99 -2.47 -1.10 6.21
CA ALA A 99 -3.59 -0.63 7.02
C ALA A 99 -3.86 0.85 6.76
N PHE A 100 -2.80 1.62 6.51
CA PHE A 100 -2.93 3.04 6.24
C PHE A 100 -3.67 3.29 4.93
N PHE A 101 -3.41 2.45 3.93
CA PHE A 101 -4.05 2.58 2.64
C PHE A 101 -5.46 2.01 2.67
N ALA A 102 -5.65 0.93 3.43
CA ALA A 102 -6.95 0.30 3.56
C ALA A 102 -7.93 1.20 4.33
N ASP A 103 -7.42 1.85 5.37
CA ASP A 103 -8.24 2.74 6.18
C ASP A 103 -8.82 3.87 5.34
N LEU A 104 -8.04 4.37 4.40
CA LEU A 104 -8.48 5.45 3.53
C LEU A 104 -9.94 5.26 3.11
N PRO A 105 -10.66 6.37 2.94
CA PRO A 105 -12.07 6.35 2.54
C PRO A 105 -12.25 5.89 1.09
N ASP A 106 -11.20 6.02 0.31
CA ASP A 106 -11.24 5.63 -1.10
C ASP A 106 -9.92 5.01 -1.53
N PRO A 107 -9.97 4.16 -2.57
CA PRO A 107 -8.79 3.49 -3.10
C PRO A 107 -7.83 4.45 -3.80
N LEU A 108 -6.54 4.22 -3.65
CA LEU A 108 -5.53 5.06 -4.28
C LEU A 108 -5.90 5.39 -5.72
N ILE A 109 -6.42 4.37 -6.43
CA ILE A 109 -6.81 4.55 -7.82
C ILE A 109 -8.21 5.14 -7.91
N PRO A 110 -8.35 6.22 -8.71
CA PRO A 110 -9.63 6.90 -8.90
C PRO A 110 -10.61 6.07 -9.72
N TYR A 111 -11.89 6.21 -9.42
CA TYR A 111 -12.93 5.46 -10.12
C TYR A 111 -12.99 5.87 -11.59
N SER A 112 -12.80 7.16 -11.84
CA SER A 112 -12.84 7.68 -13.21
C SER A 112 -11.84 6.95 -14.09
N LEU A 113 -10.92 6.22 -13.47
CA LEU A 113 -9.91 5.47 -14.21
C LEU A 113 -9.87 4.02 -13.74
N HIS A 114 -11.03 3.48 -13.41
CA HIS A 114 -11.13 2.09 -12.96
C HIS A 114 -11.00 1.12 -14.13
N PRO A 115 -11.96 1.20 -15.07
CA PRO A 115 -11.97 0.34 -16.26
C PRO A 115 -10.85 0.68 -17.24
N GLU A 116 -10.18 1.80 -17.00
CA GLU A 116 -9.10 2.24 -17.86
C GLU A 116 -7.84 1.40 -17.62
N LEU A 117 -7.65 0.98 -16.37
CA LEU A 117 -6.49 0.16 -16.01
C LEU A 117 -6.64 -1.26 -16.55
N LEU A 118 -7.86 -1.77 -16.53
CA LEU A 118 -8.14 -3.12 -17.01
C LEU A 118 -8.08 -3.18 -18.54
N GLU A 119 -8.85 -2.30 -19.19
CA GLU A 119 -8.88 -2.26 -20.65
C GLU A 119 -7.46 -2.21 -21.21
N ALA A 120 -6.56 -1.56 -20.49
CA ALA A 120 -5.17 -1.44 -20.92
C ALA A 120 -4.37 -2.68 -20.56
N ALA A 121 -4.86 -3.43 -19.57
CA ALA A 121 -4.19 -4.65 -19.13
C ALA A 121 -4.58 -5.84 -20.00
N LYS A 122 -5.82 -5.83 -20.46
CA LYS A 122 -6.32 -6.92 -21.30
C LYS A 122 -5.70 -6.85 -22.69
N ILE A 123 -5.00 -5.76 -22.98
CA ILE A 123 -4.34 -5.59 -24.27
C ILE A 123 -3.34 -6.69 -24.53
N PRO A 124 -3.46 -7.34 -25.70
CA PRO A 124 -2.57 -8.43 -26.10
C PRO A 124 -1.16 -7.94 -26.41
N ASP A 125 -1.06 -6.84 -27.15
CA ASP A 125 0.23 -6.26 -27.51
C ASP A 125 1.05 -5.95 -26.26
N LYS A 126 2.11 -6.74 -26.05
CA LYS A 126 2.97 -6.55 -24.89
C LYS A 126 3.34 -5.09 -24.72
N THR A 127 3.92 -4.51 -25.78
CA THR A 127 4.33 -3.11 -25.75
C THR A 127 3.15 -2.20 -25.43
N GLU A 128 2.17 -2.16 -26.33
CA GLU A 128 0.98 -1.33 -26.15
C GLU A 128 0.48 -1.41 -24.70
N ARG A 129 0.20 -2.64 -24.26
CA ARG A 129 -0.29 -2.85 -22.90
C ARG A 129 0.41 -1.92 -21.92
N LEU A 130 1.73 -1.83 -22.03
CA LEU A 130 2.53 -0.98 -21.15
C LEU A 130 2.25 0.49 -21.43
N HIS A 131 2.50 0.91 -22.66
CA HIS A 131 2.29 2.29 -23.06
C HIS A 131 0.95 2.81 -22.55
N ALA A 132 -0.11 2.05 -22.82
CA ALA A 132 -1.45 2.43 -22.38
C ALA A 132 -1.46 2.78 -20.90
N LEU A 133 -0.82 1.94 -20.09
CA LEU A 133 -0.77 2.15 -18.65
C LEU A 133 0.10 3.36 -18.32
N LYS A 134 1.07 3.64 -19.19
CA LYS A 134 1.96 4.78 -18.99
C LYS A 134 1.25 6.09 -19.30
N GLU A 135 0.34 6.05 -20.26
CA GLU A 135 -0.42 7.24 -20.65
C GLU A 135 -1.62 7.45 -19.74
N ILE A 136 -2.16 6.36 -19.23
CA ILE A 136 -3.32 6.43 -18.33
C ILE A 136 -2.90 6.90 -16.95
N VAL A 137 -1.69 6.53 -16.54
CA VAL A 137 -1.17 6.90 -15.23
C VAL A 137 -0.74 8.37 -15.21
N LYS A 138 -0.91 9.04 -16.35
CA LYS A 138 -0.54 10.45 -16.46
C LYS A 138 -1.64 11.35 -15.91
N LYS A 139 -2.89 11.00 -16.21
CA LYS A 139 -4.03 11.76 -15.74
C LYS A 139 -4.43 11.35 -14.32
N PHE A 140 -3.48 10.77 -13.60
CA PHE A 140 -3.74 10.33 -12.23
C PHE A 140 -3.66 11.50 -11.25
N HIS A 141 -4.55 11.49 -10.27
CA HIS A 141 -4.57 12.55 -9.27
C HIS A 141 -3.16 12.97 -8.87
N PRO A 142 -2.97 14.28 -8.65
CA PRO A 142 -1.67 14.83 -8.27
C PRO A 142 -1.28 14.45 -6.84
N VAL A 143 -2.21 13.83 -6.12
CA VAL A 143 -1.95 13.39 -4.75
C VAL A 143 -1.61 11.91 -4.70
N ASN A 144 -2.42 11.09 -5.37
CA ASN A 144 -2.19 9.65 -5.38
C ASN A 144 -1.00 9.30 -6.28
N TYR A 145 -0.93 9.94 -7.44
CA TYR A 145 0.16 9.70 -8.38
C TYR A 145 1.52 9.74 -7.67
N ASP A 146 1.67 10.72 -6.78
CA ASP A 146 2.92 10.87 -6.04
C ASP A 146 3.20 9.64 -5.19
N VAL A 147 2.25 9.27 -4.33
CA VAL A 147 2.40 8.12 -3.47
C VAL A 147 2.49 6.83 -4.28
N PHE A 148 1.43 6.53 -5.02
CA PHE A 148 1.39 5.32 -5.85
C PHE A 148 2.75 5.08 -6.51
N ARG A 149 3.38 6.16 -6.97
CA ARG A 149 4.68 6.05 -7.62
C ARG A 149 5.77 5.68 -6.61
N TYR A 150 5.76 6.36 -5.47
CA TYR A 150 6.75 6.10 -4.43
C TYR A 150 6.63 4.67 -3.90
N VAL A 151 5.40 4.18 -3.82
CA VAL A 151 5.15 2.83 -3.33
C VAL A 151 5.77 1.79 -4.26
N ILE A 152 5.29 1.73 -5.49
CA ILE A 152 5.79 0.78 -6.47
C ILE A 152 7.33 0.81 -6.51
N THR A 153 7.88 2.01 -6.67
CA THR A 153 9.33 2.17 -6.73
C THR A 153 10.02 1.28 -5.70
N HIS A 154 9.39 1.12 -4.54
CA HIS A 154 9.95 0.30 -3.48
C HIS A 154 9.62 -1.18 -3.69
N LEU A 155 8.39 -1.44 -4.12
CA LEU A 155 7.94 -2.81 -4.37
C LEU A 155 8.89 -3.52 -5.33
N ASN A 156 9.27 -2.83 -6.39
CA ASN A 156 10.17 -3.40 -7.39
C ASN A 156 11.41 -3.99 -6.73
N ARG A 157 11.99 -3.24 -5.79
CA ARG A 157 13.18 -3.69 -5.09
C ARG A 157 12.95 -5.04 -4.43
N VAL A 158 11.75 -5.22 -3.87
CA VAL A 158 11.40 -6.46 -3.20
C VAL A 158 11.27 -7.61 -4.21
N SER A 159 10.71 -7.30 -5.38
CA SER A 159 10.52 -8.30 -6.42
C SER A 159 11.85 -8.81 -6.93
N GLN A 160 12.85 -7.92 -6.98
CA GLN A 160 14.18 -8.28 -7.45
C GLN A 160 14.73 -9.48 -6.66
N GLN A 161 14.44 -9.50 -5.37
CA GLN A 161 14.90 -10.58 -4.51
C GLN A 161 13.81 -11.61 -4.28
N HIS A 162 12.91 -11.74 -5.26
CA HIS A 162 11.80 -12.69 -5.17
C HIS A 162 12.32 -14.09 -4.89
N LYS A 163 13.52 -14.40 -5.40
CA LYS A 163 14.12 -15.71 -5.20
C LYS A 163 14.63 -15.87 -3.77
N ILE A 164 14.86 -14.74 -3.10
CA ILE A 164 15.34 -14.75 -1.73
C ILE A 164 14.18 -14.63 -0.73
N ASN A 165 13.41 -13.56 -0.87
CA ASN A 165 12.28 -13.32 0.02
C ASN A 165 11.01 -13.94 -0.56
N LEU A 166 11.18 -14.98 -1.37
CA LEU A 166 10.05 -15.67 -1.98
C LEU A 166 8.91 -14.70 -2.26
N MET A 167 9.26 -13.51 -2.75
CA MET A 167 8.26 -12.49 -3.07
C MET A 167 8.46 -11.96 -4.49
N THR A 168 7.59 -12.39 -5.40
CA THR A 168 7.67 -11.97 -6.79
C THR A 168 6.72 -10.80 -7.06
N ALA A 169 7.09 -9.96 -8.02
CA ALA A 169 6.27 -8.81 -8.38
C ALA A 169 4.79 -9.13 -8.28
N ASP A 170 4.44 -10.38 -8.59
CA ASP A 170 3.05 -10.83 -8.55
C ASP A 170 2.51 -10.76 -7.11
N ASN A 171 3.19 -11.47 -6.21
CA ASN A 171 2.77 -11.49 -4.81
C ASN A 171 2.59 -10.08 -4.27
N LEU A 172 3.64 -9.28 -4.35
CA LEU A 172 3.59 -7.90 -3.87
C LEU A 172 2.43 -7.15 -4.50
N SER A 173 2.04 -7.55 -5.70
CA SER A 173 0.93 -6.92 -6.41
C SER A 173 -0.41 -7.44 -5.91
N ILE A 174 -0.45 -8.74 -5.62
CA ILE A 174 -1.66 -9.37 -5.14
C ILE A 174 -1.94 -9.00 -3.68
N CYS A 175 -0.88 -8.65 -2.96
CA CYS A 175 -1.00 -8.27 -1.55
C CYS A 175 -1.59 -6.87 -1.42
N PHE A 176 -1.19 -5.97 -2.31
CA PHE A 176 -1.68 -4.59 -2.29
C PHE A 176 -2.95 -4.46 -3.14
N TRP A 177 -2.98 -5.15 -4.26
CA TRP A 177 -4.12 -5.11 -5.16
C TRP A 177 -5.42 -4.98 -4.36
N PRO A 178 -5.66 -5.92 -3.45
CA PRO A 178 -6.85 -5.93 -2.61
C PRO A 178 -7.14 -4.58 -1.97
N THR A 179 -6.13 -4.02 -1.30
CA THR A 179 -6.26 -2.73 -0.66
C THR A 179 -6.36 -1.61 -1.68
N LEU A 180 -5.31 -1.45 -2.47
CA LEU A 180 -5.27 -0.41 -3.50
C LEU A 180 -6.66 -0.17 -4.08
N MET A 181 -7.35 -1.26 -4.40
CA MET A 181 -8.70 -1.18 -4.96
C MET A 181 -9.57 -2.33 -4.47
N ARG A 182 -10.78 -2.00 -4.05
CA ARG A 182 -11.71 -3.02 -3.55
C ARG A 182 -11.66 -4.27 -4.41
N PRO A 183 -11.72 -5.44 -3.76
CA PRO A 183 -11.68 -6.73 -4.45
C PRO A 183 -12.96 -7.00 -5.25
N ASP A 184 -12.79 -7.43 -6.50
CA ASP A 184 -13.92 -7.72 -7.36
C ASP A 184 -13.49 -8.63 -8.53
N PHE A 185 -14.33 -9.60 -8.83
CA PHE A 185 -14.04 -10.54 -9.92
C PHE A 185 -15.02 -10.35 -11.08
N GLU A 186 -15.18 -9.11 -11.52
CA GLU A 186 -16.10 -8.80 -12.61
C GLU A 186 -15.34 -8.69 -13.93
N ASN A 187 -15.36 -9.77 -14.71
CA ASN A 187 -14.68 -9.81 -16.00
C ASN A 187 -15.15 -11.00 -16.83
N ARG A 188 -14.94 -10.91 -18.13
CA ARG A 188 -15.35 -11.98 -19.05
C ARG A 188 -14.16 -12.47 -19.87
N GLU A 189 -13.15 -11.61 -20.00
CA GLU A 189 -11.96 -11.95 -20.78
C GLU A 189 -11.01 -12.83 -19.96
N PHE A 190 -10.94 -14.10 -20.32
CA PHE A 190 -10.08 -15.05 -19.62
C PHE A 190 -9.05 -15.66 -20.57
N LEU A 191 -9.53 -16.23 -21.67
CA LEU A 191 -8.65 -16.84 -22.65
C LEU A 191 -7.44 -15.96 -22.93
N SER A 192 -7.70 -14.74 -23.40
CA SER A 192 -6.63 -13.80 -23.71
C SER A 192 -5.74 -13.57 -22.48
N THR A 193 -6.36 -13.14 -21.40
CA THR A 193 -5.63 -12.88 -20.16
C THR A 193 -6.42 -13.34 -18.94
N THR A 194 -5.71 -13.86 -17.95
CA THR A 194 -6.34 -14.34 -16.72
C THR A 194 -5.98 -13.47 -15.53
N LYS A 195 -6.90 -13.34 -14.59
CA LYS A 195 -6.69 -12.54 -13.40
C LYS A 195 -6.16 -11.15 -13.77
N ILE A 196 -6.79 -10.53 -14.76
CA ILE A 196 -6.38 -9.20 -15.21
C ILE A 196 -6.21 -8.25 -14.02
N HIS A 197 -7.28 -8.12 -13.22
CA HIS A 197 -7.25 -7.24 -12.06
C HIS A 197 -5.88 -7.25 -11.40
N GLN A 198 -5.34 -8.45 -11.18
CA GLN A 198 -4.03 -8.59 -10.56
C GLN A 198 -2.93 -8.08 -11.48
N SER A 199 -2.81 -8.69 -12.66
CA SER A 199 -1.80 -8.30 -13.63
C SER A 199 -1.70 -6.78 -13.73
N VAL A 200 -2.85 -6.12 -13.73
CA VAL A 200 -2.89 -4.66 -13.81
C VAL A 200 -1.74 -4.03 -13.04
N VAL A 201 -1.75 -4.20 -11.73
CA VAL A 201 -0.70 -3.65 -10.87
C VAL A 201 0.62 -4.37 -11.11
N GLU A 202 0.61 -5.68 -10.94
CA GLU A 202 1.82 -6.48 -11.14
C GLU A 202 2.69 -5.91 -12.24
N THR A 203 2.07 -5.62 -13.38
CA THR A 203 2.79 -5.06 -14.52
C THR A 203 3.53 -3.78 -14.13
N PHE A 204 2.76 -2.77 -13.74
CA PHE A 204 3.34 -1.48 -13.35
C PHE A 204 4.67 -1.68 -12.62
N ILE A 205 4.66 -2.55 -11.60
CA ILE A 205 5.86 -2.83 -10.83
C ILE A 205 6.95 -3.41 -11.72
N GLN A 206 6.65 -4.52 -12.37
CA GLN A 206 7.62 -5.18 -13.26
C GLN A 206 8.24 -4.17 -14.22
N GLN A 207 7.40 -3.42 -14.92
CA GLN A 207 7.87 -2.42 -15.87
C GLN A 207 7.80 -1.02 -15.28
N CYS A 208 7.94 -0.92 -13.97
CA CYS A 208 7.89 0.36 -13.27
C CYS A 208 9.04 1.25 -13.69
N GLN A 209 10.09 0.64 -14.25
CA GLN A 209 11.26 1.39 -14.70
C GLN A 209 11.09 1.87 -16.13
N PHE A 210 10.62 0.98 -16.99
CA PHE A 210 10.42 1.32 -18.40
C PHE A 210 9.62 2.62 -18.53
N PHE A 211 8.66 2.82 -17.64
CA PHE A 211 7.84 4.02 -17.65
C PHE A 211 8.71 5.27 -17.72
N PHE A 212 9.52 5.49 -16.69
CA PHE A 212 10.41 6.65 -16.64
C PHE A 212 11.85 6.26 -16.93
N TYR A 213 12.35 5.30 -16.16
CA TYR A 213 13.72 4.83 -16.33
C TYR A 213 13.95 4.29 -17.74
N ASN A 214 12.87 3.86 -18.37
CA ASN A 214 12.95 3.32 -19.73
C ASN A 214 13.92 2.14 -19.79
N GLY A 215 13.81 1.25 -18.82
CA GLY A 215 14.68 0.08 -18.79
C GLY A 215 14.18 -1.04 -19.67
N GLU A 216 14.91 -2.16 -19.67
CA GLU A 216 14.53 -3.31 -20.48
C GLU A 216 13.18 -3.86 -20.05
N ILE A 217 12.43 -4.40 -21.00
CA ILE A 217 11.11 -4.96 -20.72
C ILE A 217 11.24 -6.31 -20.01
N VAL A 218 10.36 -6.53 -19.03
CA VAL A 218 10.37 -7.78 -18.27
C VAL A 218 9.00 -8.46 -18.32
N GLU A 219 8.91 -9.64 -17.70
CA GLU A 219 7.66 -10.38 -17.67
C GLU A 219 7.61 -11.33 -16.48
N GLY A 1 -23.96 0.02 55.20
CA GLY A 1 -22.95 0.92 54.67
C GLY A 1 -23.55 2.02 53.82
N SER A 2 -22.77 3.07 53.58
CA SER A 2 -23.24 4.19 52.77
C SER A 2 -22.10 4.77 51.94
N SER A 3 -22.46 5.53 50.91
CA SER A 3 -21.45 6.15 50.04
C SER A 3 -22.12 7.13 49.07
N GLY A 4 -21.29 7.85 48.32
CA GLY A 4 -21.81 8.81 47.36
C GLY A 4 -20.76 9.27 46.38
N SER A 5 -21.19 9.95 45.33
CA SER A 5 -20.28 10.45 44.30
C SER A 5 -20.99 11.43 43.36
N SER A 6 -20.24 11.98 42.41
CA SER A 6 -20.79 12.93 41.46
C SER A 6 -20.00 12.93 40.16
N GLY A 7 -20.53 13.60 39.14
CA GLY A 7 -19.85 13.65 37.86
C GLY A 7 -20.82 13.50 36.70
N LYS A 8 -20.51 14.17 35.59
CA LYS A 8 -21.35 14.10 34.40
C LYS A 8 -20.61 14.67 33.19
N ASN A 9 -21.08 14.31 32.00
CA ASN A 9 -20.47 14.78 30.75
C ASN A 9 -21.43 14.61 29.58
N PHE A 10 -21.47 15.61 28.71
CA PHE A 10 -22.34 15.57 27.54
C PHE A 10 -21.63 14.92 26.35
N ASN A 11 -21.70 13.59 26.28
CA ASN A 11 -21.07 12.85 25.20
C ASN A 11 -21.76 11.51 24.98
N PRO A 12 -22.03 11.18 23.71
CA PRO A 12 -22.69 9.93 23.34
C PRO A 12 -21.80 8.71 23.56
N PRO A 13 -22.43 7.56 23.81
CA PRO A 13 -21.71 6.31 24.06
C PRO A 13 -21.04 5.77 22.80
N THR A 14 -19.93 5.06 22.99
CA THR A 14 -19.18 4.50 21.86
C THR A 14 -19.12 2.97 21.96
N ARG A 15 -18.78 2.33 20.85
CA ARG A 15 -18.68 0.88 20.81
C ARG A 15 -17.34 0.44 20.21
N ARG A 16 -16.54 1.41 19.81
CA ARG A 16 -15.23 1.13 19.23
C ARG A 16 -14.30 2.32 19.38
N ASN A 17 -13.19 2.13 20.09
CA ASN A 17 -12.22 3.18 20.31
C ASN A 17 -10.93 2.91 19.52
N TRP A 18 -11.08 2.25 18.38
CA TRP A 18 -9.93 1.94 17.54
C TRP A 18 -10.15 2.43 16.11
N GLU A 19 -10.67 3.65 15.99
CA GLU A 19 -10.93 4.24 14.68
C GLU A 19 -10.22 5.58 14.54
N SER A 20 -10.27 6.15 13.34
CA SER A 20 -9.63 7.43 13.07
C SER A 20 -10.57 8.35 12.29
N ASN A 21 -10.09 9.57 12.01
CA ASN A 21 -10.88 10.54 11.27
C ASN A 21 -10.41 10.65 9.83
N TYR A 22 -9.11 10.49 9.62
CA TYR A 22 -8.52 10.57 8.30
C TYR A 22 -9.23 9.62 7.33
N PHE A 23 -9.54 8.42 7.81
CA PHE A 23 -10.22 7.42 6.99
C PHE A 23 -11.48 8.00 6.36
N GLY A 24 -12.06 9.01 7.02
CA GLY A 24 -13.26 9.63 6.52
C GLY A 24 -12.97 10.73 5.51
N MET A 25 -11.93 11.51 5.76
CA MET A 25 -11.54 12.59 4.86
C MET A 25 -10.57 12.09 3.80
N PRO A 26 -10.55 12.78 2.65
CA PRO A 26 -9.67 12.44 1.53
C PRO A 26 -8.20 12.71 1.85
N LEU A 27 -7.30 12.05 1.11
CA LEU A 27 -5.87 12.22 1.31
C LEU A 27 -5.41 13.58 0.79
N GLN A 28 -5.82 13.91 -0.43
CA GLN A 28 -5.45 15.18 -1.05
C GLN A 28 -5.70 16.33 -0.09
N ASP A 29 -6.62 16.15 0.84
CA ASP A 29 -6.96 17.17 1.82
C ASP A 29 -5.92 17.20 2.94
N LEU A 30 -5.64 16.03 3.50
CA LEU A 30 -4.66 15.93 4.59
C LEU A 30 -3.28 16.38 4.13
N VAL A 31 -2.89 15.94 2.93
CA VAL A 31 -1.59 16.28 2.38
C VAL A 31 -1.69 17.50 1.45
N THR A 32 -0.58 18.20 1.28
CA THR A 32 -0.55 19.38 0.43
C THR A 32 0.16 19.08 -0.89
N ALA A 33 -0.06 19.94 -1.88
CA ALA A 33 0.56 19.77 -3.20
C ALA A 33 2.07 19.60 -3.08
N GLU A 34 2.67 20.35 -2.16
CA GLU A 34 4.11 20.28 -1.95
C GLU A 34 4.53 18.90 -1.45
N LYS A 35 3.77 18.38 -0.48
CA LYS A 35 4.06 17.06 0.08
C LYS A 35 2.82 16.18 0.07
N PRO A 36 2.53 15.56 -1.10
CA PRO A 36 1.38 14.69 -1.27
C PRO A 36 1.52 13.38 -0.50
N ILE A 37 2.76 12.91 -0.36
CA ILE A 37 3.03 11.67 0.36
C ILE A 37 3.09 11.91 1.86
N PRO A 38 2.31 11.11 2.61
CA PRO A 38 2.26 11.21 4.07
C PRO A 38 3.54 10.75 4.74
N LEU A 39 3.74 11.14 5.99
CA LEU A 39 4.93 10.76 6.73
C LEU A 39 4.88 9.30 7.15
N PHE A 40 3.81 8.92 7.86
CA PHE A 40 3.65 7.55 8.31
C PHE A 40 4.10 6.56 7.24
N VAL A 41 3.42 6.57 6.10
CA VAL A 41 3.76 5.68 5.00
C VAL A 41 5.26 5.64 4.76
N GLU A 42 5.83 6.81 4.48
CA GLU A 42 7.26 6.91 4.22
C GLU A 42 8.06 6.20 5.31
N LYS A 43 7.90 6.65 6.55
CA LYS A 43 8.59 6.06 7.68
C LYS A 43 8.58 4.54 7.60
N CYS A 44 7.44 3.98 7.18
CA CYS A 44 7.30 2.54 7.05
C CYS A 44 8.15 2.01 5.89
N VAL A 45 8.02 2.65 4.74
CA VAL A 45 8.77 2.24 3.56
C VAL A 45 10.27 2.29 3.82
N GLU A 46 10.73 3.37 4.44
CA GLU A 46 12.15 3.53 4.74
C GLU A 46 12.60 2.53 5.78
N PHE A 47 11.76 2.31 6.80
CA PHE A 47 12.07 1.37 7.87
C PHE A 47 12.44 0.00 7.29
N ILE A 48 11.49 -0.63 6.62
CA ILE A 48 11.71 -1.94 6.02
C ILE A 48 13.10 -2.04 5.41
N GLU A 49 13.45 -1.03 4.61
CA GLU A 49 14.76 -0.99 3.96
C GLU A 49 15.88 -0.94 4.99
N ASP A 50 15.69 -0.09 6.00
CA ASP A 50 16.69 0.06 7.05
C ASP A 50 16.92 -1.25 7.79
N THR A 51 15.83 -1.97 8.05
CA THR A 51 15.91 -3.24 8.76
C THR A 51 16.18 -4.39 7.78
N GLY A 52 16.86 -4.08 6.68
CA GLY A 52 17.19 -5.09 5.70
C GLY A 52 16.01 -5.43 4.82
N LEU A 53 16.27 -6.11 3.71
CA LEU A 53 15.22 -6.51 2.78
C LEU A 53 15.34 -7.98 2.40
N CYS A 54 15.65 -8.82 3.39
CA CYS A 54 15.80 -10.24 3.17
C CYS A 54 14.95 -11.04 4.16
N THR A 55 13.72 -10.59 4.38
CA THR A 55 12.82 -11.26 5.32
C THR A 55 11.90 -12.23 4.59
N GLU A 56 11.72 -13.41 5.17
CA GLU A 56 10.87 -14.44 4.58
C GLU A 56 9.41 -14.17 4.89
N GLY A 57 8.61 -13.94 3.86
CA GLY A 57 7.19 -13.68 4.05
C GLY A 57 6.94 -12.61 5.09
N LEU A 58 6.68 -11.39 4.62
CA LEU A 58 6.42 -10.27 5.52
C LEU A 58 5.09 -9.61 5.19
N TYR A 59 4.41 -10.12 4.16
CA TYR A 59 3.13 -9.58 3.75
C TYR A 59 2.05 -10.65 3.78
N ARG A 60 2.41 -11.86 3.39
CA ARG A 60 1.47 -12.98 3.37
C ARG A 60 1.40 -13.64 4.75
N VAL A 61 2.49 -13.57 5.50
CA VAL A 61 2.54 -14.18 6.83
C VAL A 61 2.10 -13.17 7.89
N SER A 62 1.23 -13.62 8.78
CA SER A 62 0.73 -12.77 9.86
C SER A 62 1.56 -12.93 11.12
N GLY A 63 1.47 -14.10 11.75
CA GLY A 63 2.21 -14.36 12.95
C GLY A 63 1.54 -13.78 14.19
N ASN A 64 2.07 -12.67 14.68
CA ASN A 64 1.52 -12.02 15.87
C ASN A 64 0.64 -10.84 15.48
N LYS A 65 1.13 -10.03 14.55
CA LYS A 65 0.39 -8.86 14.09
C LYS A 65 0.06 -7.93 15.25
N THR A 66 0.86 -8.00 16.31
CA THR A 66 0.66 -7.17 17.48
C THR A 66 1.43 -5.87 17.38
N ASP A 67 2.57 -5.91 16.70
CA ASP A 67 3.41 -4.73 16.52
C ASP A 67 2.66 -3.64 15.79
N GLN A 68 2.11 -3.97 14.64
CA GLN A 68 1.35 -3.02 13.83
C GLN A 68 0.33 -2.28 14.68
N ASP A 69 -0.33 -3.01 15.57
CA ASP A 69 -1.33 -2.42 16.45
C ASP A 69 -0.80 -1.16 17.13
N ASN A 70 0.18 -1.34 18.02
CA ASN A 70 0.78 -0.22 18.74
C ASN A 70 1.42 0.77 17.77
N ILE A 71 2.05 0.24 16.73
CA ILE A 71 2.70 1.09 15.72
C ILE A 71 1.80 2.26 15.33
N GLN A 72 0.53 1.98 15.13
CA GLN A 72 -0.43 3.01 14.74
C GLN A 72 -0.83 3.85 15.96
N LYS A 73 -1.14 3.17 17.06
CA LYS A 73 -1.55 3.86 18.27
C LYS A 73 -0.47 4.84 18.73
N GLN A 74 0.69 4.32 19.07
CA GLN A 74 1.80 5.15 19.52
C GLN A 74 1.93 6.40 18.65
N PHE A 75 1.84 6.21 17.34
CA PHE A 75 1.94 7.32 16.40
C PHE A 75 0.83 8.35 16.63
N ASP A 76 -0.37 7.86 16.87
CA ASP A 76 -1.51 8.72 17.12
C ASP A 76 -1.31 9.55 18.38
N GLN A 77 -0.87 8.89 19.45
CA GLN A 77 -0.63 9.56 20.72
C GLN A 77 0.44 10.64 20.58
N ASP A 78 1.44 10.36 19.75
CA ASP A 78 2.53 11.30 19.52
C ASP A 78 3.23 11.02 18.20
N HIS A 79 3.85 12.05 17.62
CA HIS A 79 4.56 11.90 16.36
C HIS A 79 6.07 11.81 16.58
N ASN A 80 6.51 12.29 17.74
CA ASN A 80 7.93 12.26 18.08
C ASN A 80 8.34 10.89 18.57
N ILE A 81 8.08 9.86 17.77
CA ILE A 81 8.42 8.50 18.13
C ILE A 81 9.39 7.89 17.12
N ASN A 82 9.76 6.64 17.34
CA ASN A 82 10.69 5.94 16.46
C ASN A 82 10.32 4.46 16.33
N LEU A 83 10.53 3.91 15.14
CA LEU A 83 10.23 2.50 14.89
C LEU A 83 11.42 1.62 15.23
N VAL A 84 12.61 2.06 14.82
CA VAL A 84 13.83 1.31 15.08
C VAL A 84 13.93 0.89 16.55
N SER A 85 13.79 1.88 17.45
CA SER A 85 13.86 1.61 18.88
C SER A 85 12.94 0.46 19.26
N MET A 86 11.71 0.51 18.77
CA MET A 86 10.73 -0.54 19.07
C MET A 86 11.29 -1.92 18.75
N GLU A 87 12.21 -1.97 17.78
CA GLU A 87 12.82 -3.23 17.39
C GLU A 87 11.75 -4.28 17.05
N VAL A 88 10.71 -3.84 16.35
CA VAL A 88 9.62 -4.73 15.96
C VAL A 88 10.00 -5.56 14.74
N THR A 89 9.25 -6.62 14.49
CA THR A 89 9.50 -7.49 13.35
C THR A 89 9.15 -6.80 12.04
N VAL A 90 9.88 -7.16 10.98
CA VAL A 90 9.63 -6.58 9.66
C VAL A 90 8.21 -6.85 9.19
N ASN A 91 7.83 -8.12 9.17
CA ASN A 91 6.49 -8.51 8.75
C ASN A 91 5.44 -7.53 9.27
N ALA A 92 5.62 -7.08 10.50
CA ALA A 92 4.69 -6.14 11.12
C ALA A 92 4.66 -4.82 10.34
N VAL A 93 5.79 -4.12 10.32
CA VAL A 93 5.88 -2.85 9.62
C VAL A 93 5.25 -2.94 8.23
N ALA A 94 5.65 -3.94 7.47
CA ALA A 94 5.12 -4.14 6.13
C ALA A 94 3.60 -3.95 6.10
N GLY A 95 2.91 -4.65 7.00
CA GLY A 95 1.46 -4.54 7.06
C GLY A 95 1.00 -3.15 7.46
N ALA A 96 1.61 -2.61 8.52
CA ALA A 96 1.26 -1.28 9.00
C ALA A 96 1.16 -0.28 7.86
N LEU A 97 2.18 -0.27 7.00
CA LEU A 97 2.20 0.64 5.86
C LEU A 97 0.88 0.59 5.10
N LYS A 98 0.44 -0.61 4.77
CA LYS A 98 -0.81 -0.80 4.04
C LYS A 98 -2.00 -0.35 4.88
N ALA A 99 -2.02 -0.79 6.13
CA ALA A 99 -3.11 -0.42 7.04
C ALA A 99 -3.59 1.01 6.79
N PHE A 100 -2.63 1.92 6.68
CA PHE A 100 -2.96 3.33 6.45
C PHE A 100 -3.74 3.49 5.15
N PHE A 101 -3.21 2.95 4.06
CA PHE A 101 -3.86 3.05 2.76
C PHE A 101 -5.30 2.53 2.84
N ALA A 102 -5.46 1.34 3.41
CA ALA A 102 -6.79 0.73 3.54
C ALA A 102 -7.75 1.69 4.23
N ASP A 103 -7.28 2.36 5.27
CA ASP A 103 -8.11 3.30 6.00
C ASP A 103 -8.75 4.32 5.07
N LEU A 104 -7.96 4.81 4.11
CA LEU A 104 -8.45 5.79 3.15
C LEU A 104 -9.89 5.51 2.77
N PRO A 105 -10.69 6.58 2.62
CA PRO A 105 -12.10 6.48 2.25
C PRO A 105 -12.30 6.01 0.81
N ASP A 106 -11.24 6.14 0.00
CA ASP A 106 -11.31 5.72 -1.39
C ASP A 106 -9.97 5.13 -1.83
N PRO A 107 -10.03 4.24 -2.83
CA PRO A 107 -8.83 3.58 -3.37
C PRO A 107 -7.94 4.54 -4.16
N LEU A 108 -6.64 4.47 -3.90
CA LEU A 108 -5.68 5.34 -4.58
C LEU A 108 -6.13 5.61 -6.01
N ILE A 109 -6.40 4.55 -6.76
CA ILE A 109 -6.84 4.69 -8.14
C ILE A 109 -8.28 5.18 -8.22
N PRO A 110 -8.51 6.26 -8.98
CA PRO A 110 -9.83 6.86 -9.16
C PRO A 110 -10.76 5.97 -9.98
N TYR A 111 -12.04 5.96 -9.62
CA TYR A 111 -13.02 5.15 -10.33
C TYR A 111 -13.10 5.54 -11.80
N SER A 112 -12.87 6.83 -12.08
CA SER A 112 -12.91 7.33 -13.44
C SER A 112 -11.90 6.61 -14.32
N LEU A 113 -10.87 6.06 -13.70
CA LEU A 113 -9.83 5.34 -14.43
C LEU A 113 -9.77 3.88 -14.00
N HIS A 114 -10.92 3.34 -13.60
CA HIS A 114 -11.00 1.95 -13.16
C HIS A 114 -10.95 1.00 -14.35
N PRO A 115 -11.95 1.11 -15.24
CA PRO A 115 -12.03 0.28 -16.44
C PRO A 115 -10.94 0.61 -17.46
N GLU A 116 -10.22 1.70 -17.22
CA GLU A 116 -9.16 2.12 -18.12
C GLU A 116 -7.88 1.34 -17.87
N LEU A 117 -7.69 0.92 -16.62
CA LEU A 117 -6.51 0.16 -16.24
C LEU A 117 -6.60 -1.28 -16.75
N LEU A 118 -7.81 -1.84 -16.69
CA LEU A 118 -8.03 -3.20 -17.15
C LEU A 118 -8.04 -3.28 -18.67
N GLU A 119 -8.97 -2.55 -19.28
CA GLU A 119 -9.09 -2.52 -20.73
C GLU A 119 -7.72 -2.50 -21.40
N ALA A 120 -6.76 -1.83 -20.74
CA ALA A 120 -5.41 -1.74 -21.27
C ALA A 120 -4.58 -2.96 -20.87
N ALA A 121 -4.85 -3.51 -19.69
CA ALA A 121 -4.13 -4.68 -19.20
C ALA A 121 -4.46 -5.90 -20.05
N LYS A 122 -5.64 -5.90 -20.65
CA LYS A 122 -6.07 -7.02 -21.49
C LYS A 122 -5.58 -6.84 -22.92
N ILE A 123 -4.48 -6.13 -23.08
CA ILE A 123 -3.90 -5.90 -24.40
C ILE A 123 -2.80 -6.91 -24.72
N PRO A 124 -2.88 -7.52 -25.91
CA PRO A 124 -1.90 -8.51 -26.34
C PRO A 124 -0.54 -7.88 -26.65
N ASP A 125 -0.55 -6.78 -27.39
CA ASP A 125 0.68 -6.09 -27.74
C ASP A 125 1.42 -5.62 -26.50
N LYS A 126 2.33 -6.47 -26.00
CA LYS A 126 3.12 -6.15 -24.82
C LYS A 126 3.43 -4.66 -24.76
N THR A 127 4.06 -4.15 -25.81
CA THR A 127 4.41 -2.73 -25.87
C THR A 127 3.20 -1.85 -25.62
N GLU A 128 2.18 -2.01 -26.45
CA GLU A 128 0.95 -1.22 -26.31
C GLU A 128 0.45 -1.25 -24.87
N ARG A 129 0.19 -2.45 -24.37
CA ARG A 129 -0.31 -2.61 -23.01
C ARG A 129 0.40 -1.65 -22.06
N LEU A 130 1.72 -1.73 -22.02
CA LEU A 130 2.51 -0.85 -21.15
C LEU A 130 2.20 0.62 -21.42
N HIS A 131 2.38 1.02 -22.68
CA HIS A 131 2.12 2.40 -23.07
C HIS A 131 0.77 2.87 -22.57
N ALA A 132 -0.22 1.97 -22.62
CA ALA A 132 -1.56 2.29 -22.17
C ALA A 132 -1.58 2.62 -20.67
N LEU A 133 -0.80 1.86 -19.90
CA LEU A 133 -0.73 2.07 -18.46
C LEU A 133 0.13 3.27 -18.12
N LYS A 134 1.04 3.61 -19.04
CA LYS A 134 1.93 4.75 -18.84
C LYS A 134 1.25 6.06 -19.21
N GLU A 135 0.22 5.96 -20.06
CA GLU A 135 -0.52 7.13 -20.49
C GLU A 135 -1.70 7.40 -19.56
N ILE A 136 -2.29 6.34 -19.04
CA ILE A 136 -3.43 6.46 -18.13
C ILE A 136 -2.98 6.92 -16.75
N VAL A 137 -1.73 6.63 -16.41
CA VAL A 137 -1.18 7.03 -15.11
C VAL A 137 -0.79 8.50 -15.11
N LYS A 138 -0.79 9.11 -16.29
CA LYS A 138 -0.44 10.52 -16.42
C LYS A 138 -1.58 11.41 -15.92
N LYS A 139 -2.81 11.03 -16.26
CA LYS A 139 -3.98 11.79 -15.85
C LYS A 139 -4.38 11.45 -14.42
N PHE A 140 -3.44 10.88 -13.67
CA PHE A 140 -3.70 10.49 -12.29
C PHE A 140 -3.59 11.70 -11.36
N HIS A 141 -4.52 11.80 -10.40
CA HIS A 141 -4.53 12.90 -9.46
C HIS A 141 -3.10 13.28 -9.05
N PRO A 142 -2.87 14.58 -8.87
CA PRO A 142 -1.55 15.10 -8.47
C PRO A 142 -1.19 14.74 -7.04
N VAL A 143 -2.15 14.17 -6.32
CA VAL A 143 -1.93 13.78 -4.93
C VAL A 143 -1.66 12.28 -4.82
N ASN A 144 -2.36 11.49 -5.62
CA ASN A 144 -2.18 10.04 -5.62
C ASN A 144 -0.97 9.65 -6.45
N TYR A 145 -0.85 10.21 -7.64
CA TYR A 145 0.26 9.92 -8.53
C TYR A 145 1.58 9.84 -7.75
N ASP A 146 1.88 10.90 -7.02
CA ASP A 146 3.10 10.96 -6.22
C ASP A 146 3.27 9.68 -5.40
N VAL A 147 2.38 9.47 -4.45
CA VAL A 147 2.44 8.30 -3.59
C VAL A 147 2.57 7.02 -4.42
N PHE A 148 1.84 6.96 -5.53
CA PHE A 148 1.87 5.80 -6.41
C PHE A 148 3.32 5.43 -6.76
N ARG A 149 4.10 6.43 -7.17
CA ARG A 149 5.49 6.21 -7.54
C ARG A 149 6.27 5.61 -6.37
N TYR A 150 6.28 6.31 -5.24
CA TYR A 150 6.99 5.84 -4.06
C TYR A 150 6.57 4.41 -3.70
N VAL A 151 5.27 4.16 -3.73
CA VAL A 151 4.74 2.84 -3.41
C VAL A 151 5.34 1.77 -4.31
N ILE A 152 5.04 1.84 -5.59
CA ILE A 152 5.56 0.88 -6.56
C ILE A 152 7.08 0.80 -6.49
N THR A 153 7.73 1.95 -6.67
CA THR A 153 9.19 2.01 -6.62
C THR A 153 9.74 1.14 -5.50
N HIS A 154 9.01 1.07 -4.39
CA HIS A 154 9.44 0.26 -3.26
C HIS A 154 9.18 -1.21 -3.51
N LEU A 155 8.02 -1.52 -4.07
CA LEU A 155 7.65 -2.90 -4.36
C LEU A 155 8.64 -3.53 -5.34
N ASN A 156 8.87 -2.85 -6.45
CA ASN A 156 9.80 -3.35 -7.47
C ASN A 156 11.09 -3.86 -6.83
N ARG A 157 11.62 -3.10 -5.87
CA ARG A 157 12.84 -3.47 -5.18
C ARG A 157 12.69 -4.85 -4.53
N VAL A 158 11.62 -5.03 -3.77
CA VAL A 158 11.36 -6.29 -3.09
C VAL A 158 11.41 -7.47 -4.08
N SER A 159 10.69 -7.33 -5.18
CA SER A 159 10.64 -8.37 -6.19
C SER A 159 12.05 -8.79 -6.62
N GLN A 160 12.98 -7.85 -6.52
CA GLN A 160 14.37 -8.12 -6.88
C GLN A 160 14.85 -9.43 -6.28
N GLN A 161 14.77 -9.53 -4.95
CA GLN A 161 15.20 -10.73 -4.25
C GLN A 161 13.99 -11.60 -3.87
N HIS A 162 13.05 -11.72 -4.80
CA HIS A 162 11.85 -12.52 -4.58
C HIS A 162 12.22 -13.97 -4.24
N LYS A 163 13.42 -14.37 -4.63
CA LYS A 163 13.89 -15.73 -4.37
C LYS A 163 14.19 -15.93 -2.89
N ILE A 164 14.66 -14.87 -2.23
CA ILE A 164 14.98 -14.93 -0.81
C ILE A 164 13.73 -14.72 0.04
N ASN A 165 13.08 -13.58 -0.14
CA ASN A 165 11.87 -13.26 0.61
C ASN A 165 10.66 -13.97 0.01
N LEU A 166 10.91 -14.93 -0.87
CA LEU A 166 9.85 -15.68 -1.52
C LEU A 166 8.66 -14.77 -1.83
N MET A 167 8.92 -13.68 -2.54
CA MET A 167 7.88 -12.74 -2.92
C MET A 167 8.20 -12.08 -4.25
N THR A 168 7.45 -12.46 -5.29
CA THR A 168 7.64 -11.90 -6.62
C THR A 168 6.76 -10.69 -6.85
N ALA A 169 7.04 -9.94 -7.91
CA ALA A 169 6.26 -8.76 -8.24
C ALA A 169 4.78 -9.08 -8.33
N ASP A 170 4.47 -10.28 -8.80
CA ASP A 170 3.08 -10.72 -8.92
C ASP A 170 2.46 -10.95 -7.55
N ASN A 171 3.16 -11.69 -6.71
CA ASN A 171 2.67 -11.98 -5.36
C ASN A 171 2.34 -10.70 -4.60
N LEU A 172 3.15 -9.66 -4.84
CA LEU A 172 2.94 -8.38 -4.17
C LEU A 172 1.68 -7.70 -4.70
N SER A 173 1.53 -7.67 -6.01
CA SER A 173 0.36 -7.04 -6.64
C SER A 173 -0.94 -7.61 -6.05
N ILE A 174 -0.94 -8.92 -5.82
CA ILE A 174 -2.11 -9.58 -5.27
C ILE A 174 -2.22 -9.36 -3.76
N CYS A 175 -1.07 -9.28 -3.10
CA CYS A 175 -1.04 -9.07 -1.66
C CYS A 175 -1.48 -7.65 -1.31
N PHE A 176 -1.30 -6.73 -2.25
CA PHE A 176 -1.68 -5.33 -2.05
C PHE A 176 -3.05 -5.05 -2.65
N TRP A 177 -3.51 -5.94 -3.52
CA TRP A 177 -4.81 -5.78 -4.16
C TRP A 177 -5.88 -5.41 -3.15
N PRO A 178 -5.91 -6.16 -2.03
CA PRO A 178 -6.88 -5.93 -0.96
C PRO A 178 -6.98 -4.45 -0.57
N THR A 179 -5.83 -3.82 -0.35
CA THR A 179 -5.79 -2.41 0.03
C THR A 179 -5.87 -1.51 -1.20
N LEU A 180 -4.85 -1.60 -2.05
CA LEU A 180 -4.80 -0.79 -3.26
C LEU A 180 -6.20 -0.59 -3.85
N MET A 181 -6.82 -1.69 -4.26
CA MET A 181 -8.16 -1.64 -4.83
C MET A 181 -9.18 -2.28 -3.90
N ARG A 182 -10.14 -1.49 -3.42
CA ARG A 182 -11.16 -2.00 -2.52
C ARG A 182 -11.67 -3.35 -2.97
N PRO A 183 -11.75 -4.30 -2.03
CA PRO A 183 -12.22 -5.66 -2.31
C PRO A 183 -13.71 -5.71 -2.61
N ASP A 184 -14.06 -6.18 -3.81
CA ASP A 184 -15.45 -6.29 -4.23
C ASP A 184 -16.02 -7.66 -3.89
N PHE A 185 -17.19 -7.66 -3.26
CA PHE A 185 -17.85 -8.91 -2.88
C PHE A 185 -18.54 -9.55 -4.08
N GLU A 186 -19.37 -8.76 -4.76
CA GLU A 186 -20.09 -9.25 -5.93
C GLU A 186 -19.12 -9.68 -7.03
N ASN A 187 -18.79 -10.97 -7.04
CA ASN A 187 -17.88 -11.51 -8.04
C ASN A 187 -18.56 -12.57 -8.90
N ARG A 188 -18.12 -12.69 -10.14
CA ARG A 188 -18.70 -13.67 -11.07
C ARG A 188 -17.70 -14.05 -12.16
N GLU A 189 -17.74 -15.30 -12.58
CA GLU A 189 -16.83 -15.79 -13.62
C GLU A 189 -17.46 -16.96 -14.38
N PHE A 190 -16.84 -17.33 -15.49
CA PHE A 190 -17.32 -18.44 -16.30
C PHE A 190 -16.26 -18.89 -17.30
N LEU A 191 -15.84 -20.14 -17.18
CA LEU A 191 -14.83 -20.70 -18.06
C LEU A 191 -13.74 -19.67 -18.37
N SER A 192 -13.32 -18.93 -17.35
CA SER A 192 -12.30 -17.91 -17.51
C SER A 192 -11.50 -17.73 -16.22
N THR A 193 -10.26 -17.28 -16.36
CA THR A 193 -9.39 -17.07 -15.21
C THR A 193 -9.53 -15.65 -14.68
N THR A 194 -9.97 -14.75 -15.53
CA THR A 194 -10.15 -13.34 -15.14
C THR A 194 -8.97 -12.86 -14.31
N LYS A 195 -7.77 -13.22 -14.75
CA LYS A 195 -6.55 -12.81 -14.04
C LYS A 195 -5.98 -11.53 -14.64
N ILE A 196 -6.88 -10.60 -14.98
CA ILE A 196 -6.46 -9.33 -15.56
C ILE A 196 -6.15 -8.31 -14.47
N HIS A 197 -7.12 -8.06 -13.60
CA HIS A 197 -6.95 -7.11 -12.50
C HIS A 197 -5.58 -7.27 -11.86
N GLN A 198 -5.32 -8.46 -11.31
CA GLN A 198 -4.06 -8.75 -10.66
C GLN A 198 -2.89 -8.33 -11.54
N SER A 199 -2.98 -8.67 -12.83
CA SER A 199 -1.92 -8.34 -13.77
C SER A 199 -1.72 -6.83 -13.87
N VAL A 200 -2.82 -6.10 -13.90
CA VAL A 200 -2.78 -4.64 -13.99
C VAL A 200 -1.64 -4.08 -13.15
N VAL A 201 -1.78 -4.18 -11.82
CA VAL A 201 -0.75 -3.69 -10.90
C VAL A 201 0.56 -4.43 -11.10
N GLU A 202 0.51 -5.75 -11.00
CA GLU A 202 1.71 -6.58 -11.15
C GLU A 202 2.60 -6.02 -12.26
N THR A 203 1.98 -5.57 -13.35
CA THR A 203 2.72 -5.02 -14.48
C THR A 203 3.46 -3.75 -14.08
N PHE A 204 2.70 -2.74 -13.67
CA PHE A 204 3.27 -1.46 -13.26
C PHE A 204 4.64 -1.67 -12.59
N ILE A 205 4.66 -2.52 -11.57
CA ILE A 205 5.90 -2.80 -10.85
C ILE A 205 6.94 -3.44 -11.76
N GLN A 206 6.57 -4.55 -12.39
CA GLN A 206 7.47 -5.26 -13.30
C GLN A 206 8.14 -4.28 -14.25
N GLN A 207 7.33 -3.43 -14.89
CA GLN A 207 7.86 -2.45 -15.83
C GLN A 207 7.76 -1.03 -15.26
N CYS A 208 7.93 -0.92 -13.96
CA CYS A 208 7.86 0.37 -13.29
C CYS A 208 9.00 1.28 -13.73
N GLN A 209 10.05 0.68 -14.28
CA GLN A 209 11.21 1.43 -14.75
C GLN A 209 10.99 1.94 -16.17
N PHE A 210 10.67 1.03 -17.08
CA PHE A 210 10.44 1.39 -18.48
C PHE A 210 9.63 2.69 -18.57
N PHE A 211 8.67 2.84 -17.68
CA PHE A 211 7.83 4.05 -17.66
C PHE A 211 8.68 5.31 -17.77
N PHE A 212 9.52 5.52 -16.76
CA PHE A 212 10.39 6.70 -16.74
C PHE A 212 11.83 6.31 -17.02
N TYR A 213 12.35 5.35 -16.26
CA TYR A 213 13.72 4.90 -16.42
C TYR A 213 13.95 4.37 -17.83
N ASN A 214 12.87 3.93 -18.48
CA ASN A 214 12.96 3.38 -19.83
C ASN A 214 13.91 2.19 -19.89
N GLY A 215 13.82 1.32 -18.90
CA GLY A 215 14.67 0.15 -18.85
C GLY A 215 14.10 -1.02 -19.63
N GLU A 216 14.98 -1.79 -20.27
CA GLU A 216 14.54 -2.95 -21.05
C GLU A 216 13.35 -3.62 -20.39
N ILE A 217 12.49 -4.23 -21.22
CA ILE A 217 11.31 -4.92 -20.73
C ILE A 217 11.68 -6.25 -20.07
N VAL A 218 11.11 -6.49 -18.90
CA VAL A 218 11.38 -7.73 -18.17
C VAL A 218 10.20 -8.70 -18.28
N GLU A 219 10.38 -9.91 -17.77
CA GLU A 219 9.34 -10.93 -17.81
C GLU A 219 9.31 -11.73 -16.51
N GLY A 1 32.62 19.95 53.69
CA GLY A 1 31.28 19.43 53.54
C GLY A 1 30.97 19.03 52.11
N SER A 2 29.93 18.22 51.94
CA SER A 2 29.54 17.76 50.61
C SER A 2 28.16 17.10 50.64
N SER A 3 27.42 17.23 49.55
CA SER A 3 26.09 16.65 49.46
C SER A 3 25.77 16.23 48.02
N GLY A 4 24.58 15.68 47.82
CA GLY A 4 24.18 15.24 46.50
C GLY A 4 22.71 15.54 46.22
N SER A 5 22.12 14.76 45.32
CA SER A 5 20.73 14.94 44.96
C SER A 5 20.22 13.77 44.12
N SER A 6 18.93 13.79 43.80
CA SER A 6 18.32 12.72 43.01
C SER A 6 17.02 13.20 42.36
N GLY A 7 16.40 12.32 41.58
CA GLY A 7 15.16 12.67 40.92
C GLY A 7 14.24 11.48 40.75
N LYS A 8 13.01 11.74 40.33
CA LYS A 8 12.03 10.68 40.12
C LYS A 8 10.86 11.17 39.27
N ASN A 9 10.42 10.33 38.34
CA ASN A 9 9.31 10.69 37.46
C ASN A 9 8.16 9.69 37.62
N PHE A 10 6.93 10.21 37.56
CA PHE A 10 5.75 9.37 37.70
C PHE A 10 4.49 10.14 37.31
N ASN A 11 3.82 9.68 36.26
CA ASN A 11 2.61 10.33 35.77
C ASN A 11 1.41 9.39 35.90
N PRO A 12 0.25 9.97 36.23
CA PRO A 12 -1.00 9.21 36.39
C PRO A 12 -1.53 8.67 35.06
N PRO A 13 -2.41 7.67 35.14
CA PRO A 13 -3.01 7.05 33.95
C PRO A 13 -3.99 8.00 33.25
N THR A 14 -4.16 7.79 31.94
CA THR A 14 -5.07 8.62 31.16
C THR A 14 -6.05 7.76 30.37
N ARG A 15 -7.21 8.34 30.05
CA ARG A 15 -8.24 7.62 29.31
C ARG A 15 -7.87 7.51 27.83
N ARG A 16 -8.74 6.88 27.06
CA ARG A 16 -8.50 6.71 25.63
C ARG A 16 -8.39 8.05 24.92
N ASN A 17 -7.17 8.39 24.49
CA ASN A 17 -6.94 9.66 23.80
C ASN A 17 -6.75 9.43 22.30
N TRP A 18 -7.42 8.42 21.78
CA TRP A 18 -7.34 8.09 20.36
C TRP A 18 -8.37 8.87 19.55
N GLU A 19 -8.42 10.18 19.78
CA GLU A 19 -9.36 11.04 19.08
C GLU A 19 -8.64 12.00 18.15
N SER A 20 -8.73 11.75 16.85
CA SER A 20 -8.08 12.59 15.85
C SER A 20 -9.11 13.20 14.90
N ASN A 21 -8.63 14.06 14.01
CA ASN A 21 -9.51 14.72 13.04
C ASN A 21 -8.93 14.64 11.64
N TYR A 22 -8.24 13.53 11.35
CA TYR A 22 -7.64 13.32 10.04
C TYR A 22 -8.44 12.32 9.23
N PHE A 23 -8.92 11.28 9.89
CA PHE A 23 -9.71 10.24 9.23
C PHE A 23 -10.87 10.85 8.45
N GLY A 24 -11.52 11.86 9.05
CA GLY A 24 -12.63 12.51 8.39
C GLY A 24 -12.21 13.29 7.17
N MET A 25 -11.09 13.99 7.27
CA MET A 25 -10.57 14.79 6.18
C MET A 25 -9.84 13.92 5.17
N PRO A 26 -9.94 14.29 3.87
CA PRO A 26 -9.29 13.55 2.79
C PRO A 26 -7.77 13.69 2.82
N LEU A 27 -7.08 12.71 2.27
CA LEU A 27 -5.62 12.72 2.22
C LEU A 27 -5.10 14.06 1.74
N GLN A 28 -5.69 14.56 0.65
CA GLN A 28 -5.30 15.84 0.08
C GLN A 28 -5.33 16.94 1.14
N ASP A 29 -6.21 16.79 2.11
CA ASP A 29 -6.34 17.77 3.18
C ASP A 29 -5.27 17.56 4.24
N LEU A 30 -5.07 16.31 4.65
CA LEU A 30 -4.07 15.98 5.64
C LEU A 30 -2.68 16.39 5.19
N VAL A 31 -2.37 16.10 3.93
CA VAL A 31 -1.06 16.44 3.37
C VAL A 31 -1.09 17.83 2.74
N THR A 32 0.09 18.32 2.36
CA THR A 32 0.20 19.63 1.74
C THR A 32 0.78 19.54 0.34
N ALA A 33 0.50 20.53 -0.50
CA ALA A 33 0.98 20.56 -1.86
C ALA A 33 2.47 20.23 -1.92
N GLU A 34 3.24 20.85 -1.04
CA GLU A 34 4.68 20.61 -0.99
C GLU A 34 4.99 19.14 -0.72
N LYS A 35 4.29 18.57 0.26
CA LYS A 35 4.49 17.17 0.61
C LYS A 35 3.16 16.41 0.59
N PRO A 36 2.78 15.90 -0.58
CA PRO A 36 1.53 15.15 -0.77
C PRO A 36 1.58 13.79 -0.09
N ILE A 37 2.78 13.21 0.00
CA ILE A 37 2.95 11.91 0.62
C ILE A 37 3.09 12.05 2.14
N PRO A 38 2.37 11.18 2.87
CA PRO A 38 2.40 11.19 4.34
C PRO A 38 3.73 10.69 4.90
N LEU A 39 4.13 11.25 6.04
CA LEU A 39 5.39 10.87 6.67
C LEU A 39 5.33 9.43 7.18
N PHE A 40 4.19 9.05 7.75
CA PHE A 40 4.02 7.71 8.27
C PHE A 40 4.39 6.67 7.22
N VAL A 41 3.67 6.68 6.10
CA VAL A 41 3.92 5.74 5.03
C VAL A 41 5.41 5.69 4.67
N GLU A 42 5.94 6.81 4.20
CA GLU A 42 7.35 6.88 3.82
C GLU A 42 8.22 6.14 4.83
N LYS A 43 8.09 6.52 6.10
CA LYS A 43 8.86 5.89 7.17
C LYS A 43 8.64 4.39 7.18
N CYS A 44 7.40 3.98 6.99
CA CYS A 44 7.06 2.55 6.98
C CYS A 44 7.80 1.82 5.85
N VAL A 45 7.89 2.47 4.69
CA VAL A 45 8.56 1.87 3.55
C VAL A 45 10.07 1.85 3.76
N GLU A 46 10.64 3.01 4.05
CA GLU A 46 12.08 3.11 4.27
C GLU A 46 12.55 2.07 5.28
N PHE A 47 11.70 1.75 6.25
CA PHE A 47 12.03 0.77 7.27
C PHE A 47 12.29 -0.60 6.65
N ILE A 48 11.28 -1.16 6.00
CA ILE A 48 11.41 -2.46 5.35
C ILE A 48 12.69 -2.54 4.52
N GLU A 49 12.96 -1.47 3.78
CA GLU A 49 14.15 -1.42 2.94
C GLU A 49 15.41 -1.20 3.78
N ASP A 50 15.24 -0.57 4.94
CA ASP A 50 16.35 -0.31 5.84
C ASP A 50 16.89 -1.61 6.43
N THR A 51 16.06 -2.64 6.44
CA THR A 51 16.45 -3.94 6.99
C THR A 51 16.58 -4.98 5.89
N GLY A 52 16.56 -4.51 4.64
CA GLY A 52 16.68 -5.42 3.51
C GLY A 52 15.43 -6.26 3.31
N LEU A 53 15.32 -6.86 2.14
CA LEU A 53 14.16 -7.69 1.81
C LEU A 53 14.54 -9.17 1.79
N CYS A 54 14.71 -9.74 2.98
CA CYS A 54 15.08 -11.16 3.11
C CYS A 54 14.08 -11.89 3.99
N THR A 55 13.42 -11.16 4.88
CA THR A 55 12.44 -11.74 5.79
C THR A 55 11.42 -12.58 5.03
N GLU A 56 11.39 -13.88 5.32
CA GLU A 56 10.46 -14.79 4.66
C GLU A 56 9.03 -14.28 4.79
N GLY A 57 8.41 -13.98 3.64
CA GLY A 57 7.05 -13.49 3.64
C GLY A 57 6.79 -12.47 4.74
N LEU A 58 6.93 -11.19 4.41
CA LEU A 58 6.71 -10.13 5.38
C LEU A 58 5.35 -9.48 5.17
N TYR A 59 4.92 -9.40 3.92
CA TYR A 59 3.63 -8.80 3.59
C TYR A 59 2.50 -9.81 3.78
N ARG A 60 2.53 -10.87 2.98
CA ARG A 60 1.51 -11.91 3.06
C ARG A 60 1.37 -12.43 4.48
N VAL A 61 2.37 -12.14 5.31
CA VAL A 61 2.35 -12.58 6.70
C VAL A 61 1.95 -11.46 7.63
N SER A 62 0.87 -11.65 8.38
CA SER A 62 0.38 -10.66 9.31
C SER A 62 0.83 -10.96 10.73
N GLY A 63 1.57 -10.03 11.33
CA GLY A 63 2.05 -10.22 12.68
C GLY A 63 0.97 -10.02 13.72
N ASN A 64 1.38 -9.79 14.96
CA ASN A 64 0.43 -9.57 16.05
C ASN A 64 -0.10 -8.15 16.04
N LYS A 65 -1.42 -8.02 16.05
CA LYS A 65 -2.06 -6.70 16.04
C LYS A 65 -1.38 -5.76 17.02
N THR A 66 -0.82 -6.33 18.08
CA THR A 66 -0.13 -5.53 19.10
C THR A 66 0.99 -4.72 18.49
N ASP A 67 1.77 -5.35 17.61
CA ASP A 67 2.88 -4.68 16.94
C ASP A 67 2.41 -3.40 16.26
N GLN A 68 1.50 -3.54 15.31
CA GLN A 68 0.97 -2.41 14.57
C GLN A 68 0.31 -1.41 15.53
N ASP A 69 -0.50 -1.92 16.44
CA ASP A 69 -1.20 -1.08 17.41
C ASP A 69 -0.28 0.02 17.93
N ASN A 70 0.92 -0.36 18.35
CA ASN A 70 1.89 0.59 18.87
C ASN A 70 2.48 1.43 17.74
N ILE A 71 2.66 0.82 16.58
CA ILE A 71 3.21 1.51 15.42
C ILE A 71 2.41 2.76 15.09
N GLN A 72 1.08 2.63 15.09
CA GLN A 72 0.20 3.76 14.80
C GLN A 72 0.04 4.65 16.01
N LYS A 73 -0.25 4.05 17.15
CA LYS A 73 -0.43 4.79 18.39
C LYS A 73 0.81 5.61 18.73
N GLN A 74 1.94 4.94 18.88
CA GLN A 74 3.20 5.61 19.19
C GLN A 74 3.46 6.76 18.24
N PHE A 75 3.30 6.51 16.94
CA PHE A 75 3.51 7.53 15.93
C PHE A 75 2.75 8.81 16.27
N ASP A 76 1.44 8.67 16.46
CA ASP A 76 0.58 9.81 16.79
C ASP A 76 1.12 10.53 18.03
N GLN A 77 1.70 9.78 18.95
CA GLN A 77 2.25 10.34 20.17
C GLN A 77 3.63 10.93 19.93
N ASP A 78 4.26 10.52 18.84
CA ASP A 78 5.59 11.01 18.50
C ASP A 78 5.79 11.04 16.98
N HIS A 79 6.03 12.22 16.44
CA HIS A 79 6.23 12.38 15.01
C HIS A 79 7.68 12.10 14.63
N ASN A 80 8.58 12.24 15.59
CA ASN A 80 10.00 11.99 15.36
C ASN A 80 10.39 10.60 15.85
N ILE A 81 9.49 9.64 15.68
CA ILE A 81 9.75 8.27 16.10
C ILE A 81 10.61 7.54 15.08
N ASN A 82 11.37 6.55 15.56
CA ASN A 82 12.24 5.77 14.69
C ASN A 82 11.94 4.28 14.81
N LEU A 83 11.09 3.78 13.92
CA LEU A 83 10.72 2.37 13.93
C LEU A 83 11.93 1.49 14.23
N VAL A 84 13.05 1.80 13.58
CA VAL A 84 14.29 1.03 13.78
C VAL A 84 14.58 0.86 15.27
N SER A 85 14.51 1.95 16.01
CA SER A 85 14.77 1.92 17.44
C SER A 85 13.83 0.94 18.15
N MET A 86 12.57 0.97 17.78
CA MET A 86 11.57 0.07 18.37
C MET A 86 11.95 -1.38 18.16
N GLU A 87 12.54 -1.68 17.00
CA GLU A 87 12.95 -3.04 16.69
C GLU A 87 11.76 -3.99 16.70
N VAL A 88 10.65 -3.56 16.10
CA VAL A 88 9.44 -4.36 16.06
C VAL A 88 9.53 -5.42 14.95
N THR A 89 8.53 -6.30 14.91
CA THR A 89 8.50 -7.35 13.91
C THR A 89 8.26 -6.79 12.51
N VAL A 90 9.27 -6.87 11.66
CA VAL A 90 9.17 -6.37 10.29
C VAL A 90 7.78 -6.62 9.71
N ASN A 91 7.32 -7.86 9.82
CA ASN A 91 6.00 -8.24 9.32
C ASN A 91 4.95 -7.20 9.71
N ALA A 92 4.98 -6.78 10.97
CA ALA A 92 4.03 -5.79 11.47
C ALA A 92 4.02 -4.55 10.58
N VAL A 93 5.15 -3.85 10.53
CA VAL A 93 5.27 -2.65 9.72
C VAL A 93 4.68 -2.85 8.32
N ALA A 94 5.01 -3.99 7.72
CA ALA A 94 4.52 -4.32 6.39
C ALA A 94 3.00 -4.25 6.34
N GLY A 95 2.35 -4.70 7.41
CA GLY A 95 0.90 -4.69 7.47
C GLY A 95 0.35 -3.32 7.84
N ALA A 96 0.78 -2.80 8.99
CA ALA A 96 0.33 -1.50 9.45
C ALA A 96 0.36 -0.47 8.32
N LEU A 97 1.36 -0.58 7.46
CA LEU A 97 1.51 0.35 6.34
C LEU A 97 0.29 0.28 5.42
N LYS A 98 -0.11 -0.94 5.08
CA LYS A 98 -1.25 -1.15 4.20
C LYS A 98 -2.54 -0.69 4.88
N ALA A 99 -2.65 -0.94 6.18
CA ALA A 99 -3.83 -0.54 6.95
C ALA A 99 -4.13 0.93 6.75
N PHE A 100 -3.10 1.75 6.65
CA PHE A 100 -3.26 3.18 6.46
C PHE A 100 -3.95 3.49 5.14
N PHE A 101 -3.58 2.74 4.10
CA PHE A 101 -4.16 2.93 2.78
C PHE A 101 -5.66 2.62 2.80
N ALA A 102 -6.04 1.56 3.50
CA ALA A 102 -7.43 1.16 3.61
C ALA A 102 -8.28 2.28 4.20
N ASP A 103 -7.74 2.97 5.19
CA ASP A 103 -8.44 4.06 5.85
C ASP A 103 -8.78 5.16 4.84
N LEU A 104 -7.90 5.36 3.87
CA LEU A 104 -8.11 6.38 2.85
C LEU A 104 -9.56 6.40 2.38
N PRO A 105 -10.06 7.60 2.01
CA PRO A 105 -11.43 7.78 1.55
C PRO A 105 -11.67 7.16 0.18
N ASP A 106 -10.61 7.09 -0.62
CA ASP A 106 -10.69 6.52 -1.96
C ASP A 106 -9.41 5.77 -2.31
N PRO A 107 -9.57 4.61 -2.97
CA PRO A 107 -8.44 3.77 -3.38
C PRO A 107 -7.62 4.41 -4.51
N LEU A 108 -6.30 4.34 -4.37
CA LEU A 108 -5.40 4.90 -5.38
C LEU A 108 -5.99 4.76 -6.78
N ILE A 109 -6.43 3.54 -7.11
CA ILE A 109 -7.01 3.28 -8.42
C ILE A 109 -8.52 3.45 -8.39
N PRO A 110 -9.00 4.53 -9.01
CA PRO A 110 -10.44 4.84 -9.08
C PRO A 110 -11.19 3.87 -9.97
N TYR A 111 -12.46 3.63 -9.64
CA TYR A 111 -13.29 2.72 -10.41
C TYR A 111 -13.47 3.22 -11.84
N SER A 112 -13.39 4.53 -12.01
CA SER A 112 -13.55 5.14 -13.33
C SER A 112 -12.41 4.73 -14.26
N LEU A 113 -11.41 4.06 -13.69
CA LEU A 113 -10.25 3.62 -14.47
C LEU A 113 -9.99 2.13 -14.24
N HIS A 114 -11.03 1.42 -13.81
CA HIS A 114 -10.91 -0.02 -13.56
C HIS A 114 -10.72 -0.78 -14.87
N PRO A 115 -11.69 -0.66 -15.77
CA PRO A 115 -11.65 -1.33 -17.08
C PRO A 115 -10.59 -0.75 -18.00
N GLU A 116 -10.24 0.52 -17.76
CA GLU A 116 -9.24 1.19 -18.57
C GLU A 116 -7.86 0.58 -18.37
N LEU A 117 -7.66 0.00 -17.19
CA LEU A 117 -6.38 -0.62 -16.86
C LEU A 117 -6.26 -2.01 -17.49
N LEU A 118 -7.40 -2.56 -17.88
CA LEU A 118 -7.44 -3.88 -18.51
C LEU A 118 -7.37 -3.77 -20.03
N GLU A 119 -8.20 -2.88 -20.58
CA GLU A 119 -8.23 -2.67 -22.03
C GLU A 119 -6.82 -2.49 -22.58
N ALA A 120 -5.99 -1.76 -21.85
CA ALA A 120 -4.62 -1.52 -22.26
C ALA A 120 -3.70 -2.66 -21.87
N ALA A 121 -4.15 -3.45 -20.88
CA ALA A 121 -3.37 -4.59 -20.41
C ALA A 121 -3.48 -5.77 -21.38
N LYS A 122 -4.54 -5.78 -22.18
CA LYS A 122 -4.76 -6.85 -23.15
C LYS A 122 -4.18 -6.47 -24.51
N ILE A 123 -3.29 -5.49 -24.52
CA ILE A 123 -2.67 -5.04 -25.75
C ILE A 123 -1.50 -5.95 -26.14
N PRO A 124 -1.50 -6.41 -27.40
CA PRO A 124 -0.44 -7.28 -27.92
C PRO A 124 0.89 -6.56 -28.08
N ASP A 125 0.83 -5.36 -28.64
CA ASP A 125 2.04 -4.56 -28.85
C ASP A 125 2.64 -4.12 -27.52
N LYS A 126 3.59 -4.90 -27.02
CA LYS A 126 4.24 -4.59 -25.75
C LYS A 126 4.38 -3.09 -25.57
N THR A 127 4.92 -2.42 -26.57
CA THR A 127 5.12 -0.97 -26.52
C THR A 127 3.82 -0.26 -26.15
N GLU A 128 2.78 -0.48 -26.95
CA GLU A 128 1.49 0.14 -26.71
C GLU A 128 0.98 -0.20 -25.31
N ARG A 129 1.00 -1.48 -24.98
CA ARG A 129 0.54 -1.95 -23.68
C ARG A 129 1.08 -1.07 -22.55
N LEU A 130 2.40 -0.91 -22.53
CA LEU A 130 3.05 -0.09 -21.51
C LEU A 130 2.65 1.38 -21.66
N HIS A 131 3.00 1.97 -22.80
CA HIS A 131 2.68 3.36 -23.07
C HIS A 131 1.26 3.70 -22.60
N ALA A 132 0.39 2.69 -22.62
CA ALA A 132 -1.00 2.87 -22.20
C ALA A 132 -1.11 2.96 -20.68
N LEU A 133 -0.50 2.00 -19.99
CA LEU A 133 -0.53 1.97 -18.53
C LEU A 133 0.24 3.16 -17.95
N LYS A 134 1.15 3.72 -18.74
CA LYS A 134 1.94 4.86 -18.31
C LYS A 134 1.16 6.16 -18.48
N GLU A 135 0.29 6.19 -19.48
CA GLU A 135 -0.51 7.37 -19.76
C GLU A 135 -1.79 7.38 -18.93
N ILE A 136 -2.28 6.18 -18.60
CA ILE A 136 -3.49 6.06 -17.80
C ILE A 136 -3.22 6.40 -16.34
N VAL A 137 -1.95 6.31 -15.93
CA VAL A 137 -1.56 6.62 -14.56
C VAL A 137 -1.28 8.11 -14.40
N LYS A 138 -1.30 8.84 -15.50
CA LYS A 138 -1.06 10.28 -15.48
C LYS A 138 -2.29 11.04 -14.99
N LYS A 139 -3.47 10.61 -15.45
CA LYS A 139 -4.72 11.25 -15.07
C LYS A 139 -5.06 10.92 -13.62
N PHE A 140 -4.42 9.90 -13.07
CA PHE A 140 -4.66 9.49 -11.69
C PHE A 140 -4.67 10.69 -10.76
N HIS A 141 -5.40 10.57 -9.66
CA HIS A 141 -5.50 11.65 -8.68
C HIS A 141 -4.13 12.28 -8.44
N PRO A 142 -4.10 13.62 -8.34
CA PRO A 142 -2.87 14.37 -8.11
C PRO A 142 -2.32 14.16 -6.70
N VAL A 143 -3.20 13.73 -5.79
CA VAL A 143 -2.79 13.49 -4.41
C VAL A 143 -2.37 12.04 -4.20
N ASN A 144 -3.16 11.11 -4.76
CA ASN A 144 -2.86 9.69 -4.64
C ASN A 144 -1.68 9.30 -5.52
N TYR A 145 -1.72 9.73 -6.77
CA TYR A 145 -0.65 9.43 -7.72
C TYR A 145 0.71 9.50 -7.05
N ASP A 146 0.99 10.63 -6.40
CA ASP A 146 2.26 10.83 -5.72
C ASP A 146 2.60 9.62 -4.84
N VAL A 147 1.63 9.20 -4.04
CA VAL A 147 1.82 8.06 -3.16
C VAL A 147 1.94 6.75 -3.95
N PHE A 148 0.92 6.47 -4.75
CA PHE A 148 0.91 5.26 -5.56
C PHE A 148 2.28 5.01 -6.19
N ARG A 149 2.86 6.07 -6.75
CA ARG A 149 4.16 5.97 -7.39
C ARG A 149 5.23 5.51 -6.39
N TYR A 150 5.32 6.23 -5.28
CA TYR A 150 6.30 5.91 -4.24
C TYR A 150 6.16 4.46 -3.79
N VAL A 151 4.92 4.03 -3.60
CA VAL A 151 4.65 2.65 -3.17
C VAL A 151 5.34 1.65 -4.08
N ILE A 152 4.94 1.64 -5.35
CA ILE A 152 5.52 0.73 -6.33
C ILE A 152 7.04 0.71 -6.23
N THR A 153 7.65 1.89 -6.26
CA THR A 153 9.10 2.02 -6.17
C THR A 153 9.67 1.04 -5.15
N HIS A 154 8.95 0.86 -4.04
CA HIS A 154 9.38 -0.05 -2.99
C HIS A 154 9.06 -1.50 -3.35
N LEU A 155 7.89 -1.70 -3.95
CA LEU A 155 7.46 -3.03 -4.34
C LEU A 155 8.51 -3.72 -5.22
N ASN A 156 9.02 -2.97 -6.19
CA ASN A 156 10.04 -3.50 -7.11
C ASN A 156 11.19 -4.12 -6.33
N ARG A 157 11.71 -3.38 -5.36
CA ARG A 157 12.82 -3.86 -4.54
C ARG A 157 12.51 -5.24 -3.97
N VAL A 158 11.37 -5.34 -3.29
CA VAL A 158 10.96 -6.61 -2.69
C VAL A 158 10.82 -7.71 -3.75
N SER A 159 10.35 -7.31 -4.94
CA SER A 159 10.16 -8.27 -6.02
C SER A 159 11.50 -8.81 -6.50
N GLN A 160 12.56 -8.07 -6.24
CA GLN A 160 13.91 -8.48 -6.64
C GLN A 160 14.41 -9.62 -5.76
N GLN A 161 13.99 -9.62 -4.50
CA GLN A 161 14.40 -10.66 -3.56
C GLN A 161 13.37 -11.77 -3.49
N HIS A 162 12.64 -11.96 -4.58
CA HIS A 162 11.60 -13.00 -4.64
C HIS A 162 12.22 -14.38 -4.41
N LYS A 163 13.53 -14.47 -4.54
CA LYS A 163 14.23 -15.73 -4.36
C LYS A 163 14.58 -15.95 -2.89
N ILE A 164 14.31 -14.94 -2.07
CA ILE A 164 14.58 -15.03 -0.64
C ILE A 164 13.30 -14.98 0.17
N ASN A 165 12.56 -13.89 0.04
CA ASN A 165 11.30 -13.73 0.76
C ASN A 165 10.16 -14.43 0.04
N LEU A 166 10.50 -15.20 -0.98
CA LEU A 166 9.50 -15.92 -1.77
C LEU A 166 8.35 -15.01 -2.15
N MET A 167 8.68 -13.79 -2.59
CA MET A 167 7.67 -12.82 -2.99
C MET A 167 7.99 -12.24 -4.37
N THR A 168 7.24 -12.66 -5.38
CA THR A 168 7.46 -12.18 -6.74
C THR A 168 6.49 -11.05 -7.08
N ALA A 169 6.92 -10.16 -7.97
CA ALA A 169 6.08 -9.03 -8.39
C ALA A 169 4.61 -9.42 -8.42
N ASP A 170 4.34 -10.67 -8.81
CA ASP A 170 2.97 -11.16 -8.89
C ASP A 170 2.34 -11.23 -7.50
N ASN A 171 2.94 -12.03 -6.63
CA ASN A 171 2.44 -12.21 -5.27
C ASN A 171 2.15 -10.85 -4.63
N LEU A 172 3.11 -9.94 -4.72
CA LEU A 172 2.95 -8.60 -4.15
C LEU A 172 1.79 -7.85 -4.81
N SER A 173 1.78 -7.87 -6.14
CA SER A 173 0.72 -7.19 -6.90
C SER A 173 -0.66 -7.62 -6.41
N ILE A 174 -0.82 -8.93 -6.19
CA ILE A 174 -2.09 -9.46 -5.72
C ILE A 174 -2.28 -9.21 -4.22
N CYS A 175 -1.19 -9.30 -3.47
CA CYS A 175 -1.24 -9.07 -2.03
C CYS A 175 -1.63 -7.63 -1.72
N PHE A 176 -1.52 -6.77 -2.72
CA PHE A 176 -1.85 -5.35 -2.57
C PHE A 176 -3.17 -5.02 -3.26
N TRP A 177 -3.65 -5.96 -4.07
CA TRP A 177 -4.91 -5.76 -4.80
C TRP A 177 -6.03 -5.35 -3.85
N PRO A 178 -6.15 -6.07 -2.73
CA PRO A 178 -7.17 -5.80 -1.72
C PRO A 178 -7.26 -4.31 -1.36
N THR A 179 -6.17 -3.79 -0.79
CA THR A 179 -6.12 -2.38 -0.40
C THR A 179 -6.15 -1.48 -1.61
N LEU A 180 -5.18 -1.65 -2.50
CA LEU A 180 -5.10 -0.84 -3.71
C LEU A 180 -6.49 -0.48 -4.23
N MET A 181 -7.33 -1.49 -4.39
CA MET A 181 -8.69 -1.29 -4.87
C MET A 181 -9.63 -2.37 -4.34
N ARG A 182 -10.64 -1.97 -3.59
CA ARG A 182 -11.60 -2.90 -3.03
C ARG A 182 -12.34 -3.65 -4.13
N PRO A 183 -12.53 -4.96 -3.94
CA PRO A 183 -13.22 -5.82 -4.90
C PRO A 183 -14.71 -5.52 -4.98
N ASP A 184 -15.26 -5.59 -6.19
CA ASP A 184 -16.67 -5.33 -6.40
C ASP A 184 -17.52 -5.97 -5.31
N PHE A 185 -18.64 -5.32 -4.97
CA PHE A 185 -19.53 -5.84 -3.94
C PHE A 185 -19.63 -7.36 -4.00
N GLU A 186 -19.76 -7.88 -5.22
CA GLU A 186 -19.86 -9.32 -5.43
C GLU A 186 -19.21 -9.74 -6.73
N ASN A 187 -18.64 -10.94 -6.75
CA ASN A 187 -17.98 -11.46 -7.94
C ASN A 187 -18.71 -12.67 -8.49
N ARG A 188 -19.14 -12.58 -9.75
CA ARG A 188 -19.85 -13.67 -10.39
C ARG A 188 -18.95 -14.89 -10.58
N GLU A 189 -19.56 -16.06 -10.66
CA GLU A 189 -18.81 -17.30 -10.83
C GLU A 189 -18.72 -17.68 -12.31
N PHE A 190 -17.55 -17.49 -12.90
CA PHE A 190 -17.34 -17.82 -14.29
C PHE A 190 -15.90 -18.32 -14.53
N LEU A 191 -15.70 -18.99 -15.66
CA LEU A 191 -14.38 -19.52 -16.00
C LEU A 191 -13.30 -18.50 -15.72
N SER A 192 -12.46 -18.79 -14.74
CA SER A 192 -11.37 -17.88 -14.37
C SER A 192 -10.12 -18.17 -15.20
N THR A 193 -10.29 -18.20 -16.52
CA THR A 193 -9.19 -18.45 -17.43
C THR A 193 -8.35 -17.19 -17.65
N THR A 194 -9.02 -16.11 -18.05
CA THR A 194 -8.33 -14.85 -18.30
C THR A 194 -8.05 -14.12 -16.99
N LYS A 195 -6.76 -13.93 -16.70
CA LYS A 195 -6.35 -13.23 -15.48
C LYS A 195 -5.56 -11.97 -15.82
N ILE A 196 -6.26 -10.95 -16.29
CA ILE A 196 -5.62 -9.68 -16.64
C ILE A 196 -5.65 -8.70 -15.47
N HIS A 197 -6.75 -8.71 -14.73
CA HIS A 197 -6.89 -7.83 -13.58
C HIS A 197 -5.60 -7.76 -12.78
N GLN A 198 -5.02 -8.92 -12.49
CA GLN A 198 -3.79 -8.99 -11.73
C GLN A 198 -2.60 -8.54 -12.57
N SER A 199 -2.41 -9.20 -13.72
CA SER A 199 -1.31 -8.86 -14.62
C SER A 199 -1.14 -7.36 -14.73
N VAL A 200 -2.27 -6.64 -14.78
CA VAL A 200 -2.24 -5.18 -14.89
C VAL A 200 -1.24 -4.58 -13.90
N VAL A 201 -1.60 -4.60 -12.62
CA VAL A 201 -0.74 -4.06 -11.58
C VAL A 201 0.65 -4.67 -11.63
N GLU A 202 0.71 -6.01 -11.52
CA GLU A 202 1.98 -6.72 -11.56
C GLU A 202 2.91 -6.11 -12.60
N THR A 203 2.35 -5.67 -13.72
CA THR A 203 3.13 -5.08 -14.80
C THR A 203 3.67 -3.71 -14.38
N PHE A 204 2.86 -2.94 -13.67
CA PHE A 204 3.25 -1.62 -13.21
C PHE A 204 4.55 -1.68 -12.41
N ILE A 205 4.65 -2.69 -11.55
CA ILE A 205 5.83 -2.86 -10.72
C ILE A 205 7.07 -3.16 -11.58
N GLN A 206 6.97 -4.16 -12.43
CA GLN A 206 8.08 -4.55 -13.29
C GLN A 206 8.47 -3.38 -14.20
N GLN A 207 7.50 -2.87 -14.96
CA GLN A 207 7.75 -1.76 -15.87
C GLN A 207 7.71 -0.43 -15.13
N CYS A 208 7.82 -0.50 -13.80
CA CYS A 208 7.79 0.71 -12.97
C CYS A 208 8.90 1.66 -13.37
N GLN A 209 9.95 1.12 -13.99
CA GLN A 209 11.08 1.93 -14.42
C GLN A 209 10.76 2.68 -15.71
N PHE A 210 10.50 1.94 -16.78
CA PHE A 210 10.18 2.54 -18.07
C PHE A 210 9.29 3.76 -17.89
N PHE A 211 8.35 3.68 -16.96
CA PHE A 211 7.43 4.78 -16.69
C PHE A 211 8.19 6.07 -16.45
N PHE A 212 9.01 6.09 -15.40
CA PHE A 212 9.79 7.27 -15.06
C PHE A 212 11.27 7.05 -15.38
N TYR A 213 11.81 5.95 -14.87
CA TYR A 213 13.22 5.63 -15.10
C TYR A 213 13.50 5.43 -16.59
N ASN A 214 12.43 5.33 -17.37
CA ASN A 214 12.56 5.13 -18.81
C ASN A 214 13.59 4.06 -19.13
N GLY A 215 13.57 2.98 -18.34
CA GLY A 215 14.50 1.89 -18.55
C GLY A 215 14.21 1.11 -19.82
N GLU A 216 14.57 -0.18 -19.81
CA GLU A 216 14.33 -1.04 -20.97
C GLU A 216 13.17 -2.00 -20.71
N ILE A 217 12.69 -2.63 -21.77
CA ILE A 217 11.58 -3.57 -21.66
C ILE A 217 12.06 -4.90 -21.08
N VAL A 218 11.46 -5.30 -19.96
CA VAL A 218 11.82 -6.54 -19.30
C VAL A 218 10.71 -7.58 -19.45
N GLU A 219 10.97 -8.79 -18.96
CA GLU A 219 9.99 -9.87 -19.03
C GLU A 219 10.30 -10.97 -18.02
N GLY A 1 -14.99 -15.22 58.12
CA GLY A 1 -15.75 -15.29 56.88
C GLY A 1 -15.05 -14.60 55.73
N SER A 2 -15.19 -15.17 54.53
CA SER A 2 -14.55 -14.61 53.34
C SER A 2 -15.46 -14.78 52.12
N SER A 3 -15.56 -13.71 51.34
CA SER A 3 -16.39 -13.72 50.14
C SER A 3 -15.96 -12.64 49.16
N GLY A 4 -15.72 -13.04 47.91
CA GLY A 4 -15.30 -12.09 46.90
C GLY A 4 -16.46 -11.56 46.09
N SER A 5 -17.06 -10.47 46.57
CA SER A 5 -18.20 -9.86 45.89
C SER A 5 -17.92 -9.70 44.40
N SER A 6 -18.82 -10.22 43.57
CA SER A 6 -18.67 -10.15 42.12
C SER A 6 -19.95 -9.63 41.47
N GLY A 7 -19.87 -9.37 40.17
CA GLY A 7 -21.03 -8.88 39.44
C GLY A 7 -20.78 -8.76 37.95
N LYS A 8 -21.55 -9.50 37.17
CA LYS A 8 -21.42 -9.49 35.71
C LYS A 8 -21.28 -8.06 35.21
N ASN A 9 -20.39 -7.85 34.24
CA ASN A 9 -20.16 -6.54 33.66
C ASN A 9 -21.03 -6.33 32.41
N PHE A 10 -21.26 -5.07 32.06
CA PHE A 10 -22.06 -4.75 30.89
C PHE A 10 -21.25 -3.94 29.88
N ASN A 11 -21.84 -3.70 28.71
CA ASN A 11 -21.18 -2.95 27.66
C ASN A 11 -21.39 -1.44 27.84
N PRO A 12 -20.35 -0.66 27.55
CA PRO A 12 -20.41 0.80 27.67
C PRO A 12 -21.32 1.44 26.62
N PRO A 13 -21.59 2.74 26.79
CA PRO A 13 -22.45 3.50 25.88
C PRO A 13 -21.79 3.72 24.52
N THR A 14 -22.44 4.50 23.67
CA THR A 14 -21.91 4.79 22.34
C THR A 14 -20.87 5.91 22.40
N ARG A 15 -19.61 5.52 22.58
CA ARG A 15 -18.53 6.49 22.66
C ARG A 15 -17.17 5.81 22.50
N ARG A 16 -16.23 6.49 21.87
CA ARG A 16 -14.90 5.95 21.65
C ARG A 16 -13.83 7.01 21.89
N ASN A 17 -12.60 6.56 22.10
CA ASN A 17 -11.48 7.48 22.34
C ASN A 17 -10.38 7.26 21.32
N TRP A 18 -10.75 6.78 20.13
CA TRP A 18 -9.79 6.54 19.07
C TRP A 18 -10.06 7.44 17.87
N GLU A 19 -9.37 8.58 17.83
CA GLU A 19 -9.54 9.54 16.74
C GLU A 19 -8.19 10.03 16.22
N SER A 20 -7.96 9.86 14.92
CA SER A 20 -6.71 10.28 14.31
C SER A 20 -6.95 11.35 13.25
N ASN A 21 -8.22 11.59 12.95
CA ASN A 21 -8.59 12.59 11.95
C ASN A 21 -8.01 12.24 10.59
N TYR A 22 -8.11 10.96 10.23
CA TYR A 22 -7.59 10.49 8.95
C TYR A 22 -8.60 9.58 8.25
N PHE A 23 -9.17 8.66 9.02
CA PHE A 23 -10.16 7.72 8.48
C PHE A 23 -11.44 8.44 8.08
N GLY A 24 -11.85 8.25 6.83
CA GLY A 24 -13.06 8.90 6.34
C GLY A 24 -12.77 10.16 5.55
N MET A 25 -11.76 10.91 6.00
CA MET A 25 -11.38 12.15 5.34
C MET A 25 -10.43 11.87 4.16
N PRO A 26 -10.43 12.78 3.18
CA PRO A 26 -9.58 12.65 1.99
C PRO A 26 -8.11 12.86 2.32
N LEU A 27 -7.24 12.18 1.57
CA LEU A 27 -5.80 12.28 1.78
C LEU A 27 -5.31 13.70 1.47
N GLN A 28 -5.71 14.22 0.31
CA GLN A 28 -5.31 15.56 -0.10
C GLN A 28 -5.43 16.54 1.06
N ASP A 29 -6.46 16.36 1.88
CA ASP A 29 -6.68 17.23 3.03
C ASP A 29 -5.64 16.98 4.11
N LEU A 30 -5.46 15.72 4.47
CA LEU A 30 -4.48 15.35 5.50
C LEU A 30 -3.09 15.83 5.12
N VAL A 31 -2.71 15.61 3.87
CA VAL A 31 -1.40 16.03 3.39
C VAL A 31 -1.45 17.43 2.79
N THR A 32 -0.29 17.98 2.46
CA THR A 32 -0.20 19.31 1.88
C THR A 32 0.47 19.27 0.51
N ALA A 33 0.20 20.28 -0.30
CA ALA A 33 0.78 20.37 -1.64
C ALA A 33 2.29 20.12 -1.61
N GLU A 34 2.96 20.77 -0.66
CA GLU A 34 4.41 20.63 -0.52
C GLU A 34 4.80 19.16 -0.38
N LYS A 35 4.05 18.43 0.45
CA LYS A 35 4.31 17.01 0.67
C LYS A 35 3.03 16.20 0.57
N PRO A 36 2.73 15.73 -0.66
CA PRO A 36 1.53 14.92 -0.92
C PRO A 36 1.62 13.53 -0.30
N ILE A 37 2.81 12.95 -0.32
CA ILE A 37 3.01 11.63 0.25
C ILE A 37 2.99 11.67 1.78
N PRO A 38 2.19 10.77 2.37
CA PRO A 38 2.07 10.69 3.84
C PRO A 38 3.33 10.16 4.50
N LEU A 39 4.05 11.05 5.20
CA LEU A 39 5.28 10.67 5.88
C LEU A 39 5.17 9.27 6.45
N PHE A 40 4.18 9.04 7.29
CA PHE A 40 3.97 7.73 7.91
C PHE A 40 4.36 6.61 6.95
N VAL A 41 3.61 6.51 5.85
CA VAL A 41 3.87 5.48 4.85
C VAL A 41 5.37 5.36 4.56
N GLU A 42 5.97 6.45 4.10
CA GLU A 42 7.40 6.47 3.80
C GLU A 42 8.19 5.75 4.88
N LYS A 43 8.14 6.26 6.09
CA LYS A 43 8.85 5.67 7.22
C LYS A 43 8.70 4.15 7.21
N CYS A 44 7.51 3.68 6.92
CA CYS A 44 7.24 2.24 6.87
C CYS A 44 7.97 1.58 5.71
N VAL A 45 7.97 2.26 4.56
CA VAL A 45 8.63 1.73 3.36
C VAL A 45 10.14 1.67 3.56
N GLU A 46 10.73 2.79 3.99
CA GLU A 46 12.17 2.86 4.22
C GLU A 46 12.59 1.89 5.32
N PHE A 47 11.83 1.88 6.41
CA PHE A 47 12.13 1.00 7.54
C PHE A 47 12.44 -0.41 7.06
N ILE A 48 11.50 -1.01 6.33
CA ILE A 48 11.67 -2.36 5.81
C ILE A 48 13.06 -2.54 5.20
N GLU A 49 13.49 -1.55 4.40
CA GLU A 49 14.79 -1.60 3.76
C GLU A 49 15.91 -1.62 4.80
N ASP A 50 15.93 -0.61 5.65
CA ASP A 50 16.95 -0.52 6.70
C ASP A 50 17.08 -1.83 7.46
N THR A 51 15.93 -2.46 7.72
CA THR A 51 15.90 -3.72 8.45
C THR A 51 16.14 -4.90 7.52
N GLY A 52 16.90 -4.67 6.46
CA GLY A 52 17.19 -5.72 5.51
C GLY A 52 16.03 -5.99 4.57
N LEU A 53 16.30 -6.69 3.48
CA LEU A 53 15.27 -7.02 2.49
C LEU A 53 15.25 -8.52 2.22
N CYS A 54 15.38 -9.31 3.28
CA CYS A 54 15.37 -10.77 3.15
C CYS A 54 14.30 -11.38 4.05
N THR A 55 13.16 -10.71 4.15
CA THR A 55 12.07 -11.19 4.98
C THR A 55 11.02 -11.91 4.15
N GLU A 56 10.66 -13.11 4.57
CA GLU A 56 9.67 -13.91 3.85
C GLU A 56 8.25 -13.49 4.25
N GLY A 57 7.33 -13.56 3.29
CA GLY A 57 5.95 -13.18 3.56
C GLY A 57 5.85 -11.93 4.42
N LEU A 58 6.64 -10.92 4.08
CA LEU A 58 6.63 -9.67 4.83
C LEU A 58 5.24 -9.04 4.84
N TYR A 59 4.55 -9.15 3.70
CA TYR A 59 3.20 -8.60 3.58
C TYR A 59 2.15 -9.68 3.77
N ARG A 60 2.29 -10.77 3.03
CA ARG A 60 1.34 -11.89 3.12
C ARG A 60 1.01 -12.20 4.57
N VAL A 61 2.05 -12.43 5.37
CA VAL A 61 1.87 -12.74 6.78
C VAL A 61 1.38 -11.53 7.55
N SER A 62 0.39 -11.75 8.43
CA SER A 62 -0.17 -10.67 9.23
C SER A 62 0.73 -10.36 10.43
N GLY A 63 1.18 -11.40 11.10
CA GLY A 63 2.04 -11.24 12.26
C GLY A 63 1.27 -10.78 13.49
N ASN A 64 1.99 -10.26 14.47
CA ASN A 64 1.37 -9.80 15.71
C ASN A 64 0.36 -8.68 15.42
N LYS A 65 -0.30 -8.20 16.47
CA LYS A 65 -1.28 -7.13 16.33
C LYS A 65 -0.87 -5.91 17.14
N THR A 66 -0.47 -6.13 18.38
CA THR A 66 -0.05 -5.04 19.26
C THR A 66 0.92 -4.10 18.54
N ASP A 67 2.08 -4.64 18.18
CA ASP A 67 3.10 -3.86 17.49
C ASP A 67 2.47 -2.95 16.43
N GLN A 68 1.81 -3.57 15.46
CA GLN A 68 1.17 -2.82 14.39
C GLN A 68 0.47 -1.58 14.93
N ASP A 69 -0.16 -1.72 16.09
CA ASP A 69 -0.86 -0.60 16.72
C ASP A 69 0.12 0.47 17.18
N ASN A 70 1.14 0.05 17.91
CA ASN A 70 2.15 0.98 18.41
C ASN A 70 2.68 1.86 17.29
N ILE A 71 3.01 1.25 16.16
CA ILE A 71 3.53 1.99 15.01
C ILE A 71 2.72 3.25 14.76
N GLN A 72 1.39 3.12 14.84
CA GLN A 72 0.50 4.25 14.61
C GLN A 72 0.35 5.08 15.88
N LYS A 73 0.01 4.42 16.98
CA LYS A 73 -0.16 5.09 18.26
C LYS A 73 1.06 5.93 18.61
N GLN A 74 2.21 5.26 18.76
CA GLN A 74 3.45 5.95 19.09
C GLN A 74 3.67 7.16 18.18
N PHE A 75 3.45 6.95 16.88
CA PHE A 75 3.63 8.02 15.90
C PHE A 75 2.67 9.18 16.19
N ASP A 76 1.42 8.84 16.48
CA ASP A 76 0.41 9.85 16.77
C ASP A 76 0.77 10.63 18.03
N GLN A 77 1.02 9.92 19.12
CA GLN A 77 1.37 10.55 20.38
C GLN A 77 2.53 11.53 20.20
N ASP A 78 3.49 11.14 19.37
CA ASP A 78 4.65 11.99 19.11
C ASP A 78 5.32 11.61 17.79
N HIS A 79 5.98 12.57 17.16
CA HIS A 79 6.66 12.33 15.90
C HIS A 79 8.14 12.02 16.13
N ASN A 80 8.66 12.46 17.27
CA ASN A 80 10.06 12.24 17.61
C ASN A 80 10.27 10.82 18.14
N ILE A 81 9.80 9.84 17.38
CA ILE A 81 9.94 8.44 17.77
C ILE A 81 10.98 7.73 16.90
N ASN A 82 11.12 6.43 17.10
CA ASN A 82 12.08 5.63 16.35
C ASN A 82 11.59 4.19 16.20
N LEU A 83 11.40 3.75 14.96
CA LEU A 83 10.94 2.40 14.69
C LEU A 83 11.99 1.37 15.12
N VAL A 84 13.22 1.58 14.68
CA VAL A 84 14.31 0.67 15.01
C VAL A 84 14.44 0.51 16.53
N SER A 85 14.29 1.61 17.25
CA SER A 85 14.38 1.59 18.70
C SER A 85 13.33 0.66 19.30
N MET A 86 12.09 0.78 18.81
CA MET A 86 11.00 -0.04 19.30
C MET A 86 11.36 -1.53 19.24
N GLU A 87 12.18 -1.89 18.26
CA GLU A 87 12.60 -3.28 18.09
C GLU A 87 11.40 -4.19 17.86
N VAL A 88 10.50 -3.77 16.98
CA VAL A 88 9.30 -4.54 16.66
C VAL A 88 9.55 -5.49 15.51
N THR A 89 8.62 -6.40 15.28
CA THR A 89 8.74 -7.38 14.20
C THR A 89 8.47 -6.74 12.84
N VAL A 90 9.48 -6.71 11.99
CA VAL A 90 9.34 -6.12 10.66
C VAL A 90 7.94 -6.34 10.10
N ASN A 91 7.51 -7.59 10.09
CA ASN A 91 6.17 -7.93 9.58
C ASN A 91 5.16 -6.86 9.94
N ALA A 92 5.03 -6.59 11.23
CA ALA A 92 4.10 -5.57 11.72
C ALA A 92 4.09 -4.36 10.79
N VAL A 93 5.25 -3.72 10.64
CA VAL A 93 5.36 -2.55 9.79
C VAL A 93 4.68 -2.77 8.45
N ALA A 94 5.09 -3.83 7.75
CA ALA A 94 4.51 -4.16 6.46
C ALA A 94 2.99 -4.07 6.49
N GLY A 95 2.39 -4.62 7.55
CA GLY A 95 0.95 -4.59 7.68
C GLY A 95 0.41 -3.19 7.89
N ALA A 96 0.84 -2.55 8.97
CA ALA A 96 0.41 -1.20 9.29
C ALA A 96 0.41 -0.31 8.05
N LEU A 97 1.44 -0.47 7.22
CA LEU A 97 1.56 0.31 5.99
C LEU A 97 0.30 0.20 5.15
N LYS A 98 -0.16 -1.03 4.94
CA LYS A 98 -1.37 -1.27 4.15
C LYS A 98 -2.61 -0.77 4.87
N ALA A 99 -2.76 -1.20 6.13
CA ALA A 99 -3.91 -0.80 6.93
C ALA A 99 -4.28 0.65 6.67
N PHE A 100 -3.27 1.51 6.57
CA PHE A 100 -3.50 2.93 6.32
C PHE A 100 -4.25 3.15 5.01
N PHE A 101 -3.78 2.48 3.95
CA PHE A 101 -4.40 2.59 2.64
C PHE A 101 -5.88 2.23 2.70
N ALA A 102 -6.18 1.07 3.28
CA ALA A 102 -7.56 0.62 3.42
C ALA A 102 -8.42 1.65 4.11
N ASP A 103 -7.87 2.26 5.18
CA ASP A 103 -8.60 3.27 5.93
C ASP A 103 -9.15 4.35 5.01
N LEU A 104 -8.33 4.77 4.05
CA LEU A 104 -8.74 5.80 3.10
C LEU A 104 -10.23 5.69 2.77
N PRO A 105 -10.88 6.85 2.62
CA PRO A 105 -12.31 6.92 2.31
C PRO A 105 -12.62 6.44 0.90
N ASP A 106 -11.61 6.49 0.03
CA ASP A 106 -11.78 6.07 -1.36
C ASP A 106 -10.61 5.20 -1.80
N PRO A 107 -10.85 4.32 -2.77
CA PRO A 107 -9.83 3.42 -3.31
C PRO A 107 -8.77 4.15 -4.12
N LEU A 108 -7.50 3.86 -3.85
CA LEU A 108 -6.40 4.50 -4.55
C LEU A 108 -6.73 4.68 -6.03
N ILE A 109 -7.23 3.61 -6.65
CA ILE A 109 -7.60 3.65 -8.06
C ILE A 109 -9.05 4.05 -8.24
N PRO A 110 -9.28 5.15 -8.98
CA PRO A 110 -10.63 5.65 -9.24
C PRO A 110 -11.41 4.74 -10.19
N TYR A 111 -12.69 4.56 -9.90
CA TYR A 111 -13.55 3.71 -10.72
C TYR A 111 -13.52 4.15 -12.18
N SER A 112 -13.39 5.46 -12.39
CA SER A 112 -13.35 6.01 -13.74
C SER A 112 -12.24 5.36 -14.56
N LEU A 113 -11.18 4.93 -13.87
CA LEU A 113 -10.05 4.29 -14.53
C LEU A 113 -9.98 2.81 -14.19
N HIS A 114 -11.14 2.18 -14.05
CA HIS A 114 -11.21 0.76 -13.72
C HIS A 114 -10.95 -0.09 -14.96
N PRO A 115 -11.87 -0.01 -15.93
CA PRO A 115 -11.76 -0.78 -17.18
C PRO A 115 -10.63 -0.29 -18.07
N GLU A 116 -10.35 1.01 -18.00
CA GLU A 116 -9.29 1.61 -18.80
C GLU A 116 -7.94 0.98 -18.45
N LEU A 117 -7.75 0.65 -17.19
CA LEU A 117 -6.50 0.05 -16.73
C LEU A 117 -6.39 -1.40 -17.23
N LEU A 118 -7.50 -2.11 -17.20
CA LEU A 118 -7.53 -3.51 -17.66
C LEU A 118 -7.35 -3.59 -19.17
N GLU A 119 -8.21 -2.91 -19.90
CA GLU A 119 -8.15 -2.90 -21.36
C GLU A 119 -6.72 -2.68 -21.84
N ALA A 120 -5.98 -1.84 -21.12
CA ALA A 120 -4.60 -1.53 -21.47
C ALA A 120 -3.68 -2.69 -21.09
N ALA A 121 -4.08 -3.47 -20.10
CA ALA A 121 -3.29 -4.61 -19.64
C ALA A 121 -3.44 -5.79 -20.59
N LYS A 122 -4.59 -5.88 -21.24
CA LYS A 122 -4.87 -6.97 -22.18
C LYS A 122 -4.42 -6.59 -23.58
N ILE A 123 -3.43 -5.72 -23.68
CA ILE A 123 -2.92 -5.28 -24.98
C ILE A 123 -1.80 -6.19 -25.45
N PRO A 124 -1.85 -6.56 -26.74
CA PRO A 124 -0.83 -7.43 -27.35
C PRO A 124 0.51 -6.73 -27.51
N ASP A 125 0.48 -5.52 -28.06
CA ASP A 125 1.70 -4.75 -28.26
C ASP A 125 2.32 -4.36 -26.93
N LYS A 126 3.29 -5.16 -26.47
CA LYS A 126 3.97 -4.89 -25.21
C LYS A 126 4.16 -3.39 -25.00
N THR A 127 4.76 -2.73 -25.98
CA THR A 127 5.00 -1.30 -25.90
C THR A 127 3.73 -0.53 -25.57
N GLU A 128 2.67 -0.80 -26.33
CA GLU A 128 1.38 -0.15 -26.11
C GLU A 128 0.85 -0.44 -24.71
N ARG A 129 0.85 -1.71 -24.33
CA ARG A 129 0.37 -2.13 -23.02
C ARG A 129 0.96 -1.24 -21.93
N LEU A 130 2.28 -1.07 -21.96
CA LEU A 130 2.96 -0.24 -20.97
C LEU A 130 2.60 1.23 -21.15
N HIS A 131 2.97 1.78 -22.29
CA HIS A 131 2.69 3.18 -22.59
C HIS A 131 1.30 3.58 -22.11
N ALA A 132 0.30 2.78 -22.47
CA ALA A 132 -1.08 3.04 -22.07
C ALA A 132 -1.17 3.27 -20.56
N LEU A 133 -0.61 2.34 -19.79
CA LEU A 133 -0.63 2.44 -18.34
C LEU A 133 0.12 3.68 -17.86
N LYS A 134 1.18 4.03 -18.59
CA LYS A 134 1.99 5.19 -18.24
C LYS A 134 1.22 6.48 -18.46
N GLU A 135 0.39 6.49 -19.50
CA GLU A 135 -0.42 7.68 -19.81
C GLU A 135 -1.68 7.72 -18.96
N ILE A 136 -2.20 6.54 -18.63
CA ILE A 136 -3.40 6.45 -17.80
C ILE A 136 -3.11 6.80 -16.34
N VAL A 137 -1.92 6.43 -15.89
CA VAL A 137 -1.51 6.71 -14.52
C VAL A 137 -1.33 8.20 -14.29
N LYS A 138 -1.19 8.95 -15.37
CA LYS A 138 -1.02 10.40 -15.29
C LYS A 138 -2.30 11.07 -14.81
N LYS A 139 -3.45 10.51 -15.20
CA LYS A 139 -4.75 11.05 -14.81
C LYS A 139 -4.96 10.90 -13.30
N PHE A 140 -4.46 9.81 -12.75
CA PHE A 140 -4.60 9.54 -11.32
C PHE A 140 -4.35 10.80 -10.51
N HIS A 141 -5.25 11.07 -9.56
CA HIS A 141 -5.13 12.24 -8.71
C HIS A 141 -3.65 12.57 -8.44
N PRO A 142 -3.34 13.88 -8.39
CA PRO A 142 -1.97 14.35 -8.15
C PRO A 142 -1.52 14.09 -6.70
N VAL A 143 -2.48 13.82 -5.83
CA VAL A 143 -2.18 13.54 -4.43
C VAL A 143 -1.98 12.05 -4.19
N ASN A 144 -2.79 11.23 -4.84
CA ASN A 144 -2.69 9.79 -4.70
C ASN A 144 -1.60 9.22 -5.61
N TYR A 145 -1.48 9.78 -6.81
CA TYR A 145 -0.48 9.34 -7.76
C TYR A 145 0.91 9.33 -7.13
N ASP A 146 1.22 10.36 -6.35
CA ASP A 146 2.51 10.47 -5.68
C ASP A 146 2.76 9.25 -4.79
N VAL A 147 1.73 8.83 -4.07
CA VAL A 147 1.84 7.69 -3.18
C VAL A 147 1.88 6.37 -3.96
N PHE A 148 1.00 6.27 -4.96
CA PHE A 148 0.93 5.08 -5.79
C PHE A 148 2.26 4.82 -6.48
N ARG A 149 2.89 5.88 -6.97
CA ARG A 149 4.17 5.77 -7.65
C ARG A 149 5.27 5.34 -6.68
N TYR A 150 5.35 6.03 -5.55
CA TYR A 150 6.36 5.72 -4.55
C TYR A 150 6.20 4.30 -4.02
N VAL A 151 4.96 3.93 -3.69
CA VAL A 151 4.66 2.60 -3.17
C VAL A 151 5.24 1.53 -4.08
N ILE A 152 4.71 1.45 -5.31
CA ILE A 152 5.16 0.46 -6.28
C ILE A 152 6.69 0.34 -6.26
N THR A 153 7.37 1.48 -6.34
CA THR A 153 8.83 1.50 -6.33
C THR A 153 9.39 0.50 -5.32
N HIS A 154 8.75 0.43 -4.17
CA HIS A 154 9.19 -0.48 -3.11
C HIS A 154 8.83 -1.92 -3.47
N LEU A 155 7.65 -2.12 -4.03
CA LEU A 155 7.18 -3.44 -4.42
C LEU A 155 8.14 -4.08 -5.43
N ASN A 156 8.56 -3.29 -6.42
CA ASN A 156 9.47 -3.78 -7.44
C ASN A 156 10.80 -4.22 -6.83
N ARG A 157 11.29 -3.44 -5.87
CA ARG A 157 12.55 -3.75 -5.20
C ARG A 157 12.48 -5.12 -4.53
N VAL A 158 11.41 -5.35 -3.78
CA VAL A 158 11.22 -6.61 -3.08
C VAL A 158 11.30 -7.79 -4.04
N SER A 159 10.61 -7.67 -5.17
CA SER A 159 10.60 -8.74 -6.18
C SER A 159 12.02 -9.06 -6.64
N GLN A 160 12.89 -8.06 -6.58
CA GLN A 160 14.28 -8.23 -6.99
C GLN A 160 14.87 -9.50 -6.37
N GLN A 161 14.83 -9.58 -5.05
CA GLN A 161 15.37 -10.73 -4.33
C GLN A 161 14.25 -11.68 -3.93
N HIS A 162 13.21 -11.77 -4.75
CA HIS A 162 12.08 -12.65 -4.48
C HIS A 162 12.55 -14.06 -4.16
N LYS A 163 13.78 -14.38 -4.56
CA LYS A 163 14.35 -15.70 -4.33
C LYS A 163 14.30 -16.05 -2.84
N ILE A 164 14.48 -15.04 -1.99
CA ILE A 164 14.45 -15.24 -0.55
C ILE A 164 13.09 -14.86 0.04
N ASN A 165 12.69 -13.62 -0.20
CA ASN A 165 11.41 -13.13 0.31
C ASN A 165 10.24 -13.93 -0.28
N LEU A 166 10.46 -14.50 -1.46
CA LEU A 166 9.43 -15.29 -2.13
C LEU A 166 8.22 -14.44 -2.47
N MET A 167 8.47 -13.20 -2.91
CA MET A 167 7.39 -12.29 -3.28
C MET A 167 7.67 -11.65 -4.64
N THR A 168 7.33 -12.37 -5.70
CA THR A 168 7.54 -11.87 -7.06
C THR A 168 6.55 -10.75 -7.38
N ALA A 169 6.85 -10.00 -8.44
CA ALA A 169 5.99 -8.90 -8.86
C ALA A 169 4.52 -9.30 -8.82
N ASP A 170 4.22 -10.47 -9.36
CA ASP A 170 2.85 -10.98 -9.38
C ASP A 170 2.31 -11.13 -7.97
N ASN A 171 2.98 -11.97 -7.17
CA ASN A 171 2.55 -12.19 -5.80
C ASN A 171 2.26 -10.88 -5.08
N LEU A 172 3.20 -9.95 -5.17
CA LEU A 172 3.05 -8.64 -4.53
C LEU A 172 1.77 -7.96 -5.00
N SER A 173 1.56 -7.94 -6.32
CA SER A 173 0.38 -7.32 -6.89
C SER A 173 -0.89 -7.95 -6.35
N ILE A 174 -0.90 -9.28 -6.31
CA ILE A 174 -2.06 -10.01 -5.80
C ILE A 174 -2.22 -9.83 -4.29
N CYS A 175 -1.11 -9.66 -3.60
CA CYS A 175 -1.13 -9.47 -2.16
C CYS A 175 -1.69 -8.10 -1.80
N PHE A 176 -1.41 -7.11 -2.63
CA PHE A 176 -1.90 -5.75 -2.40
C PHE A 176 -3.25 -5.53 -3.06
N TRP A 177 -3.62 -6.44 -3.97
CA TRP A 177 -4.89 -6.35 -4.67
C TRP A 177 -6.03 -6.08 -3.70
N PRO A 178 -6.05 -6.84 -2.60
CA PRO A 178 -7.10 -6.71 -1.56
C PRO A 178 -7.31 -5.25 -1.15
N THR A 179 -6.23 -4.57 -0.82
CA THR A 179 -6.31 -3.17 -0.40
C THR A 179 -6.51 -2.26 -1.60
N LEU A 180 -5.52 -2.24 -2.49
CA LEU A 180 -5.58 -1.40 -3.69
C LEU A 180 -7.03 -1.28 -4.19
N MET A 181 -7.55 -2.38 -4.72
CA MET A 181 -8.92 -2.39 -5.23
C MET A 181 -9.87 -3.03 -4.22
N ARG A 182 -10.76 -2.21 -3.67
CA ARG A 182 -11.73 -2.69 -2.69
C ARG A 182 -13.15 -2.63 -3.25
N PRO A 183 -13.68 -3.80 -3.64
CA PRO A 183 -15.02 -3.90 -4.20
C PRO A 183 -16.10 -3.64 -3.15
N ASP A 184 -17.10 -2.85 -3.52
CA ASP A 184 -18.20 -2.53 -2.61
C ASP A 184 -19.48 -3.24 -3.03
N PHE A 185 -19.78 -4.34 -2.35
CA PHE A 185 -20.98 -5.12 -2.65
C PHE A 185 -21.23 -5.16 -4.16
N GLU A 186 -20.17 -5.29 -4.93
CA GLU A 186 -20.28 -5.34 -6.39
C GLU A 186 -19.21 -6.24 -6.98
N ASN A 187 -19.62 -7.06 -7.95
CA ASN A 187 -18.70 -7.99 -8.60
C ASN A 187 -18.80 -7.88 -10.12
N ARG A 188 -17.91 -8.58 -10.83
CA ARG A 188 -17.91 -8.55 -12.29
C ARG A 188 -18.65 -9.77 -12.85
N GLU A 189 -19.62 -9.52 -13.72
CA GLU A 189 -20.39 -10.59 -14.33
C GLU A 189 -19.51 -11.76 -14.70
N PHE A 190 -19.85 -12.95 -14.20
CA PHE A 190 -19.09 -14.15 -14.48
C PHE A 190 -18.76 -14.26 -15.97
N LEU A 191 -17.49 -14.44 -16.29
CA LEU A 191 -17.06 -14.56 -17.67
C LEU A 191 -15.79 -15.40 -17.77
N SER A 192 -15.34 -15.64 -19.00
CA SER A 192 -14.13 -16.44 -19.24
C SER A 192 -12.98 -15.95 -18.35
N THR A 193 -12.05 -16.85 -18.05
CA THR A 193 -10.91 -16.52 -17.21
C THR A 193 -10.45 -15.08 -17.47
N THR A 194 -10.52 -14.26 -16.42
CA THR A 194 -10.11 -12.86 -16.53
C THR A 194 -8.92 -12.57 -15.62
N LYS A 195 -7.72 -12.75 -16.14
CA LYS A 195 -6.51 -12.50 -15.37
C LYS A 195 -5.87 -11.17 -15.77
N ILE A 196 -6.72 -10.20 -16.12
CA ILE A 196 -6.25 -8.88 -16.50
C ILE A 196 -6.00 -8.00 -15.29
N HIS A 197 -6.98 -7.93 -14.40
CA HIS A 197 -6.87 -7.12 -13.19
C HIS A 197 -5.47 -7.23 -12.60
N GLN A 198 -5.10 -8.43 -12.17
CA GLN A 198 -3.78 -8.66 -11.59
C GLN A 198 -2.68 -8.13 -12.50
N SER A 199 -2.65 -8.64 -13.73
CA SER A 199 -1.63 -8.22 -14.69
C SER A 199 -1.45 -6.71 -14.66
N VAL A 200 -2.56 -5.98 -14.62
CA VAL A 200 -2.51 -4.52 -14.58
C VAL A 200 -1.49 -4.03 -13.57
N VAL A 201 -1.78 -4.25 -12.28
CA VAL A 201 -0.88 -3.83 -11.22
C VAL A 201 0.49 -4.50 -11.36
N GLU A 202 0.48 -5.81 -11.56
CA GLU A 202 1.72 -6.56 -11.72
C GLU A 202 2.69 -5.84 -12.66
N THR A 203 2.17 -5.44 -13.82
CA THR A 203 2.99 -4.75 -14.81
C THR A 203 3.61 -3.48 -14.22
N PHE A 204 2.77 -2.58 -13.73
CA PHE A 204 3.24 -1.33 -13.14
C PHE A 204 4.57 -1.54 -12.42
N ILE A 205 4.63 -2.56 -11.58
CA ILE A 205 5.85 -2.86 -10.83
C ILE A 205 6.94 -3.40 -11.75
N GLN A 206 6.58 -4.41 -12.56
CA GLN A 206 7.54 -5.01 -13.48
C GLN A 206 8.27 -3.94 -14.28
N GLN A 207 7.52 -2.97 -14.78
CA GLN A 207 8.10 -1.89 -15.57
C GLN A 207 7.90 -0.55 -14.89
N CYS A 208 7.97 -0.54 -13.56
CA CYS A 208 7.80 0.68 -12.79
C CYS A 208 8.89 1.69 -13.10
N GLN A 209 10.08 1.18 -13.44
CA GLN A 209 11.21 2.05 -13.76
C GLN A 209 11.04 2.66 -15.15
N PHE A 210 10.78 1.82 -16.15
CA PHE A 210 10.60 2.29 -17.51
C PHE A 210 9.72 3.54 -17.55
N PHE A 211 8.72 3.58 -16.69
CA PHE A 211 7.81 4.72 -16.62
C PHE A 211 8.59 6.03 -16.52
N PHE A 212 9.32 6.19 -15.42
CA PHE A 212 10.10 7.40 -15.20
C PHE A 212 11.58 7.16 -15.51
N TYR A 213 12.16 6.16 -14.85
CA TYR A 213 13.57 5.83 -15.06
C TYR A 213 13.85 5.53 -16.52
N ASN A 214 12.89 4.86 -17.17
CA ASN A 214 13.05 4.51 -18.57
C ASN A 214 14.05 3.38 -18.75
N GLY A 215 13.97 2.38 -17.87
CA GLY A 215 14.89 1.26 -17.95
C GLY A 215 14.47 0.24 -19.00
N GLU A 216 15.36 -0.70 -19.29
CA GLU A 216 15.09 -1.72 -20.29
C GLU A 216 13.84 -2.52 -19.91
N ILE A 217 12.99 -2.77 -20.90
CA ILE A 217 11.76 -3.52 -20.68
C ILE A 217 12.07 -4.94 -20.19
N VAL A 218 11.56 -5.28 -19.02
CA VAL A 218 11.77 -6.61 -18.44
C VAL A 218 10.62 -7.54 -18.78
N GLU A 219 10.82 -8.83 -18.53
CA GLU A 219 9.80 -9.83 -18.82
C GLU A 219 9.73 -10.87 -17.70
#